data_7FE1
#
_entry.id   7FE1
#
_cell.length_a   163.162
_cell.length_b   169.601
_cell.length_c   258.659
_cell.angle_alpha   90.000
_cell.angle_beta   90.000
_cell.angle_gamma   90.000
#
_symmetry.space_group_name_H-M   'C 2 2 21'
#
loop_
_entity.id
_entity.type
_entity.pdbx_description
1 polymer Alpha-1,2-mannosidase
2 non-polymer 'methyl 2-deoxy-2-methyl-alpha-D-mannopyranoside'
3 non-polymer alpha-D-mannopyranose
4 non-polymer 'CALCIUM ION'
5 non-polymer 'SODIUM ION'
6 non-polymer 'ACETIC ACID'
7 non-polymer 1,2-ETHANEDIOL
8 water water
#
_entity_poly.entity_id   1
_entity_poly.type   'polypeptide(L)'
_entity_poly.pdbx_seq_one_letter_code
;MNIQAIDTRHGTANQHSFSNGNCLPYTGVPFGMNFYAPQTTDQKGSWWFHPEDRTFQGYRVTHQPSPWMGDFSHLLMTPV
SGSLSELSLFHAQSSYRPEESLFSPVEINLTQLRYQITSQLIPSMYGGILTIDYQQKDNHLLLTLPGRYQVKQLDDHQVA
VKVINYSGCEDPDFSFYFVLHFEQPLTKWFAPSSGEDGKILLSFGNIAQQVVHFSSSFISEKQAQLNLAREISLRSTEML
QQGIADWHNYFDRLKVTHENPEHTKTFYHTLYRTFLFPQTFYELDENQQPIHYDTFSQTVRPGVLYTNNGFWDTYKTVYP
LFSLIAQEKYEEMLEGFLNSYNETGFLPKWLSPDERGLMPGTLIDAVIADAAVKKIRPDLMPQFLEAMKKGATQQSEREN
YGRQGTLDYLKYGYVPSTYHESVNHTLDYAYSDFCISQVAKTLNDSETATFYRQQALNYQQLFNPETGFMQAKDTEGNFR
PDFLDIRWGKDYAEGSAWQSSFAVYQDFAGLIKLYGSELAFEKKLIQLCNQAPNFNVEGYGFEIHEMSEMAAIDFGQLAI
SNQPSFHYPFLFSYIGKPEMAQPLLKQLMQTFDASPTGYPGDEDNGSMSAWYIFNSLGFYPVTPGAGEYVIGMPLVQTAE
VKLSNGKQLTIQTSPNKVQQQFIHEIQLNQEKHTAPYFTHQELLNGGTLDYQLGIVPNPQTTAERPFSLSTEKLEHHHHH
H
;
_entity_poly.pdbx_strand_id   A,B,C,D
#
loop_
_chem_comp.id
_chem_comp.type
_chem_comp.name
_chem_comp.formula
5II D-saccharide, alpha linking 'methyl 2-deoxy-2-methyl-alpha-D-mannopyranoside' 'C8 H16 O5'
ACY non-polymer 'ACETIC ACID' 'C2 H4 O2'
CA non-polymer 'CALCIUM ION' 'Ca 2'
EDO non-polymer 1,2-ETHANEDIOL 'C2 H6 O2'
MAN D-saccharide, alpha linking alpha-D-mannopyranose 'C6 H12 O6'
NA non-polymer 'SODIUM ION' 'Na 1'
#
# COMPACT_ATOMS: atom_id res chain seq x y z
N MET A 1 -31.53 -6.66 14.33
CA MET A 1 -32.06 -7.51 15.42
C MET A 1 -31.08 -8.68 15.57
N ASN A 2 -30.75 -9.04 16.82
CA ASN A 2 -29.95 -10.24 17.14
C ASN A 2 -30.77 -11.47 16.75
N ILE A 3 -30.12 -12.40 16.05
CA ILE A 3 -30.74 -13.66 15.64
C ILE A 3 -31.39 -14.36 16.85
N GLN A 4 -30.86 -14.26 18.07
CA GLN A 4 -31.40 -14.96 19.26
C GLN A 4 -32.77 -14.42 19.67
N ALA A 5 -33.11 -13.23 19.22
CA ALA A 5 -34.45 -12.62 19.49
C ALA A 5 -35.49 -13.02 18.45
N ILE A 6 -35.07 -13.64 17.36
CA ILE A 6 -36.05 -14.13 16.36
C ILE A 6 -36.79 -15.32 16.95
N ASP A 7 -38.11 -15.32 16.88
CA ASP A 7 -38.92 -16.44 17.38
C ASP A 7 -39.42 -17.21 16.18
N THR A 8 -38.98 -18.47 16.05
CA THR A 8 -39.24 -19.32 14.87
C THR A 8 -40.68 -19.78 14.82
N ARG A 9 -41.52 -19.38 15.76
CA ARG A 9 -42.99 -19.68 15.61
C ARG A 9 -43.69 -18.65 14.71
N HIS A 10 -42.97 -17.63 14.26
CA HIS A 10 -43.46 -16.71 13.22
C HIS A 10 -44.05 -17.51 12.07
N GLY A 11 -45.27 -17.26 11.67
CA GLY A 11 -45.87 -17.89 10.48
C GLY A 11 -46.28 -19.35 10.67
N THR A 12 -46.30 -19.87 11.89
CA THR A 12 -46.50 -21.33 12.16
C THR A 12 -47.95 -21.65 12.51
N ALA A 13 -48.82 -20.68 12.68
CA ALA A 13 -50.23 -20.97 13.06
C ALA A 13 -50.97 -21.30 11.76
N ASN A 14 -51.02 -22.59 11.41
CA ASN A 14 -51.57 -23.02 10.10
C ASN A 14 -52.40 -24.29 10.26
N GLN A 15 -53.20 -24.58 9.26
CA GLN A 15 -53.83 -25.90 9.05
C GLN A 15 -54.13 -26.04 7.56
N HIS A 16 -54.60 -27.20 7.15
CA HIS A 16 -54.91 -27.46 5.73
C HIS A 16 -55.81 -26.37 5.14
N SER A 17 -56.82 -25.91 5.87
CA SER A 17 -57.86 -24.99 5.38
C SER A 17 -57.40 -23.52 5.34
N PHE A 18 -56.32 -23.15 6.01
CA PHE A 18 -55.96 -21.71 6.10
C PHE A 18 -54.50 -21.56 6.49
N SER A 19 -53.79 -20.78 5.69
CA SER A 19 -52.36 -20.50 5.90
C SER A 19 -52.14 -19.08 6.39
N ASN A 20 -51.25 -18.95 7.37
CA ASN A 20 -50.61 -17.72 7.79
C ASN A 20 -49.11 -17.75 7.50
N GLY A 21 -48.69 -18.62 6.56
CA GLY A 21 -47.29 -18.73 6.10
C GLY A 21 -46.94 -20.18 5.84
N ASN A 22 -47.60 -21.15 6.52
CA ASN A 22 -47.24 -22.58 6.37
C ASN A 22 -45.73 -22.71 6.57
N CYS A 23 -45.23 -22.02 7.57
CA CYS A 23 -43.86 -22.08 8.07
C CYS A 23 -43.79 -23.15 9.16
N LEU A 24 -42.62 -23.74 9.31
CA LEU A 24 -42.24 -24.50 10.50
C LEU A 24 -41.29 -23.67 11.32
N PRO A 25 -41.11 -24.05 12.59
CA PRO A 25 -40.16 -23.39 13.47
C PRO A 25 -38.76 -23.98 13.22
N TYR A 26 -38.19 -23.60 12.08
CA TYR A 26 -36.89 -24.17 11.65
C TYR A 26 -35.71 -23.59 12.46
N THR A 27 -35.04 -24.44 13.20
CA THR A 27 -33.73 -24.16 13.82
C THR A 27 -32.67 -24.74 12.88
N GLY A 28 -31.67 -23.93 12.54
CA GLY A 28 -30.62 -24.37 11.60
C GLY A 28 -29.65 -23.24 11.37
N VAL A 29 -28.57 -23.53 10.69
CA VAL A 29 -27.68 -22.50 10.13
C VAL A 29 -28.28 -22.13 8.79
N PRO A 30 -27.87 -20.98 8.21
CA PRO A 30 -28.34 -20.57 6.89
C PRO A 30 -28.11 -21.67 5.85
N PHE A 31 -29.16 -22.01 5.07
CA PHE A 31 -29.06 -23.05 4.03
C PHE A 31 -28.57 -24.37 4.62
N GLY A 32 -28.88 -24.65 5.89
CA GLY A 32 -28.51 -25.91 6.55
C GLY A 32 -28.99 -27.13 5.79
N MET A 33 -28.22 -28.22 5.83
CA MET A 33 -28.62 -29.43 5.12
C MET A 33 -29.81 -30.07 5.83
N ASN A 34 -29.85 -29.94 7.14
CA ASN A 34 -31.00 -30.37 7.96
C ASN A 34 -31.51 -29.15 8.71
N PHE A 35 -32.81 -29.12 8.96
CA PHE A 35 -33.35 -28.24 10.00
C PHE A 35 -33.88 -29.09 11.16
N TYR A 36 -34.16 -28.42 12.27
CA TYR A 36 -34.54 -29.08 13.54
C TYR A 36 -35.75 -28.32 14.08
N ALA A 37 -36.81 -29.05 14.43
CA ALA A 37 -38.01 -28.37 14.95
C ALA A 37 -38.66 -29.27 15.98
N PRO A 38 -39.29 -28.71 17.01
CA PRO A 38 -40.11 -29.52 17.88
C PRO A 38 -41.29 -30.07 17.09
N GLN A 39 -41.63 -31.33 17.35
CA GLN A 39 -42.86 -31.97 16.84
C GLN A 39 -43.89 -32.02 17.96
N THR A 40 -45.06 -31.45 17.72
CA THR A 40 -46.12 -31.44 18.74
C THR A 40 -47.18 -32.49 18.48
N THR A 41 -47.33 -32.96 17.26
CA THR A 41 -48.37 -33.97 16.98
C THR A 41 -48.00 -34.82 15.77
N ASP A 42 -48.41 -36.10 15.80
CA ASP A 42 -48.31 -37.04 14.66
C ASP A 42 -49.70 -37.33 14.08
N GLN A 43 -50.74 -36.56 14.42
CA GLN A 43 -52.15 -36.84 14.09
C GLN A 43 -52.64 -35.85 13.04
N LYS A 44 -51.78 -34.96 12.56
CA LYS A 44 -52.21 -33.90 11.62
C LYS A 44 -51.31 -33.89 10.39
N GLY A 45 -50.84 -35.06 9.95
CA GLY A 45 -50.09 -35.17 8.71
C GLY A 45 -48.90 -34.22 8.71
N SER A 46 -48.75 -33.46 7.64
CA SER A 46 -47.66 -32.48 7.44
C SER A 46 -47.66 -31.39 8.50
N TRP A 47 -48.78 -31.13 9.17
CA TRP A 47 -48.91 -30.02 10.13
C TRP A 47 -48.52 -30.55 11.52
N TRP A 48 -47.28 -30.99 11.65
CA TRP A 48 -46.79 -31.73 12.83
C TRP A 48 -46.27 -30.80 13.93
N PHE A 49 -46.32 -29.50 13.71
CA PHE A 49 -46.06 -28.51 14.75
C PHE A 49 -47.19 -27.48 14.70
N HIS A 50 -47.73 -27.13 15.87
CA HIS A 50 -48.62 -25.95 16.00
CA HIS A 50 -48.65 -25.98 16.02
C HIS A 50 -48.20 -25.18 17.24
N PRO A 51 -48.14 -23.85 17.16
CA PRO A 51 -47.65 -23.05 18.29
C PRO A 51 -48.64 -23.04 19.49
N GLU A 52 -49.87 -23.44 19.28
CA GLU A 52 -50.88 -23.52 20.38
C GLU A 52 -50.89 -24.90 21.05
N ASP A 53 -50.18 -25.84 20.47
CA ASP A 53 -50.05 -27.18 21.08
C ASP A 53 -49.17 -27.08 22.33
N ARG A 54 -49.49 -27.89 23.32
CA ARG A 54 -48.75 -27.99 24.60
C ARG A 54 -48.14 -29.38 24.71
N THR A 55 -48.07 -30.16 23.65
CA THR A 55 -47.51 -31.52 23.66
C THR A 55 -46.18 -31.52 22.91
N PHE A 56 -45.22 -32.28 23.42
CA PHE A 56 -43.86 -32.39 22.84
C PHE A 56 -43.58 -33.85 22.57
N GLN A 57 -43.47 -34.22 21.30
CA GLN A 57 -43.19 -35.62 20.89
C GLN A 57 -41.70 -35.84 20.64
N GLY A 58 -40.93 -34.78 20.41
CA GLY A 58 -39.50 -34.94 20.13
C GLY A 58 -38.93 -33.83 19.30
N TYR A 59 -37.61 -33.85 19.17
CA TYR A 59 -36.90 -32.98 18.22
C TYR A 59 -36.91 -33.69 16.88
N ARG A 60 -37.49 -33.05 15.86
CA ARG A 60 -37.58 -33.64 14.51
C ARG A 60 -36.44 -33.09 13.66
N VAL A 61 -35.65 -33.98 13.10
CA VAL A 61 -34.64 -33.67 12.06
C VAL A 61 -35.44 -33.67 10.76
N THR A 62 -35.57 -32.52 10.10
CA THR A 62 -36.51 -32.36 8.98
C THR A 62 -35.85 -31.77 7.75
N HIS A 63 -36.46 -32.10 6.61
CA HIS A 63 -36.17 -31.53 5.27
C HIS A 63 -37.49 -31.06 4.66
N GLN A 64 -38.51 -30.74 5.48
CA GLN A 64 -39.87 -30.52 4.96
C GLN A 64 -39.93 -29.05 4.50
N PRO A 65 -40.12 -28.75 3.21
CA PRO A 65 -40.10 -27.36 2.76
C PRO A 65 -41.47 -26.70 2.84
N SER A 66 -42.54 -27.51 2.94
CA SER A 66 -43.95 -27.07 2.85
C SER A 66 -44.79 -28.28 3.17
N PRO A 67 -46.01 -28.07 3.64
CA PRO A 67 -46.84 -29.20 3.99
C PRO A 67 -47.37 -29.94 2.76
N TRP A 68 -47.28 -29.31 1.62
CA TRP A 68 -47.77 -29.83 0.34
C TRP A 68 -46.74 -30.83 -0.21
N MET A 69 -45.46 -30.53 -0.03
CA MET A 69 -44.38 -31.43 -0.50
C MET A 69 -44.21 -32.55 0.54
N GLY A 70 -44.47 -32.27 1.82
CA GLY A 70 -44.10 -33.22 2.89
C GLY A 70 -42.61 -33.30 3.14
N ASP A 71 -42.21 -34.24 3.99
CA ASP A 71 -40.83 -34.35 4.46
C ASP A 71 -40.06 -35.42 3.67
N PHE A 72 -38.76 -35.41 3.84
CA PHE A 72 -37.90 -36.57 3.46
C PHE A 72 -36.78 -36.70 4.46
N SER A 73 -36.33 -37.95 4.67
CA SER A 73 -35.18 -38.28 5.49
C SER A 73 -35.33 -37.59 6.85
N HIS A 74 -36.46 -37.86 7.53
CA HIS A 74 -36.69 -37.31 8.89
C HIS A 74 -36.54 -38.42 9.93
N LEU A 75 -36.25 -37.99 11.14
CA LEU A 75 -36.27 -38.84 12.35
C LEU A 75 -36.45 -37.95 13.58
N LEU A 76 -36.69 -38.55 14.74
CA LEU A 76 -36.83 -37.77 16.00
C LEU A 76 -35.94 -38.29 17.10
N MET A 77 -35.58 -37.36 17.97
CA MET A 77 -34.83 -37.60 19.20
C MET A 77 -35.73 -37.09 20.34
N THR A 78 -36.07 -37.96 21.28
CA THR A 78 -36.97 -37.62 22.41
C THR A 78 -36.30 -38.00 23.72
N PRO A 79 -35.84 -37.02 24.54
CA PRO A 79 -35.36 -37.35 25.89
C PRO A 79 -36.51 -37.99 26.70
N VAL A 80 -36.16 -39.01 27.48
CA VAL A 80 -37.13 -39.75 28.32
C VAL A 80 -36.42 -40.09 29.63
N SER A 81 -37.20 -40.14 30.70
CA SER A 81 -36.75 -40.72 31.99
C SER A 81 -37.76 -41.78 32.44
N GLY A 82 -37.28 -42.79 33.18
CA GLY A 82 -38.14 -43.85 33.73
C GLY A 82 -38.36 -44.94 32.69
N SER A 83 -39.22 -45.93 32.99
CA SER A 83 -39.59 -47.02 32.06
C SER A 83 -40.71 -46.57 31.14
N LEU A 84 -40.71 -47.03 29.90
CA LEU A 84 -41.88 -46.97 29.01
C LEU A 84 -42.18 -48.42 28.63
N SER A 85 -43.41 -48.91 28.78
CA SER A 85 -43.83 -50.19 28.15
C SER A 85 -43.74 -50.00 26.62
N GLU A 86 -44.32 -48.91 26.10
CA GLU A 86 -44.53 -48.67 24.64
C GLU A 86 -43.83 -47.37 24.25
N LEU A 87 -43.16 -47.46 23.11
CA LEU A 87 -42.19 -46.43 22.70
C LEU A 87 -42.75 -45.56 21.57
N SER A 88 -44.02 -45.68 21.25
CA SER A 88 -44.66 -44.83 20.22
C SER A 88 -44.49 -43.37 20.65
N LEU A 89 -44.52 -42.47 19.70
CA LEU A 89 -44.44 -41.03 20.05
C LEU A 89 -45.55 -40.63 21.01
N PHE A 90 -46.76 -41.15 20.84
CA PHE A 90 -47.90 -40.81 21.73
C PHE A 90 -47.60 -41.32 23.12
N HIS A 91 -47.13 -42.55 23.25
CA HIS A 91 -46.84 -43.09 24.61
C HIS A 91 -45.66 -42.38 25.26
N ALA A 92 -44.70 -41.83 24.51
CA ALA A 92 -43.55 -41.09 25.10
C ALA A 92 -43.81 -39.57 25.24
N GLN A 93 -44.90 -39.06 24.71
CA GLN A 93 -45.10 -37.59 24.66
C GLN A 93 -45.29 -37.00 26.07
N SER A 94 -44.79 -35.77 26.21
CA SER A 94 -44.84 -34.97 27.44
C SER A 94 -45.50 -33.65 27.10
N SER A 95 -46.28 -33.11 28.03
CA SER A 95 -46.64 -31.69 27.88
C SER A 95 -45.39 -30.82 28.13
N TYR A 96 -45.49 -29.59 27.67
CA TYR A 96 -44.44 -28.55 27.86
C TYR A 96 -45.17 -27.20 27.86
N ARG A 97 -44.53 -26.19 28.42
CA ARG A 97 -45.04 -24.80 28.50
C ARG A 97 -44.39 -23.98 27.39
N PRO A 98 -45.10 -23.68 26.29
CA PRO A 98 -44.50 -22.89 25.21
C PRO A 98 -43.94 -21.56 25.69
N GLU A 99 -44.63 -20.93 26.66
CA GLU A 99 -44.22 -19.57 27.09
C GLU A 99 -42.92 -19.61 27.93
N GLU A 100 -42.42 -20.78 28.34
CA GLU A 100 -41.14 -20.91 29.08
C GLU A 100 -40.06 -21.49 28.14
N SER A 101 -40.35 -21.64 26.87
CA SER A 101 -39.46 -22.33 25.92
C SER A 101 -38.78 -21.29 25.04
N LEU A 102 -37.66 -21.69 24.47
CA LEU A 102 -36.96 -20.87 23.44
C LEU A 102 -37.07 -21.54 22.08
N PHE A 103 -37.55 -20.77 21.12
CA PHE A 103 -37.73 -21.15 19.72
C PHE A 103 -36.97 -20.12 18.89
N SER A 104 -35.70 -20.36 18.63
CA SER A 104 -34.87 -19.38 17.88
C SER A 104 -34.13 -20.08 16.77
N PRO A 105 -33.64 -19.35 15.75
CA PRO A 105 -32.95 -20.01 14.65
C PRO A 105 -31.73 -20.84 15.10
N VAL A 106 -31.05 -20.42 16.16
CA VAL A 106 -29.79 -21.05 16.59
C VAL A 106 -29.97 -21.91 17.82
N GLU A 107 -31.16 -21.98 18.42
CA GLU A 107 -31.30 -22.71 19.68
C GLU A 107 -32.77 -23.04 19.92
N ILE A 108 -33.05 -24.29 20.20
CA ILE A 108 -34.31 -24.73 20.85
C ILE A 108 -34.01 -25.07 22.31
N ASN A 109 -34.86 -24.62 23.23
CA ASN A 109 -34.66 -24.98 24.65
C ASN A 109 -36.06 -25.19 25.25
N LEU A 110 -36.31 -26.33 25.88
CA LEU A 110 -37.65 -26.63 26.45
C LEU A 110 -37.57 -27.67 27.53
N THR A 111 -38.60 -27.69 28.36
CA THR A 111 -38.70 -28.59 29.51
C THR A 111 -39.89 -29.52 29.31
N GLN A 112 -39.62 -30.82 29.27
CA GLN A 112 -40.65 -31.88 29.29
C GLN A 112 -41.17 -32.05 30.72
N LEU A 113 -42.41 -31.61 30.96
CA LEU A 113 -43.01 -31.60 32.33
C LEU A 113 -43.23 -33.02 32.87
N ARG A 114 -43.47 -33.99 32.00
CA ARG A 114 -43.66 -35.39 32.44
C ARG A 114 -42.38 -35.94 33.06
N TYR A 115 -41.22 -35.59 32.51
CA TYR A 115 -39.91 -36.24 32.81
C TYR A 115 -39.02 -35.35 33.68
N GLN A 116 -39.34 -34.07 33.87
CA GLN A 116 -38.41 -33.11 34.48
C GLN A 116 -37.08 -33.17 33.70
N ILE A 117 -37.17 -33.02 32.40
CA ILE A 117 -35.99 -32.86 31.53
C ILE A 117 -36.05 -31.48 30.94
N THR A 118 -34.92 -30.80 30.94
CA THR A 118 -34.70 -29.56 30.16
C THR A 118 -33.60 -29.86 29.15
N SER A 119 -33.84 -29.54 27.88
CA SER A 119 -32.88 -29.87 26.82
C SER A 119 -32.71 -28.69 25.87
N GLN A 120 -31.60 -28.71 25.15
CA GLN A 120 -31.13 -27.62 24.31
C GLN A 120 -30.61 -28.21 23.02
N LEU A 121 -31.13 -27.77 21.89
CA LEU A 121 -30.56 -28.23 20.59
C LEU A 121 -29.95 -27.02 19.88
N ILE A 122 -28.67 -27.15 19.50
CA ILE A 122 -27.92 -26.17 18.71
C ILE A 122 -27.61 -26.83 17.39
N PRO A 123 -27.88 -26.17 16.25
CA PRO A 123 -27.59 -26.76 14.95
C PRO A 123 -26.22 -26.38 14.40
N SER A 124 -25.76 -27.23 13.49
CA SER A 124 -24.65 -26.94 12.56
C SER A 124 -25.13 -27.24 11.14
N MET A 125 -24.24 -27.08 10.16
CA MET A 125 -24.63 -27.32 8.75
C MET A 125 -25.09 -28.78 8.57
N TYR A 126 -24.35 -29.75 9.10
CA TYR A 126 -24.60 -31.19 8.86
C TYR A 126 -25.08 -31.90 10.14
N GLY A 127 -25.07 -31.24 11.29
CA GLY A 127 -25.38 -31.88 12.56
C GLY A 127 -25.82 -30.91 13.62
N GLY A 128 -25.34 -31.13 14.83
CA GLY A 128 -25.79 -30.32 15.98
C GLY A 128 -25.32 -30.90 17.28
N ILE A 129 -25.70 -30.24 18.35
CA ILE A 129 -25.44 -30.76 19.73
C ILE A 129 -26.76 -30.68 20.48
N LEU A 130 -27.15 -31.76 21.10
CA LEU A 130 -28.35 -31.84 21.96
C LEU A 130 -27.84 -32.07 23.37
N THR A 131 -28.08 -31.12 24.25
CA THR A 131 -27.69 -31.24 25.67
C THR A 131 -28.94 -31.50 26.47
N ILE A 132 -28.86 -32.47 27.36
CA ILE A 132 -30.05 -33.01 28.07
C ILE A 132 -29.76 -33.00 29.57
N ASP A 133 -30.54 -32.22 30.33
CA ASP A 133 -30.44 -32.11 31.82
C ASP A 133 -31.59 -32.90 32.42
N TYR A 134 -31.27 -33.99 33.11
CA TYR A 134 -32.27 -34.89 33.71
C TYR A 134 -32.36 -34.62 35.21
N GLN A 135 -33.56 -34.55 35.78
CA GLN A 135 -33.70 -34.51 37.28
C GLN A 135 -33.85 -35.93 37.81
N GLN A 136 -34.38 -36.84 37.02
CA GLN A 136 -34.70 -38.21 37.48
C GLN A 136 -33.47 -39.11 37.28
N LYS A 137 -33.58 -40.41 37.60
CA LYS A 137 -32.37 -41.29 37.84
C LYS A 137 -32.20 -42.47 36.86
N ASP A 138 -33.10 -42.60 35.88
CA ASP A 138 -33.07 -43.66 34.86
C ASP A 138 -33.30 -43.00 33.48
N ASN A 139 -32.23 -42.55 32.84
CA ASN A 139 -32.29 -41.49 31.81
C ASN A 139 -31.99 -42.07 30.45
N HIS A 140 -32.68 -41.58 29.44
CA HIS A 140 -32.72 -42.23 28.13
C HIS A 140 -32.77 -41.19 27.01
N LEU A 141 -32.57 -41.66 25.79
CA LEU A 141 -32.91 -40.92 24.56
C LEU A 141 -33.63 -41.90 23.65
N LEU A 142 -34.84 -41.55 23.23
CA LEU A 142 -35.66 -42.36 22.31
C LEU A 142 -35.42 -41.90 20.87
N LEU A 143 -34.91 -42.79 20.02
CA LEU A 143 -34.78 -42.49 18.58
C LEU A 143 -35.97 -43.05 17.86
N THR A 144 -36.71 -42.21 17.12
CA THR A 144 -37.83 -42.65 16.30
C THR A 144 -37.32 -42.66 14.87
N LEU A 145 -37.33 -43.82 14.23
CA LEU A 145 -36.63 -44.11 12.95
C LEU A 145 -37.67 -44.51 11.92
N PRO A 146 -38.30 -43.53 11.24
CA PRO A 146 -39.41 -43.83 10.35
C PRO A 146 -38.96 -44.51 9.05
N GLY A 147 -39.84 -45.35 8.51
CA GLY A 147 -39.54 -46.11 7.31
C GLY A 147 -38.58 -47.26 7.59
N ARG A 148 -37.91 -47.72 6.55
CA ARG A 148 -36.90 -48.77 6.75
C ARG A 148 -35.67 -48.20 7.44
N TYR A 149 -35.19 -48.89 8.47
CA TYR A 149 -34.07 -48.35 9.24
C TYR A 149 -33.04 -49.44 9.51
N GLN A 150 -31.85 -48.96 9.86
CA GLN A 150 -30.78 -49.77 10.48
C GLN A 150 -30.26 -49.00 11.66
N VAL A 151 -29.89 -49.68 12.72
CA VAL A 151 -29.25 -48.99 13.87
C VAL A 151 -28.22 -49.93 14.47
N LYS A 152 -27.11 -49.38 14.92
CA LYS A 152 -26.14 -50.18 15.70
C LYS A 152 -25.35 -49.31 16.65
N GLN A 153 -24.89 -49.98 17.70
CA GLN A 153 -24.00 -49.39 18.70
C GLN A 153 -22.56 -49.78 18.35
N LEU A 154 -21.75 -48.82 17.98
CA LEU A 154 -20.33 -49.02 17.54
C LEU A 154 -19.40 -49.21 18.76
N ASP A 155 -19.68 -48.51 19.85
CA ASP A 155 -19.00 -48.68 21.15
C ASP A 155 -19.94 -48.05 22.18
N ASP A 156 -19.41 -47.87 23.39
CA ASP A 156 -20.13 -47.31 24.55
C ASP A 156 -20.60 -45.88 24.29
N HIS A 157 -20.02 -45.16 23.32
CA HIS A 157 -20.33 -43.73 23.14
C HIS A 157 -20.88 -43.43 21.75
N GLN A 158 -21.04 -44.41 20.87
CA GLN A 158 -21.33 -44.08 19.43
C GLN A 158 -22.44 -44.97 18.89
N VAL A 159 -23.42 -44.35 18.23
CA VAL A 159 -24.56 -45.07 17.61
C VAL A 159 -24.63 -44.57 16.16
N ALA A 160 -24.89 -45.47 15.22
CA ALA A 160 -25.08 -45.13 13.80
C ALA A 160 -26.45 -45.57 13.33
N VAL A 161 -27.10 -44.72 12.56
CA VAL A 161 -28.50 -44.96 12.11
C VAL A 161 -28.55 -44.75 10.61
N LYS A 162 -29.40 -45.49 9.95
CA LYS A 162 -29.79 -45.20 8.55
C LYS A 162 -31.29 -45.23 8.49
N VAL A 163 -31.91 -44.28 7.81
CA VAL A 163 -33.37 -44.32 7.58
C VAL A 163 -33.66 -44.06 6.09
N ILE A 164 -34.70 -44.73 5.62
CA ILE A 164 -35.29 -44.57 4.27
C ILE A 164 -36.73 -44.11 4.46
N ASN A 165 -36.98 -42.83 4.27
CA ASN A 165 -38.34 -42.28 4.29
C ASN A 165 -38.34 -41.02 3.43
N TYR A 166 -39.45 -40.79 2.78
CA TYR A 166 -39.62 -39.65 1.86
C TYR A 166 -41.08 -39.54 1.47
N SER A 167 -41.46 -38.39 0.95
CA SER A 167 -42.80 -38.14 0.41
C SER A 167 -42.84 -38.41 -1.08
N GLY A 168 -41.76 -38.09 -1.78
CA GLY A 168 -41.56 -38.43 -3.20
C GLY A 168 -40.11 -38.48 -3.50
N CYS A 169 -39.67 -39.52 -4.24
CA CYS A 169 -38.25 -39.66 -4.56
C CYS A 169 -38.09 -40.58 -5.77
N GLU A 170 -37.13 -40.29 -6.66
CA GLU A 170 -36.84 -41.21 -7.81
C GLU A 170 -36.12 -42.46 -7.34
N ASP A 171 -35.51 -42.43 -6.16
CA ASP A 171 -34.73 -43.54 -5.58
C ASP A 171 -35.61 -44.18 -4.52
N PRO A 172 -36.21 -45.36 -4.75
CA PRO A 172 -37.09 -45.97 -3.76
C PRO A 172 -36.36 -46.35 -2.47
N ASP A 173 -35.04 -46.41 -2.44
CA ASP A 173 -34.24 -46.77 -1.25
C ASP A 173 -33.43 -45.57 -0.76
N PHE A 174 -33.90 -44.36 -1.07
CA PHE A 174 -33.22 -43.09 -0.70
C PHE A 174 -32.87 -43.08 0.79
N SER A 175 -31.59 -43.04 1.08
CA SER A 175 -31.02 -43.31 2.42
C SER A 175 -30.44 -42.02 3.02
N PHE A 176 -30.66 -41.87 4.33
CA PHE A 176 -30.09 -40.81 5.17
C PHE A 176 -29.37 -41.47 6.32
N TYR A 177 -28.13 -41.07 6.57
CA TYR A 177 -27.27 -41.59 7.64
C TYR A 177 -27.22 -40.55 8.76
N PHE A 178 -27.27 -41.01 9.99
CA PHE A 178 -27.30 -40.14 11.18
C PHE A 178 -26.40 -40.78 12.22
N VAL A 179 -25.42 -40.04 12.76
CA VAL A 179 -24.48 -40.61 13.75
C VAL A 179 -24.54 -39.77 15.02
N LEU A 180 -24.48 -40.45 16.17
CA LEU A 180 -24.54 -39.79 17.51
C LEU A 180 -23.31 -40.20 18.29
N HIS A 181 -22.59 -39.24 18.82
CA HIS A 181 -21.52 -39.47 19.80
C HIS A 181 -21.96 -38.88 21.15
N PHE A 182 -22.05 -39.71 22.18
CA PHE A 182 -22.50 -39.33 23.54
C PHE A 182 -21.27 -39.07 24.41
N GLU A 183 -21.32 -38.02 25.21
CA GLU A 183 -20.26 -37.72 26.21
C GLU A 183 -20.32 -38.76 27.32
N GLN A 184 -21.51 -39.04 27.86
CA GLN A 184 -21.70 -40.08 28.90
C GLN A 184 -22.07 -41.36 28.20
N PRO A 185 -21.56 -42.53 28.67
CA PRO A 185 -21.75 -43.76 27.92
C PRO A 185 -23.14 -44.36 28.00
N LEU A 186 -23.44 -45.15 26.99
CA LEU A 186 -24.58 -46.06 26.97
C LEU A 186 -24.33 -47.13 28.04
N THR A 187 -25.36 -47.43 28.82
CA THR A 187 -25.32 -48.38 29.95
C THR A 187 -25.98 -49.68 29.54
N LYS A 188 -26.51 -49.80 28.33
CA LYS A 188 -27.10 -51.04 27.81
C LYS A 188 -26.60 -51.23 26.40
N TRP A 189 -26.11 -52.42 26.07
CA TRP A 189 -25.63 -52.72 24.71
C TRP A 189 -26.82 -53.27 23.96
N PHE A 190 -26.90 -53.02 22.68
CA PHE A 190 -27.87 -53.72 21.82
C PHE A 190 -27.12 -54.09 20.54
N ALA A 191 -27.61 -55.17 19.95
CA ALA A 191 -26.99 -55.79 18.75
C ALA A 191 -27.48 -55.00 17.55
N PRO A 192 -26.76 -55.01 16.43
CA PRO A 192 -27.21 -54.30 15.23
C PRO A 192 -28.60 -54.77 14.85
N SER A 193 -29.48 -53.84 14.44
CA SER A 193 -30.84 -54.29 14.03
C SER A 193 -31.38 -53.44 12.89
N SER A 194 -32.47 -53.92 12.34
CA SER A 194 -33.09 -53.29 11.15
C SER A 194 -34.56 -53.63 11.17
N GLY A 195 -35.36 -52.88 10.45
CA GLY A 195 -36.80 -53.11 10.43
C GLY A 195 -37.48 -51.92 9.78
N GLU A 196 -38.73 -51.67 10.17
CA GLU A 196 -39.56 -50.56 9.64
C GLU A 196 -40.11 -49.83 10.84
N ASP A 197 -40.00 -48.49 10.89
CA ASP A 197 -40.66 -47.70 11.98
C ASP A 197 -40.04 -48.10 13.32
N GLY A 198 -38.77 -47.82 13.46
CA GLY A 198 -37.96 -48.10 14.63
C GLY A 198 -38.29 -47.21 15.79
N LYS A 199 -38.15 -47.78 16.98
CA LYS A 199 -38.35 -47.08 18.25
C LYS A 199 -37.22 -47.61 19.13
N ILE A 200 -36.14 -46.87 19.25
CA ILE A 200 -34.91 -47.37 19.88
C ILE A 200 -34.69 -46.55 21.14
N LEU A 201 -34.77 -47.19 22.30
CA LEU A 201 -34.54 -46.47 23.57
C LEU A 201 -33.10 -46.63 24.00
N LEU A 202 -32.30 -45.56 23.93
CA LEU A 202 -30.91 -45.56 24.38
C LEU A 202 -30.86 -45.28 25.88
N SER A 203 -30.08 -46.05 26.64
CA SER A 203 -30.05 -45.92 28.11
C SER A 203 -28.71 -45.34 28.58
N PHE A 204 -28.75 -44.41 29.54
CA PHE A 204 -27.56 -43.73 30.10
C PHE A 204 -27.46 -43.90 31.61
N GLY A 205 -28.42 -44.56 32.24
CA GLY A 205 -28.46 -44.73 33.70
C GLY A 205 -28.74 -43.42 34.40
N ASN A 206 -28.09 -43.23 35.52
CA ASN A 206 -28.43 -42.14 36.47
C ASN A 206 -27.70 -40.82 36.20
N ILE A 207 -27.35 -40.42 35.01
CA ILE A 207 -26.55 -39.20 34.82
C ILE A 207 -27.43 -37.94 34.87
N ALA A 208 -26.85 -36.85 35.35
CA ALA A 208 -27.52 -35.54 35.44
C ALA A 208 -27.58 -34.93 34.04
N GLN A 209 -26.56 -35.11 33.21
CA GLN A 209 -26.48 -34.40 31.93
C GLN A 209 -25.93 -35.34 30.86
N GLN A 210 -26.58 -35.40 29.71
CA GLN A 210 -25.99 -36.03 28.51
C GLN A 210 -25.71 -34.92 27.50
N VAL A 211 -24.64 -35.07 26.71
CA VAL A 211 -24.35 -34.17 25.59
C VAL A 211 -24.19 -35.05 24.37
N VAL A 212 -25.08 -34.85 23.40
CA VAL A 212 -25.14 -35.63 22.17
C VAL A 212 -24.57 -34.82 21.03
N HIS A 213 -23.43 -35.24 20.47
CA HIS A 213 -22.90 -34.61 19.25
C HIS A 213 -23.37 -35.43 18.07
N PHE A 214 -24.08 -34.84 17.12
CA PHE A 214 -24.68 -35.64 16.02
C PHE A 214 -24.29 -35.01 14.69
N SER A 215 -24.30 -35.85 13.66
CA SER A 215 -24.08 -35.45 12.26
C SER A 215 -24.83 -36.42 11.39
N SER A 216 -24.74 -36.16 10.10
CA SER A 216 -25.60 -36.78 9.11
C SER A 216 -24.95 -36.74 7.73
N SER A 217 -25.52 -37.49 6.80
CA SER A 217 -25.04 -37.60 5.41
C SER A 217 -26.10 -38.21 4.54
N PHE A 218 -26.14 -37.79 3.29
CA PHE A 218 -26.87 -38.48 2.19
C PHE A 218 -25.88 -39.30 1.36
N ILE A 219 -24.65 -39.44 1.82
CA ILE A 219 -23.56 -40.16 1.09
C ILE A 219 -23.36 -41.53 1.74
N SER A 220 -22.97 -41.58 3.01
CA SER A 220 -22.67 -42.87 3.66
C SER A 220 -22.53 -42.64 5.14
N GLU A 221 -22.43 -43.75 5.87
CA GLU A 221 -22.09 -43.69 7.30
C GLU A 221 -20.72 -43.08 7.45
N LYS A 222 -19.75 -43.54 6.64
CA LYS A 222 -18.37 -43.07 6.74
C LYS A 222 -18.30 -41.56 6.51
N GLN A 223 -19.05 -41.01 5.55
CA GLN A 223 -19.09 -39.55 5.35
C GLN A 223 -19.77 -38.84 6.54
N ALA A 224 -20.83 -39.41 7.10
CA ALA A 224 -21.48 -38.83 8.30
C ALA A 224 -20.47 -38.74 9.45
N GLN A 225 -19.62 -39.76 9.61
CA GLN A 225 -18.54 -39.73 10.65
C GLN A 225 -17.51 -38.66 10.32
N LEU A 226 -17.17 -38.46 9.06
CA LEU A 226 -16.21 -37.41 8.70
C LEU A 226 -16.84 -36.02 9.00
N ASN A 227 -18.10 -35.85 8.66
CA ASN A 227 -18.81 -34.58 8.97
C ASN A 227 -18.79 -34.34 10.48
N LEU A 228 -19.03 -35.36 11.29
CA LEU A 228 -19.02 -35.24 12.77
C LEU A 228 -17.60 -34.93 13.27
N ALA A 229 -16.57 -35.63 12.76
CA ALA A 229 -15.17 -35.46 13.21
C ALA A 229 -14.72 -34.02 13.08
N ARG A 230 -15.22 -33.29 12.07
CA ARG A 230 -14.84 -31.91 11.80
C ARG A 230 -15.33 -30.95 12.89
N GLU A 231 -16.30 -31.37 13.71
CA GLU A 231 -16.84 -30.47 14.77
C GLU A 231 -17.01 -31.16 16.13
N ILE A 232 -16.51 -32.38 16.30
CA ILE A 232 -16.72 -33.18 17.53
C ILE A 232 -16.16 -32.46 18.77
N SER A 233 -15.11 -31.66 18.65
CA SER A 233 -14.46 -31.03 19.83
CA SER A 233 -14.44 -31.02 19.81
C SER A 233 -15.22 -29.77 20.25
N LEU A 234 -16.18 -29.31 19.45
CA LEU A 234 -16.89 -28.05 19.81
C LEU A 234 -17.72 -28.29 21.05
N ARG A 235 -17.72 -27.33 21.94
CA ARG A 235 -18.74 -27.25 23.02
C ARG A 235 -20.01 -26.63 22.40
N SER A 236 -21.15 -26.91 23.02
CA SER A 236 -22.44 -26.30 22.61
C SER A 236 -22.32 -24.77 22.54
N THR A 237 -21.61 -24.11 23.48
CA THR A 237 -21.48 -22.64 23.47
C THR A 237 -20.72 -22.22 22.22
N GLU A 238 -19.72 -22.98 21.79
CA GLU A 238 -18.91 -22.59 20.61
C GLU A 238 -19.72 -22.80 19.33
N MET A 239 -20.51 -23.87 19.27
CA MET A 239 -21.33 -24.16 18.08
C MET A 239 -22.41 -23.06 18.01
N LEU A 240 -22.98 -22.70 19.17
CA LEU A 240 -23.99 -21.59 19.20
C LEU A 240 -23.37 -20.28 18.70
N GLN A 241 -22.20 -19.91 19.21
CA GLN A 241 -21.52 -18.68 18.75
C GLN A 241 -21.29 -18.73 17.24
N GLN A 242 -20.85 -19.86 16.71
CA GLN A 242 -20.58 -19.98 15.26
C GLN A 242 -21.89 -19.84 14.50
N GLY A 243 -22.98 -20.47 14.95
CA GLY A 243 -24.27 -20.33 14.24
C GLY A 243 -24.79 -18.90 14.28
N ILE A 244 -24.61 -18.20 15.41
CA ILE A 244 -24.99 -16.77 15.52
C ILE A 244 -24.16 -15.99 14.48
N ALA A 245 -22.86 -16.26 14.42
CA ALA A 245 -21.98 -15.53 13.45
C ALA A 245 -22.44 -15.83 12.01
N ASP A 246 -22.79 -17.07 11.71
CA ASP A 246 -23.29 -17.45 10.36
C ASP A 246 -24.52 -16.60 10.02
N TRP A 247 -25.49 -16.49 10.92
CA TRP A 247 -26.70 -15.70 10.66
C TRP A 247 -26.33 -14.21 10.58
N HIS A 248 -25.45 -13.72 11.44
CA HIS A 248 -25.03 -12.28 11.45
C HIS A 248 -24.32 -11.94 10.15
N ASN A 249 -23.65 -12.89 9.52
CA ASN A 249 -23.02 -12.71 8.19
C ASN A 249 -24.09 -12.22 7.18
N TYR A 250 -25.32 -12.78 7.23
CA TYR A 250 -26.36 -12.39 6.26
C TYR A 250 -27.13 -11.20 6.82
N PHE A 251 -27.47 -11.18 8.10
CA PHE A 251 -28.34 -10.10 8.67
C PHE A 251 -27.62 -8.74 8.54
N ASP A 252 -26.31 -8.78 8.70
CA ASP A 252 -25.44 -7.57 8.65
C ASP A 252 -25.48 -6.97 7.25
N ARG A 253 -25.98 -7.65 6.23
CA ARG A 253 -26.02 -7.14 4.84
C ARG A 253 -27.18 -6.15 4.65
N LEU A 254 -28.15 -6.15 5.56
CA LEU A 254 -29.35 -5.26 5.45
C LEU A 254 -29.65 -4.78 6.87
N LYS A 255 -29.09 -3.63 7.23
CA LYS A 255 -29.26 -2.96 8.53
C LYS A 255 -30.32 -1.91 8.29
N VAL A 256 -31.49 -2.06 8.89
CA VAL A 256 -32.63 -1.17 8.57
C VAL A 256 -33.18 -0.64 9.87
N THR A 257 -33.80 0.53 9.77
CA THR A 257 -34.64 1.11 10.83
C THR A 257 -35.95 1.60 10.24
N HIS A 258 -36.91 1.76 11.14
CA HIS A 258 -38.26 2.23 10.80
C HIS A 258 -38.71 3.24 11.84
N GLU A 259 -39.78 3.96 11.53
CA GLU A 259 -40.48 4.74 12.56
C GLU A 259 -41.02 3.80 13.64
N ASN A 260 -41.70 2.75 13.23
CA ASN A 260 -42.34 1.79 14.14
C ASN A 260 -41.44 0.57 14.32
N PRO A 261 -40.92 0.29 15.54
CA PRO A 261 -40.03 -0.87 15.76
C PRO A 261 -40.71 -2.23 15.54
N GLU A 262 -42.04 -2.28 15.50
CA GLU A 262 -42.76 -3.52 15.12
C GLU A 262 -42.43 -3.85 13.66
N HIS A 263 -42.24 -2.85 12.83
CA HIS A 263 -41.92 -3.08 11.40
C HIS A 263 -40.54 -3.66 11.31
N THR A 264 -39.59 -3.16 12.14
CA THR A 264 -38.22 -3.71 12.16
C THR A 264 -38.25 -5.18 12.59
N LYS A 265 -39.02 -5.49 13.62
CA LYS A 265 -39.19 -6.88 14.10
C LYS A 265 -39.73 -7.77 12.97
N THR A 266 -40.68 -7.27 12.19
CA THR A 266 -41.23 -8.04 11.06
C THR A 266 -40.16 -8.27 10.00
N PHE A 267 -39.42 -7.19 9.67
CA PHE A 267 -38.34 -7.27 8.67
C PHE A 267 -37.39 -8.41 8.99
N TYR A 268 -36.86 -8.46 10.20
CA TYR A 268 -35.80 -9.43 10.53
C TYR A 268 -36.39 -10.84 10.66
N HIS A 269 -37.69 -11.03 10.99
CA HIS A 269 -38.29 -12.37 10.98
C HIS A 269 -38.38 -12.83 9.51
N THR A 270 -38.78 -11.97 8.57
CA THR A 270 -38.82 -12.36 7.14
C THR A 270 -37.39 -12.56 6.64
N LEU A 271 -36.40 -11.83 7.17
CA LEU A 271 -34.99 -12.00 6.69
C LEU A 271 -34.48 -13.37 7.16
N TYR A 272 -34.81 -13.79 8.37
CA TYR A 272 -34.46 -15.17 8.83
C TYR A 272 -34.97 -16.19 7.79
N ARG A 273 -36.21 -16.03 7.33
CA ARG A 273 -36.85 -16.97 6.39
C ARG A 273 -36.37 -16.78 4.96
N THR A 274 -35.45 -15.85 4.70
CA THR A 274 -34.90 -15.62 3.36
C THR A 274 -33.55 -16.34 3.19
N PHE A 275 -32.92 -16.86 4.24
CA PHE A 275 -31.61 -17.54 4.14
C PHE A 275 -31.68 -18.98 4.61
N LEU A 276 -32.86 -19.63 4.50
CA LEU A 276 -33.04 -21.05 4.84
C LEU A 276 -32.95 -21.91 3.57
N PHE A 277 -33.62 -21.51 2.53
CA PHE A 277 -33.78 -22.29 1.29
C PHE A 277 -33.12 -21.56 0.11
N PRO A 278 -32.62 -22.31 -0.89
CA PRO A 278 -32.62 -23.76 -0.93
C PRO A 278 -31.62 -24.35 0.06
N GLN A 279 -31.92 -25.54 0.57
CA GLN A 279 -31.03 -26.22 1.55
C GLN A 279 -29.80 -26.79 0.80
N THR A 280 -28.68 -26.67 1.45
CA THR A 280 -27.40 -27.33 1.02
C THR A 280 -27.72 -28.84 0.85
N PHE A 281 -27.36 -29.44 -0.29
CA PHE A 281 -27.59 -30.88 -0.54
C PHE A 281 -26.32 -31.47 -1.15
N TYR A 282 -25.19 -31.07 -0.62
CA TYR A 282 -23.86 -31.67 -0.92
C TYR A 282 -23.00 -31.62 0.33
N GLU A 283 -21.99 -32.49 0.32
CA GLU A 283 -21.07 -32.66 1.43
C GLU A 283 -19.65 -32.54 0.88
N LEU A 284 -18.68 -32.39 1.75
CA LEU A 284 -17.24 -32.30 1.37
C LEU A 284 -16.55 -33.63 1.71
N ASP A 285 -15.98 -34.29 0.72
CA ASP A 285 -15.27 -35.57 0.97
C ASP A 285 -13.91 -35.34 1.68
N GLU A 286 -13.14 -36.42 1.83
CA GLU A 286 -11.82 -36.45 2.53
C GLU A 286 -10.84 -35.48 1.87
N ASN A 287 -11.06 -35.11 0.61
CA ASN A 287 -10.19 -34.15 -0.12
C ASN A 287 -10.85 -32.77 -0.21
N GLN A 288 -11.88 -32.51 0.61
CA GLN A 288 -12.66 -31.25 0.59
C GLN A 288 -13.38 -31.09 -0.75
N GLN A 289 -13.63 -32.16 -1.50
CA GLN A 289 -14.37 -32.00 -2.77
C GLN A 289 -15.86 -32.18 -2.55
N PRO A 290 -16.69 -31.30 -3.16
CA PRO A 290 -18.13 -31.47 -3.09
C PRO A 290 -18.56 -32.77 -3.75
N ILE A 291 -19.46 -33.47 -3.04
CA ILE A 291 -20.13 -34.70 -3.52
C ILE A 291 -21.59 -34.63 -3.09
N HIS A 292 -22.43 -35.36 -3.77
CA HIS A 292 -23.86 -35.36 -3.45
C HIS A 292 -24.42 -36.70 -3.87
N TYR A 293 -25.65 -36.94 -3.49
CA TYR A 293 -26.39 -38.12 -3.92
C TYR A 293 -27.24 -37.76 -5.12
N ASP A 294 -27.15 -38.61 -6.15
CA ASP A 294 -27.93 -38.46 -7.41
C ASP A 294 -29.00 -39.53 -7.42
N THR A 295 -30.24 -39.13 -7.16
CA THR A 295 -31.34 -40.09 -6.99
C THR A 295 -31.72 -40.70 -8.34
N PHE A 296 -31.30 -40.10 -9.47
CA PHE A 296 -31.72 -40.57 -10.81
C PHE A 296 -30.90 -41.82 -11.15
N SER A 297 -29.60 -41.74 -10.92
CA SER A 297 -28.65 -42.88 -11.14
C SER A 297 -28.54 -43.74 -9.88
N GLN A 298 -29.06 -43.29 -8.75
CA GLN A 298 -28.88 -43.94 -7.41
C GLN A 298 -27.41 -44.13 -7.12
N THR A 299 -26.58 -43.10 -7.36
CA THR A 299 -25.14 -43.14 -7.02
C THR A 299 -24.67 -41.81 -6.44
N VAL A 300 -23.53 -41.86 -5.79
CA VAL A 300 -22.82 -40.64 -5.32
C VAL A 300 -22.15 -40.02 -6.54
N ARG A 301 -22.31 -38.71 -6.72
CA ARG A 301 -21.75 -37.96 -7.86
C ARG A 301 -21.00 -36.76 -7.35
N PRO A 302 -19.98 -36.30 -8.09
CA PRO A 302 -19.23 -35.12 -7.70
C PRO A 302 -20.01 -33.84 -8.03
N GLY A 303 -19.74 -32.81 -7.23
CA GLY A 303 -20.28 -31.47 -7.48
C GLY A 303 -21.23 -31.00 -6.40
N VAL A 304 -21.55 -29.74 -6.48
CA VAL A 304 -22.57 -29.16 -5.57
C VAL A 304 -23.98 -29.58 -6.03
N LEU A 305 -24.90 -29.53 -5.07
CA LEU A 305 -26.34 -29.72 -5.32
C LEU A 305 -27.09 -28.97 -4.21
N TYR A 306 -28.23 -28.43 -4.56
CA TYR A 306 -29.16 -27.78 -3.61
C TYR A 306 -30.54 -28.39 -3.75
N THR A 307 -31.35 -28.28 -2.69
CA THR A 307 -32.68 -28.90 -2.70
C THR A 307 -33.68 -27.98 -2.01
N ASN A 308 -34.93 -28.38 -2.05
CA ASN A 308 -36.05 -27.69 -1.35
C ASN A 308 -36.24 -26.31 -1.97
N ASN A 309 -36.70 -26.32 -3.21
CA ASN A 309 -37.04 -25.08 -3.93
C ASN A 309 -38.04 -25.41 -5.02
N GLY A 310 -39.09 -24.61 -5.13
CA GLY A 310 -39.96 -24.60 -6.29
C GLY A 310 -39.76 -23.26 -6.97
N PHE A 311 -39.14 -23.27 -8.16
CA PHE A 311 -38.75 -22.01 -8.84
C PHE A 311 -39.99 -21.17 -9.19
N TRP A 312 -41.16 -21.81 -9.39
CA TRP A 312 -42.45 -21.09 -9.53
C TRP A 312 -42.61 -20.03 -8.44
N ASP A 313 -42.18 -20.34 -7.24
CA ASP A 313 -42.16 -19.42 -6.07
C ASP A 313 -40.91 -18.53 -6.02
N THR A 314 -39.73 -19.11 -6.09
CA THR A 314 -38.50 -18.48 -5.62
C THR A 314 -37.90 -17.57 -6.71
N TYR A 315 -38.19 -17.80 -7.99
CA TYR A 315 -37.65 -16.94 -9.06
C TYR A 315 -38.15 -15.50 -8.83
N LYS A 316 -39.30 -15.33 -8.17
CA LYS A 316 -40.00 -14.00 -8.10
C LYS A 316 -39.14 -13.00 -7.36
N THR A 317 -38.45 -13.43 -6.30
CA THR A 317 -37.91 -12.50 -5.30
C THR A 317 -36.60 -12.97 -4.71
N VAL A 318 -36.44 -14.28 -4.46
CA VAL A 318 -35.27 -14.79 -3.74
C VAL A 318 -34.00 -14.52 -4.56
N TYR A 319 -33.97 -15.06 -5.76
CA TYR A 319 -32.72 -14.98 -6.59
C TYR A 319 -32.48 -13.51 -6.92
N PRO A 320 -33.50 -12.67 -7.20
CA PRO A 320 -33.19 -11.25 -7.41
C PRO A 320 -32.53 -10.62 -6.19
N LEU A 321 -33.03 -10.93 -4.97
CA LEU A 321 -32.40 -10.36 -3.78
C LEU A 321 -30.95 -10.86 -3.68
N PHE A 322 -30.72 -12.15 -3.90
CA PHE A 322 -29.36 -12.74 -3.86
C PHE A 322 -28.48 -12.07 -4.92
N SER A 323 -29.02 -11.63 -6.05
CA SER A 323 -28.25 -10.92 -7.10
C SER A 323 -27.67 -9.62 -6.54
N LEU A 324 -28.27 -9.04 -5.51
CA LEU A 324 -27.74 -7.81 -4.89
C LEU A 324 -26.79 -8.14 -3.74
N ILE A 325 -27.17 -9.05 -2.83
CA ILE A 325 -26.53 -9.13 -1.50
C ILE A 325 -25.94 -10.51 -1.20
N ALA A 326 -26.16 -11.52 -2.01
CA ALA A 326 -25.65 -12.88 -1.72
C ALA A 326 -25.25 -13.54 -3.03
N GLN A 327 -24.47 -12.83 -3.83
CA GLN A 327 -24.10 -13.33 -5.17
C GLN A 327 -23.31 -14.64 -5.03
N GLU A 328 -22.48 -14.77 -3.98
CA GLU A 328 -21.68 -16.02 -3.75
C GLU A 328 -22.61 -17.25 -3.63
N LYS A 329 -23.76 -17.11 -2.98
CA LYS A 329 -24.73 -18.22 -2.88
C LYS A 329 -25.39 -18.47 -4.22
N TYR A 330 -25.88 -17.43 -4.90
CA TYR A 330 -26.51 -17.55 -6.23
C TYR A 330 -25.54 -18.34 -7.16
N GLU A 331 -24.25 -17.96 -7.14
CA GLU A 331 -23.23 -18.60 -8.00
C GLU A 331 -23.22 -20.11 -7.77
N GLU A 332 -23.21 -20.53 -6.50
CA GLU A 332 -23.08 -21.96 -6.19
C GLU A 332 -24.40 -22.67 -6.49
N MET A 333 -25.54 -22.03 -6.19
CA MET A 333 -26.85 -22.64 -6.40
C MET A 333 -27.07 -22.86 -7.89
N LEU A 334 -26.70 -21.93 -8.76
CA LEU A 334 -26.82 -22.12 -10.22
C LEU A 334 -26.02 -23.40 -10.63
N GLU A 335 -24.83 -23.57 -10.10
CA GLU A 335 -23.99 -24.78 -10.37
C GLU A 335 -24.77 -26.04 -9.98
N GLY A 336 -25.44 -26.03 -8.82
CA GLY A 336 -26.27 -27.15 -8.39
C GLY A 336 -27.42 -27.41 -9.34
N PHE A 337 -28.14 -26.37 -9.74
CA PHE A 337 -29.31 -26.52 -10.62
C PHE A 337 -28.87 -27.10 -11.96
N LEU A 338 -27.69 -26.68 -12.43
CA LEU A 338 -27.17 -27.23 -13.71
C LEU A 338 -26.82 -28.70 -13.52
N ASN A 339 -26.29 -29.08 -12.36
CA ASN A 339 -26.01 -30.48 -12.01
C ASN A 339 -27.31 -31.28 -12.04
N SER A 340 -28.42 -30.75 -11.50
CA SER A 340 -29.74 -31.40 -11.59
C SER A 340 -30.07 -31.71 -13.06
N TYR A 341 -29.87 -30.75 -13.95
CA TYR A 341 -30.07 -30.96 -15.39
C TYR A 341 -29.12 -32.07 -15.89
N ASN A 342 -27.86 -32.00 -15.52
CA ASN A 342 -26.85 -32.98 -15.99
C ASN A 342 -27.35 -34.40 -15.60
N GLU A 343 -27.99 -34.55 -14.43
CA GLU A 343 -28.29 -35.89 -13.86
C GLU A 343 -29.62 -36.41 -14.40
N THR A 344 -30.52 -35.53 -14.83
CA THR A 344 -31.89 -35.94 -15.11
C THR A 344 -32.32 -35.68 -16.55
N GLY A 345 -31.60 -34.83 -17.28
CA GLY A 345 -31.99 -34.42 -18.63
C GLY A 345 -32.81 -33.14 -18.70
N PHE A 346 -33.32 -32.62 -17.59
CA PHE A 346 -34.20 -31.40 -17.63
C PHE A 346 -33.91 -30.47 -16.45
N LEU A 347 -33.88 -29.17 -16.71
CA LEU A 347 -33.65 -28.17 -15.65
C LEU A 347 -34.78 -28.35 -14.63
N PRO A 348 -34.43 -28.25 -13.34
CA PRO A 348 -35.35 -28.59 -12.27
C PRO A 348 -36.51 -27.60 -12.12
N LYS A 349 -37.64 -28.12 -11.64
CA LYS A 349 -38.88 -27.34 -11.33
C LYS A 349 -39.17 -27.27 -9.84
N TRP A 350 -39.23 -28.41 -9.17
CA TRP A 350 -39.55 -28.48 -7.72
C TRP A 350 -38.70 -29.57 -7.09
N LEU A 351 -37.62 -29.19 -6.42
CA LEU A 351 -36.65 -30.14 -5.82
C LEU A 351 -37.07 -30.41 -4.38
N SER A 352 -37.43 -31.65 -4.04
CA SER A 352 -37.67 -32.06 -2.64
C SER A 352 -37.72 -33.57 -2.47
N PRO A 353 -36.59 -34.33 -2.46
CA PRO A 353 -35.22 -33.81 -2.59
C PRO A 353 -34.81 -33.61 -4.06
N ASP A 354 -35.51 -34.32 -4.92
CA ASP A 354 -35.28 -34.42 -6.39
C ASP A 354 -36.54 -33.95 -7.05
N GLU A 355 -36.70 -34.20 -8.35
CA GLU A 355 -37.79 -33.57 -9.12
C GLU A 355 -39.16 -34.07 -8.67
N ARG A 356 -40.03 -33.14 -8.22
CA ARG A 356 -41.41 -33.45 -7.81
C ARG A 356 -42.42 -32.87 -8.79
N GLY A 357 -42.05 -31.96 -9.71
CA GLY A 357 -43.00 -31.33 -10.66
C GLY A 357 -43.98 -30.38 -9.99
N LEU A 358 -45.22 -30.79 -9.87
CA LEU A 358 -46.34 -30.08 -9.16
C LEU A 358 -46.80 -28.82 -9.91
N MET A 359 -46.02 -27.73 -9.87
CA MET A 359 -46.56 -26.40 -10.31
C MET A 359 -46.34 -26.25 -11.81
N PRO A 360 -47.08 -25.35 -12.50
CA PRO A 360 -46.81 -25.11 -13.92
C PRO A 360 -45.45 -24.46 -14.17
N GLY A 361 -44.98 -24.53 -15.41
CA GLY A 361 -43.88 -23.67 -15.86
C GLY A 361 -42.52 -24.22 -15.52
N THR A 362 -41.49 -23.57 -16.09
CA THR A 362 -40.07 -23.92 -15.92
C THR A 362 -39.38 -22.63 -15.53
N LEU A 363 -39.79 -22.08 -14.39
CA LEU A 363 -39.32 -20.74 -13.99
C LEU A 363 -37.85 -20.72 -13.60
N ILE A 364 -37.17 -21.88 -13.50
CA ILE A 364 -35.68 -21.90 -13.45
C ILE A 364 -35.11 -21.06 -14.60
N ASP A 365 -35.79 -20.97 -15.73
CA ASP A 365 -35.32 -20.17 -16.88
C ASP A 365 -35.16 -18.71 -16.51
N ALA A 366 -36.00 -18.18 -15.63
CA ALA A 366 -35.90 -16.78 -15.17
C ALA A 366 -34.73 -16.65 -14.20
N VAL A 367 -34.49 -17.64 -13.32
CA VAL A 367 -33.34 -17.61 -12.40
C VAL A 367 -32.08 -17.56 -13.26
N ILE A 368 -32.07 -18.31 -14.34
CA ILE A 368 -30.87 -18.36 -15.24
C ILE A 368 -30.72 -17.03 -15.97
N ALA A 369 -31.78 -16.56 -16.61
CA ALA A 369 -31.76 -15.34 -17.43
C ALA A 369 -31.42 -14.12 -16.58
N ASP A 370 -31.99 -14.01 -15.39
CA ASP A 370 -31.64 -12.91 -14.47
C ASP A 370 -30.15 -12.92 -14.17
N ALA A 371 -29.58 -14.09 -13.89
CA ALA A 371 -28.13 -14.17 -13.62
C ALA A 371 -27.39 -13.74 -14.88
N ALA A 372 -27.80 -14.20 -16.05
CA ALA A 372 -27.05 -13.87 -17.31
C ALA A 372 -26.98 -12.35 -17.48
N VAL A 373 -28.11 -11.65 -17.33
CA VAL A 373 -28.13 -10.19 -17.65
C VAL A 373 -27.45 -9.42 -16.53
N LYS A 374 -27.22 -10.02 -15.37
CA LYS A 374 -26.47 -9.40 -14.24
C LYS A 374 -25.02 -9.91 -14.17
N LYS A 375 -24.54 -10.61 -15.20
CA LYS A 375 -23.14 -11.11 -15.28
C LYS A 375 -22.84 -12.03 -14.09
N ILE A 376 -23.82 -12.85 -13.68
CA ILE A 376 -23.59 -13.89 -12.65
C ILE A 376 -23.46 -15.25 -13.36
N ARG A 377 -22.35 -15.92 -13.10
CA ARG A 377 -21.98 -17.22 -13.73
C ARG A 377 -22.11 -17.15 -15.25
N PRO A 378 -21.46 -16.17 -15.91
CA PRO A 378 -21.43 -16.17 -17.38
C PRO A 378 -20.72 -17.43 -17.91
N ASP A 379 -19.83 -17.98 -17.13
CA ASP A 379 -19.08 -19.22 -17.51
C ASP A 379 -20.06 -20.37 -17.70
N LEU A 380 -21.23 -20.40 -17.03
CA LEU A 380 -22.20 -21.51 -17.15
C LEU A 380 -23.26 -21.26 -18.24
N MET A 381 -23.37 -20.05 -18.78
CA MET A 381 -24.52 -19.69 -19.64
C MET A 381 -24.55 -20.50 -20.92
N PRO A 382 -23.41 -20.84 -21.59
CA PRO A 382 -23.52 -21.73 -22.73
C PRO A 382 -24.13 -23.12 -22.42
N GLN A 383 -23.75 -23.70 -21.29
CA GLN A 383 -24.36 -24.97 -20.84
C GLN A 383 -25.85 -24.74 -20.52
N PHE A 384 -26.19 -23.60 -19.88
CA PHE A 384 -27.62 -23.33 -19.53
C PHE A 384 -28.41 -23.16 -20.82
N LEU A 385 -27.83 -22.45 -21.81
CA LEU A 385 -28.61 -22.19 -23.05
C LEU A 385 -28.97 -23.51 -23.72
N GLU A 386 -28.01 -24.44 -23.82
CA GLU A 386 -28.26 -25.78 -24.41
C GLU A 386 -29.38 -26.47 -23.64
N ALA A 387 -29.31 -26.47 -22.30
CA ALA A 387 -30.32 -27.11 -21.43
C ALA A 387 -31.70 -26.44 -21.67
N MET A 388 -31.73 -25.12 -21.76
CA MET A 388 -33.01 -24.40 -21.95
C MET A 388 -33.59 -24.74 -23.31
N LYS A 389 -32.77 -24.75 -24.37
CA LYS A 389 -33.28 -25.07 -25.71
C LYS A 389 -33.78 -26.51 -25.77
N LYS A 390 -33.12 -27.41 -25.05
CA LYS A 390 -33.59 -28.81 -24.98
C LYS A 390 -34.96 -28.83 -24.33
N GLY A 391 -35.14 -28.17 -23.19
CA GLY A 391 -36.45 -28.15 -22.49
C GLY A 391 -37.54 -27.49 -23.34
N ALA A 392 -37.19 -26.51 -24.16
CA ALA A 392 -38.17 -25.78 -25.01
C ALA A 392 -38.52 -26.58 -26.27
N THR A 393 -37.81 -27.66 -26.60
CA THR A 393 -38.03 -28.38 -27.89
C THR A 393 -38.28 -29.87 -27.73
N GLN A 394 -38.03 -30.45 -26.54
CA GLN A 394 -38.18 -31.92 -26.35
C GLN A 394 -39.09 -32.20 -25.15
N GLN A 395 -40.02 -33.12 -25.34
CA GLN A 395 -40.99 -33.55 -24.30
C GLN A 395 -40.34 -34.67 -23.50
N SER A 396 -40.21 -34.49 -22.19
CA SER A 396 -39.85 -35.60 -21.28
C SER A 396 -40.95 -36.65 -21.34
N GLU A 397 -40.52 -37.92 -21.40
CA GLU A 397 -41.36 -39.14 -21.22
C GLU A 397 -41.87 -39.18 -19.76
N ARG A 398 -41.17 -38.54 -18.82
CA ARG A 398 -41.53 -38.53 -17.38
C ARG A 398 -42.35 -37.27 -17.08
N GLU A 399 -43.50 -37.42 -16.41
CA GLU A 399 -44.53 -36.34 -16.33
C GLU A 399 -44.03 -35.15 -15.47
N ASN A 400 -43.09 -35.38 -14.57
CA ASN A 400 -42.68 -34.30 -13.61
C ASN A 400 -41.60 -33.39 -14.21
N TYR A 401 -41.05 -33.71 -15.39
CA TYR A 401 -39.85 -33.01 -15.90
C TYR A 401 -40.18 -32.07 -17.05
N GLY A 402 -39.61 -30.87 -16.98
CA GLY A 402 -39.64 -29.90 -18.08
C GLY A 402 -41.03 -29.45 -18.46
N ARG A 403 -41.19 -29.00 -19.70
CA ARG A 403 -42.47 -28.44 -20.18
C ARG A 403 -43.48 -29.58 -20.34
N GLN A 404 -44.76 -29.25 -20.11
CA GLN A 404 -45.92 -30.11 -20.43
C GLN A 404 -46.54 -29.57 -21.73
N GLY A 405 -46.84 -30.43 -22.68
CA GLY A 405 -47.40 -29.97 -23.98
C GLY A 405 -46.34 -29.27 -24.81
N THR A 406 -45.10 -29.67 -24.66
CA THR A 406 -43.92 -29.00 -25.27
C THR A 406 -44.18 -28.85 -26.78
N LEU A 407 -44.57 -29.96 -27.42
CA LEU A 407 -44.69 -30.00 -28.91
C LEU A 407 -45.97 -29.29 -29.35
N ASP A 408 -47.08 -29.43 -28.62
CA ASP A 408 -48.33 -28.69 -28.92
C ASP A 408 -48.10 -27.19 -28.80
N TYR A 409 -47.32 -26.74 -27.82
CA TYR A 409 -47.01 -25.30 -27.67
C TYR A 409 -46.31 -24.83 -28.96
N LEU A 410 -45.43 -25.65 -29.52
CA LEU A 410 -44.66 -25.23 -30.72
C LEU A 410 -45.58 -25.26 -31.96
N LYS A 411 -46.51 -26.19 -31.99
CA LYS A 411 -47.42 -26.31 -33.14
C LYS A 411 -48.42 -25.16 -33.15
N TYR A 412 -49.04 -24.85 -32.01
CA TYR A 412 -50.20 -23.93 -31.96
C TYR A 412 -49.84 -22.51 -31.53
N GLY A 413 -48.71 -22.30 -30.85
CA GLY A 413 -48.35 -21.01 -30.26
C GLY A 413 -48.96 -20.86 -28.87
N TYR A 414 -49.57 -21.92 -28.36
CA TYR A 414 -50.15 -21.98 -26.99
C TYR A 414 -50.34 -23.44 -26.59
N VAL A 415 -50.44 -23.70 -25.29
CA VAL A 415 -50.84 -25.04 -24.79
C VAL A 415 -52.36 -25.05 -24.88
N PRO A 416 -52.95 -25.99 -25.66
CA PRO A 416 -54.40 -26.11 -25.76
C PRO A 416 -55.16 -26.42 -24.46
N SER A 417 -56.44 -26.07 -24.45
CA SER A 417 -57.35 -26.14 -23.28
C SER A 417 -57.54 -27.56 -22.76
N THR A 418 -57.18 -28.60 -23.53
CA THR A 418 -57.29 -30.02 -23.09
C THR A 418 -56.24 -30.31 -22.03
N TYR A 419 -55.16 -29.52 -21.96
CA TYR A 419 -54.16 -29.65 -20.87
C TYR A 419 -54.69 -28.92 -19.61
N HIS A 420 -54.40 -29.49 -18.44
CA HIS A 420 -54.68 -28.88 -17.12
C HIS A 420 -53.91 -27.55 -17.00
N GLU A 421 -54.58 -26.48 -16.55
CA GLU A 421 -53.92 -25.19 -16.23
C GLU A 421 -53.20 -24.65 -17.48
N SER A 422 -53.83 -24.74 -18.64
CA SER A 422 -53.18 -24.40 -19.94
C SER A 422 -52.84 -22.91 -20.01
N VAL A 423 -53.60 -22.03 -19.35
CA VAL A 423 -53.30 -20.58 -19.36
C VAL A 423 -51.98 -20.34 -18.64
N ASN A 424 -51.79 -20.92 -17.45
CA ASN A 424 -50.50 -20.78 -16.73
C ASN A 424 -49.36 -21.33 -17.60
N HIS A 425 -49.53 -22.53 -18.14
CA HIS A 425 -48.43 -23.18 -18.89
C HIS A 425 -48.09 -22.27 -20.08
N THR A 426 -49.09 -21.83 -20.83
CA THR A 426 -48.86 -20.94 -22.00
C THR A 426 -48.05 -19.72 -21.59
N LEU A 427 -48.54 -18.96 -20.62
CA LEU A 427 -47.88 -17.69 -20.25
C LEU A 427 -46.52 -17.94 -19.63
N ASP A 428 -46.36 -19.04 -18.88
CA ASP A 428 -45.04 -19.33 -18.30
C ASP A 428 -44.06 -19.74 -19.42
N TYR A 429 -44.50 -20.47 -20.44
CA TYR A 429 -43.58 -20.87 -21.55
C TYR A 429 -43.21 -19.61 -22.34
N ALA A 430 -44.13 -18.67 -22.57
CA ALA A 430 -43.80 -17.44 -23.32
C ALA A 430 -42.78 -16.62 -22.54
N TYR A 431 -42.93 -16.53 -21.21
CA TYR A 431 -41.96 -15.82 -20.36
C TYR A 431 -40.63 -16.58 -20.38
N SER A 432 -40.63 -17.90 -20.25
CA SER A 432 -39.41 -18.73 -20.40
CA SER A 432 -39.41 -18.72 -20.40
C SER A 432 -38.72 -18.41 -21.75
N ASP A 433 -39.51 -18.36 -22.79
CA ASP A 433 -38.96 -18.02 -24.14
C ASP A 433 -38.22 -16.69 -24.09
N PHE A 434 -38.81 -15.65 -23.49
CA PHE A 434 -38.08 -14.40 -23.30
C PHE A 434 -36.77 -14.67 -22.57
N CYS A 435 -36.81 -15.46 -21.48
CA CYS A 435 -35.63 -15.72 -20.64
C CYS A 435 -34.53 -16.39 -21.51
N ILE A 436 -34.92 -17.35 -22.33
CA ILE A 436 -33.97 -18.04 -23.25
C ILE A 436 -33.38 -17.00 -24.21
N SER A 437 -34.21 -16.09 -24.74
CA SER A 437 -33.75 -15.01 -25.67
CA SER A 437 -33.74 -15.03 -25.67
C SER A 437 -32.70 -14.15 -24.98
N GLN A 438 -32.93 -13.79 -23.71
CA GLN A 438 -31.98 -12.98 -22.96
C GLN A 438 -30.63 -13.73 -22.80
N VAL A 439 -30.64 -15.00 -22.41
CA VAL A 439 -29.38 -15.77 -22.27
C VAL A 439 -28.63 -15.78 -23.63
N ALA A 440 -29.31 -16.12 -24.69
CA ALA A 440 -28.79 -16.08 -26.09
C ALA A 440 -28.15 -14.73 -26.38
N LYS A 441 -28.86 -13.64 -26.09
CA LYS A 441 -28.35 -12.28 -26.34
C LYS A 441 -27.04 -12.07 -25.60
N THR A 442 -26.94 -12.53 -24.34
CA THR A 442 -25.71 -12.26 -23.57
C THR A 442 -24.54 -13.03 -24.22
N LEU A 443 -24.84 -14.08 -24.98
CA LEU A 443 -23.82 -14.95 -25.60
C LEU A 443 -23.60 -14.53 -27.08
N ASN A 444 -24.25 -13.45 -27.53
CA ASN A 444 -24.21 -12.95 -28.93
C ASN A 444 -24.75 -14.01 -29.89
N ASP A 445 -25.74 -14.80 -29.48
CA ASP A 445 -26.34 -15.88 -30.32
C ASP A 445 -27.61 -15.28 -30.90
N SER A 446 -27.46 -14.59 -32.02
CA SER A 446 -28.47 -13.71 -32.62
C SER A 446 -29.65 -14.54 -33.12
N GLU A 447 -29.38 -15.68 -33.74
CA GLU A 447 -30.45 -16.49 -34.35
C GLU A 447 -31.33 -17.02 -33.22
N THR A 448 -30.73 -17.52 -32.15
CA THR A 448 -31.50 -18.08 -31.01
C THR A 448 -32.28 -16.91 -30.40
N ALA A 449 -31.62 -15.77 -30.14
CA ALA A 449 -32.25 -14.57 -29.53
C ALA A 449 -33.48 -14.15 -30.32
N THR A 450 -33.38 -14.11 -31.66
CA THR A 450 -34.47 -13.63 -32.53
C THR A 450 -35.66 -14.58 -32.43
N PHE A 451 -35.42 -15.87 -32.56
CA PHE A 451 -36.50 -16.86 -32.58
C PHE A 451 -37.25 -16.83 -31.23
N TYR A 452 -36.52 -16.85 -30.11
CA TYR A 452 -37.16 -16.91 -28.76
C TYR A 452 -37.82 -15.57 -28.41
N ARG A 453 -37.33 -14.42 -28.90
CA ARG A 453 -38.01 -13.12 -28.68
C ARG A 453 -39.39 -13.19 -29.33
N GLN A 454 -39.50 -13.85 -30.48
CA GLN A 454 -40.79 -13.96 -31.21
C GLN A 454 -41.71 -14.92 -30.44
N GLN A 455 -41.17 -16.04 -29.97
CA GLN A 455 -41.94 -17.04 -29.19
C GLN A 455 -42.53 -16.33 -27.96
N ALA A 456 -41.79 -15.42 -27.36
CA ALA A 456 -42.17 -14.72 -26.10
C ALA A 456 -43.45 -13.93 -26.31
N LEU A 457 -43.86 -13.65 -27.56
CA LEU A 457 -45.13 -12.94 -27.82
C LEU A 457 -46.31 -13.88 -27.80
N ASN A 458 -46.11 -15.18 -27.54
CA ASN A 458 -47.19 -16.20 -27.58
C ASN A 458 -48.30 -15.92 -26.54
N TYR A 459 -48.07 -15.08 -25.54
CA TYR A 459 -49.14 -14.67 -24.58
C TYR A 459 -50.33 -14.11 -25.34
N GLN A 460 -50.10 -13.53 -26.52
CA GLN A 460 -51.16 -12.85 -27.32
C GLN A 460 -52.23 -13.88 -27.76
N GLN A 461 -51.87 -15.14 -27.89
CA GLN A 461 -52.76 -16.22 -28.34
C GLN A 461 -53.93 -16.38 -27.37
N LEU A 462 -53.75 -16.13 -26.06
CA LEU A 462 -54.84 -16.46 -25.09
C LEU A 462 -55.58 -15.21 -24.66
N PHE A 463 -55.27 -14.05 -25.23
CA PHE A 463 -56.00 -12.79 -24.84
C PHE A 463 -57.31 -12.74 -25.59
N ASN A 464 -58.41 -12.71 -24.85
CA ASN A 464 -59.76 -12.58 -25.43
C ASN A 464 -60.15 -11.11 -25.40
N PRO A 465 -60.13 -10.38 -26.54
CA PRO A 465 -60.51 -8.97 -26.53
C PRO A 465 -61.96 -8.71 -26.11
N GLU A 466 -62.83 -9.71 -26.20
CA GLU A 466 -64.23 -9.59 -25.77
C GLU A 466 -64.33 -9.50 -24.25
N THR A 467 -63.39 -10.08 -23.49
CA THR A 467 -63.52 -10.10 -22.01
C THR A 467 -62.42 -9.29 -21.36
N GLY A 468 -61.27 -9.07 -22.03
CA GLY A 468 -60.11 -8.47 -21.37
C GLY A 468 -59.43 -9.42 -20.39
N PHE A 469 -59.57 -10.73 -20.61
CA PHE A 469 -58.81 -11.74 -19.85
C PHE A 469 -58.06 -12.72 -20.74
N MET A 470 -57.10 -13.40 -20.16
CA MET A 470 -56.47 -14.63 -20.72
C MET A 470 -57.40 -15.82 -20.46
N GLN A 471 -57.78 -16.53 -21.50
CA GLN A 471 -58.67 -17.70 -21.43
C GLN A 471 -58.05 -18.84 -22.21
N ALA A 472 -58.39 -20.05 -21.79
CA ALA A 472 -57.92 -21.29 -22.43
C ALA A 472 -58.55 -21.36 -23.83
N LYS A 473 -57.83 -21.94 -24.79
CA LYS A 473 -58.27 -21.97 -26.21
C LYS A 473 -58.05 -23.40 -26.70
N ASP A 474 -59.01 -23.97 -27.43
CA ASP A 474 -58.87 -25.34 -27.99
C ASP A 474 -58.00 -25.31 -29.26
N THR A 475 -57.77 -26.46 -29.88
CA THR A 475 -56.87 -26.62 -31.06
C THR A 475 -57.46 -25.95 -32.30
N GLU A 476 -58.74 -25.54 -32.30
CA GLU A 476 -59.41 -24.83 -33.42
C GLU A 476 -59.46 -23.33 -33.15
N GLY A 477 -58.83 -22.87 -32.06
CA GLY A 477 -58.72 -21.44 -31.73
C GLY A 477 -59.95 -20.87 -31.07
N ASN A 478 -60.80 -21.69 -30.45
CA ASN A 478 -62.04 -21.23 -29.77
C ASN A 478 -61.78 -21.17 -28.26
N PHE A 479 -62.17 -20.07 -27.62
CA PHE A 479 -62.12 -19.93 -26.14
C PHE A 479 -63.13 -20.89 -25.49
N ARG A 480 -62.71 -21.56 -24.43
CA ARG A 480 -63.63 -22.40 -23.63
C ARG A 480 -64.86 -21.56 -23.35
N PRO A 481 -66.08 -22.06 -23.61
CA PRO A 481 -67.28 -21.26 -23.37
C PRO A 481 -67.63 -21.24 -21.87
N ASP A 482 -68.65 -20.45 -21.51
CA ASP A 482 -69.22 -20.38 -20.14
C ASP A 482 -68.18 -19.74 -19.21
N PHE A 483 -67.45 -18.76 -19.73
CA PHE A 483 -66.39 -18.04 -18.97
C PHE A 483 -67.00 -17.30 -17.78
N LEU A 484 -66.41 -17.45 -16.59
CA LEU A 484 -66.71 -16.57 -15.43
C LEU A 484 -65.38 -16.07 -14.86
N ASP A 485 -65.24 -14.74 -14.80
CA ASP A 485 -63.99 -14.04 -14.41
C ASP A 485 -63.49 -14.56 -13.05
N ILE A 486 -64.38 -14.91 -12.15
CA ILE A 486 -64.00 -15.24 -10.74
C ILE A 486 -63.99 -16.74 -10.54
N ARG A 487 -64.05 -17.52 -11.61
CA ARG A 487 -64.01 -19.00 -11.44
C ARG A 487 -62.56 -19.45 -11.31
N TRP A 488 -62.26 -20.15 -10.23
CA TRP A 488 -60.92 -20.73 -9.95
C TRP A 488 -60.72 -22.11 -10.59
N GLY A 489 -59.48 -22.41 -10.91
CA GLY A 489 -59.01 -23.75 -11.31
C GLY A 489 -59.24 -24.02 -12.78
N LYS A 490 -59.11 -25.28 -13.09
CA LYS A 490 -59.39 -25.84 -14.43
C LYS A 490 -58.34 -25.28 -15.39
N ASP A 491 -58.50 -24.06 -15.89
CA ASP A 491 -57.57 -23.41 -16.83
C ASP A 491 -56.48 -22.61 -16.10
N TYR A 492 -56.63 -22.36 -14.79
CA TYR A 492 -55.76 -21.45 -14.02
C TYR A 492 -55.31 -22.16 -12.76
N ALA A 493 -54.08 -21.96 -12.32
CA ALA A 493 -53.56 -22.59 -11.10
C ALA A 493 -53.79 -21.65 -9.92
N GLU A 494 -54.54 -22.14 -8.95
CA GLU A 494 -54.74 -21.48 -7.64
C GLU A 494 -55.11 -20.02 -7.89
N GLY A 495 -56.03 -19.79 -8.79
CA GLY A 495 -56.55 -18.46 -9.06
C GLY A 495 -57.65 -18.52 -10.07
N SER A 496 -58.30 -17.38 -10.25
CA SER A 496 -59.25 -17.12 -11.35
C SER A 496 -58.49 -16.45 -12.50
N ALA A 497 -59.23 -16.05 -13.53
CA ALA A 497 -58.70 -15.17 -14.61
C ALA A 497 -58.09 -13.90 -14.01
N TRP A 498 -58.64 -13.37 -12.91
CA TRP A 498 -58.10 -12.13 -12.30
C TRP A 498 -56.69 -12.35 -11.75
N GLN A 499 -56.36 -13.54 -11.29
CA GLN A 499 -55.04 -13.84 -10.70
C GLN A 499 -54.08 -14.38 -11.77
N SER A 500 -54.50 -14.49 -13.03
CA SER A 500 -53.75 -15.28 -14.04
C SER A 500 -53.51 -14.47 -15.32
N SER A 501 -54.20 -13.35 -15.52
CA SER A 501 -54.24 -12.68 -16.84
C SER A 501 -53.09 -11.71 -16.99
N PHE A 502 -52.22 -11.56 -15.99
CA PHE A 502 -51.19 -10.49 -16.05
C PHE A 502 -49.78 -11.05 -15.88
N ALA A 503 -49.58 -12.32 -16.24
CA ALA A 503 -48.28 -12.99 -16.12
C ALA A 503 -47.51 -12.77 -17.43
N VAL A 504 -47.21 -11.50 -17.75
CA VAL A 504 -46.57 -11.11 -19.03
C VAL A 504 -45.40 -10.18 -18.71
N TYR A 505 -44.52 -10.64 -17.86
CA TYR A 505 -43.41 -9.85 -17.27
C TYR A 505 -42.47 -9.38 -18.39
N GLN A 506 -42.46 -10.14 -19.48
CA GLN A 506 -41.57 -9.82 -20.63
C GLN A 506 -42.11 -8.66 -21.47
N ASP A 507 -43.40 -8.31 -21.38
CA ASP A 507 -43.96 -7.37 -22.38
C ASP A 507 -45.26 -6.72 -21.90
N PHE A 508 -45.26 -6.08 -20.75
CA PHE A 508 -46.47 -5.39 -20.28
C PHE A 508 -46.89 -4.32 -21.31
N ALA A 509 -45.96 -3.65 -21.99
CA ALA A 509 -46.37 -2.62 -22.97
C ALA A 509 -47.21 -3.28 -24.05
N GLY A 510 -46.83 -4.49 -24.46
CA GLY A 510 -47.56 -5.25 -25.48
C GLY A 510 -48.90 -5.73 -24.97
N LEU A 511 -48.98 -6.15 -23.69
CA LEU A 511 -50.28 -6.56 -23.13
C LEU A 511 -51.19 -5.32 -23.09
N ILE A 512 -50.64 -4.18 -22.71
CA ILE A 512 -51.43 -2.91 -22.58
C ILE A 512 -52.00 -2.60 -23.95
N LYS A 513 -51.18 -2.74 -25.00
CA LYS A 513 -51.65 -2.50 -26.38
C LYS A 513 -52.85 -3.41 -26.71
N LEU A 514 -52.89 -4.68 -26.27
CA LEU A 514 -54.07 -5.55 -26.50
C LEU A 514 -55.34 -5.00 -25.88
N TYR A 515 -55.26 -4.27 -24.76
CA TYR A 515 -56.43 -3.62 -24.11
C TYR A 515 -56.88 -2.43 -24.94
N GLY A 516 -55.99 -1.83 -25.73
CA GLY A 516 -56.34 -0.71 -26.62
C GLY A 516 -55.63 0.56 -26.22
N SER A 517 -55.17 0.70 -24.98
CA SER A 517 -54.55 1.95 -24.44
C SER A 517 -54.14 1.77 -22.98
N GLU A 518 -53.18 2.57 -22.52
CA GLU A 518 -52.79 2.74 -21.10
C GLU A 518 -54.07 2.98 -20.30
N LEU A 519 -55.04 3.76 -20.79
CA LEU A 519 -56.26 4.08 -20.00
C LEU A 519 -57.18 2.86 -19.85
N ALA A 520 -57.35 2.04 -20.89
CA ALA A 520 -58.23 0.85 -20.79
C ALA A 520 -57.57 -0.16 -19.81
N PHE A 521 -56.26 -0.27 -19.82
CA PHE A 521 -55.51 -1.15 -18.88
C PHE A 521 -55.68 -0.62 -17.44
N GLU A 522 -55.54 0.70 -17.27
CA GLU A 522 -55.77 1.39 -15.96
C GLU A 522 -57.14 0.99 -15.41
N LYS A 523 -58.19 1.03 -16.23
CA LYS A 523 -59.55 0.75 -15.77
C LYS A 523 -59.60 -0.69 -15.29
N LYS A 524 -58.92 -1.59 -15.99
CA LYS A 524 -58.95 -3.00 -15.62
C LYS A 524 -58.29 -3.18 -14.24
N LEU A 525 -57.17 -2.49 -14.00
CA LEU A 525 -56.38 -2.62 -12.75
C LEU A 525 -57.20 -2.02 -11.61
N ILE A 526 -57.87 -0.91 -11.86
CA ILE A 526 -58.74 -0.30 -10.80
C ILE A 526 -59.85 -1.28 -10.40
N GLN A 527 -60.50 -1.90 -11.38
CA GLN A 527 -61.56 -2.90 -11.13
C GLN A 527 -61.00 -4.11 -10.36
N LEU A 528 -59.83 -4.60 -10.75
CA LEU A 528 -59.16 -5.72 -10.03
C LEU A 528 -59.06 -5.37 -8.55
N CYS A 529 -58.59 -4.14 -8.26
CA CYS A 529 -58.24 -3.76 -6.86
C CYS A 529 -59.49 -3.40 -6.06
N ASN A 530 -60.48 -2.77 -6.70
CA ASN A 530 -61.55 -2.11 -5.89
C ASN A 530 -62.83 -2.97 -5.77
N GLN A 531 -62.86 -4.12 -6.38
CA GLN A 531 -64.05 -5.00 -6.32
C GLN A 531 -64.03 -5.84 -5.03
N ALA A 532 -65.12 -6.55 -4.75
CA ALA A 532 -65.17 -7.47 -3.59
C ALA A 532 -64.35 -8.70 -3.92
N PRO A 533 -63.74 -9.35 -2.89
CA PRO A 533 -62.93 -10.53 -3.06
C PRO A 533 -63.76 -11.80 -3.21
N ASN A 534 -64.61 -11.82 -4.22
CA ASN A 534 -65.54 -12.94 -4.53
C ASN A 534 -64.78 -13.99 -5.32
N PHE A 535 -65.19 -15.23 -5.16
CA PHE A 535 -64.58 -16.36 -5.87
C PHE A 535 -65.66 -17.42 -6.15
N ASN A 536 -65.42 -18.22 -7.17
CA ASN A 536 -66.29 -19.37 -7.52
C ASN A 536 -65.38 -20.60 -7.57
N VAL A 537 -65.79 -21.72 -6.99
CA VAL A 537 -64.87 -22.86 -6.69
C VAL A 537 -64.92 -23.94 -7.77
N GLU A 538 -65.68 -23.74 -8.82
CA GLU A 538 -66.09 -24.85 -9.71
C GLU A 538 -64.91 -25.62 -10.33
N GLY A 539 -63.81 -24.96 -10.72
CA GLY A 539 -62.63 -25.66 -11.24
C GLY A 539 -62.03 -26.62 -10.25
N TYR A 540 -62.22 -26.42 -8.93
CA TYR A 540 -61.72 -27.37 -7.89
C TYR A 540 -62.86 -28.29 -7.42
N GLY A 541 -64.07 -27.76 -7.28
CA GLY A 541 -65.23 -28.43 -6.66
C GLY A 541 -65.37 -28.18 -5.16
N PHE A 542 -64.47 -27.39 -4.55
CA PHE A 542 -64.47 -27.13 -3.09
C PHE A 542 -63.58 -25.91 -2.91
N GLU A 543 -63.65 -25.31 -1.73
CA GLU A 543 -62.82 -24.12 -1.41
C GLU A 543 -61.47 -24.58 -0.93
N ILE A 544 -60.41 -24.00 -1.48
CA ILE A 544 -59.02 -24.23 -1.05
C ILE A 544 -58.52 -23.00 -0.30
N HIS A 545 -57.46 -23.17 0.47
CA HIS A 545 -56.99 -22.12 1.40
C HIS A 545 -56.64 -20.84 0.61
N GLU A 546 -56.04 -20.93 -0.59
CA GLU A 546 -55.74 -19.69 -1.38
C GLU A 546 -56.98 -18.84 -1.62
N MET A 547 -58.15 -19.46 -1.82
CA MET A 547 -59.40 -18.68 -1.98
C MET A 547 -59.69 -18.00 -0.65
N SER A 548 -59.62 -18.75 0.44
CA SER A 548 -60.01 -18.26 1.78
C SER A 548 -59.10 -17.10 2.19
N GLU A 549 -57.82 -17.18 1.83
CA GLU A 549 -56.85 -16.14 2.26
C GLU A 549 -57.14 -14.84 1.48
N MET A 550 -57.58 -14.93 0.23
CA MET A 550 -57.99 -13.72 -0.52
C MET A 550 -59.29 -13.17 0.13
N ALA A 551 -60.25 -14.04 0.40
CA ALA A 551 -61.59 -13.63 0.88
C ALA A 551 -61.53 -13.14 2.32
N ALA A 552 -60.48 -13.47 3.06
CA ALA A 552 -60.33 -13.06 4.48
C ALA A 552 -60.08 -11.55 4.58
N ILE A 553 -59.62 -10.91 3.50
CA ILE A 553 -59.22 -9.48 3.55
C ILE A 553 -59.91 -8.73 2.41
N ASP A 554 -59.95 -7.41 2.53
CA ASP A 554 -60.62 -6.56 1.53
C ASP A 554 -59.53 -5.84 0.74
N PHE A 555 -58.90 -6.61 -0.14
CA PHE A 555 -57.93 -6.08 -1.13
C PHE A 555 -58.33 -6.56 -2.53
N GLY A 556 -59.62 -6.72 -2.73
CA GLY A 556 -60.14 -7.05 -4.04
C GLY A 556 -59.59 -8.37 -4.54
N GLN A 557 -59.25 -8.41 -5.82
CA GLN A 557 -58.71 -9.63 -6.45
C GLN A 557 -57.18 -9.62 -6.35
N LEU A 558 -56.58 -8.69 -5.60
CA LEU A 558 -55.12 -8.65 -5.47
C LEU A 558 -54.77 -9.66 -4.34
N ALA A 559 -54.65 -10.92 -4.71
CA ALA A 559 -54.49 -12.07 -3.78
C ALA A 559 -53.01 -12.17 -3.42
N ILE A 560 -52.57 -11.27 -2.58
CA ILE A 560 -51.17 -11.17 -2.08
C ILE A 560 -50.78 -12.45 -1.34
N SER A 561 -51.77 -13.23 -0.89
CA SER A 561 -51.59 -14.56 -0.28
C SER A 561 -50.89 -15.56 -1.23
N ASN A 562 -50.79 -15.26 -2.52
CA ASN A 562 -50.19 -16.24 -3.47
C ASN A 562 -49.38 -15.50 -4.55
N GLN A 563 -48.37 -16.20 -5.03
CA GLN A 563 -47.34 -15.67 -5.96
C GLN A 563 -47.94 -14.96 -7.18
N PRO A 564 -49.03 -15.44 -7.82
CA PRO A 564 -49.49 -14.84 -9.08
C PRO A 564 -49.80 -13.35 -9.01
N SER A 565 -50.21 -12.84 -7.84
CA SER A 565 -50.58 -11.42 -7.65
C SER A 565 -49.42 -10.55 -7.13
N PHE A 566 -48.27 -11.13 -6.85
CA PHE A 566 -47.15 -10.42 -6.14
C PHE A 566 -46.78 -9.11 -6.83
N HIS A 567 -46.83 -9.09 -8.18
CA HIS A 567 -46.35 -7.92 -8.96
C HIS A 567 -47.47 -6.93 -9.22
N TYR A 568 -48.71 -7.26 -8.83
CA TYR A 568 -49.88 -6.46 -9.26
C TYR A 568 -49.73 -4.96 -8.98
N PRO A 569 -49.29 -4.48 -7.80
CA PRO A 569 -49.20 -3.03 -7.55
C PRO A 569 -48.33 -2.32 -8.59
N PHE A 570 -47.35 -3.02 -9.13
CA PHE A 570 -46.36 -2.47 -10.07
C PHE A 570 -46.96 -2.33 -11.46
N LEU A 571 -48.11 -2.95 -11.74
CA LEU A 571 -48.71 -2.81 -13.09
C LEU A 571 -49.05 -1.33 -13.35
N PHE A 572 -49.30 -0.54 -12.30
CA PHE A 572 -49.61 0.90 -12.45
C PHE A 572 -48.37 1.67 -12.98
N SER A 573 -47.17 1.11 -12.79
CA SER A 573 -45.89 1.72 -13.23
C SER A 573 -45.80 1.63 -14.75
N TYR A 574 -46.58 0.75 -15.38
CA TYR A 574 -46.46 0.51 -16.84
C TYR A 574 -47.37 1.47 -17.59
N ILE A 575 -48.21 2.20 -16.88
CA ILE A 575 -49.07 3.24 -17.50
C ILE A 575 -48.67 4.63 -16.99
N GLY A 576 -47.54 4.75 -16.31
CA GLY A 576 -46.99 6.04 -15.85
C GLY A 576 -47.78 6.60 -14.69
N LYS A 577 -48.37 5.73 -13.86
CA LYS A 577 -49.15 6.18 -12.70
C LYS A 577 -48.76 5.38 -11.47
N PRO A 578 -47.46 5.31 -11.11
CA PRO A 578 -47.07 4.54 -9.93
C PRO A 578 -47.68 5.11 -8.64
N GLU A 579 -48.03 6.41 -8.63
CA GLU A 579 -48.63 7.08 -7.45
C GLU A 579 -49.94 6.38 -7.10
N MET A 580 -50.62 5.75 -8.06
CA MET A 580 -51.91 5.06 -7.77
C MET A 580 -51.69 3.87 -6.80
N ALA A 581 -50.48 3.34 -6.72
CA ALA A 581 -50.21 2.07 -5.98
C ALA A 581 -49.33 2.33 -4.75
N GLN A 582 -48.83 3.54 -4.52
CA GLN A 582 -47.90 3.79 -3.37
C GLN A 582 -48.63 3.53 -2.04
N PRO A 583 -49.85 4.03 -1.82
CA PRO A 583 -50.60 3.70 -0.60
C PRO A 583 -50.86 2.19 -0.51
N LEU A 584 -51.31 1.59 -1.60
CA LEU A 584 -51.65 0.16 -1.66
C LEU A 584 -50.45 -0.70 -1.19
N LEU A 585 -49.22 -0.37 -1.62
CA LEU A 585 -48.02 -1.15 -1.22
C LEU A 585 -47.79 -1.02 0.29
N LYS A 586 -47.87 0.17 0.88
CA LYS A 586 -47.69 0.29 2.34
C LYS A 586 -48.80 -0.49 3.05
N GLN A 587 -50.04 -0.42 2.55
CA GLN A 587 -51.16 -1.16 3.19
C GLN A 587 -50.95 -2.69 3.04
N LEU A 588 -50.45 -3.18 1.92
CA LEU A 588 -50.15 -4.63 1.75
C LEU A 588 -49.05 -5.03 2.73
N MET A 589 -48.01 -4.22 2.92
CA MET A 589 -46.95 -4.58 3.90
C MET A 589 -47.53 -4.70 5.32
N GLN A 590 -48.61 -4.01 5.65
CA GLN A 590 -49.24 -4.20 7.01
C GLN A 590 -49.92 -5.57 7.18
N THR A 591 -50.11 -6.35 6.15
CA THR A 591 -50.63 -7.72 6.27
C THR A 591 -49.54 -8.66 6.79
N PHE A 592 -48.32 -8.16 7.02
CA PHE A 592 -47.21 -9.01 7.55
C PHE A 592 -46.89 -8.58 8.97
N ASP A 593 -46.60 -9.52 9.85
CA ASP A 593 -45.97 -9.23 11.15
C ASP A 593 -45.20 -10.45 11.63
N ALA A 594 -44.58 -10.33 12.79
CA ALA A 594 -43.64 -11.35 13.29
C ALA A 594 -44.38 -12.41 14.09
N SER A 595 -45.70 -12.35 14.14
CA SER A 595 -46.53 -13.26 14.97
C SER A 595 -46.68 -14.63 14.32
N PRO A 596 -47.26 -15.62 15.02
CA PRO A 596 -47.60 -16.90 14.38
C PRO A 596 -48.60 -16.81 13.24
N THR A 597 -49.33 -15.71 13.11
CA THR A 597 -50.25 -15.48 11.98
C THR A 597 -49.66 -14.44 11.01
N GLY A 598 -48.34 -14.33 10.90
CA GLY A 598 -47.65 -13.16 10.38
C GLY A 598 -47.58 -13.05 8.86
N TYR A 599 -48.00 -14.01 8.06
CA TYR A 599 -48.02 -13.85 6.57
C TYR A 599 -49.45 -13.93 6.08
N PRO A 600 -49.74 -13.26 4.96
CA PRO A 600 -51.05 -13.35 4.34
C PRO A 600 -51.40 -14.67 3.65
N GLY A 601 -50.40 -15.55 3.46
CA GLY A 601 -50.54 -16.83 2.76
C GLY A 601 -49.25 -17.61 2.87
N ASP A 602 -49.10 -18.65 2.07
CA ASP A 602 -47.89 -19.51 2.16
C ASP A 602 -46.63 -18.68 1.84
N GLU A 603 -45.62 -18.78 2.70
CA GLU A 603 -44.34 -18.09 2.57
C GLU A 603 -43.51 -18.70 1.44
N ASP A 604 -43.59 -20.01 1.21
CA ASP A 604 -42.95 -20.71 0.05
C ASP A 604 -41.45 -20.40 -0.02
N ASN A 605 -40.71 -20.85 0.99
CA ASN A 605 -39.24 -21.04 0.90
C ASN A 605 -38.52 -19.75 0.54
N GLY A 606 -38.90 -18.62 1.14
CA GLY A 606 -38.20 -17.35 0.96
C GLY A 606 -38.99 -16.41 0.04
N SER A 607 -39.90 -16.95 -0.75
CA SER A 607 -40.56 -16.20 -1.84
C SER A 607 -41.32 -14.99 -1.26
N MET A 608 -42.19 -15.23 -0.28
CA MET A 608 -43.02 -14.11 0.21
C MET A 608 -42.17 -13.23 1.16
N SER A 609 -41.22 -13.80 1.88
CA SER A 609 -40.31 -13.04 2.75
C SER A 609 -39.55 -12.03 1.88
N ALA A 610 -39.00 -12.48 0.75
CA ALA A 610 -38.20 -11.56 -0.09
C ALA A 610 -39.13 -10.54 -0.77
N TRP A 611 -40.40 -10.87 -1.00
CA TRP A 611 -41.40 -9.87 -1.42
C TRP A 611 -41.39 -8.72 -0.39
N TYR A 612 -41.50 -9.09 0.88
CA TYR A 612 -41.56 -8.10 1.98
C TYR A 612 -40.26 -7.31 2.07
N ILE A 613 -39.13 -7.97 1.94
CA ILE A 613 -37.82 -7.28 2.10
C ILE A 613 -37.70 -6.25 0.96
N PHE A 614 -37.94 -6.65 -0.28
CA PHE A 614 -37.83 -5.72 -1.42
C PHE A 614 -38.77 -4.54 -1.18
N ASN A 615 -40.05 -4.83 -0.91
CA ASN A 615 -41.03 -3.73 -0.79
C ASN A 615 -40.67 -2.80 0.37
N SER A 616 -40.06 -3.31 1.42
CA SER A 616 -39.60 -2.52 2.57
C SER A 616 -38.59 -1.45 2.10
N LEU A 617 -37.70 -1.82 1.18
CA LEU A 617 -36.66 -0.94 0.62
C LEU A 617 -37.22 -0.02 -0.47
N GLY A 618 -38.36 -0.36 -1.09
CA GLY A 618 -39.08 0.51 -2.02
C GLY A 618 -38.88 0.16 -3.48
N PHE A 619 -38.41 -1.04 -3.83
CA PHE A 619 -38.28 -1.44 -5.25
C PHE A 619 -38.43 -2.94 -5.35
N TYR A 620 -38.75 -3.43 -6.53
CA TYR A 620 -39.17 -4.81 -6.71
C TYR A 620 -38.84 -5.37 -8.09
N PRO A 621 -38.36 -6.63 -8.17
CA PRO A 621 -38.04 -7.22 -9.47
C PRO A 621 -39.25 -7.81 -10.19
N VAL A 622 -39.98 -6.97 -10.93
CA VAL A 622 -41.18 -7.39 -11.66
C VAL A 622 -40.72 -8.35 -12.76
N THR A 623 -39.61 -8.02 -13.41
CA THR A 623 -39.15 -8.81 -14.55
C THR A 623 -37.73 -9.30 -14.31
N PRO A 624 -37.58 -10.46 -13.60
CA PRO A 624 -36.35 -11.23 -13.66
C PRO A 624 -35.99 -11.45 -15.13
N GLY A 625 -34.73 -11.21 -15.47
CA GLY A 625 -34.19 -11.27 -16.84
C GLY A 625 -34.11 -9.91 -17.52
N ALA A 626 -34.64 -8.84 -16.93
CA ALA A 626 -34.53 -7.49 -17.51
C ALA A 626 -33.42 -6.68 -16.85
N GLY A 627 -32.98 -7.00 -15.65
CA GLY A 627 -31.96 -6.21 -14.93
C GLY A 627 -32.50 -4.90 -14.43
N GLU A 628 -33.71 -4.92 -13.85
CA GLU A 628 -34.39 -3.70 -13.36
C GLU A 628 -35.18 -4.03 -12.11
N TYR A 629 -35.41 -3.02 -11.29
CA TYR A 629 -36.27 -3.06 -10.10
C TYR A 629 -37.26 -1.91 -10.26
N VAL A 630 -38.54 -2.23 -10.22
CA VAL A 630 -39.62 -1.23 -10.35
C VAL A 630 -39.85 -0.60 -8.97
N ILE A 631 -39.98 0.74 -8.94
CA ILE A 631 -40.05 1.49 -7.67
C ILE A 631 -41.47 1.33 -7.12
N GLY A 632 -41.55 1.19 -5.81
CA GLY A 632 -42.82 0.99 -5.09
C GLY A 632 -42.99 2.07 -4.04
N MET A 633 -43.00 1.68 -2.79
CA MET A 633 -43.16 2.63 -1.66
C MET A 633 -42.40 2.05 -0.49
N PRO A 634 -41.30 2.67 -0.04
CA PRO A 634 -40.53 2.11 1.05
C PRO A 634 -41.27 2.22 2.38
N LEU A 635 -41.00 1.25 3.25
CA LEU A 635 -41.49 1.21 4.65
C LEU A 635 -40.32 1.54 5.60
N VAL A 636 -39.06 1.26 5.25
CA VAL A 636 -37.91 1.66 6.09
C VAL A 636 -37.83 3.20 6.14
N GLN A 637 -37.14 3.68 7.17
CA GLN A 637 -36.58 5.06 7.19
C GLN A 637 -35.12 5.01 6.76
N THR A 638 -34.37 3.99 7.18
CA THR A 638 -32.95 3.89 6.81
C THR A 638 -32.65 2.46 6.41
N ALA A 639 -31.74 2.29 5.47
CA ALA A 639 -31.18 0.95 5.22
C ALA A 639 -29.74 1.13 4.75
N GLU A 640 -28.83 0.34 5.30
CA GLU A 640 -27.47 0.15 4.76
C GLU A 640 -27.47 -1.21 4.09
N VAL A 641 -27.35 -1.20 2.78
CA VAL A 641 -27.34 -2.41 1.95
C VAL A 641 -25.89 -2.73 1.61
N LYS A 642 -25.37 -3.86 2.10
CA LYS A 642 -23.99 -4.31 1.71
C LYS A 642 -24.10 -5.13 0.42
N LEU A 643 -23.67 -4.57 -0.71
CA LEU A 643 -23.79 -5.22 -2.02
C LEU A 643 -22.66 -6.26 -2.16
N SER A 644 -22.95 -7.32 -2.86
CA SER A 644 -21.99 -8.44 -3.08
C SER A 644 -20.73 -7.89 -3.78
N ASN A 645 -20.86 -6.85 -4.58
CA ASN A 645 -19.69 -6.30 -5.32
C ASN A 645 -18.76 -5.53 -4.38
N GLY A 646 -19.03 -5.42 -3.07
CA GLY A 646 -18.22 -4.72 -2.06
C GLY A 646 -18.62 -3.24 -1.84
N LYS A 647 -19.53 -2.70 -2.62
CA LYS A 647 -20.06 -1.34 -2.36
C LYS A 647 -21.23 -1.37 -1.36
N GLN A 648 -21.73 -0.17 -1.02
CA GLN A 648 -22.81 0.01 -0.01
C GLN A 648 -23.82 0.94 -0.66
N LEU A 649 -25.10 0.58 -0.61
CA LEU A 649 -26.18 1.53 -0.95
C LEU A 649 -26.81 1.97 0.38
N THR A 650 -26.88 3.29 0.63
CA THR A 650 -27.47 3.83 1.88
C THR A 650 -28.81 4.43 1.48
N ILE A 651 -29.90 3.90 2.06
CA ILE A 651 -31.25 4.43 1.80
C ILE A 651 -31.64 5.31 2.96
N GLN A 652 -32.22 6.47 2.65
CA GLN A 652 -32.74 7.43 3.65
C GLN A 652 -34.07 7.93 3.14
N THR A 653 -35.09 7.88 3.99
CA THR A 653 -36.38 8.48 3.66
C THR A 653 -36.57 9.71 4.56
N SER A 654 -37.37 10.66 4.11
CA SER A 654 -37.92 11.67 5.03
C SER A 654 -38.76 10.90 6.07
N PRO A 655 -39.30 11.56 7.11
CA PRO A 655 -40.04 10.84 8.15
C PRO A 655 -41.12 9.96 7.51
N ASN A 656 -41.13 8.67 7.85
CA ASN A 656 -41.96 7.69 7.13
C ASN A 656 -43.00 7.15 8.10
N LYS A 657 -43.98 7.97 8.44
CA LYS A 657 -45.04 7.62 9.40
C LYS A 657 -46.22 7.05 8.62
N VAL A 658 -47.29 6.67 9.33
CA VAL A 658 -48.44 6.00 8.66
CA VAL A 658 -48.43 5.98 8.65
C VAL A 658 -49.03 6.92 7.59
N GLN A 659 -49.01 8.25 7.81
CA GLN A 659 -49.65 9.18 6.82
C GLN A 659 -48.81 9.37 5.56
N GLN A 660 -47.53 9.02 5.58
CA GLN A 660 -46.72 9.01 4.35
C GLN A 660 -47.12 7.81 3.52
N GLN A 661 -47.80 8.07 2.41
CA GLN A 661 -48.33 6.99 1.53
C GLN A 661 -47.90 7.20 0.08
N PHE A 662 -47.04 8.18 -0.19
CA PHE A 662 -46.60 8.51 -1.57
C PHE A 662 -45.11 8.82 -1.55
N ILE A 663 -44.52 8.69 -2.73
CA ILE A 663 -43.19 9.24 -2.98
C ILE A 663 -43.32 10.65 -3.56
N HIS A 664 -42.65 11.62 -2.97
CA HIS A 664 -42.64 13.02 -3.49
C HIS A 664 -41.53 13.15 -4.54
N GLU A 665 -40.30 12.82 -4.15
CA GLU A 665 -39.12 12.84 -5.05
C GLU A 665 -38.11 11.78 -4.63
N ILE A 666 -37.30 11.35 -5.61
CA ILE A 666 -36.15 10.44 -5.35
C ILE A 666 -34.87 11.12 -5.84
N GLN A 667 -33.83 11.14 -5.02
CA GLN A 667 -32.47 11.48 -5.52
C GLN A 667 -31.57 10.26 -5.44
N LEU A 668 -30.90 9.92 -6.51
CA LEU A 668 -29.86 8.86 -6.47
C LEU A 668 -28.51 9.56 -6.61
N ASN A 669 -27.65 9.46 -5.61
CA ASN A 669 -26.36 10.22 -5.53
C ASN A 669 -26.60 11.70 -5.86
N GLN A 670 -27.59 12.31 -5.20
CA GLN A 670 -27.91 13.76 -5.18
C GLN A 670 -28.44 14.23 -6.54
N GLU A 671 -28.85 13.33 -7.43
CA GLU A 671 -29.42 13.64 -8.77
C GLU A 671 -30.87 13.21 -8.79
N LYS A 672 -31.77 14.08 -9.23
CA LYS A 672 -33.21 13.75 -9.32
C LYS A 672 -33.35 12.51 -10.19
N HIS A 673 -34.18 11.57 -9.76
CA HIS A 673 -34.44 10.31 -10.47
C HIS A 673 -35.91 10.26 -10.81
N THR A 674 -36.29 10.35 -12.09
CA THR A 674 -37.72 10.44 -12.46
C THR A 674 -38.24 9.10 -12.97
N ALA A 675 -37.40 8.18 -13.44
CA ALA A 675 -37.86 6.91 -14.03
C ALA A 675 -38.55 6.08 -12.93
N PRO A 676 -39.61 5.32 -13.28
CA PRO A 676 -40.35 4.51 -12.31
C PRO A 676 -39.63 3.18 -11.99
N TYR A 677 -38.33 3.09 -12.30
CA TYR A 677 -37.51 1.87 -12.05
C TYR A 677 -36.06 2.28 -11.81
N PHE A 678 -35.28 1.37 -11.24
CA PHE A 678 -33.81 1.44 -11.15
C PHE A 678 -33.25 0.31 -12.01
N THR A 679 -32.13 0.56 -12.68
CA THR A 679 -31.36 -0.56 -13.26
C THR A 679 -30.65 -1.26 -12.12
N HIS A 680 -30.32 -2.51 -12.33
CA HIS A 680 -29.43 -3.29 -11.45
C HIS A 680 -28.08 -2.59 -11.37
N GLN A 681 -27.56 -2.13 -12.52
CA GLN A 681 -26.24 -1.43 -12.54
C GLN A 681 -26.28 -0.19 -11.62
N GLU A 682 -27.34 0.61 -11.64
CA GLU A 682 -27.49 1.81 -10.77
C GLU A 682 -27.37 1.43 -9.31
N LEU A 683 -28.07 0.38 -8.89
CA LEU A 683 -28.03 -0.02 -7.48
C LEU A 683 -26.67 -0.58 -7.14
N LEU A 684 -26.10 -1.43 -8.00
CA LEU A 684 -24.71 -1.93 -7.77
C LEU A 684 -23.65 -0.80 -7.68
N ASN A 685 -23.86 0.36 -8.28
CA ASN A 685 -22.92 1.52 -8.14
C ASN A 685 -22.88 1.96 -6.66
N GLY A 686 -23.90 1.62 -5.87
CA GLY A 686 -23.98 2.07 -4.47
C GLY A 686 -24.14 3.59 -4.41
N GLY A 687 -23.85 4.14 -3.25
CA GLY A 687 -24.04 5.54 -2.96
C GLY A 687 -25.31 5.72 -2.18
N THR A 688 -26.02 6.79 -2.48
CA THR A 688 -27.14 7.27 -1.63
C THR A 688 -28.44 7.20 -2.43
N LEU A 689 -29.45 6.60 -1.83
CA LEU A 689 -30.83 6.60 -2.38
C LEU A 689 -31.72 7.32 -1.35
N ASP A 690 -32.14 8.53 -1.68
CA ASP A 690 -32.95 9.40 -0.80
C ASP A 690 -34.38 9.44 -1.36
N TYR A 691 -35.35 9.03 -0.53
CA TYR A 691 -36.78 9.17 -0.86
C TYR A 691 -37.38 10.30 -0.04
N GLN A 692 -37.81 11.38 -0.69
CA GLN A 692 -38.67 12.36 0.00
C GLN A 692 -40.10 11.84 -0.13
N LEU A 693 -40.79 11.67 0.99
CA LEU A 693 -42.14 11.05 0.98
C LEU A 693 -43.25 12.11 1.06
N GLY A 694 -44.48 11.74 0.67
CA GLY A 694 -45.62 12.67 0.68
C GLY A 694 -46.84 12.11 1.37
N ILE A 695 -47.71 13.01 1.80
CA ILE A 695 -49.07 12.67 2.31
C ILE A 695 -50.06 12.80 1.17
N VAL A 696 -49.63 13.46 0.09
CA VAL A 696 -50.40 13.49 -1.19
C VAL A 696 -49.43 13.07 -2.28
N PRO A 697 -49.95 12.64 -3.44
CA PRO A 697 -49.09 12.24 -4.54
C PRO A 697 -48.37 13.43 -5.16
N ASN A 698 -47.31 13.11 -5.87
CA ASN A 698 -46.57 14.05 -6.74
C ASN A 698 -46.43 13.40 -8.12
N PRO A 699 -47.46 13.51 -8.99
CA PRO A 699 -47.42 12.83 -10.30
C PRO A 699 -46.19 13.27 -11.11
N GLN A 700 -45.38 12.31 -11.54
CA GLN A 700 -44.26 12.56 -12.51
C GLN A 700 -44.91 12.53 -13.90
N THR A 701 -44.42 13.32 -14.82
CA THR A 701 -45.14 13.43 -16.10
C THR A 701 -44.31 12.72 -17.17
N THR A 702 -43.40 11.85 -16.75
CA THR A 702 -42.34 11.26 -17.60
C THR A 702 -42.94 10.16 -18.46
N ALA A 703 -42.40 9.99 -19.66
CA ALA A 703 -42.79 8.94 -20.61
C ALA A 703 -42.04 7.64 -20.25
N GLU A 704 -41.09 7.72 -19.31
CA GLU A 704 -40.22 6.59 -18.95
C GLU A 704 -41.07 5.43 -18.43
N ARG A 705 -40.74 4.21 -18.84
CA ARG A 705 -41.49 3.00 -18.41
C ARG A 705 -40.47 1.93 -18.09
N PRO A 706 -40.78 0.96 -17.20
CA PRO A 706 -39.90 -0.20 -17.01
C PRO A 706 -39.88 -1.03 -18.30
N PHE A 707 -38.91 -1.94 -18.37
CA PHE A 707 -38.69 -2.85 -19.52
C PHE A 707 -39.95 -3.51 -20.07
N SER A 708 -40.11 -3.43 -21.39
CA SER A 708 -41.01 -4.31 -22.16
C SER A 708 -40.32 -4.67 -23.47
N LEU A 709 -40.41 -5.91 -23.90
CA LEU A 709 -39.78 -6.38 -25.14
C LEU A 709 -40.17 -5.46 -26.29
N SER A 710 -41.49 -5.22 -26.43
CA SER A 710 -42.08 -4.58 -27.63
C SER A 710 -41.61 -3.12 -27.76
N THR A 711 -41.02 -2.52 -26.72
CA THR A 711 -40.55 -1.11 -26.75
C THR A 711 -39.03 -0.99 -26.58
N GLU A 712 -38.26 -2.07 -26.41
CA GLU A 712 -36.82 -1.96 -26.02
C GLU A 712 -35.97 -1.32 -27.14
N MET B 1 30.59 10.62 -16.33
CA MET B 1 30.35 10.22 -17.74
C MET B 1 29.88 11.48 -18.49
N ASN B 2 30.35 11.64 -19.73
CA ASN B 2 29.89 12.71 -20.68
C ASN B 2 28.45 12.38 -21.07
N ILE B 3 27.61 13.41 -21.10
CA ILE B 3 26.18 13.26 -21.40
C ILE B 3 26.04 12.66 -22.80
N GLN B 4 26.98 12.89 -23.71
CA GLN B 4 26.86 12.42 -25.13
C GLN B 4 26.95 10.89 -25.20
N ALA B 5 27.51 10.27 -24.20
CA ALA B 5 27.65 8.79 -24.11
C ALA B 5 26.45 8.14 -23.44
N ILE B 6 25.53 8.91 -22.88
CA ILE B 6 24.26 8.34 -22.35
C ILE B 6 23.37 7.92 -23.53
N ASP B 7 22.86 6.71 -23.48
CA ASP B 7 21.95 6.16 -24.52
C ASP B 7 20.54 6.18 -23.93
N THR B 8 19.69 7.00 -24.54
CA THR B 8 18.34 7.26 -24.02
C THR B 8 17.43 6.05 -24.24
N ARG B 9 17.88 4.97 -24.84
CA ARG B 9 17.05 3.73 -24.94
C ARG B 9 17.12 2.95 -23.63
N HIS B 10 17.95 3.40 -22.69
CA HIS B 10 17.92 2.88 -21.30
C HIS B 10 16.48 2.80 -20.77
N GLY B 11 16.04 1.64 -20.32
CA GLY B 11 14.72 1.53 -19.66
C GLY B 11 13.55 1.59 -20.66
N THR B 12 13.80 1.52 -21.96
CA THR B 12 12.74 1.71 -23.00
C THR B 12 12.11 0.39 -23.48
N ALA B 13 12.57 -0.78 -23.07
CA ALA B 13 12.01 -2.05 -23.58
C ALA B 13 10.82 -2.40 -22.71
N ASN B 14 9.65 -1.93 -23.12
CA ASN B 14 8.43 -2.04 -22.29
C ASN B 14 7.24 -2.45 -23.16
N GLN B 15 6.21 -2.95 -22.49
CA GLN B 15 4.87 -3.11 -23.08
C GLN B 15 3.91 -3.04 -21.90
N HIS B 16 2.63 -3.02 -22.19
CA HIS B 16 1.55 -2.94 -21.16
C HIS B 16 1.75 -4.03 -20.11
N SER B 17 2.06 -5.26 -20.51
CA SER B 17 2.17 -6.41 -19.58
C SER B 17 3.44 -6.41 -18.73
N PHE B 18 4.49 -5.65 -19.06
CA PHE B 18 5.76 -5.79 -18.32
C PHE B 18 6.62 -4.56 -18.51
N SER B 19 7.05 -4.00 -17.41
CA SER B 19 7.92 -2.81 -17.40
C SER B 19 9.36 -3.14 -17.03
N ASN B 20 10.28 -2.53 -17.78
CA ASN B 20 11.70 -2.41 -17.40
C ASN B 20 12.07 -0.93 -17.17
N GLY B 21 11.08 -0.11 -16.81
CA GLY B 21 11.28 1.32 -16.56
C GLY B 21 10.13 2.14 -17.09
N ASN B 22 9.51 1.72 -18.20
CA ASN B 22 8.46 2.50 -18.87
C ASN B 22 8.98 3.91 -19.10
N CYS B 23 10.25 3.98 -19.52
CA CYS B 23 10.94 5.19 -19.97
C CYS B 23 10.75 5.35 -21.46
N LEU B 24 10.76 6.60 -21.92
CA LEU B 24 10.93 6.96 -23.32
C LEU B 24 12.36 7.42 -23.54
N PRO B 25 12.80 7.41 -24.80
CA PRO B 25 14.09 7.98 -25.16
C PRO B 25 14.01 9.51 -25.24
N TYR B 26 14.02 10.15 -24.07
CA TYR B 26 13.78 11.60 -23.99
C TYR B 26 15.05 12.32 -24.35
N THR B 27 15.00 13.10 -25.42
CA THR B 27 16.05 14.08 -25.75
C THR B 27 15.51 15.45 -25.29
N GLY B 28 16.32 16.18 -24.53
CA GLY B 28 15.90 17.45 -23.95
C GLY B 28 17.01 18.03 -23.13
N VAL B 29 16.80 19.27 -22.72
CA VAL B 29 17.63 19.90 -21.67
C VAL B 29 17.01 19.51 -20.34
N PRO B 30 17.76 19.62 -19.21
CA PRO B 30 17.20 19.31 -17.93
C PRO B 30 15.91 20.12 -17.70
N PHE B 31 14.87 19.45 -17.26
CA PHE B 31 13.55 20.02 -16.94
C PHE B 31 12.99 20.71 -18.17
N GLY B 32 13.35 20.27 -19.36
CA GLY B 32 12.89 20.88 -20.61
C GLY B 32 11.37 20.96 -20.70
N MET B 33 10.84 22.04 -21.29
CA MET B 33 9.39 22.21 -21.40
C MET B 33 8.84 21.19 -22.38
N ASN B 34 9.61 20.81 -23.38
CA ASN B 34 9.23 19.72 -24.29
C ASN B 34 10.38 18.72 -24.29
N PHE B 35 10.06 17.46 -24.50
CA PHE B 35 11.07 16.46 -24.87
C PHE B 35 10.81 16.01 -26.30
N TYR B 36 11.78 15.29 -26.85
CA TYR B 36 11.80 14.91 -28.28
C TYR B 36 12.26 13.48 -28.36
N ALA B 37 11.49 12.64 -29.04
CA ALA B 37 11.80 11.20 -29.12
C ALA B 37 11.39 10.69 -30.48
N PRO B 38 12.15 9.74 -31.07
CA PRO B 38 11.64 9.03 -32.22
C PRO B 38 10.39 8.25 -31.85
N GLN B 39 9.43 8.29 -32.77
CA GLN B 39 8.23 7.44 -32.72
C GLN B 39 8.41 6.28 -33.71
N THR B 40 8.27 5.05 -33.23
CA THR B 40 8.45 3.85 -34.09
C THR B 40 7.10 3.25 -34.47
N THR B 41 6.03 3.54 -33.73
CA THR B 41 4.71 2.94 -34.06
C THR B 41 3.58 3.79 -33.49
N ASP B 42 2.45 3.78 -34.19
CA ASP B 42 1.17 4.41 -33.79
C ASP B 42 0.12 3.33 -33.55
N GLN B 43 0.54 2.07 -33.41
CA GLN B 43 -0.40 0.92 -33.27
C GLN B 43 -0.37 0.37 -31.86
N LYS B 44 0.36 0.98 -30.94
CA LYS B 44 0.52 0.40 -29.58
C LYS B 44 0.18 1.44 -28.50
N GLY B 45 -0.71 2.38 -28.78
CA GLY B 45 -1.12 3.39 -27.81
C GLY B 45 0.06 4.18 -27.26
N SER B 46 0.16 4.29 -25.95
CA SER B 46 1.21 5.01 -25.23
C SER B 46 2.61 4.45 -25.52
N TRP B 47 2.72 3.18 -25.91
CA TRP B 47 4.05 2.52 -26.16
C TRP B 47 4.46 2.80 -27.61
N TRP B 48 4.62 4.08 -27.97
CA TRP B 48 4.87 4.50 -29.36
C TRP B 48 6.36 4.48 -29.72
N PHE B 49 7.24 4.12 -28.80
CA PHE B 49 8.66 3.81 -29.10
C PHE B 49 9.00 2.44 -28.49
N HIS B 50 9.66 1.59 -29.25
CA HIS B 50 10.32 0.38 -28.72
CA HIS B 50 10.30 0.34 -28.76
C HIS B 50 11.70 0.29 -29.36
N PRO B 51 12.73 -0.04 -28.56
CA PRO B 51 14.11 -0.04 -29.07
C PRO B 51 14.36 -1.17 -30.09
N GLU B 52 13.51 -2.17 -30.18
CA GLU B 52 13.64 -3.33 -31.11
C GLU B 52 12.94 -3.02 -32.42
N ASP B 53 12.19 -1.93 -32.46
CA ASP B 53 11.49 -1.55 -33.71
C ASP B 53 12.50 -1.07 -34.72
N ARG B 54 12.22 -1.28 -36.00
CA ARG B 54 13.13 -0.80 -37.05
C ARG B 54 12.38 0.18 -37.96
N THR B 55 11.26 0.70 -37.49
CA THR B 55 10.39 1.67 -38.20
C THR B 55 10.50 3.04 -37.56
N PHE B 56 10.58 4.06 -38.39
CA PHE B 56 10.65 5.46 -37.94
C PHE B 56 9.49 6.24 -38.55
N GLN B 57 8.58 6.71 -37.69
CA GLN B 57 7.41 7.51 -38.12
C GLN B 57 7.66 9.01 -38.03
N GLY B 58 8.62 9.45 -37.22
CA GLY B 58 8.93 10.87 -37.10
C GLY B 58 9.56 11.20 -35.77
N TYR B 59 9.99 12.44 -35.65
CA TYR B 59 10.37 13.01 -34.35
C TYR B 59 9.11 13.48 -33.64
N ARG B 60 8.84 12.92 -32.47
CA ARG B 60 7.68 13.33 -31.66
C ARG B 60 8.12 14.36 -30.64
N VAL B 61 7.43 15.51 -30.67
CA VAL B 61 7.46 16.52 -29.59
C VAL B 61 6.49 16.04 -28.52
N THR B 62 7.00 15.72 -27.33
CA THR B 62 6.21 14.99 -26.33
C THR B 62 6.21 15.69 -24.98
N HIS B 63 5.13 15.44 -24.25
CA HIS B 63 4.98 15.75 -22.82
C HIS B 63 4.51 14.51 -22.06
N GLN B 64 4.79 13.32 -22.57
CA GLN B 64 4.25 12.09 -21.98
C GLN B 64 5.15 11.74 -20.81
N PRO B 65 4.62 11.67 -19.57
CA PRO B 65 5.46 11.35 -18.41
C PRO B 65 5.50 9.86 -18.10
N SER B 66 4.56 9.12 -18.63
CA SER B 66 4.34 7.68 -18.35
C SER B 66 3.28 7.20 -19.34
N PRO B 67 3.20 5.89 -19.61
CA PRO B 67 2.22 5.39 -20.58
C PRO B 67 0.81 5.37 -19.95
N TRP B 68 0.77 5.48 -18.62
CA TRP B 68 -0.53 5.46 -17.86
C TRP B 68 -1.18 6.83 -17.97
N MET B 69 -0.40 7.89 -17.91
CA MET B 69 -0.95 9.28 -18.04
C MET B 69 -1.17 9.63 -19.50
N GLY B 70 -0.36 9.06 -20.40
CA GLY B 70 -0.42 9.40 -21.82
C GLY B 70 0.20 10.79 -22.10
N ASP B 71 0.03 11.28 -23.31
CA ASP B 71 0.69 12.52 -23.78
C ASP B 71 -0.28 13.70 -23.65
N PHE B 72 0.28 14.88 -23.77
CA PHE B 72 -0.47 16.13 -24.06
C PHE B 72 0.38 16.98 -24.98
N SER B 73 -0.30 17.74 -25.85
CA SER B 73 0.32 18.76 -26.70
C SER B 73 1.52 18.15 -27.44
N HIS B 74 1.26 17.11 -28.20
CA HIS B 74 2.27 16.45 -29.02
C HIS B 74 2.01 16.71 -30.50
N LEU B 75 3.09 16.60 -31.27
CA LEU B 75 3.03 16.66 -32.75
C LEU B 75 4.28 15.96 -33.27
N LEU B 76 4.30 15.68 -34.55
CA LEU B 76 5.49 15.03 -35.14
C LEU B 76 6.00 15.82 -36.32
N MET B 77 7.30 15.70 -36.53
CA MET B 77 8.06 16.20 -37.68
C MET B 77 8.73 14.99 -38.34
N THR B 78 8.45 14.77 -39.62
CA THR B 78 8.98 13.61 -40.36
C THR B 78 9.62 14.11 -41.66
N PRO B 79 10.95 14.03 -41.80
CA PRO B 79 11.56 14.31 -43.09
C PRO B 79 11.04 13.30 -44.13
N VAL B 80 10.79 13.79 -45.35
CA VAL B 80 10.28 12.99 -46.48
C VAL B 80 10.96 13.47 -47.77
N SER B 81 11.28 12.56 -48.69
CA SER B 81 11.68 12.88 -50.08
C SER B 81 10.73 12.17 -51.05
N GLY B 82 10.50 12.78 -52.23
CA GLY B 82 9.66 12.14 -53.27
C GLY B 82 8.19 12.43 -53.07
N SER B 83 7.28 11.73 -53.75
CA SER B 83 5.83 11.96 -53.50
C SER B 83 5.28 10.87 -52.56
N LEU B 84 4.19 11.13 -51.86
CA LEU B 84 3.63 10.14 -50.92
C LEU B 84 2.27 9.69 -51.47
N SER B 85 1.93 8.40 -51.35
CA SER B 85 0.61 7.84 -51.78
C SER B 85 -0.49 8.56 -50.97
N GLU B 86 -0.19 8.88 -49.70
CA GLU B 86 -1.12 9.44 -48.70
C GLU B 86 -0.24 9.99 -47.58
N LEU B 87 -0.70 10.93 -46.73
CA LEU B 87 0.22 11.53 -45.73
C LEU B 87 0.10 10.96 -44.30
N SER B 88 -0.52 9.82 -44.10
CA SER B 88 -0.57 9.17 -42.76
C SER B 88 0.85 8.83 -42.28
N LEU B 89 1.04 8.72 -40.99
CA LEU B 89 2.34 8.23 -40.45
C LEU B 89 2.69 6.87 -41.04
N PHE B 90 1.74 5.93 -41.18
CA PHE B 90 2.09 4.61 -41.78
C PHE B 90 2.58 4.80 -43.23
N HIS B 91 1.88 5.61 -44.05
CA HIS B 91 2.27 5.79 -45.48
C HIS B 91 3.60 6.54 -45.60
N ALA B 92 4.00 7.33 -44.59
CA ALA B 92 5.27 8.10 -44.68
C ALA B 92 6.39 7.34 -43.97
N GLN B 93 6.10 6.26 -43.26
CA GLN B 93 7.13 5.65 -42.39
C GLN B 93 8.24 5.01 -43.25
N SER B 94 9.44 5.02 -42.68
CA SER B 94 10.69 4.50 -43.26
C SER B 94 11.30 3.54 -42.25
N SER B 95 11.95 2.48 -42.71
CA SER B 95 12.82 1.71 -41.80
C SER B 95 14.08 2.55 -41.50
N TYR B 96 14.72 2.17 -40.42
CA TYR B 96 16.02 2.75 -40.01
C TYR B 96 16.78 1.65 -39.30
N ARG B 97 18.09 1.86 -39.14
CA ARG B 97 18.98 0.93 -38.45
C ARG B 97 19.26 1.50 -37.05
N PRO B 98 18.66 0.97 -35.98
CA PRO B 98 18.94 1.43 -34.62
C PRO B 98 20.43 1.44 -34.29
N GLU B 99 21.17 0.42 -34.76
CA GLU B 99 22.57 0.26 -34.39
C GLU B 99 23.45 1.30 -35.08
N GLU B 100 22.98 2.08 -36.05
CA GLU B 100 23.74 3.17 -36.70
C GLU B 100 23.20 4.56 -36.26
N SER B 101 22.31 4.59 -35.26
CA SER B 101 21.59 5.80 -34.83
C SER B 101 22.19 6.31 -33.51
N LEU B 102 22.04 7.61 -33.28
CA LEU B 102 22.46 8.24 -32.00
C LEU B 102 21.20 8.60 -31.21
N PHE B 103 21.10 8.02 -30.03
CA PHE B 103 20.03 8.32 -29.06
C PHE B 103 20.71 8.85 -27.81
N SER B 104 20.88 10.15 -27.72
CA SER B 104 21.53 10.76 -26.54
C SER B 104 20.64 11.86 -25.99
N PRO B 105 20.85 12.30 -24.75
CA PRO B 105 19.99 13.35 -24.17
C PRO B 105 20.04 14.66 -24.95
N VAL B 106 21.17 14.97 -25.61
CA VAL B 106 21.40 16.27 -26.27
C VAL B 106 21.30 16.15 -27.80
N GLU B 107 21.10 14.94 -28.34
CA GLU B 107 21.15 14.75 -29.81
C GLU B 107 20.49 13.41 -30.20
N ILE B 108 19.54 13.49 -31.13
CA ILE B 108 19.14 12.32 -31.93
C ILE B 108 19.74 12.49 -33.32
N ASN B 109 20.29 11.43 -33.89
CA ASN B 109 20.79 11.42 -35.28
C ASN B 109 20.39 10.07 -35.92
N LEU B 110 19.70 10.07 -37.04
CA LEU B 110 19.38 8.78 -37.67
C LEU B 110 19.12 8.97 -39.15
N THR B 111 19.19 7.85 -39.86
CA THR B 111 19.00 7.78 -41.31
C THR B 111 17.72 7.01 -41.65
N GLN B 112 16.82 7.67 -42.39
CA GLN B 112 15.61 7.02 -42.98
C GLN B 112 15.98 6.30 -44.27
N LEU B 113 16.01 4.97 -44.24
CA LEU B 113 16.52 4.15 -45.35
C LEU B 113 15.64 4.33 -46.61
N ARG B 114 14.37 4.61 -46.42
CA ARG B 114 13.42 4.78 -47.57
C ARG B 114 13.81 5.99 -48.42
N TYR B 115 14.26 7.06 -47.77
CA TYR B 115 14.39 8.38 -48.37
C TYR B 115 15.85 8.79 -48.60
N GLN B 116 16.82 8.07 -48.01
CA GLN B 116 18.23 8.53 -47.94
C GLN B 116 18.27 9.92 -47.33
N ILE B 117 17.68 10.07 -46.15
CA ILE B 117 17.74 11.30 -45.35
C ILE B 117 18.48 10.96 -44.06
N THR B 118 19.43 11.79 -43.68
CA THR B 118 20.04 11.73 -42.36
C THR B 118 19.71 13.03 -41.66
N SER B 119 19.20 12.93 -40.44
CA SER B 119 18.72 14.13 -39.71
C SER B 119 19.21 14.07 -38.28
N GLN B 120 19.22 15.26 -37.68
CA GLN B 120 19.81 15.55 -36.36
C GLN B 120 18.87 16.47 -35.62
N LEU B 121 18.45 16.09 -34.43
CA LEU B 121 17.63 16.99 -33.61
C LEU B 121 18.41 17.31 -32.34
N ILE B 122 18.58 18.61 -32.07
CA ILE B 122 19.23 19.16 -30.87
C ILE B 122 18.17 19.96 -30.10
N PRO B 123 17.95 19.70 -28.82
CA PRO B 123 16.92 20.41 -28.07
C PRO B 123 17.42 21.65 -27.35
N SER B 124 16.44 22.52 -27.02
CA SER B 124 16.64 23.65 -26.08
C SER B 124 15.47 23.58 -25.09
N MET B 125 15.40 24.53 -24.18
CA MET B 125 14.31 24.57 -23.17
C MET B 125 12.96 24.63 -23.88
N TYR B 126 12.77 25.53 -24.84
CA TYR B 126 11.45 25.79 -25.44
C TYR B 126 11.39 25.32 -26.89
N GLY B 127 12.53 24.87 -27.47
CA GLY B 127 12.53 24.51 -28.90
C GLY B 127 13.68 23.59 -29.23
N GLY B 128 14.33 23.84 -30.35
CA GLY B 128 15.43 23.00 -30.81
C GLY B 128 15.74 23.32 -32.24
N ILE B 129 16.69 22.59 -32.78
CA ILE B 129 17.06 22.66 -34.21
C ILE B 129 17.03 21.26 -34.79
N LEU B 130 16.38 21.15 -35.94
CA LEU B 130 16.38 19.90 -36.71
C LEU B 130 17.13 20.20 -38.00
N THR B 131 18.24 19.49 -38.21
CA THR B 131 19.02 19.60 -39.44
C THR B 131 18.74 18.34 -40.27
N ILE B 132 18.44 18.56 -41.54
CA ILE B 132 18.01 17.48 -42.47
C ILE B 132 18.89 17.46 -43.73
N ASP B 133 19.61 16.37 -43.91
CA ASP B 133 20.50 16.15 -45.08
C ASP B 133 19.78 15.21 -46.05
N TYR B 134 19.46 15.71 -47.24
CA TYR B 134 18.70 14.99 -48.27
C TYR B 134 19.66 14.53 -49.35
N GLN B 135 19.62 13.27 -49.75
CA GLN B 135 20.30 12.83 -50.99
C GLN B 135 19.38 12.96 -52.19
N GLN B 136 18.04 12.91 -52.05
CA GLN B 136 17.13 12.95 -53.23
C GLN B 136 16.82 14.40 -53.59
N LYS B 137 15.93 14.62 -54.55
CA LYS B 137 15.83 15.93 -55.28
C LYS B 137 14.49 16.66 -55.05
N ASP B 138 13.54 16.04 -54.33
CA ASP B 138 12.20 16.61 -54.07
C ASP B 138 11.92 16.48 -52.57
N ASN B 139 12.30 17.48 -51.78
CA ASN B 139 12.57 17.28 -50.34
C ASN B 139 11.53 18.01 -49.51
N HIS B 140 11.18 17.46 -48.36
CA HIS B 140 9.98 17.92 -47.61
C HIS B 140 10.18 17.72 -46.12
N LEU B 141 9.25 18.30 -45.37
CA LEU B 141 9.02 17.97 -43.95
C LEU B 141 7.54 17.82 -43.72
N LEU B 142 7.14 16.66 -43.24
CA LEU B 142 5.72 16.36 -42.94
C LEU B 142 5.47 16.71 -41.47
N LEU B 143 4.48 17.57 -41.22
CA LEU B 143 4.03 17.89 -39.85
C LEU B 143 2.73 17.14 -39.61
N THR B 144 2.70 16.35 -38.54
CA THR B 144 1.52 15.59 -38.11
C THR B 144 0.97 16.38 -36.91
N LEU B 145 -0.25 16.90 -37.05
CA LEU B 145 -0.92 17.79 -36.10
C LEU B 145 -2.12 17.11 -35.50
N PRO B 146 -1.92 16.38 -34.39
CA PRO B 146 -3.02 15.60 -33.85
C PRO B 146 -4.05 16.51 -33.18
N GLY B 147 -5.31 16.08 -33.23
CA GLY B 147 -6.42 16.83 -32.65
C GLY B 147 -6.77 18.07 -33.46
N ARG B 148 -7.50 19.00 -32.87
CA ARG B 148 -7.89 20.23 -33.56
C ARG B 148 -6.64 21.06 -33.76
N TYR B 149 -6.45 21.56 -34.96
CA TYR B 149 -5.23 22.29 -35.32
C TYR B 149 -5.58 23.51 -36.19
N GLN B 150 -4.61 24.39 -36.22
CA GLN B 150 -4.53 25.52 -37.15
C GLN B 150 -3.11 25.54 -37.72
N VAL B 151 -2.99 25.94 -38.98
CA VAL B 151 -1.65 26.16 -39.58
C VAL B 151 -1.68 27.44 -40.38
N LYS B 152 -0.56 28.15 -40.41
CA LYS B 152 -0.43 29.42 -41.12
C LYS B 152 1.01 29.53 -41.60
N GLN B 153 1.18 29.92 -42.85
CA GLN B 153 2.50 30.36 -43.34
C GLN B 153 2.69 31.85 -43.00
N LEU B 154 3.70 32.22 -42.23
CA LEU B 154 3.91 33.64 -41.87
C LEU B 154 4.71 34.35 -42.97
N ASP B 155 5.64 33.65 -43.61
CA ASP B 155 6.43 34.13 -44.77
C ASP B 155 7.04 32.85 -45.40
N ASP B 156 7.89 32.99 -46.40
CA ASP B 156 8.41 31.79 -47.11
C ASP B 156 9.43 31.03 -46.23
N HIS B 157 9.77 31.51 -45.06
CA HIS B 157 10.73 30.81 -44.18
C HIS B 157 10.09 30.44 -42.85
N GLN B 158 8.80 30.64 -42.68
CA GLN B 158 8.21 30.55 -41.33
C GLN B 158 6.81 29.97 -41.38
N VAL B 159 6.56 28.95 -40.54
CA VAL B 159 5.23 28.33 -40.39
C VAL B 159 4.85 28.33 -38.90
N ALA B 160 3.60 28.62 -38.60
CA ALA B 160 3.06 28.57 -37.23
C ALA B 160 1.95 27.54 -37.23
N VAL B 161 1.96 26.68 -36.21
CA VAL B 161 0.83 25.77 -35.99
C VAL B 161 0.34 25.88 -34.56
N LYS B 162 -0.84 25.37 -34.35
CA LYS B 162 -1.47 25.23 -33.01
C LYS B 162 -2.16 23.89 -33.01
N VAL B 163 -1.97 23.12 -31.94
CA VAL B 163 -2.65 21.84 -31.75
C VAL B 163 -3.33 21.81 -30.39
N ILE B 164 -4.49 21.16 -30.37
CA ILE B 164 -5.23 20.87 -29.13
C ILE B 164 -5.31 19.35 -29.03
N ASN B 165 -4.47 18.77 -28.17
CA ASN B 165 -4.57 17.32 -27.91
C ASN B 165 -4.04 17.05 -26.50
N TYR B 166 -4.62 16.06 -25.85
CA TYR B 166 -4.31 15.76 -24.43
C TYR B 166 -4.98 14.45 -24.05
N SER B 167 -4.48 13.83 -23.00
CA SER B 167 -5.07 12.62 -22.40
C SER B 167 -6.08 13.01 -21.32
N GLY B 168 -5.79 14.06 -20.58
CA GLY B 168 -6.73 14.68 -19.63
C GLY B 168 -6.36 16.12 -19.42
N CYS B 169 -7.36 16.98 -19.25
CA CYS B 169 -7.08 18.41 -19.07
C CYS B 169 -8.36 19.08 -18.62
N GLU B 170 -8.23 20.07 -17.77
CA GLU B 170 -9.40 20.87 -17.29
C GLU B 170 -9.84 21.83 -18.41
N ASP B 171 -8.95 22.16 -19.34
CA ASP B 171 -9.25 23.09 -20.46
C ASP B 171 -9.54 22.27 -21.70
N PRO B 172 -10.82 22.16 -22.15
CA PRO B 172 -11.12 21.28 -23.29
C PRO B 172 -10.49 21.80 -24.59
N ASP B 173 -10.04 23.04 -24.62
CA ASP B 173 -9.43 23.67 -25.81
C ASP B 173 -7.95 23.94 -25.57
N PHE B 174 -7.34 23.18 -24.67
CA PHE B 174 -5.92 23.37 -24.27
C PHE B 174 -4.99 23.35 -25.49
N SER B 175 -4.37 24.51 -25.70
CA SER B 175 -3.67 24.84 -26.95
C SER B 175 -2.16 24.85 -26.76
N PHE B 176 -1.45 24.31 -27.75
CA PHE B 176 0.01 24.35 -27.84
C PHE B 176 0.39 25.00 -29.14
N TYR B 177 1.29 25.98 -29.06
CA TYR B 177 1.74 26.78 -30.23
C TYR B 177 3.14 26.31 -30.60
N PHE B 178 3.39 26.11 -31.89
CA PHE B 178 4.70 25.60 -32.35
C PHE B 178 5.08 26.35 -33.63
N VAL B 179 6.24 26.95 -33.65
CA VAL B 179 6.67 27.80 -34.80
CA VAL B 179 6.68 27.80 -34.80
C VAL B 179 7.97 27.22 -35.37
N LEU B 180 8.07 27.21 -36.69
CA LEU B 180 9.23 26.64 -37.39
C LEU B 180 9.79 27.72 -38.30
N HIS B 181 11.07 27.97 -38.18
CA HIS B 181 11.82 28.82 -39.11
C HIS B 181 12.71 27.92 -39.93
N PHE B 182 12.63 28.09 -41.25
CA PHE B 182 13.39 27.31 -42.23
C PHE B 182 14.49 28.19 -42.81
N GLU B 183 15.67 27.64 -42.89
CA GLU B 183 16.79 28.35 -43.55
C GLU B 183 16.57 28.37 -45.06
N GLN B 184 16.13 27.29 -45.63
CA GLN B 184 15.84 27.23 -47.10
C GLN B 184 14.33 27.40 -47.22
N PRO B 185 13.89 28.24 -48.16
CA PRO B 185 12.49 28.65 -48.18
C PRO B 185 11.54 27.58 -48.68
N LEU B 186 10.30 27.73 -48.32
CA LEU B 186 9.19 26.89 -48.85
C LEU B 186 9.08 27.10 -50.36
N THR B 187 8.96 26.02 -51.11
CA THR B 187 8.80 26.09 -52.59
C THR B 187 7.34 25.88 -52.96
N LYS B 188 6.47 25.60 -52.01
CA LYS B 188 5.00 25.57 -52.24
C LYS B 188 4.37 26.31 -51.07
N TRP B 189 3.60 27.34 -51.36
CA TRP B 189 3.09 28.21 -50.28
C TRP B 189 1.64 27.79 -49.98
N PHE B 190 1.06 28.27 -48.89
CA PHE B 190 -0.30 27.88 -48.48
C PHE B 190 -0.94 28.97 -47.66
N ALA B 191 -2.28 28.99 -47.67
CA ALA B 191 -3.13 29.95 -46.95
C ALA B 191 -3.49 29.36 -45.59
N PRO B 192 -3.91 30.22 -44.62
CA PRO B 192 -4.21 29.75 -43.27
C PRO B 192 -5.36 28.76 -43.29
N SER B 193 -5.23 27.61 -42.60
CA SER B 193 -6.26 26.55 -42.52
C SER B 193 -6.35 25.83 -41.15
N SER B 194 -7.36 24.98 -41.00
CA SER B 194 -7.71 24.39 -39.69
C SER B 194 -8.42 23.09 -39.99
N GLY B 195 -8.52 22.23 -38.98
CA GLY B 195 -9.22 20.95 -39.02
C GLY B 195 -8.89 20.09 -37.82
N GLU B 196 -9.01 18.78 -37.98
CA GLU B 196 -8.70 17.79 -36.94
C GLU B 196 -7.75 16.76 -37.54
N ASP B 197 -6.70 16.41 -36.79
CA ASP B 197 -5.70 15.41 -37.25
C ASP B 197 -5.13 15.85 -38.61
N GLY B 198 -4.40 16.93 -38.58
CA GLY B 198 -3.73 17.56 -39.72
C GLY B 198 -2.53 16.78 -40.16
N LYS B 199 -2.22 16.90 -41.43
CA LYS B 199 -1.00 16.34 -42.07
C LYS B 199 -0.55 17.39 -43.05
N ILE B 200 0.54 18.11 -42.78
CA ILE B 200 0.99 19.27 -43.59
C ILE B 200 2.33 18.90 -44.20
N LEU B 201 2.40 18.69 -45.51
CA LEU B 201 3.69 18.44 -46.19
C LEU B 201 4.32 19.76 -46.65
N LEU B 202 5.41 20.15 -46.03
CA LEU B 202 6.14 21.39 -46.37
C LEU B 202 7.19 21.02 -47.41
N SER B 203 7.24 21.74 -48.52
CA SER B 203 8.13 21.41 -49.65
C SER B 203 9.26 22.43 -49.72
N PHE B 204 10.48 21.95 -50.00
CA PHE B 204 11.70 22.77 -50.14
C PHE B 204 12.42 22.56 -51.48
N GLY B 205 11.90 21.74 -52.39
CA GLY B 205 12.56 21.53 -53.69
C GLY B 205 13.79 20.66 -53.58
N ASN B 206 14.86 20.98 -54.31
CA ASN B 206 15.99 20.04 -54.48
C ASN B 206 17.18 20.39 -53.58
N ILE B 207 16.96 20.98 -52.43
CA ILE B 207 18.04 21.42 -51.51
C ILE B 207 18.73 20.19 -50.89
N ALA B 208 20.01 20.31 -50.64
CA ALA B 208 20.83 19.24 -50.00
C ALA B 208 20.57 19.25 -48.50
N GLN B 209 20.31 20.41 -47.92
CA GLN B 209 20.26 20.52 -46.45
C GLN B 209 19.21 21.56 -46.03
N GLN B 210 18.31 21.17 -45.12
CA GLN B 210 17.38 22.10 -44.46
C GLN B 210 17.81 22.23 -43.01
N VAL B 211 17.73 23.45 -42.47
CA VAL B 211 17.96 23.71 -41.03
C VAL B 211 16.68 24.31 -40.48
N VAL B 212 16.05 23.60 -39.56
CA VAL B 212 14.76 24.01 -38.94
C VAL B 212 15.04 24.47 -37.52
N HIS B 213 14.83 25.75 -37.23
CA HIS B 213 14.85 26.31 -35.86
C HIS B 213 13.38 26.34 -35.43
N PHE B 214 13.03 25.66 -34.38
CA PHE B 214 11.63 25.66 -33.91
C PHE B 214 11.57 26.07 -32.46
N SER B 215 10.40 26.53 -32.06
CA SER B 215 10.09 26.87 -30.65
C SER B 215 8.62 26.64 -30.43
N SER B 216 8.17 26.92 -29.22
CA SER B 216 6.85 26.46 -28.77
C SER B 216 6.38 27.34 -27.62
N SER B 217 5.12 27.22 -27.32
CA SER B 217 4.51 28.02 -26.24
C SER B 217 3.21 27.41 -25.80
N PHE B 218 2.91 27.55 -24.49
CA PHE B 218 1.54 27.27 -24.04
C PHE B 218 0.76 28.57 -23.84
N ILE B 219 1.40 29.68 -24.25
CA ILE B 219 0.84 31.05 -24.04
C ILE B 219 0.14 31.50 -25.33
N SER B 220 0.88 31.64 -26.41
CA SER B 220 0.33 32.20 -27.67
C SER B 220 1.32 31.98 -28.81
N GLU B 221 0.84 32.25 -30.02
CA GLU B 221 1.71 32.28 -31.22
C GLU B 221 2.79 33.33 -31.02
N LYS B 222 2.41 34.54 -30.58
CA LYS B 222 3.41 35.61 -30.38
C LYS B 222 4.47 35.23 -29.33
N GLN B 223 4.08 34.54 -28.25
CA GLN B 223 5.08 34.13 -27.23
C GLN B 223 5.98 33.04 -27.83
N ALA B 224 5.44 32.14 -28.68
CA ALA B 224 6.30 31.13 -29.36
C ALA B 224 7.30 31.85 -30.24
N GLN B 225 6.89 32.92 -30.96
CA GLN B 225 7.83 33.69 -31.80
C GLN B 225 8.91 34.38 -30.95
N LEU B 226 8.59 34.87 -29.77
CA LEU B 226 9.56 35.46 -28.84
C LEU B 226 10.55 34.36 -28.39
N ASN B 227 10.04 33.21 -27.99
CA ASN B 227 10.92 32.06 -27.56
C ASN B 227 11.87 31.73 -28.72
N LEU B 228 11.37 31.71 -29.95
CA LEU B 228 12.20 31.41 -31.14
C LEU B 228 13.23 32.52 -31.31
N ALA B 229 12.79 33.79 -31.24
CA ALA B 229 13.70 34.93 -31.52
C ALA B 229 14.90 34.87 -30.59
N ARG B 230 14.72 34.41 -29.37
CA ARG B 230 15.83 34.39 -28.38
C ARG B 230 16.92 33.38 -28.74
N GLU B 231 16.66 32.47 -29.66
CA GLU B 231 17.75 31.53 -30.06
C GLU B 231 17.83 31.34 -31.57
N ILE B 232 17.20 32.19 -32.36
CA ILE B 232 17.19 32.08 -33.86
C ILE B 232 18.63 32.13 -34.40
N SER B 233 19.53 32.80 -33.71
CA SER B 233 20.92 33.00 -34.19
C SER B 233 21.83 31.85 -33.77
N LEU B 234 21.39 31.01 -32.82
CA LEU B 234 22.24 29.86 -32.40
C LEU B 234 22.38 28.93 -33.61
N ARG B 235 23.62 28.51 -33.88
CA ARG B 235 23.89 27.35 -34.74
C ARG B 235 23.62 26.08 -33.96
N SER B 236 23.36 24.99 -34.67
CA SER B 236 23.18 23.64 -34.08
C SER B 236 24.36 23.31 -33.17
N THR B 237 25.60 23.61 -33.59
CA THR B 237 26.81 23.35 -32.75
C THR B 237 26.79 24.16 -31.44
N GLU B 238 26.34 25.40 -31.46
CA GLU B 238 26.19 26.24 -30.24
C GLU B 238 25.07 25.70 -29.35
N MET B 239 23.95 25.29 -29.90
CA MET B 239 22.83 24.80 -29.09
C MET B 239 23.26 23.46 -28.45
N LEU B 240 23.99 22.65 -29.19
CA LEU B 240 24.46 21.35 -28.66
C LEU B 240 25.43 21.62 -27.52
N GLN B 241 26.39 22.51 -27.72
CA GLN B 241 27.32 22.88 -26.62
C GLN B 241 26.56 23.38 -25.40
N GLN B 242 25.57 24.21 -25.59
CA GLN B 242 24.81 24.77 -24.45
C GLN B 242 24.05 23.65 -23.71
N GLY B 243 23.42 22.75 -24.45
CA GLY B 243 22.72 21.60 -23.86
C GLY B 243 23.66 20.70 -23.10
N ILE B 244 24.83 20.43 -23.64
CA ILE B 244 25.85 19.63 -22.91
C ILE B 244 26.25 20.37 -21.61
N ALA B 245 26.43 21.68 -21.67
CA ALA B 245 26.81 22.49 -20.49
C ALA B 245 25.67 22.45 -19.47
N ASP B 246 24.41 22.49 -19.91
CA ASP B 246 23.24 22.42 -19.00
C ASP B 246 23.32 21.05 -18.27
N TRP B 247 23.55 19.93 -18.99
CA TRP B 247 23.57 18.60 -18.34
C TRP B 247 24.78 18.50 -17.41
N HIS B 248 25.94 19.01 -17.84
CA HIS B 248 27.18 18.96 -17.01
C HIS B 248 27.01 19.76 -15.73
N ASN B 249 26.20 20.83 -15.74
CA ASN B 249 25.90 21.65 -14.55
C ASN B 249 25.36 20.70 -13.45
N TYR B 250 24.50 19.76 -13.81
CA TYR B 250 23.93 18.78 -12.84
C TYR B 250 24.87 17.59 -12.63
N PHE B 251 25.40 17.01 -13.69
CA PHE B 251 26.21 15.78 -13.56
C PHE B 251 27.43 16.09 -12.66
N ASP B 252 28.00 17.29 -12.83
CA ASP B 252 29.21 17.72 -12.08
C ASP B 252 28.94 17.75 -10.58
N ARG B 253 27.70 17.69 -10.13
CA ARG B 253 27.34 17.78 -8.70
C ARG B 253 27.57 16.43 -8.03
N LEU B 254 27.70 15.36 -8.83
CA LEU B 254 27.86 13.98 -8.30
C LEU B 254 28.89 13.28 -9.17
N LYS B 255 30.15 13.37 -8.79
CA LYS B 255 31.25 12.74 -9.55
C LYS B 255 31.62 11.48 -8.76
N VAL B 256 31.30 10.32 -9.33
CA VAL B 256 31.45 9.04 -8.60
C VAL B 256 32.36 8.11 -9.39
N THR B 257 32.94 7.16 -8.67
CA THR B 257 33.67 6.00 -9.25
C THR B 257 33.27 4.74 -8.48
N HIS B 258 33.50 3.60 -9.12
CA HIS B 258 33.15 2.25 -8.63
C HIS B 258 34.29 1.32 -8.97
N GLU B 259 34.32 0.17 -8.34
CA GLU B 259 35.23 -0.88 -8.80
C GLU B 259 34.87 -1.26 -10.22
N ASN B 260 33.58 -1.50 -10.48
CA ASN B 260 33.08 -1.99 -11.77
C ASN B 260 32.56 -0.79 -12.58
N PRO B 261 33.20 -0.45 -13.72
CA PRO B 261 32.77 0.68 -14.55
C PRO B 261 31.35 0.49 -15.11
N GLU B 262 30.82 -0.72 -15.17
CA GLU B 262 29.39 -0.91 -15.53
C GLU B 262 28.49 -0.20 -14.50
N HIS B 263 28.83 -0.26 -13.22
CA HIS B 263 28.01 0.41 -12.20
C HIS B 263 28.02 1.93 -12.43
N THR B 264 29.18 2.49 -12.83
CA THR B 264 29.32 3.92 -13.10
C THR B 264 28.40 4.26 -14.30
N LYS B 265 28.39 3.43 -15.31
CA LYS B 265 27.49 3.62 -16.47
C LYS B 265 26.04 3.63 -16.00
N THR B 266 25.67 2.72 -15.13
CA THR B 266 24.28 2.66 -14.62
C THR B 266 23.97 3.97 -13.87
N PHE B 267 24.88 4.40 -12.99
CA PHE B 267 24.69 5.57 -12.13
C PHE B 267 24.35 6.77 -13.02
N TYR B 268 25.15 7.02 -14.06
CA TYR B 268 24.97 8.22 -14.92
C TYR B 268 23.74 8.12 -15.81
N HIS B 269 23.33 6.92 -16.21
CA HIS B 269 22.02 6.79 -16.92
C HIS B 269 20.88 7.12 -15.97
N THR B 270 20.88 6.61 -14.74
CA THR B 270 19.83 7.01 -13.75
C THR B 270 19.94 8.50 -13.44
N LEU B 271 21.14 9.08 -13.43
CA LEU B 271 21.28 10.53 -13.13
C LEU B 271 20.68 11.38 -14.26
N TYR B 272 20.82 10.98 -15.50
CA TYR B 272 20.14 11.63 -16.66
C TYR B 272 18.65 11.69 -16.36
N ARG B 273 18.07 10.58 -15.91
CA ARG B 273 16.62 10.47 -15.67
C ARG B 273 16.20 11.16 -14.36
N THR B 274 17.12 11.70 -13.56
CA THR B 274 16.78 12.40 -12.31
C THR B 274 16.62 13.90 -12.58
N PHE B 275 17.05 14.43 -13.72
CA PHE B 275 16.90 15.89 -13.97
C PHE B 275 15.98 16.16 -15.18
N LEU B 276 15.04 15.27 -15.47
CA LEU B 276 14.05 15.52 -16.54
C LEU B 276 12.80 16.16 -15.94
N PHE B 277 12.30 15.60 -14.84
CA PHE B 277 10.97 15.90 -14.27
C PHE B 277 11.14 16.52 -12.91
N PRO B 278 10.23 17.43 -12.45
CA PRO B 278 9.10 17.90 -13.26
C PRO B 278 9.53 18.82 -14.39
N GLN B 279 8.82 18.73 -15.52
CA GLN B 279 9.10 19.61 -16.64
C GLN B 279 8.70 21.06 -16.34
N THR B 280 9.54 21.96 -16.82
CA THR B 280 9.28 23.42 -16.81
C THR B 280 7.95 23.64 -17.51
N PHE B 281 7.02 24.39 -16.91
CA PHE B 281 5.67 24.66 -17.46
C PHE B 281 5.37 26.16 -17.35
N TYR B 282 6.40 26.96 -17.56
CA TYR B 282 6.30 28.44 -17.64
C TYR B 282 7.33 28.91 -18.65
N GLU B 283 7.08 30.12 -19.14
CA GLU B 283 7.94 30.80 -20.12
C GLU B 283 8.32 32.17 -19.55
N LEU B 284 9.17 32.87 -20.27
CA LEU B 284 9.59 34.24 -19.88
C LEU B 284 8.91 35.24 -20.83
N ASP B 285 8.06 36.10 -20.29
CA ASP B 285 7.28 37.02 -21.15
C ASP B 285 8.19 38.12 -21.71
N GLU B 286 7.57 39.06 -22.43
CA GLU B 286 8.31 40.15 -23.12
C GLU B 286 9.00 41.05 -22.10
N ASN B 287 8.60 41.03 -20.81
CA ASN B 287 9.27 41.76 -19.71
C ASN B 287 10.14 40.82 -18.86
N GLN B 288 10.54 39.66 -19.39
CA GLN B 288 11.42 38.66 -18.69
C GLN B 288 10.75 38.15 -17.42
N GLN B 289 9.45 38.22 -17.32
CA GLN B 289 8.77 37.69 -16.12
C GLN B 289 8.24 36.30 -16.45
N PRO B 290 8.23 35.40 -15.46
CA PRO B 290 7.59 34.09 -15.63
C PRO B 290 6.09 34.21 -15.93
N ILE B 291 5.63 33.43 -16.91
CA ILE B 291 4.24 33.46 -17.38
C ILE B 291 3.83 32.01 -17.65
N HIS B 292 2.60 31.64 -17.38
CA HIS B 292 2.16 30.26 -17.62
C HIS B 292 0.71 30.27 -18.04
N TYR B 293 0.23 29.10 -18.38
CA TYR B 293 -1.20 28.86 -18.64
C TYR B 293 -1.87 28.16 -17.45
N ASP B 294 -2.93 28.78 -16.98
CA ASP B 294 -3.85 28.24 -15.95
C ASP B 294 -5.00 27.54 -16.65
N THR B 295 -5.02 26.22 -16.64
CA THR B 295 -6.08 25.44 -17.31
C THR B 295 -7.40 25.55 -16.56
N PHE B 296 -7.38 25.82 -15.27
CA PHE B 296 -8.57 25.78 -14.41
C PHE B 296 -9.50 26.96 -14.78
N SER B 297 -8.93 28.15 -15.01
CA SER B 297 -9.70 29.35 -15.45
C SER B 297 -9.47 29.65 -16.92
N GLN B 298 -8.67 28.83 -17.61
CA GLN B 298 -8.32 29.02 -19.04
C GLN B 298 -7.77 30.42 -19.31
N THR B 299 -6.73 30.78 -18.61
CA THR B 299 -6.14 32.13 -18.73
C THR B 299 -4.65 32.10 -18.48
N VAL B 300 -3.98 32.94 -19.26
CA VAL B 300 -2.56 33.23 -19.14
C VAL B 300 -2.33 34.08 -17.89
N ARG B 301 -1.43 33.65 -17.03
CA ARG B 301 -1.15 34.30 -15.73
C ARG B 301 0.32 34.39 -15.46
N PRO B 302 0.75 35.43 -14.72
CA PRO B 302 2.13 35.51 -14.25
C PRO B 302 2.46 34.37 -13.26
N GLY B 303 3.71 33.94 -13.31
CA GLY B 303 4.30 33.10 -12.26
C GLY B 303 4.89 31.84 -12.86
N VAL B 304 5.67 31.15 -12.06
CA VAL B 304 6.25 29.82 -12.43
C VAL B 304 5.19 28.73 -12.28
N LEU B 305 5.38 27.65 -13.03
CA LEU B 305 4.54 26.45 -12.95
C LEU B 305 5.43 25.31 -13.45
N TYR B 306 5.30 24.14 -12.84
CA TYR B 306 5.92 22.88 -13.29
C TYR B 306 4.83 21.84 -13.52
N THR B 307 5.15 20.81 -14.31
CA THR B 307 4.18 19.77 -14.65
C THR B 307 4.90 18.41 -14.75
N ASN B 308 4.10 17.38 -14.98
CA ASN B 308 4.56 15.98 -15.16
C ASN B 308 5.23 15.50 -13.89
N ASN B 309 4.41 15.34 -12.85
CA ASN B 309 4.88 14.82 -11.55
C ASN B 309 3.70 14.23 -10.82
N GLY B 310 3.88 13.00 -10.33
CA GLY B 310 2.97 12.38 -9.39
C GLY B 310 3.72 12.32 -8.08
N PHE B 311 3.31 13.10 -7.08
CA PHE B 311 4.07 13.22 -5.82
C PHE B 311 4.09 11.88 -5.10
N TRP B 312 3.10 11.03 -5.30
CA TRP B 312 3.05 9.66 -4.74
C TRP B 312 4.37 8.94 -5.07
N ASP B 313 4.94 9.26 -6.21
CA ASP B 313 6.25 8.71 -6.67
C ASP B 313 7.40 9.58 -6.19
N THR B 314 7.36 10.88 -6.47
CA THR B 314 8.56 11.70 -6.52
C THR B 314 8.93 12.22 -5.12
N TYR B 315 7.98 12.25 -4.17
CA TYR B 315 8.28 12.67 -2.78
C TYR B 315 9.33 11.73 -2.18
N LYS B 316 9.32 10.47 -2.62
CA LYS B 316 10.15 9.41 -1.97
C LYS B 316 11.63 9.77 -2.01
N THR B 317 12.12 10.26 -3.14
CA THR B 317 13.55 10.32 -3.45
C THR B 317 13.95 11.58 -4.19
N VAL B 318 13.15 12.06 -5.13
CA VAL B 318 13.59 13.17 -6.00
C VAL B 318 13.79 14.44 -5.16
N TYR B 319 12.75 14.88 -4.46
CA TYR B 319 12.86 16.18 -3.74
C TYR B 319 13.90 16.02 -2.62
N PRO B 320 14.00 14.87 -1.90
CA PRO B 320 15.11 14.75 -0.93
C PRO B 320 16.50 14.90 -1.57
N LEU B 321 16.70 14.34 -2.77
CA LEU B 321 17.98 14.54 -3.48
C LEU B 321 18.17 16.01 -3.82
N PHE B 322 17.14 16.65 -4.35
CA PHE B 322 17.25 18.08 -4.69
C PHE B 322 17.57 18.91 -3.44
N SER B 323 17.08 18.52 -2.26
CA SER B 323 17.35 19.21 -0.97
C SER B 323 18.85 19.27 -0.71
N LEU B 324 19.65 18.32 -1.22
CA LEU B 324 21.11 18.29 -1.02
C LEU B 324 21.81 19.00 -2.16
N ILE B 325 21.45 18.71 -3.44
CA ILE B 325 22.29 19.12 -4.59
C ILE B 325 21.55 20.01 -5.61
N ALA B 326 20.26 20.26 -5.49
CA ALA B 326 19.57 21.13 -6.46
C ALA B 326 18.51 21.98 -5.73
N GLN B 327 18.93 22.67 -4.66
CA GLN B 327 17.97 23.45 -3.86
C GLN B 327 17.35 24.56 -4.72
N GLU B 328 18.09 25.14 -5.64
CA GLU B 328 17.58 26.26 -6.50
C GLU B 328 16.38 25.76 -7.32
N LYS B 329 16.39 24.49 -7.76
CA LYS B 329 15.24 23.91 -8.49
C LYS B 329 14.11 23.67 -7.51
N TYR B 330 14.40 23.04 -6.36
CA TYR B 330 13.38 22.71 -5.37
C TYR B 330 12.62 24.03 -5.06
N GLU B 331 13.37 25.10 -4.89
CA GLU B 331 12.81 26.42 -4.45
C GLU B 331 11.78 26.91 -5.48
N GLU B 332 12.11 26.76 -6.76
CA GLU B 332 11.24 27.24 -7.87
C GLU B 332 10.08 26.30 -8.07
N MET B 333 10.30 24.98 -7.91
CA MET B 333 9.21 24.01 -8.06
C MET B 333 8.15 24.20 -6.95
N LEU B 334 8.56 24.38 -5.67
CA LEU B 334 7.60 24.67 -4.59
C LEU B 334 6.76 25.91 -4.97
N GLU B 335 7.37 26.92 -5.49
CA GLU B 335 6.62 28.14 -5.92
C GLU B 335 5.59 27.77 -6.98
N GLY B 336 5.95 26.93 -7.92
CA GLY B 336 4.97 26.44 -8.94
C GLY B 336 3.84 25.69 -8.30
N PHE B 337 4.12 24.78 -7.35
CA PHE B 337 3.09 23.92 -6.74
C PHE B 337 2.10 24.81 -5.96
N LEU B 338 2.60 25.88 -5.38
CA LEU B 338 1.73 26.81 -4.60
C LEU B 338 0.85 27.57 -5.61
N ASN B 339 1.38 27.93 -6.76
CA ASN B 339 0.58 28.56 -7.86
C ASN B 339 -0.51 27.59 -8.27
N SER B 340 -0.22 26.28 -8.36
CA SER B 340 -1.23 25.26 -8.71
C SER B 340 -2.36 25.31 -7.66
N TYR B 341 -2.01 25.35 -6.38
CA TYR B 341 -2.99 25.44 -5.27
C TYR B 341 -3.83 26.73 -5.44
N ASN B 342 -3.16 27.84 -5.72
CA ASN B 342 -3.86 29.14 -5.81
C ASN B 342 -4.87 29.10 -6.96
N GLU B 343 -4.53 28.40 -8.04
CA GLU B 343 -5.35 28.36 -9.27
C GLU B 343 -6.51 27.36 -9.17
N THR B 344 -6.41 26.30 -8.38
CA THR B 344 -7.39 25.19 -8.39
C THR B 344 -8.11 25.04 -7.04
N GLY B 345 -7.54 25.54 -5.95
CA GLY B 345 -8.07 25.35 -4.57
C GLY B 345 -7.48 24.17 -3.83
N PHE B 346 -6.63 23.33 -4.46
CA PHE B 346 -6.06 22.13 -3.79
C PHE B 346 -4.62 21.95 -4.22
N LEU B 347 -3.78 21.56 -3.28
CA LEU B 347 -2.37 21.25 -3.62
C LEU B 347 -2.40 20.07 -4.59
N PRO B 348 -1.51 20.11 -5.60
CA PRO B 348 -1.58 19.14 -6.70
C PRO B 348 -1.13 17.73 -6.28
N LYS B 349 -1.67 16.72 -6.95
CA LYS B 349 -1.33 15.29 -6.71
C LYS B 349 -0.58 14.72 -7.92
N TRP B 350 -1.17 14.81 -9.11
CA TRP B 350 -0.57 14.24 -10.35
C TRP B 350 -0.78 15.27 -11.47
N LEU B 351 0.26 16.03 -11.78
CA LEU B 351 0.17 17.11 -12.80
C LEU B 351 0.54 16.55 -14.18
N SER B 352 -0.38 16.55 -15.13
CA SER B 352 -0.06 16.19 -16.52
C SER B 352 -1.16 16.59 -17.50
N PRO B 353 -1.27 17.85 -17.95
CA PRO B 353 -0.45 19.00 -17.51
C PRO B 353 -0.95 19.62 -16.19
N ASP B 354 -2.17 19.29 -15.85
CA ASP B 354 -2.90 19.82 -14.68
C ASP B 354 -3.38 18.60 -13.87
N GLU B 355 -4.30 18.81 -12.94
CA GLU B 355 -4.62 17.76 -11.94
C GLU B 355 -5.27 16.57 -12.64
N ARG B 356 -4.63 15.39 -12.54
CA ARG B 356 -5.15 14.12 -13.07
C ARG B 356 -5.57 13.16 -11.96
N GLY B 357 -5.24 13.40 -10.68
CA GLY B 357 -5.63 12.54 -9.55
C GLY B 357 -4.93 11.16 -9.56
N LEU B 358 -5.67 10.10 -9.83
CA LEU B 358 -5.16 8.71 -10.07
C LEU B 358 -4.71 8.00 -8.77
N MET B 359 -3.55 8.36 -8.22
CA MET B 359 -2.94 7.63 -7.05
C MET B 359 -3.54 8.13 -5.74
N PRO B 360 -3.57 7.28 -4.67
CA PRO B 360 -4.03 7.73 -3.36
C PRO B 360 -3.11 8.81 -2.76
N GLY B 361 -3.63 9.55 -1.77
CA GLY B 361 -2.82 10.44 -0.92
C GLY B 361 -2.50 11.79 -1.54
N THR B 362 -1.99 12.67 -0.69
CA THR B 362 -1.60 14.05 -1.01
C THR B 362 -0.14 14.19 -0.64
N LEU B 363 0.73 13.40 -1.29
CA LEU B 363 2.14 13.32 -0.84
C LEU B 363 2.93 14.59 -1.15
N ILE B 364 2.35 15.58 -1.84
CA ILE B 364 2.95 16.93 -1.93
C ILE B 364 3.21 17.41 -0.48
N ASP B 365 2.39 16.98 0.47
CA ASP B 365 2.56 17.41 1.89
C ASP B 365 3.96 17.03 2.40
N ALA B 366 4.48 15.87 1.97
CA ALA B 366 5.84 15.45 2.37
C ALA B 366 6.86 16.34 1.65
N VAL B 367 6.65 16.66 0.36
CA VAL B 367 7.56 17.57 -0.36
C VAL B 367 7.64 18.91 0.40
N ILE B 368 6.50 19.38 0.86
CA ILE B 368 6.42 20.67 1.61
C ILE B 368 7.12 20.50 2.98
N ALA B 369 6.71 19.53 3.79
CA ALA B 369 7.27 19.32 5.14
C ALA B 369 8.79 19.14 5.06
N ASP B 370 9.29 18.35 4.10
CA ASP B 370 10.74 18.10 4.01
C ASP B 370 11.45 19.43 3.75
N ALA B 371 10.92 20.25 2.85
CA ALA B 371 11.48 21.60 2.60
C ALA B 371 11.45 22.42 3.90
N ALA B 372 10.34 22.41 4.61
CA ALA B 372 10.17 23.23 5.84
C ALA B 372 11.24 22.84 6.86
N VAL B 373 11.47 21.54 7.09
CA VAL B 373 12.46 21.16 8.15
C VAL B 373 13.89 21.39 7.68
N LYS B 374 14.13 21.50 6.37
CA LYS B 374 15.44 21.79 5.77
C LYS B 374 15.59 23.29 5.42
N LYS B 375 14.67 24.14 5.86
CA LYS B 375 14.77 25.61 5.64
C LYS B 375 14.82 25.96 4.16
N ILE B 376 14.03 25.24 3.39
CA ILE B 376 13.84 25.55 1.95
C ILE B 376 12.49 26.26 1.82
N ARG B 377 12.54 27.46 1.25
CA ARG B 377 11.35 28.33 1.06
C ARG B 377 10.55 28.51 2.34
N PRO B 378 11.20 28.90 3.47
CA PRO B 378 10.40 29.17 4.68
C PRO B 378 9.41 30.33 4.44
N ASP B 379 9.75 31.23 3.52
CA ASP B 379 8.88 32.37 3.12
C ASP B 379 7.51 31.88 2.64
N LEU B 380 7.38 30.68 2.08
CA LEU B 380 6.10 30.13 1.56
C LEU B 380 5.39 29.27 2.58
N MET B 381 6.00 28.92 3.71
CA MET B 381 5.42 27.89 4.58
C MET B 381 4.11 28.36 5.20
N PRO B 382 3.95 29.65 5.55
CA PRO B 382 2.65 30.06 6.10
C PRO B 382 1.53 29.75 5.08
N GLN B 383 1.76 30.11 3.80
CA GLN B 383 0.77 29.80 2.75
C GLN B 383 0.58 28.28 2.61
N PHE B 384 1.68 27.53 2.57
CA PHE B 384 1.55 26.05 2.43
C PHE B 384 0.71 25.47 3.57
N LEU B 385 0.92 25.95 4.80
CA LEU B 385 0.20 25.37 5.95
C LEU B 385 -1.30 25.58 5.75
N GLU B 386 -1.74 26.75 5.27
CA GLU B 386 -3.19 27.00 5.10
C GLU B 386 -3.68 26.06 3.99
N ALA B 387 -2.87 25.88 2.95
CA ALA B 387 -3.25 24.99 1.83
C ALA B 387 -3.36 23.52 2.33
N MET B 388 -2.42 23.09 3.16
CA MET B 388 -2.47 21.71 3.72
C MET B 388 -3.69 21.51 4.64
N LYS B 389 -3.95 22.47 5.51
CA LYS B 389 -5.09 22.38 6.46
C LYS B 389 -6.39 22.36 5.68
N LYS B 390 -6.48 23.15 4.62
CA LYS B 390 -7.68 23.09 3.75
C LYS B 390 -7.84 21.68 3.20
N GLY B 391 -6.78 21.08 2.66
CA GLY B 391 -6.91 19.74 2.08
C GLY B 391 -7.23 18.69 3.14
N ALA B 392 -6.77 18.89 4.37
CA ALA B 392 -7.01 17.93 5.47
C ALA B 392 -8.45 18.06 6.03
N THR B 393 -9.18 19.17 5.75
CA THR B 393 -10.47 19.49 6.43
C THR B 393 -11.64 19.66 5.44
N GLN B 394 -11.38 19.87 4.15
CA GLN B 394 -12.45 20.12 3.15
C GLN B 394 -12.36 19.12 2.01
N GLN B 395 -13.50 18.51 1.70
CA GLN B 395 -13.71 17.57 0.58
C GLN B 395 -13.94 18.40 -0.68
N SER B 396 -13.11 18.21 -1.70
CA SER B 396 -13.38 18.75 -3.06
C SER B 396 -14.60 18.03 -3.62
N GLU B 397 -15.46 18.80 -4.27
CA GLU B 397 -16.57 18.38 -5.16
C GLU B 397 -15.99 17.67 -6.41
N ARG B 398 -14.75 17.97 -6.78
CA ARG B 398 -14.09 17.37 -7.98
C ARG B 398 -13.26 16.14 -7.54
N GLU B 399 -13.46 14.98 -8.16
CA GLU B 399 -12.95 13.69 -7.60
C GLU B 399 -11.42 13.61 -7.66
N ASN B 400 -10.76 14.35 -8.57
CA ASN B 400 -9.29 14.31 -8.76
C ASN B 400 -8.56 15.21 -7.76
N TYR B 401 -9.25 16.05 -6.98
CA TYR B 401 -8.54 17.03 -6.13
C TYR B 401 -8.54 16.62 -4.65
N GLY B 402 -7.39 16.78 -4.00
CA GLY B 402 -7.31 16.66 -2.53
C GLY B 402 -7.55 15.24 -2.02
N ARG B 403 -8.00 15.17 -0.77
CA ARG B 403 -8.26 13.88 -0.08
C ARG B 403 -9.58 13.33 -0.58
N GLN B 404 -9.70 12.00 -0.63
CA GLN B 404 -10.97 11.27 -0.80
C GLN B 404 -11.40 10.82 0.61
N GLY B 405 -12.70 10.87 0.90
CA GLY B 405 -13.25 10.55 2.24
C GLY B 405 -12.62 11.36 3.37
N THR B 406 -12.30 12.63 3.07
CA THR B 406 -11.79 13.67 4.00
C THR B 406 -12.58 13.67 5.32
N LEU B 407 -13.90 13.67 5.23
CA LEU B 407 -14.81 13.87 6.40
C LEU B 407 -14.92 12.55 7.16
N ASP B 408 -15.07 11.44 6.46
CA ASP B 408 -15.08 10.09 7.08
C ASP B 408 -13.75 9.86 7.82
N TYR B 409 -12.62 10.27 7.26
CA TYR B 409 -11.31 10.10 7.96
C TYR B 409 -11.35 10.88 9.31
N LEU B 410 -11.92 12.07 9.30
CA LEU B 410 -11.96 12.93 10.53
C LEU B 410 -12.95 12.32 11.52
N LYS B 411 -14.01 11.70 11.02
CA LYS B 411 -15.06 11.11 11.89
C LYS B 411 -14.50 9.90 12.64
N TYR B 412 -13.91 8.96 11.89
CA TYR B 412 -13.58 7.59 12.35
C TYR B 412 -12.12 7.42 12.78
N GLY B 413 -11.21 8.27 12.29
CA GLY B 413 -9.75 8.12 12.46
C GLY B 413 -9.16 7.20 11.40
N TYR B 414 -9.93 6.79 10.38
CA TYR B 414 -9.48 6.00 9.23
C TYR B 414 -10.47 6.21 8.09
N VAL B 415 -10.06 5.91 6.85
CA VAL B 415 -11.00 5.78 5.71
C VAL B 415 -11.61 4.40 5.79
N PRO B 416 -12.95 4.29 5.93
CA PRO B 416 -13.61 2.99 5.96
C PRO B 416 -13.52 2.18 4.67
N SER B 417 -13.80 0.88 4.79
CA SER B 417 -13.58 -0.19 3.81
C SER B 417 -14.54 -0.09 2.62
N THR B 418 -15.51 0.83 2.67
CA THR B 418 -16.42 1.07 1.54
C THR B 418 -15.73 1.89 0.47
N TYR B 419 -14.64 2.59 0.81
CA TYR B 419 -13.86 3.39 -0.16
C TYR B 419 -12.84 2.44 -0.79
N HIS B 420 -12.55 2.67 -2.07
CA HIS B 420 -11.51 1.92 -2.80
C HIS B 420 -10.14 2.23 -2.18
N GLU B 421 -9.28 1.21 -2.03
CA GLU B 421 -7.88 1.41 -1.57
C GLU B 421 -7.83 2.14 -0.24
N SER B 422 -8.75 1.81 0.69
CA SER B 422 -8.92 2.54 1.97
C SER B 422 -7.67 2.41 2.83
N VAL B 423 -6.91 1.30 2.73
CA VAL B 423 -5.68 1.16 3.54
C VAL B 423 -4.69 2.23 3.09
N ASN B 424 -4.37 2.30 1.80
CA ASN B 424 -3.46 3.36 1.27
C ASN B 424 -3.92 4.76 1.71
N HIS B 425 -5.20 5.07 1.52
CA HIS B 425 -5.72 6.44 1.83
C HIS B 425 -5.49 6.72 3.32
N THR B 426 -5.84 5.78 4.18
CA THR B 426 -5.71 5.99 5.65
C THR B 426 -4.24 6.25 5.99
N LEU B 427 -3.33 5.35 5.56
CA LEU B 427 -1.92 5.49 5.94
C LEU B 427 -1.34 6.75 5.32
N ASP B 428 -1.71 7.07 4.08
CA ASP B 428 -1.19 8.30 3.41
C ASP B 428 -1.70 9.54 4.16
N TYR B 429 -2.95 9.55 4.61
CA TYR B 429 -3.50 10.73 5.33
C TYR B 429 -2.79 10.87 6.68
N ALA B 430 -2.53 9.77 7.37
CA ALA B 430 -1.83 9.79 8.68
C ALA B 430 -0.42 10.34 8.49
N TYR B 431 0.26 9.94 7.41
CA TYR B 431 1.60 10.48 7.12
C TYR B 431 1.49 11.97 6.73
N SER B 432 0.54 12.35 5.90
CA SER B 432 0.27 13.78 5.58
C SER B 432 0.04 14.56 6.87
N ASP B 433 -0.69 13.98 7.82
CA ASP B 433 -0.93 14.65 9.13
C ASP B 433 0.40 14.95 9.82
N PHE B 434 1.33 13.97 9.87
CA PHE B 434 2.68 14.20 10.40
C PHE B 434 3.33 15.37 9.68
N CYS B 435 3.26 15.40 8.35
CA CYS B 435 3.92 16.43 7.52
C CYS B 435 3.34 17.83 7.85
N ILE B 436 2.02 17.87 8.01
CA ILE B 436 1.32 19.14 8.40
C ILE B 436 1.84 19.59 9.78
N SER B 437 2.01 18.63 10.69
CA SER B 437 2.51 18.90 12.06
C SER B 437 3.91 19.47 12.01
N GLN B 438 4.79 18.91 11.18
CA GLN B 438 6.14 19.43 11.01
C GLN B 438 6.13 20.87 10.47
N VAL B 439 5.31 21.19 9.47
CA VAL B 439 5.28 22.58 8.94
C VAL B 439 4.83 23.53 10.08
N ALA B 440 3.74 23.19 10.76
CA ALA B 440 3.19 23.92 11.93
C ALA B 440 4.30 24.15 12.95
N LYS B 441 5.07 23.12 13.27
CA LYS B 441 6.21 23.20 14.24
C LYS B 441 7.27 24.20 13.74
N THR B 442 7.63 24.22 12.45
CA THR B 442 8.64 25.19 11.96
C THR B 442 8.08 26.61 12.08
N LEU B 443 6.76 26.76 12.16
CA LEU B 443 6.13 28.11 12.20
C LEU B 443 5.72 28.43 13.65
N ASN B 444 6.10 27.61 14.63
CA ASN B 444 5.74 27.75 16.07
C ASN B 444 4.23 27.87 16.21
N ASP B 445 3.46 27.14 15.39
CA ASP B 445 2.00 26.97 15.53
C ASP B 445 1.74 25.70 16.34
N SER B 446 1.85 25.81 17.66
CA SER B 446 1.84 24.67 18.61
C SER B 446 0.50 23.95 18.60
N GLU B 447 -0.60 24.68 18.57
CA GLU B 447 -1.93 24.04 18.62
C GLU B 447 -2.10 23.17 17.37
N THR B 448 -1.73 23.66 16.20
CA THR B 448 -1.88 22.90 14.93
C THR B 448 -0.93 21.69 14.96
N ALA B 449 0.31 21.92 15.42
CA ALA B 449 1.38 20.89 15.52
C ALA B 449 0.87 19.76 16.40
N THR B 450 0.31 20.10 17.58
CA THR B 450 -0.22 19.10 18.53
C THR B 450 -1.33 18.31 17.87
N PHE B 451 -2.31 18.98 17.24
CA PHE B 451 -3.49 18.28 16.72
C PHE B 451 -3.05 17.29 15.62
N TYR B 452 -2.19 17.74 14.72
CA TYR B 452 -1.80 16.91 13.54
C TYR B 452 -0.84 15.79 14.00
N ARG B 453 -0.01 15.98 15.03
CA ARG B 453 0.83 14.90 15.62
C ARG B 453 -0.08 13.77 16.11
N GLN B 454 -1.25 14.10 16.67
CA GLN B 454 -2.16 13.05 17.17
C GLN B 454 -2.83 12.33 15.99
N GLN B 455 -3.26 13.12 15.01
CA GLN B 455 -3.82 12.60 13.74
C GLN B 455 -2.80 11.62 13.12
N ALA B 456 -1.50 11.90 13.22
CA ALA B 456 -0.45 11.06 12.56
C ALA B 456 -0.43 9.64 13.14
N LEU B 457 -1.06 9.40 14.31
CA LEU B 457 -1.12 8.05 14.91
C LEU B 457 -2.29 7.25 14.37
N ASN B 458 -3.06 7.77 13.41
CA ASN B 458 -4.25 7.09 12.88
C ASN B 458 -3.90 5.76 12.18
N TYR B 459 -2.64 5.52 11.79
CA TYR B 459 -2.26 4.19 11.22
C TYR B 459 -2.64 3.04 12.16
N GLN B 460 -2.65 3.32 13.47
CA GLN B 460 -2.98 2.34 14.52
C GLN B 460 -4.37 1.78 14.29
N GLN B 461 -5.29 2.53 13.70
CA GLN B 461 -6.70 2.07 13.45
C GLN B 461 -6.77 0.84 12.56
N LEU B 462 -5.84 0.64 11.62
CA LEU B 462 -6.02 -0.43 10.62
C LEU B 462 -5.08 -1.61 10.91
N PHE B 463 -4.34 -1.56 12.01
CA PHE B 463 -3.41 -2.65 12.38
C PHE B 463 -4.23 -3.77 13.02
N ASN B 464 -4.25 -4.94 12.41
CA ASN B 464 -4.96 -6.12 12.94
C ASN B 464 -3.95 -6.97 13.70
N PRO B 465 -3.97 -6.95 15.05
CA PRO B 465 -3.03 -7.77 15.82
C PRO B 465 -3.18 -9.27 15.57
N GLU B 466 -4.31 -9.74 15.08
CA GLU B 466 -4.56 -11.18 14.79
C GLU B 466 -3.74 -11.62 13.57
N THR B 467 -3.41 -10.72 12.66
CA THR B 467 -2.67 -11.10 11.40
C THR B 467 -1.33 -10.38 11.30
N GLY B 468 -1.11 -9.26 12.00
CA GLY B 468 0.14 -8.48 11.87
C GLY B 468 0.21 -7.75 10.52
N PHE B 469 -0.96 -7.41 9.97
CA PHE B 469 -1.01 -6.59 8.73
C PHE B 469 -1.95 -5.42 8.95
N MET B 470 -1.85 -4.47 8.03
CA MET B 470 -2.86 -3.40 7.89
C MET B 470 -4.01 -3.91 7.01
N GLN B 471 -5.24 -3.77 7.51
CA GLN B 471 -6.43 -4.33 6.83
C GLN B 471 -7.55 -3.28 6.86
N ALA B 472 -8.37 -3.31 5.83
CA ALA B 472 -9.50 -2.38 5.64
C ALA B 472 -10.51 -2.70 6.73
N LYS B 473 -11.24 -1.72 7.18
CA LYS B 473 -12.08 -1.86 8.39
C LYS B 473 -13.37 -1.07 8.14
N ASP B 474 -14.53 -1.66 8.47
CA ASP B 474 -15.86 -1.03 8.21
C ASP B 474 -16.15 -0.02 9.33
N THR B 475 -17.26 0.72 9.22
CA THR B 475 -17.56 1.85 10.14
C THR B 475 -17.84 1.31 11.55
N GLU B 476 -18.19 0.03 11.69
CA GLU B 476 -18.41 -0.61 13.02
C GLU B 476 -17.08 -1.07 13.62
N GLY B 477 -15.96 -0.94 12.89
CA GLY B 477 -14.62 -1.26 13.43
C GLY B 477 -14.25 -2.71 13.22
N ASN B 478 -14.94 -3.41 12.32
CA ASN B 478 -14.66 -4.81 11.92
C ASN B 478 -13.72 -4.85 10.70
N PHE B 479 -12.64 -5.62 10.79
CA PHE B 479 -11.76 -5.95 9.63
C PHE B 479 -12.53 -6.76 8.59
N ARG B 480 -12.31 -6.46 7.30
CA ARG B 480 -12.94 -7.23 6.19
C ARG B 480 -12.58 -8.69 6.45
N PRO B 481 -13.53 -9.64 6.36
CA PRO B 481 -13.20 -11.05 6.53
C PRO B 481 -12.63 -11.68 5.25
N ASP B 482 -12.22 -12.95 5.36
CA ASP B 482 -11.61 -13.71 4.24
C ASP B 482 -10.30 -13.04 3.80
N PHE B 483 -9.56 -12.45 4.75
CA PHE B 483 -8.22 -11.86 4.51
C PHE B 483 -7.27 -12.90 3.90
N LEU B 484 -6.54 -12.52 2.84
CA LEU B 484 -5.41 -13.31 2.31
C LEU B 484 -4.22 -12.34 2.13
N ASP B 485 -3.10 -12.61 2.81
CA ASP B 485 -1.92 -11.72 2.88
C ASP B 485 -1.42 -11.34 1.47
N ILE B 486 -1.51 -12.26 0.50
CA ILE B 486 -0.93 -12.06 -0.87
C ILE B 486 -1.99 -11.59 -1.87
N ARG B 487 -3.20 -11.28 -1.41
CA ARG B 487 -4.25 -10.77 -2.33
C ARG B 487 -3.97 -9.31 -2.65
N TRP B 488 -3.86 -8.99 -3.94
CA TRP B 488 -3.62 -7.63 -4.46
C TRP B 488 -4.94 -6.90 -4.66
N GLY B 489 -4.90 -5.59 -4.52
CA GLY B 489 -5.97 -4.69 -4.99
C GLY B 489 -7.09 -4.58 -3.97
N LYS B 490 -8.18 -3.89 -4.35
CA LYS B 490 -9.41 -3.72 -3.52
C LYS B 490 -9.11 -2.74 -2.38
N ASP B 491 -8.41 -3.17 -1.32
CA ASP B 491 -8.01 -2.37 -0.15
C ASP B 491 -6.63 -1.73 -0.36
N TYR B 492 -5.83 -2.24 -1.30
CA TYR B 492 -4.40 -1.89 -1.45
C TYR B 492 -4.17 -1.49 -2.91
N ALA B 493 -3.39 -0.45 -3.14
CA ALA B 493 -2.98 0.02 -4.47
C ALA B 493 -1.74 -0.73 -4.94
N GLU B 494 -1.91 -1.44 -6.04
CA GLU B 494 -0.81 -2.12 -6.77
C GLU B 494 0.08 -2.87 -5.77
N GLY B 495 -0.56 -3.60 -4.86
CA GLY B 495 0.17 -4.46 -3.92
C GLY B 495 -0.81 -5.29 -3.15
N SER B 496 -0.28 -6.19 -2.34
CA SER B 496 -0.97 -6.95 -1.28
C SER B 496 -0.76 -6.27 0.08
N ALA B 497 -1.27 -6.87 1.17
CA ALA B 497 -0.93 -6.42 2.53
C ALA B 497 0.58 -6.34 2.73
N TRP B 498 1.36 -7.23 2.09
CA TRP B 498 2.82 -7.25 2.24
C TRP B 498 3.45 -5.96 1.70
N GLN B 499 2.90 -5.40 0.62
CA GLN B 499 3.45 -4.17 0.02
C GLN B 499 2.82 -2.91 0.67
N SER B 500 1.91 -3.05 1.63
CA SER B 500 1.07 -1.89 2.07
C SER B 500 1.10 -1.65 3.57
N SER B 501 1.61 -2.58 4.37
CA SER B 501 1.44 -2.60 5.83
C SER B 501 2.55 -1.84 6.53
N PHE B 502 3.49 -1.24 5.81
CA PHE B 502 4.65 -0.60 6.46
C PHE B 502 4.82 0.83 5.98
N ALA B 503 3.74 1.49 5.53
CA ALA B 503 3.74 2.90 5.12
C ALA B 503 3.50 3.77 6.36
N VAL B 504 4.41 3.69 7.33
CA VAL B 504 4.34 4.48 8.59
C VAL B 504 5.68 5.16 8.84
N TYR B 505 6.10 5.98 7.88
CA TYR B 505 7.39 6.71 7.88
C TYR B 505 7.51 7.61 9.10
N GLN B 506 6.38 8.12 9.59
CA GLN B 506 6.35 9.09 10.72
C GLN B 506 6.57 8.38 12.06
N ASP B 507 6.41 7.06 12.16
CA ASP B 507 6.43 6.41 13.51
C ASP B 507 6.68 4.90 13.46
N PHE B 508 7.80 4.47 12.91
CA PHE B 508 8.10 3.02 12.82
C PHE B 508 8.25 2.48 14.25
N ALA B 509 8.82 3.26 15.18
CA ALA B 509 8.92 2.77 16.58
C ALA B 509 7.53 2.40 17.09
N GLY B 510 6.53 3.22 16.79
CA GLY B 510 5.14 2.95 17.21
C GLY B 510 4.56 1.76 16.47
N LEU B 511 4.88 1.58 15.19
CA LEU B 511 4.39 0.40 14.43
C LEU B 511 5.03 -0.85 15.07
N ILE B 512 6.29 -0.76 15.42
CA ILE B 512 7.01 -1.92 16.04
C ILE B 512 6.30 -2.31 17.36
N LYS B 513 5.99 -1.32 18.18
CA LYS B 513 5.32 -1.57 19.50
C LYS B 513 3.99 -2.30 19.24
N LEU B 514 3.31 -2.08 18.13
CA LEU B 514 2.04 -2.80 17.82
C LEU B 514 2.28 -4.31 17.61
N TYR B 515 3.43 -4.69 17.06
CA TYR B 515 3.81 -6.09 16.86
C TYR B 515 4.13 -6.76 18.20
N GLY B 516 4.49 -5.97 19.20
CA GLY B 516 4.74 -6.46 20.58
C GLY B 516 6.18 -6.34 20.96
N SER B 517 7.12 -6.26 19.99
CA SER B 517 8.59 -6.21 20.25
C SER B 517 9.38 -5.96 18.96
N GLU B 518 10.61 -5.47 19.11
CA GLU B 518 11.59 -5.37 18.01
C GLU B 518 11.72 -6.78 17.37
N LEU B 519 11.70 -7.84 18.17
CA LEU B 519 11.92 -9.21 17.66
C LEU B 519 10.73 -9.70 16.84
N ALA B 520 9.49 -9.42 17.25
CA ALA B 520 8.29 -9.85 16.51
C ALA B 520 8.31 -9.12 15.14
N PHE B 521 8.74 -7.88 15.13
CA PHE B 521 8.77 -7.07 13.87
C PHE B 521 9.87 -7.62 12.95
N GLU B 522 10.97 -7.99 13.55
CA GLU B 522 12.12 -8.67 12.88
C GLU B 522 11.65 -9.93 12.17
N LYS B 523 10.91 -10.80 12.85
CA LYS B 523 10.37 -12.04 12.25
C LYS B 523 9.52 -11.70 11.03
N LYS B 524 8.70 -10.65 11.13
CA LYS B 524 7.79 -10.24 10.05
C LYS B 524 8.61 -9.82 8.82
N LEU B 525 9.67 -9.08 9.04
CA LEU B 525 10.55 -8.57 7.96
C LEU B 525 11.27 -9.75 7.31
N ILE B 526 11.74 -10.68 8.11
CA ILE B 526 12.42 -11.89 7.58
C ILE B 526 11.45 -12.65 6.69
N GLN B 527 10.23 -12.80 7.16
CA GLN B 527 9.23 -13.54 6.41
C GLN B 527 8.87 -12.81 5.10
N LEU B 528 8.81 -11.49 5.15
CA LEU B 528 8.53 -10.66 3.95
C LEU B 528 9.58 -10.97 2.88
N CYS B 529 10.84 -10.95 3.28
CA CYS B 529 12.02 -11.03 2.40
C CYS B 529 12.23 -12.46 1.90
N ASN B 530 12.04 -13.47 2.75
CA ASN B 530 12.57 -14.83 2.44
C ASN B 530 11.52 -15.77 1.83
N GLN B 531 10.29 -15.35 1.71
CA GLN B 531 9.23 -16.20 1.11
C GLN B 531 9.29 -16.16 -0.42
N ALA B 532 8.52 -17.01 -1.07
CA ALA B 532 8.37 -16.97 -2.55
C ALA B 532 7.57 -15.72 -2.95
N PRO B 533 7.82 -15.17 -4.16
CA PRO B 533 7.12 -13.97 -4.63
C PRO B 533 5.77 -14.34 -5.22
N ASN B 534 4.91 -14.91 -4.37
CA ASN B 534 3.57 -15.37 -4.77
C ASN B 534 2.59 -14.18 -4.69
N PHE B 535 1.54 -14.24 -5.49
CA PHE B 535 0.51 -13.18 -5.53
C PHE B 535 -0.82 -13.81 -5.96
N ASN B 536 -1.89 -13.18 -5.51
CA ASN B 536 -3.29 -13.52 -5.82
C ASN B 536 -3.92 -12.28 -6.48
N VAL B 537 -4.60 -12.45 -7.60
CA VAL B 537 -5.02 -11.30 -8.46
C VAL B 537 -6.41 -10.80 -8.12
N GLU B 538 -7.08 -11.41 -7.16
CA GLU B 538 -8.57 -11.29 -7.03
C GLU B 538 -9.04 -9.84 -6.89
N GLY B 539 -8.30 -8.92 -6.30
CA GLY B 539 -8.72 -7.51 -6.23
C GLY B 539 -8.78 -6.83 -7.59
N TYR B 540 -7.99 -7.29 -8.56
CA TYR B 540 -7.98 -6.77 -9.95
C TYR B 540 -8.84 -7.65 -10.84
N GLY B 541 -8.76 -8.97 -10.72
CA GLY B 541 -9.40 -9.94 -11.63
C GLY B 541 -8.49 -10.42 -12.74
N PHE B 542 -7.23 -10.00 -12.72
CA PHE B 542 -6.24 -10.33 -13.75
C PHE B 542 -4.86 -9.89 -13.24
N GLU B 543 -3.81 -10.37 -13.90
CA GLU B 543 -2.43 -10.04 -13.53
C GLU B 543 -2.03 -8.70 -14.18
N ILE B 544 -1.48 -7.81 -13.37
CA ILE B 544 -0.95 -6.50 -13.80
C ILE B 544 0.55 -6.58 -13.76
N HIS B 545 1.22 -5.66 -14.46
CA HIS B 545 2.67 -5.71 -14.68
C HIS B 545 3.41 -5.59 -13.33
N GLU B 546 2.86 -4.86 -12.35
CA GLU B 546 3.52 -4.76 -11.01
C GLU B 546 3.64 -6.16 -10.41
N MET B 547 2.62 -7.02 -10.56
CA MET B 547 2.69 -8.36 -9.98
C MET B 547 3.78 -9.15 -10.72
N SER B 548 3.79 -9.01 -12.03
CA SER B 548 4.74 -9.77 -12.91
C SER B 548 6.17 -9.37 -12.55
N GLU B 549 6.39 -8.09 -12.31
CA GLU B 549 7.76 -7.59 -12.03
C GLU B 549 8.25 -8.16 -10.69
N MET B 550 7.39 -8.26 -9.70
CA MET B 550 7.77 -8.87 -8.41
C MET B 550 8.06 -10.35 -8.64
N ALA B 551 7.20 -11.03 -9.37
CA ALA B 551 7.30 -12.49 -9.58
C ALA B 551 8.41 -12.84 -10.55
N ALA B 552 8.94 -11.89 -11.31
CA ALA B 552 10.06 -12.15 -12.24
C ALA B 552 11.37 -12.46 -11.50
N ILE B 553 11.47 -12.02 -10.26
CA ILE B 553 12.73 -12.07 -9.49
C ILE B 553 12.46 -12.73 -8.14
N ASP B 554 13.52 -13.24 -7.55
CA ASP B 554 13.45 -13.91 -6.21
C ASP B 554 13.96 -12.96 -5.13
N PHE B 555 13.15 -11.95 -4.77
CA PHE B 555 13.40 -11.02 -3.65
C PHE B 555 12.16 -11.02 -2.76
N GLY B 556 11.46 -12.16 -2.72
CA GLY B 556 10.29 -12.33 -1.85
C GLY B 556 9.23 -11.28 -2.12
N GLN B 557 8.64 -10.72 -1.06
CA GLN B 557 7.58 -9.69 -1.25
C GLN B 557 8.18 -8.29 -1.34
N LEU B 558 9.51 -8.15 -1.42
CA LEU B 558 10.14 -6.82 -1.44
C LEU B 558 10.08 -6.37 -2.90
N ALA B 559 8.96 -5.74 -3.24
CA ALA B 559 8.60 -5.46 -4.66
C ALA B 559 9.24 -4.15 -5.10
N ILE B 560 10.55 -4.18 -5.32
CA ILE B 560 11.39 -2.99 -5.60
C ILE B 560 10.95 -2.38 -6.92
N SER B 561 10.20 -3.12 -7.73
CA SER B 561 9.57 -2.68 -9.00
C SER B 561 8.56 -1.54 -8.77
N ASN B 562 8.15 -1.28 -7.53
CA ASN B 562 7.11 -0.27 -7.23
C ASN B 562 7.41 0.48 -5.95
N GLN B 563 6.93 1.73 -5.86
CA GLN B 563 7.25 2.67 -4.77
C GLN B 563 6.96 2.10 -3.39
N PRO B 564 5.85 1.37 -3.15
CA PRO B 564 5.49 1.00 -1.77
C PRO B 564 6.59 0.25 -1.01
N SER B 565 7.48 -0.48 -1.74
CA SER B 565 8.51 -1.35 -1.11
C SER B 565 9.87 -0.67 -1.04
N PHE B 566 10.00 0.54 -1.59
CA PHE B 566 11.31 1.24 -1.73
C PHE B 566 12.08 1.30 -0.41
N HIS B 567 11.39 1.55 0.70
CA HIS B 567 12.06 1.75 2.01
C HIS B 567 12.27 0.43 2.74
N TYR B 568 11.79 -0.70 2.24
CA TYR B 568 11.73 -1.97 3.01
C TYR B 568 13.08 -2.36 3.62
N PRO B 569 14.24 -2.28 2.90
CA PRO B 569 15.50 -2.70 3.50
C PRO B 569 15.82 -1.89 4.77
N PHE B 570 15.35 -0.65 4.84
CA PHE B 570 15.66 0.27 5.97
C PHE B 570 14.83 -0.08 7.21
N LEU B 571 13.79 -0.88 7.08
CA LEU B 571 12.96 -1.25 8.26
C LEU B 571 13.86 -1.98 9.27
N PHE B 572 14.90 -2.69 8.83
CA PHE B 572 15.84 -3.36 9.78
C PHE B 572 16.59 -2.34 10.65
N SER B 573 16.73 -1.09 10.21
CA SER B 573 17.47 -0.06 10.97
C SER B 573 16.63 0.39 12.18
N TYR B 574 15.33 0.13 12.17
CA TYR B 574 14.43 0.59 13.25
C TYR B 574 14.42 -0.43 14.39
N ILE B 575 15.05 -1.58 14.19
CA ILE B 575 15.27 -2.59 15.27
C ILE B 575 16.76 -2.77 15.60
N GLY B 576 17.63 -1.85 15.23
CA GLY B 576 19.05 -1.97 15.58
C GLY B 576 19.78 -3.06 14.81
N LYS B 577 19.29 -3.49 13.64
CA LYS B 577 19.95 -4.61 12.91
C LYS B 577 20.12 -4.22 11.44
N PRO B 578 20.71 -3.04 11.12
CA PRO B 578 20.93 -2.64 9.72
C PRO B 578 21.84 -3.65 8.98
N GLU B 579 22.68 -4.40 9.73
CA GLU B 579 23.54 -5.42 9.11
C GLU B 579 22.72 -6.49 8.37
N MET B 580 21.50 -6.76 8.78
CA MET B 580 20.65 -7.78 8.15
C MET B 580 20.29 -7.39 6.71
N ALA B 581 20.36 -6.10 6.35
CA ALA B 581 19.87 -5.56 5.05
C ALA B 581 21.01 -4.98 4.20
N GLN B 582 22.24 -4.94 4.67
CA GLN B 582 23.38 -4.43 3.87
C GLN B 582 23.57 -5.28 2.61
N PRO B 583 23.61 -6.64 2.66
CA PRO B 583 23.80 -7.40 1.44
C PRO B 583 22.61 -7.22 0.48
N LEU B 584 21.41 -7.26 1.07
CA LEU B 584 20.13 -7.09 0.34
C LEU B 584 20.20 -5.80 -0.50
N LEU B 585 20.70 -4.70 0.07
CA LEU B 585 20.69 -3.40 -0.65
C LEU B 585 21.62 -3.50 -1.85
N LYS B 586 22.83 -4.04 -1.68
CA LYS B 586 23.77 -4.24 -2.81
C LYS B 586 23.13 -5.15 -3.85
N GLN B 587 22.50 -6.25 -3.44
CA GLN B 587 21.82 -7.19 -4.36
C GLN B 587 20.71 -6.44 -5.10
N LEU B 588 19.92 -5.63 -4.39
CA LEU B 588 18.83 -4.87 -5.08
C LEU B 588 19.41 -3.92 -6.13
N MET B 589 20.52 -3.27 -5.86
CA MET B 589 21.12 -2.34 -6.83
C MET B 589 21.58 -3.09 -8.09
N GLN B 590 21.82 -4.39 -8.02
CA GLN B 590 22.17 -5.18 -9.24
C GLN B 590 20.98 -5.45 -10.17
N THR B 591 19.77 -5.14 -9.77
CA THR B 591 18.59 -5.24 -10.67
C THR B 591 18.52 -4.02 -11.58
N PHE B 592 19.46 -3.07 -11.47
CA PHE B 592 19.52 -1.88 -12.33
C PHE B 592 20.73 -2.01 -13.24
N ASP B 593 20.57 -1.60 -14.50
CA ASP B 593 21.71 -1.38 -15.39
C ASP B 593 21.31 -0.36 -16.44
N ALA B 594 22.22 -0.06 -17.35
CA ALA B 594 22.04 1.02 -18.35
C ALA B 594 21.32 0.51 -19.60
N SER B 595 20.96 -0.75 -19.65
CA SER B 595 20.34 -1.35 -20.86
C SER B 595 18.89 -0.92 -21.05
N PRO B 596 18.28 -1.26 -22.22
CA PRO B 596 16.84 -1.13 -22.40
C PRO B 596 15.95 -1.88 -21.41
N THR B 597 16.48 -2.88 -20.69
CA THR B 597 15.71 -3.60 -19.62
C THR B 597 16.20 -3.19 -18.22
N GLY B 598 16.80 -1.99 -18.12
CA GLY B 598 17.66 -1.58 -17.00
C GLY B 598 16.98 -1.21 -15.69
N TYR B 599 15.67 -1.20 -15.57
CA TYR B 599 15.02 -0.98 -14.26
C TYR B 599 14.17 -2.18 -13.89
N PRO B 600 13.96 -2.42 -12.58
CA PRO B 600 13.08 -3.51 -12.14
C PRO B 600 11.57 -3.27 -12.28
N GLY B 601 11.18 -2.02 -12.52
CA GLY B 601 9.78 -1.66 -12.81
C GLY B 601 9.71 -0.22 -13.24
N ASP B 602 8.55 0.40 -13.09
CA ASP B 602 8.38 1.77 -13.64
C ASP B 602 9.34 2.75 -12.94
N GLU B 603 10.01 3.57 -13.71
CA GLU B 603 10.97 4.53 -13.17
C GLU B 603 10.20 5.71 -12.52
N ASP B 604 9.10 6.13 -13.12
CA ASP B 604 8.18 7.15 -12.54
C ASP B 604 8.94 8.48 -12.27
N ASN B 605 9.36 9.14 -13.35
CA ASN B 605 9.70 10.58 -13.36
C ASN B 605 10.76 10.89 -12.30
N GLY B 606 11.80 10.06 -12.26
CA GLY B 606 12.95 10.33 -11.38
C GLY B 606 12.90 9.52 -10.11
N SER B 607 11.74 8.96 -9.74
CA SER B 607 11.49 8.31 -8.44
C SER B 607 12.46 7.14 -8.25
N MET B 608 12.46 6.23 -9.19
CA MET B 608 13.28 5.00 -9.04
C MET B 608 14.75 5.31 -9.35
N SER B 609 15.06 6.30 -10.18
CA SER B 609 16.44 6.73 -10.48
C SER B 609 17.06 7.29 -9.19
N ALA B 610 16.34 8.15 -8.48
CA ALA B 610 16.87 8.77 -7.25
C ALA B 610 16.95 7.71 -6.16
N TRP B 611 16.11 6.70 -6.15
CA TRP B 611 16.33 5.54 -5.26
C TRP B 611 17.73 4.92 -5.47
N TYR B 612 18.09 4.75 -6.71
CA TYR B 612 19.37 4.12 -7.10
C TYR B 612 20.53 5.08 -6.74
N ILE B 613 20.34 6.38 -6.99
CA ILE B 613 21.43 7.38 -6.68
C ILE B 613 21.68 7.41 -5.16
N PHE B 614 20.65 7.57 -4.33
CA PHE B 614 20.83 7.55 -2.86
C PHE B 614 21.51 6.26 -2.42
N ASN B 615 20.97 5.13 -2.87
CA ASN B 615 21.48 3.83 -2.39
C ASN B 615 22.92 3.65 -2.84
N SER B 616 23.30 4.16 -3.99
CA SER B 616 24.70 4.14 -4.47
C SER B 616 25.61 4.84 -3.43
N LEU B 617 25.17 5.94 -2.88
CA LEU B 617 26.00 6.76 -1.94
C LEU B 617 25.96 6.17 -0.53
N GLY B 618 24.98 5.33 -0.24
CA GLY B 618 24.87 4.57 1.02
C GLY B 618 23.90 5.14 2.04
N PHE B 619 22.97 6.00 1.66
CA PHE B 619 21.96 6.50 2.62
C PHE B 619 20.70 6.94 1.88
N TYR B 620 19.58 6.98 2.59
CA TYR B 620 18.23 7.01 1.96
C TYR B 620 17.24 7.78 2.82
N PRO B 621 16.39 8.64 2.20
CA PRO B 621 15.37 9.36 2.95
C PRO B 621 14.13 8.52 3.21
N VAL B 622 14.13 7.73 4.27
CA VAL B 622 12.94 6.92 4.64
C VAL B 622 11.77 7.85 5.01
N THR B 623 12.05 8.90 5.73
CA THR B 623 11.05 9.85 6.27
C THR B 623 11.36 11.26 5.80
N PRO B 624 10.94 11.62 4.58
CA PRO B 624 10.77 13.04 4.22
C PRO B 624 9.91 13.71 5.31
N GLY B 625 10.40 14.82 5.81
CA GLY B 625 9.77 15.56 6.90
C GLY B 625 10.55 15.42 8.18
N ALA B 626 11.46 14.44 8.30
CA ALA B 626 12.28 14.23 9.52
C ALA B 626 13.64 14.90 9.45
N GLY B 627 14.17 15.20 8.27
CA GLY B 627 15.50 15.76 8.10
C GLY B 627 16.61 14.74 8.39
N GLU B 628 16.42 13.51 7.96
CA GLU B 628 17.42 12.42 8.19
C GLU B 628 17.51 11.53 6.95
N TYR B 629 18.64 10.82 6.83
CA TYR B 629 18.90 9.81 5.77
C TYR B 629 19.36 8.57 6.50
N VAL B 630 18.64 7.48 6.32
CA VAL B 630 18.95 6.19 7.00
C VAL B 630 20.06 5.53 6.19
N ILE B 631 21.05 5.00 6.89
CA ILE B 631 22.27 4.44 6.24
C ILE B 631 21.91 3.04 5.68
N GLY B 632 22.46 2.76 4.50
CA GLY B 632 22.25 1.51 3.79
C GLY B 632 23.58 0.82 3.55
N MET B 633 23.93 0.62 2.30
CA MET B 633 25.20 -0.02 1.89
C MET B 633 25.62 0.65 0.59
N PRO B 634 26.72 1.41 0.56
CA PRO B 634 27.12 2.10 -0.67
C PRO B 634 27.60 1.14 -1.73
N LEU B 635 27.37 1.51 -2.99
CA LEU B 635 27.95 0.82 -4.16
C LEU B 635 29.14 1.58 -4.72
N VAL B 636 29.16 2.91 -4.61
CA VAL B 636 30.36 3.71 -5.03
C VAL B 636 31.58 3.31 -4.20
N GLN B 637 32.76 3.57 -4.78
CA GLN B 637 34.01 3.66 -4.01
C GLN B 637 34.33 5.12 -3.68
N THR B 638 34.07 6.07 -4.60
CA THR B 638 34.27 7.49 -4.31
C THR B 638 33.05 8.27 -4.81
N ALA B 639 32.74 9.35 -4.11
CA ALA B 639 31.76 10.36 -4.59
C ALA B 639 32.21 11.75 -4.11
N GLU B 640 32.21 12.72 -5.01
CA GLU B 640 32.32 14.15 -4.67
C GLU B 640 30.93 14.74 -4.85
N VAL B 641 30.31 15.14 -3.75
CA VAL B 641 28.92 15.64 -3.72
C VAL B 641 29.00 17.16 -3.58
N LYS B 642 28.59 17.91 -4.62
CA LYS B 642 28.59 19.38 -4.54
C LYS B 642 27.26 19.76 -3.93
N LEU B 643 27.27 20.24 -2.70
CA LEU B 643 26.04 20.58 -1.99
C LEU B 643 25.56 21.98 -2.45
N SER B 644 24.25 22.20 -2.41
CA SER B 644 23.65 23.49 -2.84
C SER B 644 24.16 24.64 -1.96
N ASN B 645 24.57 24.39 -0.72
CA ASN B 645 25.07 25.45 0.22
C ASN B 645 26.50 25.81 -0.14
N GLY B 646 27.10 25.26 -1.21
CA GLY B 646 28.47 25.57 -1.63
C GLY B 646 29.52 24.74 -0.88
N LYS B 647 29.13 23.80 -0.03
CA LYS B 647 30.13 22.91 0.60
C LYS B 647 30.24 21.63 -0.23
N GLN B 648 31.15 20.74 0.16
CA GLN B 648 31.39 19.50 -0.60
C GLN B 648 31.39 18.36 0.41
N LEU B 649 30.73 17.25 0.13
CA LEU B 649 30.89 16.00 0.89
C LEU B 649 31.71 15.04 0.05
N THR B 650 32.80 14.52 0.59
CA THR B 650 33.66 13.58 -0.16
C THR B 650 33.45 12.22 0.48
N ILE B 651 32.93 11.26 -0.28
CA ILE B 651 32.67 9.88 0.17
C ILE B 651 33.84 9.03 -0.31
N GLN B 652 34.36 8.18 0.57
CA GLN B 652 35.42 7.23 0.20
C GLN B 652 35.07 5.91 0.90
N THR B 653 35.13 4.80 0.18
CA THR B 653 34.96 3.47 0.80
C THR B 653 36.29 2.72 0.75
N SER B 654 36.48 1.78 1.64
CA SER B 654 37.53 0.75 1.45
C SER B 654 37.14 0.00 0.16
N PRO B 655 38.02 -0.85 -0.40
CA PRO B 655 37.70 -1.53 -1.66
C PRO B 655 36.32 -2.15 -1.62
N ASN B 656 35.50 -1.83 -2.62
CA ASN B 656 34.06 -2.16 -2.61
C ASN B 656 33.75 -3.11 -3.77
N LYS B 657 34.19 -4.35 -3.61
CA LYS B 657 34.05 -5.39 -4.64
C LYS B 657 32.79 -6.17 -4.29
N VAL B 658 32.47 -7.18 -5.07
CA VAL B 658 31.22 -7.94 -4.88
C VAL B 658 31.17 -8.56 -3.48
N GLN B 659 32.30 -9.03 -2.95
CA GLN B 659 32.28 -9.72 -1.65
C GLN B 659 32.10 -8.73 -0.49
N GLN B 660 32.23 -7.42 -0.69
CA GLN B 660 31.96 -6.45 0.37
C GLN B 660 30.43 -6.24 0.44
N GLN B 661 29.80 -6.82 1.45
CA GLN B 661 28.33 -6.77 1.58
C GLN B 661 27.87 -6.13 2.87
N PHE B 662 28.79 -5.61 3.67
CA PHE B 662 28.48 -5.06 5.01
C PHE B 662 29.30 -3.79 5.19
N ILE B 663 28.81 -2.98 6.12
CA ILE B 663 29.57 -1.85 6.67
C ILE B 663 30.27 -2.30 7.95
N HIS B 664 31.59 -2.16 7.98
CA HIS B 664 32.43 -2.41 9.20
C HIS B 664 32.39 -1.19 10.13
N GLU B 665 32.71 -0.03 9.62
CA GLU B 665 32.73 1.22 10.41
C GLU B 665 32.64 2.45 9.51
N ILE B 666 32.01 3.48 10.03
CA ILE B 666 31.89 4.79 9.35
C ILE B 666 32.60 5.85 10.21
N GLN B 667 33.33 6.71 9.55
CA GLN B 667 33.83 7.97 10.15
C GLN B 667 33.29 9.14 9.35
N LEU B 668 32.71 10.10 10.05
CA LEU B 668 32.30 11.38 9.47
C LEU B 668 33.27 12.44 9.99
N ASN B 669 34.03 13.05 9.12
CA ASN B 669 35.14 13.99 9.50
C ASN B 669 36.02 13.35 10.59
N GLN B 670 36.44 12.12 10.34
CA GLN B 670 37.46 11.35 11.12
C GLN B 670 36.95 11.09 12.53
N GLU B 671 35.65 11.14 12.79
CA GLU B 671 35.02 10.72 14.07
C GLU B 671 34.11 9.54 13.78
N LYS B 672 34.20 8.50 14.61
CA LYS B 672 33.38 7.27 14.51
C LYS B 672 31.91 7.67 14.59
N HIS B 673 31.11 7.12 13.70
CA HIS B 673 29.66 7.41 13.57
C HIS B 673 28.91 6.09 13.78
N THR B 674 28.20 5.95 14.88
CA THR B 674 27.55 4.68 15.22
C THR B 674 26.06 4.73 14.89
N ALA B 675 25.43 5.90 14.76
CA ALA B 675 23.97 5.99 14.56
C ALA B 675 23.63 5.40 13.18
N PRO B 676 22.46 4.77 13.04
CA PRO B 676 22.05 4.18 11.76
C PRO B 676 21.48 5.18 10.76
N TYR B 677 21.73 6.46 11.00
CA TYR B 677 21.22 7.57 10.14
C TYR B 677 22.20 8.72 10.21
N PHE B 678 22.08 9.60 9.23
CA PHE B 678 22.73 10.92 9.24
C PHE B 678 21.62 11.95 9.33
N THR B 679 21.91 13.07 10.00
CA THR B 679 21.00 14.25 9.92
C THR B 679 21.27 14.93 8.59
N HIS B 680 20.26 15.57 8.03
CA HIS B 680 20.49 16.50 6.90
C HIS B 680 21.57 17.52 7.23
N GLN B 681 21.55 18.10 8.43
CA GLN B 681 22.56 19.14 8.81
C GLN B 681 23.97 18.55 8.75
N GLU B 682 24.19 17.33 9.23
CA GLU B 682 25.52 16.64 9.14
C GLU B 682 26.01 16.57 7.70
N LEU B 683 25.15 16.17 6.79
CA LEU B 683 25.60 16.04 5.40
C LEU B 683 25.88 17.44 4.82
N LEU B 684 25.05 18.41 5.15
CA LEU B 684 25.25 19.79 4.63
C LEU B 684 26.50 20.45 5.20
N ASN B 685 26.96 20.09 6.40
CA ASN B 685 28.29 20.54 6.89
C ASN B 685 29.40 20.09 5.93
N GLY B 686 29.19 19.03 5.13
CA GLY B 686 30.25 18.56 4.21
C GLY B 686 31.44 17.97 4.93
N GLY B 687 32.57 17.87 4.22
CA GLY B 687 33.80 17.22 4.72
C GLY B 687 33.90 15.80 4.18
N THR B 688 34.23 14.83 5.04
CA THR B 688 34.63 13.47 4.62
C THR B 688 33.68 12.46 5.23
N LEU B 689 33.18 11.56 4.40
CA LEU B 689 32.38 10.39 4.83
C LEU B 689 33.14 9.15 4.37
N ASP B 690 33.72 8.42 5.32
CA ASP B 690 34.57 7.24 5.08
C ASP B 690 33.81 6.00 5.53
N TYR B 691 33.59 5.08 4.60
CA TYR B 691 33.00 3.77 4.92
C TYR B 691 34.07 2.69 4.86
N GLN B 692 34.35 2.03 5.97
CA GLN B 692 35.16 0.79 5.95
C GLN B 692 34.15 -0.35 5.77
N LEU B 693 34.30 -1.17 4.74
CA LEU B 693 33.31 -2.22 4.39
C LEU B 693 33.85 -3.59 4.84
N GLY B 694 32.93 -4.54 4.96
CA GLY B 694 33.24 -5.90 5.45
C GLY B 694 32.67 -6.98 4.57
N ILE B 695 33.28 -8.16 4.70
CA ILE B 695 32.80 -9.41 4.06
C ILE B 695 31.91 -10.15 5.05
N VAL B 696 32.01 -9.79 6.34
CA VAL B 696 31.09 -10.27 7.40
C VAL B 696 30.55 -9.02 8.11
N PRO B 697 29.44 -9.16 8.84
CA PRO B 697 28.83 -8.01 9.52
C PRO B 697 29.66 -7.59 10.72
N ASN B 698 29.43 -6.35 11.13
CA ASN B 698 30.05 -5.83 12.37
C ASN B 698 28.92 -5.22 13.19
N PRO B 699 28.12 -6.03 13.90
CA PRO B 699 26.93 -5.49 14.58
C PRO B 699 27.29 -4.34 15.53
N GLN B 700 26.59 -3.21 15.46
CA GLN B 700 26.73 -2.12 16.47
C GLN B 700 25.74 -2.42 17.61
N THR B 701 26.06 -2.02 18.82
CA THR B 701 25.21 -2.38 19.98
C THR B 701 24.36 -1.17 20.35
N THR B 702 24.53 -0.06 19.64
CA THR B 702 23.94 1.27 19.95
C THR B 702 22.41 1.19 20.03
N ALA B 703 21.82 1.98 20.91
CA ALA B 703 20.34 2.02 21.02
C ALA B 703 19.82 3.12 20.07
N GLU B 704 20.71 3.83 19.38
CA GLU B 704 20.34 4.93 18.44
C GLU B 704 19.43 4.36 17.33
N ARG B 705 18.39 5.12 16.96
CA ARG B 705 17.35 4.70 16.00
C ARG B 705 17.03 5.92 15.17
N PRO B 706 16.64 5.76 13.88
CA PRO B 706 16.21 6.94 13.12
C PRO B 706 14.89 7.46 13.71
N PHE B 707 14.47 8.62 13.24
CA PHE B 707 13.27 9.35 13.72
C PHE B 707 12.02 8.49 13.78
N SER B 708 11.34 8.55 14.91
CA SER B 708 9.94 8.09 15.07
C SER B 708 9.21 9.12 15.95
N LEU B 709 7.97 9.43 15.63
CA LEU B 709 7.16 10.42 16.40
C LEU B 709 7.17 10.03 17.86
N SER B 710 6.92 8.76 18.11
CA SER B 710 6.55 8.24 19.45
C SER B 710 7.79 8.23 20.33
N THR B 711 9.00 8.48 19.83
CA THR B 711 10.23 8.47 20.66
C THR B 711 11.00 9.80 20.60
N GLU B 712 10.49 10.85 19.94
CA GLU B 712 11.26 12.10 19.73
C GLU B 712 11.43 12.86 21.06
N MET C 1 41.01 8.48 -30.34
CA MET C 1 41.11 7.88 -29.01
C MET C 1 42.09 8.76 -28.23
N ASN C 2 41.75 9.08 -26.99
CA ASN C 2 42.63 9.82 -26.05
C ASN C 2 43.81 8.89 -25.72
N ILE C 3 45.03 9.43 -25.69
CA ILE C 3 46.25 8.65 -25.39
C ILE C 3 46.07 7.95 -24.05
N GLN C 4 45.34 8.52 -23.10
CA GLN C 4 45.24 7.97 -21.73
C GLN C 4 44.47 6.63 -21.70
N ALA C 5 43.72 6.32 -22.76
CA ALA C 5 42.93 5.07 -22.89
C ALA C 5 43.77 4.00 -23.58
N ILE C 6 44.93 4.33 -24.13
CA ILE C 6 45.84 3.30 -24.71
C ILE C 6 46.40 2.47 -23.55
N ASP C 7 46.33 1.14 -23.68
CA ASP C 7 46.96 0.19 -22.72
C ASP C 7 48.24 -0.34 -23.32
N THR C 8 49.36 0.05 -22.72
CA THR C 8 50.71 -0.30 -23.21
C THR C 8 51.02 -1.81 -23.03
N ARG C 9 50.11 -2.62 -22.47
CA ARG C 9 50.30 -4.09 -22.46
C ARG C 9 49.87 -4.72 -23.80
N HIS C 10 49.37 -3.89 -24.74
CA HIS C 10 49.18 -4.27 -26.15
C HIS C 10 50.46 -4.95 -26.68
N GLY C 11 50.35 -6.19 -27.18
CA GLY C 11 51.48 -6.84 -27.85
C GLY C 11 52.60 -7.31 -26.91
N THR C 12 52.32 -7.36 -25.61
CA THR C 12 53.34 -7.71 -24.58
C THR C 12 53.33 -9.18 -24.19
N ALA C 13 52.35 -9.99 -24.63
CA ALA C 13 52.33 -11.41 -24.22
C ALA C 13 53.26 -12.20 -25.12
N ASN C 14 54.50 -12.31 -24.73
CA ASN C 14 55.58 -12.90 -25.55
C ASN C 14 56.46 -13.81 -24.73
N GLN C 15 57.21 -14.64 -25.43
CA GLN C 15 58.35 -15.43 -24.91
C GLN C 15 59.26 -15.71 -26.08
N HIS C 16 60.41 -16.26 -25.78
CA HIS C 16 61.41 -16.62 -26.81
C HIS C 16 60.77 -17.48 -27.89
N SER C 17 59.90 -18.43 -27.53
CA SER C 17 59.35 -19.41 -28.50
C SER C 17 58.21 -18.82 -29.34
N PHE C 18 57.61 -17.69 -28.94
CA PHE C 18 56.42 -17.22 -29.69
C PHE C 18 56.15 -15.75 -29.40
N SER C 19 56.04 -14.98 -30.47
CA SER C 19 55.77 -13.53 -30.42
C SER C 19 54.33 -13.17 -30.80
N ASN C 20 53.75 -12.28 -30.00
CA ASN C 20 52.54 -11.55 -30.39
C ASN C 20 52.85 -10.06 -30.55
N GLY C 21 54.11 -9.74 -30.87
CA GLY C 21 54.55 -8.35 -31.09
C GLY C 21 55.95 -8.15 -30.53
N ASN C 22 56.30 -8.85 -29.43
CA ASN C 22 57.58 -8.59 -28.73
C ASN C 22 57.71 -7.09 -28.43
N CYS C 23 56.61 -6.52 -27.95
CA CYS C 23 56.52 -5.13 -27.48
C CYS C 23 56.78 -5.15 -25.98
N LEU C 24 57.30 -4.05 -25.45
CA LEU C 24 57.30 -3.74 -24.01
C LEU C 24 56.21 -2.73 -23.75
N PRO C 25 55.77 -2.60 -22.50
CA PRO C 25 54.83 -1.57 -22.09
C PRO C 25 55.55 -0.22 -21.92
N TYR C 26 55.91 0.35 -23.05
CA TYR C 26 56.72 1.59 -23.07
C TYR C 26 55.86 2.79 -22.67
N THR C 27 56.22 3.41 -21.57
CA THR C 27 55.70 4.75 -21.16
C THR C 27 56.77 5.78 -21.61
N GLY C 28 56.36 6.84 -22.29
CA GLY C 28 57.32 7.86 -22.72
C GLY C 28 56.57 8.90 -23.53
N VAL C 29 57.28 9.93 -23.88
CA VAL C 29 56.79 10.87 -24.90
C VAL C 29 57.18 10.32 -26.25
N PRO C 30 56.60 10.85 -27.34
CA PRO C 30 56.98 10.41 -28.68
C PRO C 30 58.48 10.55 -28.88
N PHE C 31 59.12 9.47 -29.40
CA PHE C 31 60.56 9.48 -29.71
C PHE C 31 61.38 9.81 -28.46
N GLY C 32 60.85 9.52 -27.27
CA GLY C 32 61.54 9.80 -26.00
C GLY C 32 62.95 9.23 -25.97
N MET C 33 63.85 9.89 -25.23
CA MET C 33 65.25 9.43 -25.22
C MET C 33 65.32 8.21 -24.32
N ASN C 34 64.46 8.17 -23.30
CA ASN C 34 64.32 6.95 -22.51
C ASN C 34 62.85 6.53 -22.53
N PHE C 35 62.58 5.24 -22.41
CA PHE C 35 61.24 4.78 -22.04
C PHE C 35 61.27 4.18 -20.64
N TYR C 36 60.08 3.97 -20.07
CA TYR C 36 59.88 3.54 -18.68
C TYR C 36 58.84 2.43 -18.69
N ALA C 37 59.12 1.33 -18.02
CA ALA C 37 58.21 0.17 -18.02
C ALA C 37 58.37 -0.53 -16.69
N PRO C 38 57.29 -1.10 -16.13
CA PRO C 38 57.46 -1.98 -14.98
C PRO C 38 58.23 -3.23 -15.41
N GLN C 39 59.09 -3.69 -14.52
CA GLN C 39 59.80 -4.98 -14.66
C GLN C 39 59.15 -5.97 -13.72
N THR C 40 58.71 -7.12 -14.25
CA THR C 40 58.04 -8.16 -13.45
C THR C 40 59.01 -9.31 -13.12
N THR C 41 60.08 -9.50 -13.87
CA THR C 41 61.02 -10.60 -13.60
C THR C 41 62.42 -10.31 -14.15
N ASP C 42 63.44 -10.80 -13.43
CA ASP C 42 64.87 -10.74 -13.84
C ASP C 42 65.34 -12.16 -14.20
N GLN C 43 64.42 -13.11 -14.38
CA GLN C 43 64.77 -14.55 -14.59
C GLN C 43 64.52 -14.95 -16.05
N LYS C 44 64.07 -14.05 -16.93
CA LYS C 44 63.68 -14.42 -18.31
C LYS C 44 64.46 -13.58 -19.34
N GLY C 45 65.64 -13.11 -18.97
CA GLY C 45 66.50 -12.34 -19.87
C GLY C 45 65.80 -11.10 -20.41
N SER C 46 65.79 -10.93 -21.73
CA SER C 46 65.14 -9.79 -22.39
C SER C 46 63.63 -9.72 -22.10
N TRP C 47 62.98 -10.83 -21.71
CA TRP C 47 61.50 -10.87 -21.50
C TRP C 47 61.25 -10.51 -20.03
N TRP C 48 61.59 -9.29 -19.63
CA TRP C 48 61.56 -8.84 -18.22
C TRP C 48 60.23 -8.23 -17.81
N PHE C 49 59.28 -8.16 -18.75
CA PHE C 49 57.87 -7.85 -18.43
C PHE C 49 56.97 -8.88 -19.09
N HIS C 50 56.00 -9.37 -18.34
CA HIS C 50 54.89 -10.18 -18.91
CA HIS C 50 54.91 -10.22 -18.89
C HIS C 50 53.60 -9.74 -18.28
N PRO C 51 52.54 -9.57 -19.10
CA PRO C 51 51.28 -9.04 -18.57
C PRO C 51 50.56 -10.02 -17.64
N GLU C 52 50.92 -11.29 -17.64
CA GLU C 52 50.30 -12.30 -16.73
C GLU C 52 51.01 -12.31 -15.38
N ASP C 53 52.17 -11.69 -15.28
CA ASP C 53 52.92 -11.66 -14.02
C ASP C 53 52.24 -10.76 -13.00
N ARG C 54 52.37 -11.15 -11.74
CA ARG C 54 51.79 -10.43 -10.60
C ARG C 54 52.90 -9.95 -9.66
N THR C 55 54.12 -9.90 -10.15
CA THR C 55 55.31 -9.46 -9.39
C THR C 55 55.83 -8.15 -9.98
N PHE C 56 56.25 -7.25 -9.09
CA PHE C 56 56.76 -5.92 -9.46
C PHE C 56 58.14 -5.78 -8.85
N GLN C 57 59.15 -5.67 -9.71
CA GLN C 57 60.56 -5.51 -9.24
C GLN C 57 61.01 -4.05 -9.26
N GLY C 58 60.35 -3.18 -10.03
CA GLY C 58 60.76 -1.77 -10.12
C GLY C 58 60.33 -1.14 -11.41
N TYR C 59 60.45 0.18 -11.46
CA TYR C 59 60.35 0.93 -12.73
C TYR C 59 61.68 0.81 -13.44
N ARG C 60 61.68 0.27 -14.65
CA ARG C 60 62.89 0.15 -15.46
C ARG C 60 62.95 1.34 -16.42
N VAL C 61 64.07 2.05 -16.36
CA VAL C 61 64.47 3.04 -17.37
C VAL C 61 65.13 2.24 -18.48
N THR C 62 64.57 2.21 -19.68
CA THR C 62 64.99 1.27 -20.73
C THR C 62 65.26 1.99 -22.05
N HIS C 63 66.11 1.37 -22.85
CA HIS C 63 66.41 1.66 -24.28
C HIS C 63 66.35 0.37 -25.07
N GLN C 64 65.58 -0.62 -24.59
CA GLN C 64 65.49 -1.93 -25.26
C GLN C 64 64.52 -1.82 -26.45
N PRO C 65 64.97 -2.00 -27.70
CA PRO C 65 64.06 -1.87 -28.84
C PRO C 65 63.38 -3.18 -29.21
N SER C 66 63.96 -4.29 -28.74
CA SER C 66 63.54 -5.68 -29.06
C SER C 66 64.29 -6.62 -28.15
N PRO C 67 63.77 -7.84 -27.94
CA PRO C 67 64.43 -8.77 -27.04
C PRO C 67 65.69 -9.34 -27.71
N TRP C 68 65.82 -9.18 -29.01
CA TRP C 68 66.92 -9.75 -29.83
C TRP C 68 68.12 -8.80 -29.66
N MET C 69 67.86 -7.50 -29.65
CA MET C 69 68.96 -6.49 -29.49
C MET C 69 69.32 -6.34 -28.01
N GLY C 70 68.41 -6.62 -27.08
CA GLY C 70 68.64 -6.37 -25.66
C GLY C 70 68.64 -4.89 -25.32
N ASP C 71 68.97 -4.58 -24.09
CA ASP C 71 68.86 -3.21 -23.55
C ASP C 71 70.24 -2.53 -23.63
N PHE C 72 70.23 -1.23 -23.42
CA PHE C 72 71.45 -0.46 -23.07
C PHE C 72 71.07 0.63 -22.11
N SER C 73 72.04 0.98 -21.26
CA SER C 73 71.89 2.13 -20.34
C SER C 73 70.57 2.04 -19.57
N HIS C 74 70.34 0.91 -18.89
CA HIS C 74 69.13 0.71 -18.08
C HIS C 74 69.45 0.76 -16.59
N LEU C 75 68.42 1.05 -15.79
CA LEU C 75 68.49 1.00 -14.32
C LEU C 75 67.06 0.92 -13.82
N LEU C 76 66.90 0.65 -12.55
CA LEU C 76 65.56 0.54 -11.95
C LEU C 76 65.46 1.41 -10.72
N MET C 77 64.26 1.90 -10.50
CA MET C 77 63.81 2.59 -9.29
C MET C 77 62.68 1.79 -8.65
N THR C 78 62.84 1.37 -7.41
CA THR C 78 61.83 0.54 -6.70
C THR C 78 61.48 1.18 -5.38
N PRO C 79 60.24 1.68 -5.20
CA PRO C 79 59.80 2.12 -3.89
C PRO C 79 59.83 0.95 -2.90
N VAL C 80 60.29 1.24 -1.69
CA VAL C 80 60.41 0.26 -0.56
C VAL C 80 59.98 0.93 0.73
N SER C 81 59.30 0.22 1.61
CA SER C 81 59.12 0.65 3.02
C SER C 81 59.66 -0.42 3.94
N GLY C 82 60.17 -0.04 5.11
CA GLY C 82 60.70 -0.99 6.12
C GLY C 82 62.12 -1.40 5.76
N SER C 83 62.73 -2.31 6.50
CA SER C 83 64.13 -2.71 6.21
C SER C 83 64.18 -3.86 5.19
N LEU C 84 65.29 -3.99 4.50
CA LEU C 84 65.55 -5.18 3.69
C LEU C 84 66.82 -5.85 4.19
N SER C 85 66.77 -7.14 4.49
CA SER C 85 67.97 -8.00 4.75
C SER C 85 68.91 -7.84 3.54
N GLU C 86 68.37 -7.97 2.32
CA GLU C 86 69.16 -8.03 1.08
C GLU C 86 68.49 -7.15 0.01
N LEU C 87 69.26 -6.55 -0.89
CA LEU C 87 68.71 -5.50 -1.80
C LEU C 87 68.57 -6.01 -3.24
N SER C 88 68.70 -7.31 -3.49
CA SER C 88 68.45 -7.88 -4.84
C SER C 88 66.99 -7.60 -5.27
N LEU C 89 66.76 -7.54 -6.55
CA LEU C 89 65.40 -7.32 -7.09
C LEU C 89 64.45 -8.40 -6.57
N PHE C 90 64.89 -9.64 -6.45
CA PHE C 90 64.02 -10.69 -5.86
C PHE C 90 63.69 -10.36 -4.41
N HIS C 91 64.68 -9.93 -3.59
CA HIS C 91 64.45 -9.72 -2.15
C HIS C 91 63.56 -8.49 -1.94
N ALA C 92 63.54 -7.55 -2.90
CA ALA C 92 62.75 -6.32 -2.76
C ALA C 92 61.39 -6.45 -3.50
N GLN C 93 61.17 -7.53 -4.26
CA GLN C 93 59.97 -7.60 -5.12
C GLN C 93 58.71 -7.70 -4.26
N SER C 94 57.64 -7.10 -4.78
CA SER C 94 56.29 -7.07 -4.19
C SER C 94 55.34 -7.62 -5.25
N SER C 95 54.30 -8.28 -4.81
CA SER C 95 53.19 -8.54 -5.74
C SER C 95 52.40 -7.22 -5.95
N TYR C 96 51.63 -7.20 -7.02
CA TYR C 96 50.72 -6.11 -7.39
C TYR C 96 49.57 -6.71 -8.18
N ARG C 97 48.51 -5.93 -8.29
CA ARG C 97 47.29 -6.36 -9.01
C ARG C 97 47.30 -5.66 -10.36
N PRO C 98 47.60 -6.36 -11.45
CA PRO C 98 47.58 -5.73 -12.78
C PRO C 98 46.24 -5.08 -13.12
N GLU C 99 45.13 -5.69 -12.69
CA GLU C 99 43.79 -5.17 -13.06
C GLU C 99 43.47 -3.89 -12.29
N GLU C 100 44.25 -3.47 -11.28
CA GLU C 100 44.01 -2.20 -10.53
C GLU C 100 45.09 -1.17 -10.89
N SER C 101 45.88 -1.46 -11.91
CA SER C 101 47.08 -0.70 -12.33
C SER C 101 46.79 0.07 -13.62
N LEU C 102 47.51 1.16 -13.83
CA LEU C 102 47.40 1.93 -15.09
C LEU C 102 48.70 1.70 -15.87
N PHE C 103 48.53 1.26 -17.10
CA PHE C 103 49.63 1.09 -18.08
C PHE C 103 49.31 1.93 -19.31
N SER C 104 49.75 3.18 -19.35
CA SER C 104 49.39 4.06 -20.47
C SER C 104 50.64 4.75 -20.97
N PRO C 105 50.63 5.31 -22.18
CA PRO C 105 51.84 5.93 -22.74
C PRO C 105 52.36 7.07 -21.86
N VAL C 106 51.47 7.76 -21.16
CA VAL C 106 51.88 8.99 -20.43
C VAL C 106 51.92 8.75 -18.93
N GLU C 107 51.58 7.54 -18.43
CA GLU C 107 51.46 7.33 -16.98
C GLU C 107 51.44 5.83 -16.64
N ILE C 108 52.31 5.44 -15.72
CA ILE C 108 52.22 4.17 -14.97
C ILE C 108 51.77 4.48 -13.54
N ASN C 109 50.76 3.76 -13.08
CA ASN C 109 50.30 3.88 -11.69
C ASN C 109 50.06 2.48 -11.15
N LEU C 110 50.61 2.14 -9.99
CA LEU C 110 50.39 0.80 -9.41
C LEU C 110 50.68 0.82 -7.92
N THR C 111 50.13 -0.17 -7.23
CA THR C 111 50.26 -0.37 -5.80
C THR C 111 51.11 -1.64 -5.56
N GLN C 112 52.16 -1.48 -4.77
CA GLN C 112 52.97 -2.61 -4.26
C GLN C 112 52.31 -3.13 -2.99
N LEU C 113 51.77 -4.35 -3.05
CA LEU C 113 50.95 -4.91 -1.97
C LEU C 113 51.80 -5.24 -0.73
N ARG C 114 53.04 -5.57 -0.92
CA ARG C 114 53.95 -5.91 0.19
C ARG C 114 54.16 -4.66 1.08
N TYR C 115 54.20 -3.47 0.48
CA TYR C 115 54.70 -2.22 1.14
C TYR C 115 53.57 -1.24 1.44
N GLN C 116 52.35 -1.41 0.89
CA GLN C 116 51.29 -0.39 0.88
C GLN C 116 51.87 0.92 0.31
N ILE C 117 52.48 0.83 -0.86
CA ILE C 117 52.93 2.02 -1.63
C ILE C 117 52.15 2.10 -2.93
N THR C 118 51.58 3.25 -3.21
CA THR C 118 51.03 3.51 -4.55
C THR C 118 51.92 4.56 -5.23
N SER C 119 52.35 4.33 -6.46
CA SER C 119 53.31 5.22 -7.11
C SER C 119 52.89 5.49 -8.55
N GLN C 120 53.37 6.60 -9.09
CA GLN C 120 52.95 7.15 -10.39
C GLN C 120 54.22 7.62 -11.10
N LEU C 121 54.43 7.16 -12.31
CA LEU C 121 55.55 7.62 -13.13
C LEU C 121 55.00 8.33 -14.36
N ILE C 122 55.40 9.59 -14.52
CA ILE C 122 55.04 10.43 -15.70
C ILE C 122 56.32 10.72 -16.47
N PRO C 123 56.40 10.46 -17.77
CA PRO C 123 57.62 10.71 -18.51
C PRO C 123 57.72 12.10 -19.15
N SER C 124 58.97 12.51 -19.44
CA SER C 124 59.30 13.63 -20.36
C SER C 124 60.31 13.09 -21.38
N MET C 125 60.77 13.96 -22.27
CA MET C 125 61.81 13.62 -23.26
C MET C 125 63.05 13.06 -22.56
N TYR C 126 63.57 13.75 -21.55
CA TYR C 126 64.89 13.41 -20.98
C TYR C 126 64.73 12.88 -19.57
N GLY C 127 63.52 12.91 -19.00
CA GLY C 127 63.35 12.50 -17.61
C GLY C 127 61.93 12.13 -17.30
N GLY C 128 61.45 12.59 -16.15
CA GLY C 128 60.10 12.25 -15.70
C GLY C 128 59.94 12.58 -14.26
N ILE C 129 58.77 12.30 -13.72
CA ILE C 129 58.49 12.54 -12.29
C ILE C 129 57.91 11.24 -11.74
N LEU C 130 58.45 10.80 -10.62
CA LEU C 130 57.95 9.62 -9.90
C LEU C 130 57.38 10.09 -8.57
N THR C 131 56.07 9.95 -8.39
CA THR C 131 55.40 10.34 -7.12
C THR C 131 55.12 9.06 -6.35
N ILE C 132 55.46 9.04 -5.08
CA ILE C 132 55.40 7.83 -4.22
C ILE C 132 54.58 8.13 -2.98
N ASP C 133 53.46 7.43 -2.82
CA ASP C 133 52.55 7.59 -1.66
C ASP C 133 52.78 6.40 -0.74
N TYR C 134 53.25 6.64 0.48
CA TYR C 134 53.62 5.60 1.44
C TYR C 134 52.57 5.55 2.55
N GLN C 135 52.10 4.37 2.92
CA GLN C 135 51.26 4.23 4.14
C GLN C 135 52.12 3.95 5.36
N GLN C 136 53.26 3.31 5.21
CA GLN C 136 54.16 2.92 6.35
C GLN C 136 55.08 4.10 6.70
N LYS C 137 56.01 3.92 7.65
CA LYS C 137 56.67 5.06 8.38
C LYS C 137 58.19 5.10 8.23
N ASP C 138 58.77 4.18 7.44
CA ASP C 138 60.25 4.10 7.21
C ASP C 138 60.46 3.92 5.71
N ASN C 139 60.53 5.01 4.97
CA ASN C 139 60.23 5.00 3.52
C ASN C 139 61.50 5.22 2.72
N HIS C 140 61.58 4.54 1.59
CA HIS C 140 62.82 4.39 0.81
C HIS C 140 62.58 4.43 -0.69
N LEU C 141 63.68 4.55 -1.42
CA LEU C 141 63.73 4.25 -2.86
C LEU C 141 64.99 3.44 -3.15
N LEU C 142 64.82 2.26 -3.71
CA LEU C 142 65.95 1.39 -4.12
C LEU C 142 66.35 1.67 -5.55
N LEU C 143 67.59 2.10 -5.76
CA LEU C 143 68.20 2.21 -7.10
C LEU C 143 68.99 0.95 -7.40
N THR C 144 68.66 0.32 -8.50
CA THR C 144 69.40 -0.86 -9.02
C THR C 144 70.19 -0.34 -10.20
N LEU C 145 71.51 -0.48 -10.10
CA LEU C 145 72.50 0.16 -11.01
C LEU C 145 73.33 -0.92 -11.68
N PRO C 146 72.82 -1.46 -12.79
CA PRO C 146 73.47 -2.61 -13.39
C PRO C 146 74.77 -2.27 -14.10
N GLY C 147 75.66 -3.27 -14.16
CA GLY C 147 76.98 -3.09 -14.80
C GLY C 147 77.88 -2.23 -13.94
N ARG C 148 78.83 -1.53 -14.55
CA ARG C 148 79.74 -0.66 -13.77
C ARG C 148 79.01 0.64 -13.44
N TYR C 149 79.01 1.01 -12.19
CA TYR C 149 78.22 2.14 -11.68
C TYR C 149 79.10 3.04 -10.81
N GLN C 150 78.64 4.28 -10.69
CA GLN C 150 79.01 5.24 -9.64
C GLN C 150 77.71 5.87 -9.13
N VAL C 151 77.66 6.16 -7.86
CA VAL C 151 76.52 6.85 -7.24
C VAL C 151 77.08 7.83 -6.23
N LYS C 152 76.49 9.00 -6.20
CA LYS C 152 76.96 10.05 -5.26
C LYS C 152 75.78 10.91 -4.86
N GLN C 153 75.64 11.11 -3.57
CA GLN C 153 74.70 12.11 -3.04
C GLN C 153 75.32 13.49 -3.29
N LEU C 154 74.63 14.35 -4.03
CA LEU C 154 75.12 15.71 -4.34
C LEU C 154 74.69 16.70 -3.26
N ASP C 155 73.57 16.49 -2.59
CA ASP C 155 73.10 17.34 -1.48
C ASP C 155 71.92 16.60 -0.87
N ASP C 156 71.26 17.19 0.11
CA ASP C 156 70.13 16.59 0.83
C ASP C 156 68.97 16.26 -0.12
N HIS C 157 68.89 16.86 -1.29
CA HIS C 157 67.73 16.69 -2.20
C HIS C 157 68.17 16.10 -3.53
N GLN C 158 69.41 15.59 -3.66
CA GLN C 158 69.90 15.28 -5.02
C GLN C 158 70.87 14.08 -5.01
N VAL C 159 70.64 13.12 -5.90
CA VAL C 159 71.54 11.96 -6.11
C VAL C 159 71.91 11.91 -7.58
N ALA C 160 73.16 11.64 -7.90
CA ALA C 160 73.64 11.41 -9.27
C ALA C 160 74.15 9.98 -9.36
N VAL C 161 73.82 9.36 -10.47
CA VAL C 161 74.23 8.01 -10.86
C VAL C 161 74.89 8.05 -12.23
N LYS C 162 75.86 7.17 -12.44
CA LYS C 162 76.41 6.84 -13.78
C LYS C 162 76.36 5.32 -13.92
N VAL C 163 75.83 4.84 -15.02
CA VAL C 163 75.90 3.38 -15.27
C VAL C 163 76.47 3.14 -16.65
N ILE C 164 77.26 2.07 -16.72
CA ILE C 164 77.77 1.51 -17.97
C ILE C 164 77.19 0.11 -18.11
N ASN C 165 76.23 -0.04 -19.02
CA ASN C 165 75.65 -1.36 -19.32
C ASN C 165 75.12 -1.27 -20.72
N TYR C 166 75.28 -2.32 -21.46
CA TYR C 166 74.84 -2.40 -22.86
C TYR C 166 74.85 -3.86 -23.34
N SER C 167 74.17 -4.11 -24.45
CA SER C 167 74.15 -5.44 -25.10
C SER C 167 75.23 -5.48 -26.17
N GLY C 168 75.46 -4.36 -26.86
CA GLY C 168 76.56 -4.20 -27.81
C GLY C 168 76.88 -2.73 -27.92
N CYS C 169 78.16 -2.36 -28.01
CA CYS C 169 78.51 -0.93 -28.12
C CYS C 169 79.94 -0.85 -28.59
N GLU C 170 80.24 0.14 -29.44
CA GLU C 170 81.64 0.44 -29.87
C GLU C 170 82.45 1.00 -28.70
N ASP C 171 81.82 1.61 -27.71
CA ASP C 171 82.47 2.28 -26.58
C ASP C 171 82.40 1.34 -25.40
N PRO C 172 83.50 0.68 -24.98
CA PRO C 172 83.36 -0.29 -23.90
C PRO C 172 82.98 0.34 -22.57
N ASP C 173 83.14 1.66 -22.43
CA ASP C 173 82.79 2.41 -21.18
C ASP C 173 81.57 3.30 -21.40
N PHE C 174 80.71 2.91 -22.35
CA PHE C 174 79.50 3.69 -22.73
C PHE C 174 78.67 4.06 -21.50
N SER C 175 78.56 5.36 -21.20
CA SER C 175 78.05 5.87 -19.93
C SER C 175 76.70 6.58 -20.11
N PHE C 176 75.84 6.38 -19.15
CA PHE C 176 74.51 7.00 -19.01
C PHE C 176 74.51 7.65 -17.63
N TYR C 177 74.13 8.93 -17.61
CA TYR C 177 74.06 9.75 -16.38
C TYR C 177 72.59 9.93 -16.04
N PHE C 178 72.26 9.75 -14.80
CA PHE C 178 70.89 9.86 -14.30
C PHE C 178 70.93 10.60 -12.97
N VAL C 179 70.13 11.65 -12.88
CA VAL C 179 70.07 12.51 -11.67
CA VAL C 179 70.07 12.52 -11.68
C VAL C 179 68.64 12.55 -11.14
N LEU C 180 68.54 12.51 -9.85
CA LEU C 180 67.25 12.50 -9.11
C LEU C 180 67.23 13.66 -8.14
N HIS C 181 66.21 14.49 -8.25
CA HIS C 181 65.83 15.50 -7.23
C HIS C 181 64.65 15.02 -6.42
N PHE C 182 64.75 15.15 -5.11
CA PHE C 182 63.75 14.72 -4.11
C PHE C 182 63.15 15.96 -3.47
N GLU C 183 61.82 16.06 -3.45
CA GLU C 183 61.09 17.15 -2.78
C GLU C 183 61.35 17.03 -1.28
N GLN C 184 61.20 15.83 -0.73
CA GLN C 184 61.49 15.55 0.71
C GLN C 184 62.94 15.09 0.80
N PRO C 185 63.73 15.63 1.75
CA PRO C 185 65.13 15.33 1.79
C PRO C 185 65.45 13.89 2.16
N LEU C 186 66.64 13.47 1.74
CA LEU C 186 67.22 12.21 2.25
C LEU C 186 67.52 12.40 3.72
N THR C 187 67.19 11.38 4.51
CA THR C 187 67.36 11.34 5.98
C THR C 187 68.63 10.56 6.33
N LYS C 188 69.31 9.97 5.37
CA LYS C 188 70.63 9.33 5.60
C LYS C 188 71.59 9.91 4.57
N TRP C 189 72.67 10.50 5.07
CA TRP C 189 73.73 11.07 4.22
C TRP C 189 74.71 9.93 3.96
N PHE C 190 74.79 9.42 2.73
CA PHE C 190 75.49 8.14 2.45
C PHE C 190 76.77 8.39 1.67
N ALA C 191 77.77 7.52 1.88
CA ALA C 191 79.09 7.62 1.22
C ALA C 191 78.95 7.27 -0.26
N PRO C 192 79.72 7.93 -1.14
CA PRO C 192 79.73 7.60 -2.54
C PRO C 192 80.21 6.15 -2.69
N SER C 193 79.81 5.49 -3.76
CA SER C 193 80.32 4.13 -4.05
C SER C 193 80.39 3.97 -5.55
N SER C 194 81.19 2.99 -5.95
CA SER C 194 81.32 2.56 -7.34
C SER C 194 81.63 1.06 -7.30
N GLY C 195 81.40 0.41 -8.41
CA GLY C 195 81.63 -1.03 -8.51
C GLY C 195 80.78 -1.56 -9.63
N GLU C 196 80.32 -2.79 -9.43
CA GLU C 196 79.53 -3.54 -10.43
C GLU C 196 78.21 -3.90 -9.77
N ASP C 197 77.08 -3.66 -10.48
CA ASP C 197 75.75 -4.11 -10.04
C ASP C 197 75.42 -3.51 -8.68
N GLY C 198 75.24 -2.20 -8.68
CA GLY C 198 74.95 -1.41 -7.49
C GLY C 198 73.53 -1.61 -6.99
N LYS C 199 73.35 -1.59 -5.70
CA LYS C 199 72.03 -1.66 -5.05
C LYS C 199 72.05 -0.61 -3.95
N ILE C 200 71.33 0.48 -4.13
CA ILE C 200 71.46 1.66 -3.25
C ILE C 200 70.09 1.95 -2.64
N LEU C 201 69.92 1.75 -1.35
CA LEU C 201 68.65 2.06 -0.66
C LEU C 201 68.67 3.47 -0.09
N LEU C 202 67.99 4.42 -0.75
CA LEU C 202 67.86 5.80 -0.27
C LEU C 202 66.83 5.83 0.85
N SER C 203 67.00 6.75 1.81
CA SER C 203 66.10 6.82 2.98
C SER C 203 65.46 8.20 3.05
N PHE C 204 64.17 8.24 3.36
CA PHE C 204 63.37 9.48 3.48
C PHE C 204 62.72 9.60 4.81
N GLY C 205 62.82 8.56 5.65
CA GLY C 205 62.10 8.56 6.93
C GLY C 205 60.60 8.41 6.81
N ASN C 206 59.87 9.10 7.68
CA ASN C 206 58.42 8.92 7.89
C ASN C 206 57.70 10.03 7.12
N ILE C 207 57.75 10.00 5.81
CA ILE C 207 57.00 10.92 4.91
C ILE C 207 55.89 10.14 4.25
N ALA C 208 54.76 10.80 4.07
CA ALA C 208 53.58 10.25 3.39
C ALA C 208 53.86 10.25 1.87
N GLN C 209 54.57 11.26 1.32
CA GLN C 209 54.71 11.36 -0.16
C GLN C 209 56.09 11.87 -0.52
N GLN C 210 56.75 11.15 -1.43
CA GLN C 210 57.97 11.64 -2.09
C GLN C 210 57.61 12.02 -3.54
N VAL C 211 58.22 13.09 -4.03
CA VAL C 211 58.13 13.47 -5.45
C VAL C 211 59.56 13.52 -5.95
N VAL C 212 59.85 12.66 -6.89
CA VAL C 212 61.18 12.53 -7.54
C VAL C 212 61.14 13.14 -8.93
N HIS C 213 61.88 14.21 -9.15
CA HIS C 213 62.05 14.75 -10.52
C HIS C 213 63.38 14.19 -10.98
N PHE C 214 63.40 13.43 -12.06
CA PHE C 214 64.63 12.79 -12.56
C PHE C 214 64.87 13.24 -14.00
N SER C 215 66.14 13.20 -14.38
CA SER C 215 66.57 13.45 -15.77
C SER C 215 67.82 12.64 -16.01
N SER C 216 68.36 12.78 -17.20
CA SER C 216 69.33 11.81 -17.71
C SER C 216 70.13 12.48 -18.81
N SER C 217 71.22 11.82 -19.19
CA SER C 217 72.07 12.33 -20.26
C SER C 217 72.99 11.23 -20.75
N PHE C 218 73.39 11.31 -22.01
CA PHE C 218 74.48 10.48 -22.55
C PHE C 218 75.73 11.37 -22.72
N ILE C 219 75.68 12.58 -22.17
CA ILE C 219 76.77 13.61 -22.31
C ILE C 219 77.57 13.66 -21.03
N SER C 220 76.92 14.08 -19.94
CA SER C 220 77.62 14.21 -18.66
C SER C 220 76.61 14.37 -17.55
N GLU C 221 77.09 14.32 -16.31
CA GLU C 221 76.32 14.66 -15.12
C GLU C 221 75.81 16.10 -15.22
N LYS C 222 76.66 17.05 -15.59
CA LYS C 222 76.21 18.47 -15.69
C LYS C 222 75.11 18.61 -16.75
N GLN C 223 75.24 17.96 -17.89
CA GLN C 223 74.19 18.02 -18.93
C GLN C 223 72.89 17.43 -18.37
N ALA C 224 72.97 16.35 -17.59
CA ALA C 224 71.73 15.75 -17.01
C ALA C 224 71.09 16.76 -16.09
N GLN C 225 71.93 17.49 -15.33
CA GLN C 225 71.43 18.54 -14.42
C GLN C 225 70.78 19.67 -15.20
N LEU C 226 71.31 20.05 -16.36
CA LEU C 226 70.68 21.11 -17.18
C LEU C 226 69.31 20.59 -17.70
N ASN C 227 69.31 19.34 -18.12
CA ASN C 227 68.06 18.68 -18.62
C ASN C 227 67.01 18.74 -17.52
N LEU C 228 67.41 18.46 -16.30
CA LEU C 228 66.49 18.48 -15.14
C LEU C 228 66.03 19.91 -14.88
N ALA C 229 66.98 20.85 -14.90
CA ALA C 229 66.70 22.26 -14.54
C ALA C 229 65.59 22.80 -15.43
N ARG C 230 65.54 22.37 -16.66
CA ARG C 230 64.54 22.86 -17.62
C ARG C 230 63.11 22.45 -17.25
N GLU C 231 62.91 21.46 -16.40
CA GLU C 231 61.54 21.02 -16.07
C GLU C 231 61.38 20.81 -14.56
N ILE C 232 62.31 21.32 -13.77
CA ILE C 232 62.31 21.11 -12.29
C ILE C 232 61.05 21.68 -11.64
N SER C 233 60.50 22.77 -12.17
CA SER C 233 59.33 23.45 -11.56
C SER C 233 58.02 22.80 -11.99
N LEU C 234 58.02 21.91 -12.99
CA LEU C 234 56.75 21.26 -13.45
C LEU C 234 56.17 20.39 -12.35
N ARG C 235 54.89 20.55 -12.09
CA ARG C 235 54.17 19.57 -11.25
C ARG C 235 53.89 18.35 -12.13
N SER C 236 53.69 17.20 -11.51
CA SER C 236 53.36 15.93 -12.21
C SER C 236 52.14 16.14 -13.14
N THR C 237 51.14 16.89 -12.68
CA THR C 237 49.92 17.17 -13.47
C THR C 237 50.27 17.98 -14.71
N GLU C 238 51.22 18.91 -14.62
CA GLU C 238 51.62 19.70 -15.81
C GLU C 238 52.44 18.83 -16.77
N MET C 239 53.37 18.02 -16.24
CA MET C 239 54.18 17.16 -17.13
C MET C 239 53.23 16.16 -17.84
N LEU C 240 52.23 15.67 -17.14
CA LEU C 240 51.22 14.75 -17.73
C LEU C 240 50.44 15.45 -18.85
N GLN C 241 49.93 16.65 -18.60
CA GLN C 241 49.23 17.46 -19.65
C GLN C 241 50.13 17.65 -20.85
N GLN C 242 51.41 17.95 -20.63
CA GLN C 242 52.35 18.20 -21.75
C GLN C 242 52.61 16.92 -22.56
N GLY C 243 52.75 15.79 -21.88
CA GLY C 243 52.96 14.50 -22.57
C GLY C 243 51.73 14.14 -23.40
N ILE C 244 50.56 14.35 -22.82
CA ILE C 244 49.27 14.08 -23.53
C ILE C 244 49.27 14.97 -24.79
N ALA C 245 49.62 16.24 -24.64
CA ALA C 245 49.58 17.17 -25.79
C ALA C 245 50.61 16.69 -26.81
N ASP C 246 51.79 16.20 -26.36
CA ASP C 246 52.83 15.72 -27.32
C ASP C 246 52.23 14.55 -28.14
N TRP C 247 51.56 13.60 -27.48
CA TRP C 247 50.93 12.45 -28.18
C TRP C 247 49.82 12.94 -29.11
N HIS C 248 48.95 13.84 -28.64
CA HIS C 248 47.82 14.40 -29.45
C HIS C 248 48.35 15.12 -30.68
N ASN C 249 49.49 15.77 -30.61
CA ASN C 249 50.15 16.39 -31.79
C ASN C 249 50.24 15.35 -32.93
N TYR C 250 50.62 14.08 -32.67
CA TYR C 250 50.66 13.03 -33.71
C TYR C 250 49.30 12.35 -33.94
N PHE C 251 48.55 12.01 -32.88
CA PHE C 251 47.27 11.29 -33.05
C PHE C 251 46.29 12.13 -33.89
N ASP C 252 46.30 13.45 -33.67
CA ASP C 252 45.41 14.40 -34.37
C ASP C 252 45.68 14.40 -35.86
N ARG C 253 46.80 13.85 -36.36
CA ARG C 253 47.13 13.84 -37.80
C ARG C 253 46.37 12.73 -38.54
N LEU C 254 45.79 11.75 -37.80
CA LEU C 254 45.03 10.65 -38.43
C LEU C 254 43.81 10.40 -37.57
N LYS C 255 42.72 11.11 -37.84
CA LYS C 255 41.43 10.93 -37.13
C LYS C 255 40.60 9.96 -37.95
N VAL C 256 40.36 8.76 -37.44
CA VAL C 256 39.72 7.70 -38.25
C VAL C 256 38.49 7.16 -37.54
N THR C 257 37.55 6.66 -38.35
CA THR C 257 36.41 5.90 -37.79
C THR C 257 36.27 4.61 -38.59
N HIS C 258 35.52 3.66 -38.05
CA HIS C 258 35.29 2.31 -38.57
C HIS C 258 33.84 1.91 -38.27
N GLU C 259 33.33 0.91 -38.98
CA GLU C 259 32.07 0.31 -38.55
C GLU C 259 32.24 -0.23 -37.13
N ASN C 260 33.26 -1.01 -36.91
CA ASN C 260 33.49 -1.75 -35.65
C ASN C 260 34.48 -0.93 -34.80
N PRO C 261 34.03 -0.43 -33.64
CA PRO C 261 34.90 0.36 -32.76
C PRO C 261 36.12 -0.41 -32.24
N GLU C 262 36.08 -1.74 -32.22
CA GLU C 262 37.30 -2.55 -31.90
C GLU C 262 38.41 -2.25 -32.91
N HIS C 263 38.06 -2.05 -34.19
CA HIS C 263 39.08 -1.73 -35.20
C HIS C 263 39.68 -0.36 -34.90
N THR C 264 38.88 0.61 -34.41
CA THR C 264 39.41 1.94 -34.05
C THR C 264 40.40 1.79 -32.91
N LYS C 265 40.04 0.98 -31.94
CA LYS C 265 40.92 0.74 -30.77
C LYS C 265 42.26 0.15 -31.24
N THR C 266 42.22 -0.83 -32.14
CA THR C 266 43.45 -1.43 -32.71
C THR C 266 44.28 -0.36 -33.42
N PHE C 267 43.65 0.43 -34.27
CA PHE C 267 44.32 1.48 -35.05
C PHE C 267 45.10 2.38 -34.08
N TYR C 268 44.49 2.88 -33.00
CA TYR C 268 45.17 3.85 -32.11
C TYR C 268 46.23 3.18 -31.23
N HIS C 269 46.09 1.91 -30.91
CA HIS C 269 47.20 1.16 -30.24
C HIS C 269 48.37 1.05 -31.22
N THR C 270 48.13 0.73 -32.47
CA THR C 270 49.25 0.63 -33.42
C THR C 270 49.82 2.05 -33.66
N LEU C 271 48.99 3.08 -33.62
CA LEU C 271 49.51 4.46 -33.87
C LEU C 271 50.44 4.90 -32.72
N TYR C 272 50.14 4.54 -31.47
CA TYR C 272 51.00 4.76 -30.30
C TYR C 272 52.38 4.19 -30.64
N ARG C 273 52.42 2.98 -31.16
CA ARG C 273 53.69 2.27 -31.40
C ARG C 273 54.35 2.71 -32.70
N THR C 274 53.77 3.66 -33.41
CA THR C 274 54.37 4.22 -34.65
C THR C 274 55.20 5.48 -34.31
N PHE C 275 55.03 6.07 -33.13
CA PHE C 275 55.71 7.35 -32.75
C PHE C 275 56.65 7.16 -31.57
N LEU C 276 57.17 5.94 -31.37
CA LEU C 276 58.16 5.66 -30.30
C LEU C 276 59.57 5.70 -30.87
N PHE C 277 59.80 5.04 -32.00
CA PHE C 277 61.13 4.82 -32.61
C PHE C 277 61.23 5.54 -33.95
N PRO C 278 62.46 5.98 -34.35
CA PRO C 278 63.67 5.90 -33.54
C PRO C 278 63.66 6.84 -32.34
N GLN C 279 64.32 6.46 -31.26
CA GLN C 279 64.43 7.29 -30.07
C GLN C 279 65.40 8.45 -30.32
N THR C 280 65.02 9.59 -29.80
CA THR C 280 65.89 10.78 -29.69
C THR C 280 67.20 10.35 -29.05
N PHE C 281 68.33 10.70 -29.68
CA PHE C 281 69.65 10.36 -29.12
C PHE C 281 70.57 11.59 -29.18
N TYR C 282 70.01 12.75 -28.85
CA TYR C 282 70.76 14.02 -28.79
C TYR C 282 70.08 14.87 -27.75
N GLU C 283 70.86 15.81 -27.21
CA GLU C 283 70.46 16.74 -26.15
C GLU C 283 70.80 18.17 -26.61
N LEU C 284 70.22 19.14 -25.94
CA LEU C 284 70.44 20.57 -26.23
C LEU C 284 71.39 21.14 -25.16
N ASP C 285 72.52 21.68 -25.60
CA ASP C 285 73.50 22.25 -24.66
C ASP C 285 72.98 23.59 -24.13
N GLU C 286 73.85 24.30 -23.40
CA GLU C 286 73.43 25.52 -22.68
C GLU C 286 73.06 26.62 -23.68
N ASN C 287 73.49 26.56 -24.94
CA ASN C 287 73.07 27.52 -25.99
C ASN C 287 71.96 26.92 -26.86
N GLN C 288 71.28 25.86 -26.40
CA GLN C 288 70.15 25.23 -27.13
C GLN C 288 70.68 24.58 -28.40
N GLN C 289 71.94 24.17 -28.44
CA GLN C 289 72.48 23.52 -29.66
C GLN C 289 72.52 22.00 -29.46
N PRO C 290 72.18 21.23 -30.51
CA PRO C 290 72.12 19.77 -30.43
C PRO C 290 73.51 19.19 -30.30
N ILE C 291 73.67 18.31 -29.30
CA ILE C 291 74.91 17.56 -29.07
C ILE C 291 74.55 16.10 -28.81
N HIS C 292 75.48 15.22 -29.08
CA HIS C 292 75.21 13.78 -28.81
C HIS C 292 76.54 13.11 -28.50
N TYR C 293 76.46 11.87 -28.11
CA TYR C 293 77.65 11.05 -27.85
C TYR C 293 77.98 10.24 -29.07
N ASP C 294 79.23 10.34 -29.50
CA ASP C 294 79.77 9.58 -30.63
C ASP C 294 80.55 8.40 -30.06
N THR C 295 80.00 7.19 -30.14
CA THR C 295 80.63 5.99 -29.53
C THR C 295 81.88 5.55 -30.32
N PHE C 296 82.00 5.96 -31.57
CA PHE C 296 83.11 5.54 -32.45
C PHE C 296 84.40 6.26 -32.02
N SER C 297 84.28 7.55 -31.78
CA SER C 297 85.41 8.43 -31.35
C SER C 297 85.49 8.49 -29.83
N GLN C 298 84.45 8.06 -29.11
CA GLN C 298 84.27 8.21 -27.66
C GLN C 298 84.37 9.67 -27.25
N THR C 299 83.63 10.54 -27.92
CA THR C 299 83.59 11.98 -27.63
C THR C 299 82.18 12.55 -27.85
N VAL C 300 81.93 13.68 -27.24
CA VAL C 300 80.71 14.49 -27.51
C VAL C 300 80.89 15.26 -28.81
N ARG C 301 79.87 15.25 -29.66
CA ARG C 301 79.92 15.83 -31.03
C ARG C 301 78.65 16.66 -31.21
N PRO C 302 78.74 17.72 -32.03
CA PRO C 302 77.59 18.54 -32.33
C PRO C 302 76.67 17.80 -33.33
N GLY C 303 75.38 18.05 -33.16
CA GLY C 303 74.37 17.70 -34.18
C GLY C 303 73.33 16.75 -33.60
N VAL C 304 72.36 16.41 -34.41
CA VAL C 304 71.29 15.47 -33.97
C VAL C 304 71.78 14.06 -34.21
N LEU C 305 71.18 13.13 -33.47
CA LEU C 305 71.43 11.69 -33.66
C LEU C 305 70.14 11.01 -33.15
N TYR C 306 69.75 9.94 -33.81
CA TYR C 306 68.64 9.03 -33.39
C TYR C 306 69.18 7.62 -33.21
N THR C 307 68.45 6.82 -32.42
CA THR C 307 68.86 5.44 -32.17
C THR C 307 67.66 4.48 -32.18
N ASN C 308 67.97 3.20 -31.98
CA ASN C 308 66.98 2.10 -31.87
C ASN C 308 66.18 2.03 -33.17
N ASN C 309 66.84 1.58 -34.21
CA ASN C 309 66.17 1.36 -35.51
C ASN C 309 66.98 0.39 -36.33
N GLY C 310 66.31 -0.63 -36.86
CA GLY C 310 66.85 -1.53 -37.86
C GLY C 310 66.16 -1.19 -39.16
N PHE C 311 66.88 -0.59 -40.10
CA PHE C 311 66.22 -0.14 -41.36
C PHE C 311 65.64 -1.31 -42.16
N TRP C 312 66.19 -2.52 -42.02
CA TRP C 312 65.60 -3.75 -42.59
C TRP C 312 64.10 -3.83 -42.26
N ASP C 313 63.73 -3.38 -41.08
CA ASP C 313 62.33 -3.32 -40.62
C ASP C 313 61.68 -2.01 -41.06
N THR C 314 62.27 -0.86 -40.71
CA THR C 314 61.53 0.41 -40.66
C THR C 314 61.44 1.07 -42.03
N TYR C 315 62.31 0.71 -42.98
CA TYR C 315 62.22 1.32 -44.34
C TYR C 315 60.88 0.96 -44.98
N LYS C 316 60.30 -0.17 -44.58
CA LYS C 316 59.13 -0.76 -45.30
C LYS C 316 57.93 0.18 -45.17
N THR C 317 57.75 0.78 -44.02
CA THR C 317 56.45 1.39 -43.66
C THR C 317 56.61 2.67 -42.85
N VAL C 318 57.54 2.72 -41.91
CA VAL C 318 57.66 3.88 -40.99
C VAL C 318 57.97 5.16 -41.78
N TYR C 319 59.10 5.18 -42.49
CA TYR C 319 59.55 6.41 -43.16
C TYR C 319 58.56 6.79 -44.24
N PRO C 320 57.97 5.84 -45.03
CA PRO C 320 56.90 6.22 -45.95
C PRO C 320 55.71 6.89 -45.26
N LEU C 321 55.32 6.41 -44.09
CA LEU C 321 54.20 7.09 -43.36
C LEU C 321 54.65 8.49 -42.92
N PHE C 322 55.85 8.63 -42.35
CA PHE C 322 56.37 9.96 -41.95
C PHE C 322 56.44 10.85 -43.19
N SER C 323 56.69 10.31 -44.40
CA SER C 323 56.74 11.14 -45.65
C SER C 323 55.39 11.83 -45.90
N LEU C 324 54.29 11.28 -45.38
CA LEU C 324 52.96 11.90 -45.54
C LEU C 324 52.63 12.80 -44.37
N ILE C 325 52.85 12.37 -43.12
CA ILE C 325 52.25 13.03 -41.95
C ILE C 325 53.27 13.48 -40.90
N ALA C 326 54.55 13.19 -41.03
CA ALA C 326 55.55 13.60 -40.02
C ALA C 326 56.86 13.96 -40.73
N GLN C 327 56.76 14.79 -41.77
CA GLN C 327 57.96 15.12 -42.57
C GLN C 327 59.01 15.78 -41.66
N GLU C 328 58.60 16.56 -40.68
CA GLU C 328 59.54 17.29 -39.80
C GLU C 328 60.43 16.30 -39.01
N LYS C 329 59.87 15.18 -38.58
CA LYS C 329 60.65 14.11 -37.90
C LYS C 329 61.54 13.40 -38.90
N TYR C 330 61.03 13.06 -40.09
CA TYR C 330 61.83 12.39 -41.14
C TYR C 330 63.05 13.28 -41.42
N GLU C 331 62.81 14.59 -41.54
CA GLU C 331 63.88 15.56 -41.89
C GLU C 331 65.00 15.50 -40.86
N GLU C 332 64.66 15.50 -39.60
CA GLU C 332 65.66 15.53 -38.51
C GLU C 332 66.31 14.13 -38.41
N MET C 333 65.56 13.06 -38.64
CA MET C 333 66.13 11.69 -38.51
C MET C 333 67.16 11.45 -39.63
N LEU C 334 66.88 11.86 -40.87
CA LEU C 334 67.86 11.75 -41.99
C LEU C 334 69.15 12.46 -41.57
N GLU C 335 69.04 13.63 -40.96
CA GLU C 335 70.24 14.41 -40.53
C GLU C 335 71.04 13.58 -39.50
N GLY C 336 70.36 12.96 -38.54
CA GLY C 336 71.00 12.02 -37.59
C GLY C 336 71.68 10.85 -38.27
N PHE C 337 71.02 10.19 -39.23
CA PHE C 337 71.56 8.99 -39.89
C PHE C 337 72.79 9.41 -40.69
N LEU C 338 72.74 10.61 -41.25
CA LEU C 338 73.95 11.12 -41.97
C LEU C 338 75.09 11.39 -40.97
N ASN C 339 74.81 11.90 -39.80
CA ASN C 339 75.82 12.07 -38.72
C ASN C 339 76.41 10.70 -38.34
N SER C 340 75.60 9.63 -38.33
CA SER C 340 76.10 8.27 -38.06
C SER C 340 77.16 7.91 -39.11
N TYR C 341 76.88 8.23 -40.36
CA TYR C 341 77.84 7.98 -41.46
C TYR C 341 79.10 8.84 -41.21
N ASN C 342 78.91 10.09 -40.84
CA ASN C 342 80.03 11.06 -40.62
C ASN C 342 80.96 10.52 -39.55
N GLU C 343 80.42 9.79 -38.58
CA GLU C 343 81.15 9.37 -37.37
C GLU C 343 81.79 7.99 -37.59
N THR C 344 81.26 7.15 -38.48
CA THR C 344 81.70 5.75 -38.61
C THR C 344 82.26 5.41 -39.97
N GLY C 345 81.91 6.16 -41.02
CA GLY C 345 82.33 5.85 -42.40
C GLY C 345 81.30 5.07 -43.20
N PHE C 346 80.21 4.60 -42.57
CA PHE C 346 79.18 3.79 -43.27
C PHE C 346 77.79 4.17 -42.81
N LEU C 347 76.87 4.28 -43.76
CA LEU C 347 75.46 4.55 -43.37
C LEU C 347 74.97 3.40 -42.47
N PRO C 348 74.16 3.74 -41.45
CA PRO C 348 73.82 2.81 -40.39
C PRO C 348 72.83 1.75 -40.87
N LYS C 349 72.90 0.60 -40.22
CA LYS C 349 72.01 -0.56 -40.49
C LYS C 349 71.10 -0.83 -39.28
N TRP C 350 71.67 -1.04 -38.11
CA TRP C 350 70.90 -1.37 -36.90
C TRP C 350 71.51 -0.61 -35.75
N LEU C 351 70.92 0.50 -35.37
CA LEU C 351 71.44 1.34 -34.28
C LEU C 351 70.81 0.89 -32.96
N SER C 352 71.62 0.48 -31.98
CA SER C 352 71.17 0.20 -30.60
C SER C 352 72.37 0.03 -29.69
N PRO C 353 73.06 1.10 -29.20
CA PRO C 353 72.79 2.51 -29.51
C PRO C 353 73.47 2.96 -30.81
N ASP C 354 74.46 2.20 -31.19
CA ASP C 354 75.35 2.45 -32.34
C ASP C 354 75.26 1.20 -33.20
N GLU C 355 76.18 1.04 -34.16
CA GLU C 355 75.99 0.03 -35.23
C GLU C 355 76.09 -1.38 -34.63
N ARG C 356 75.02 -2.17 -34.79
CA ARG C 356 74.95 -3.57 -34.34
C ARG C 356 74.97 -4.56 -35.51
N GLY C 357 74.73 -4.13 -36.76
CA GLY C 357 74.63 -4.99 -37.95
C GLY C 357 73.41 -5.94 -37.92
N LEU C 358 73.66 -7.22 -37.73
CA LEU C 358 72.66 -8.32 -37.54
C LEU C 358 71.95 -8.71 -38.86
N MET C 359 71.11 -7.84 -39.39
CA MET C 359 70.22 -8.25 -40.51
C MET C 359 70.97 -8.00 -41.80
N PRO C 360 70.58 -8.69 -42.89
CA PRO C 360 71.14 -8.40 -44.21
C PRO C 360 70.81 -6.97 -44.68
N GLY C 361 71.59 -6.52 -45.67
CA GLY C 361 71.22 -5.36 -46.47
C GLY C 361 71.57 -4.05 -45.81
N THR C 362 71.41 -3.00 -46.60
CA THR C 362 71.68 -1.59 -46.26
C THR C 362 70.45 -0.79 -46.64
N LEU C 363 69.31 -1.11 -46.01
CA LEU C 363 68.00 -0.55 -46.39
C LEU C 363 67.85 0.93 -46.01
N ILE C 364 68.80 1.52 -45.28
CA ILE C 364 68.88 2.99 -45.13
C ILE C 364 68.86 3.61 -46.53
N ASP C 365 69.38 2.92 -47.55
CA ASP C 365 69.40 3.45 -48.93
C ASP C 365 67.98 3.74 -49.42
N ALA C 366 67.01 2.91 -49.04
CA ALA C 366 65.60 3.15 -49.38
C ALA C 366 65.04 4.34 -48.61
N VAL C 367 65.38 4.48 -47.35
CA VAL C 367 64.91 5.64 -46.55
C VAL C 367 65.43 6.91 -47.25
N ILE C 368 66.66 6.88 -47.71
CA ILE C 368 67.26 8.05 -48.41
C ILE C 368 66.58 8.29 -49.76
N ALA C 369 66.52 7.26 -50.58
CA ALA C 369 65.92 7.35 -51.92
C ALA C 369 64.47 7.82 -51.84
N ASP C 370 63.69 7.24 -50.92
CA ASP C 370 62.27 7.65 -50.81
C ASP C 370 62.21 9.14 -50.50
N ALA C 371 63.05 9.63 -49.58
CA ALA C 371 63.09 11.07 -49.26
C ALA C 371 63.45 11.86 -50.53
N ALA C 372 64.48 11.45 -51.25
CA ALA C 372 64.98 12.18 -52.44
C ALA C 372 63.85 12.33 -53.47
N VAL C 373 63.13 11.26 -53.77
CA VAL C 373 62.07 11.34 -54.83
C VAL C 373 60.86 12.11 -54.31
N LYS C 374 60.70 12.29 -53.01
CA LYS C 374 59.61 13.07 -52.36
C LYS C 374 60.07 14.49 -51.93
N LYS C 375 61.26 14.91 -52.35
CA LYS C 375 61.81 16.26 -52.12
C LYS C 375 61.87 16.50 -50.60
N ILE C 376 62.32 15.49 -49.84
CA ILE C 376 62.56 15.64 -48.40
C ILE C 376 64.05 15.68 -48.20
N ARG C 377 64.54 16.73 -47.54
CA ARG C 377 66.01 17.00 -47.38
C ARG C 377 66.77 16.90 -48.70
N PRO C 378 66.38 17.61 -49.80
CA PRO C 378 67.23 17.66 -50.99
C PRO C 378 68.61 18.28 -50.64
N ASP C 379 68.65 19.12 -49.61
CA ASP C 379 69.91 19.76 -49.13
C ASP C 379 70.92 18.68 -48.72
N LEU C 380 70.48 17.48 -48.30
CA LEU C 380 71.42 16.41 -47.84
C LEU C 380 71.78 15.43 -48.94
N MET C 381 71.14 15.50 -50.09
CA MET C 381 71.18 14.37 -51.03
C MET C 381 72.56 14.27 -51.70
N PRO C 382 73.29 15.35 -52.04
CA PRO C 382 74.66 15.15 -52.50
C PRO C 382 75.56 14.42 -51.47
N GLN C 383 75.47 14.80 -50.20
CA GLN C 383 76.20 14.12 -49.10
C GLN C 383 75.79 12.63 -49.07
N PHE C 384 74.49 12.34 -49.18
CA PHE C 384 74.03 10.94 -49.08
C PHE C 384 74.53 10.16 -50.28
N LEU C 385 74.47 10.75 -51.48
CA LEU C 385 74.89 9.99 -52.69
C LEU C 385 76.36 9.57 -52.54
N GLU C 386 77.19 10.46 -52.03
CA GLU C 386 78.63 10.16 -51.84
C GLU C 386 78.76 9.00 -50.83
N ALA C 387 78.00 9.06 -49.73
CA ALA C 387 77.97 8.01 -48.67
C ALA C 387 77.49 6.68 -49.24
N MET C 388 76.44 6.73 -50.08
CA MET C 388 75.85 5.49 -50.66
C MET C 388 76.84 4.85 -51.64
N LYS C 389 77.50 5.67 -52.45
CA LYS C 389 78.46 5.15 -53.46
C LYS C 389 79.64 4.55 -52.70
N LYS C 390 80.06 5.17 -51.60
CA LYS C 390 81.13 4.56 -50.76
C LYS C 390 80.70 3.18 -50.29
N GLY C 391 79.51 3.05 -49.69
CA GLY C 391 78.99 1.78 -49.17
C GLY C 391 78.90 0.72 -50.24
N ALA C 392 78.56 1.11 -51.47
CA ALA C 392 78.36 0.18 -52.58
C ALA C 392 79.71 -0.23 -53.19
N THR C 393 80.81 0.44 -52.87
CA THR C 393 82.11 0.18 -53.55
C THR C 393 83.19 -0.26 -52.58
N GLN C 394 83.05 0.00 -51.27
CA GLN C 394 84.11 -0.28 -50.28
C GLN C 394 83.61 -1.23 -49.22
N GLN C 395 84.43 -2.23 -48.93
CA GLN C 395 84.21 -3.24 -47.87
C GLN C 395 84.72 -2.67 -46.55
N SER C 396 83.87 -2.54 -45.54
CA SER C 396 84.32 -2.23 -44.16
C SER C 396 85.19 -3.39 -43.67
N GLU C 397 86.30 -3.03 -43.02
CA GLU C 397 87.17 -3.94 -42.23
C GLU C 397 86.37 -4.43 -41.02
N ARG C 398 85.33 -3.69 -40.58
CA ARG C 398 84.52 -4.07 -39.39
C ARG C 398 83.26 -4.81 -39.83
N GLU C 399 82.96 -5.95 -39.22
CA GLU C 399 81.96 -6.90 -39.79
C GLU C 399 80.54 -6.32 -39.74
N ASN C 400 80.25 -5.34 -38.87
CA ASN C 400 78.85 -4.90 -38.66
C ASN C 400 78.49 -3.76 -39.60
N TYR C 401 79.45 -3.21 -40.35
CA TYR C 401 79.23 -1.98 -41.16
C TYR C 401 79.08 -2.31 -42.63
N GLY C 402 78.11 -1.65 -43.27
CA GLY C 402 78.01 -1.62 -44.72
C GLY C 402 77.66 -2.97 -45.30
N ARG C 403 77.97 -3.13 -46.57
CA ARG C 403 77.65 -4.35 -47.33
C ARG C 403 78.62 -5.44 -46.90
N GLN C 404 78.14 -6.69 -46.92
CA GLN C 404 78.95 -7.92 -46.71
C GLN C 404 79.24 -8.51 -48.10
N GLY C 405 80.49 -8.86 -48.40
CA GLY C 405 80.81 -9.37 -49.74
C GLY C 405 80.73 -8.28 -50.81
N THR C 406 80.99 -7.03 -50.42
CA THR C 406 80.90 -5.84 -51.30
C THR C 406 81.63 -6.15 -52.61
N LEU C 407 82.86 -6.67 -52.56
CA LEU C 407 83.68 -6.74 -53.81
C LEU C 407 83.24 -7.96 -54.64
N ASP C 408 82.90 -9.07 -53.97
CA ASP C 408 82.37 -10.26 -54.69
C ASP C 408 81.05 -9.89 -55.37
N TYR C 409 80.20 -9.06 -54.75
CA TYR C 409 78.92 -8.68 -55.38
C TYR C 409 79.24 -8.00 -56.72
N LEU C 410 80.28 -7.16 -56.73
CA LEU C 410 80.69 -6.40 -57.93
C LEU C 410 81.34 -7.32 -58.95
N LYS C 411 82.09 -8.32 -58.50
CA LYS C 411 82.79 -9.27 -59.42
C LYS C 411 81.78 -10.19 -60.10
N TYR C 412 80.84 -10.78 -59.35
CA TYR C 412 79.95 -11.86 -59.85
C TYR C 412 78.56 -11.35 -60.28
N GLY C 413 78.11 -10.21 -59.75
CA GLY C 413 76.73 -9.71 -59.94
C GLY C 413 75.79 -10.33 -58.91
N TYR C 414 76.33 -11.06 -57.93
CA TYR C 414 75.57 -11.62 -56.78
C TYR C 414 76.55 -11.90 -55.66
N VAL C 415 76.03 -12.02 -54.45
CA VAL C 415 76.80 -12.49 -53.29
C VAL C 415 76.79 -14.00 -53.38
N PRO C 416 77.97 -14.65 -53.53
CA PRO C 416 78.01 -16.09 -53.67
C PRO C 416 77.51 -16.85 -52.45
N SER C 417 77.21 -18.12 -52.67
CA SER C 417 76.53 -19.03 -51.71
C SER C 417 77.39 -19.33 -50.49
N THR C 418 78.68 -19.04 -50.53
CA THR C 418 79.58 -19.26 -49.36
C THR C 418 79.27 -18.24 -48.27
N TYR C 419 78.64 -17.10 -48.57
CA TYR C 419 78.23 -16.12 -47.56
C TYR C 419 76.90 -16.57 -46.95
N HIS C 420 76.73 -16.33 -45.64
CA HIS C 420 75.43 -16.53 -44.94
C HIS C 420 74.33 -15.69 -45.61
N GLU C 421 73.15 -16.28 -45.85
CA GLU C 421 71.94 -15.51 -46.26
C GLU C 421 72.24 -14.76 -47.56
N SER C 422 72.96 -15.40 -48.47
CA SER C 422 73.45 -14.75 -49.71
C SER C 422 72.27 -14.35 -50.61
N VAL C 423 71.10 -14.98 -50.50
CA VAL C 423 69.96 -14.58 -51.37
C VAL C 423 69.46 -13.22 -50.88
N ASN C 424 69.27 -13.08 -49.58
CA ASN C 424 68.84 -11.79 -48.97
C ASN C 424 69.87 -10.70 -49.32
N HIS C 425 71.16 -10.97 -49.15
CA HIS C 425 72.19 -9.94 -49.42
C HIS C 425 72.09 -9.54 -50.90
N THR C 426 72.08 -10.49 -51.81
CA THR C 426 72.03 -10.18 -53.25
C THR C 426 70.83 -9.29 -53.55
N LEU C 427 69.63 -9.72 -53.11
CA LEU C 427 68.41 -8.99 -53.51
C LEU C 427 68.40 -7.62 -52.85
N ASP C 428 68.78 -7.53 -51.58
CA ASP C 428 68.88 -6.26 -50.85
C ASP C 428 69.90 -5.30 -51.56
N TYR C 429 71.03 -5.82 -52.02
CA TYR C 429 72.04 -4.95 -52.69
C TYR C 429 71.48 -4.49 -54.05
N ALA C 430 70.78 -5.35 -54.77
CA ALA C 430 70.19 -4.94 -56.06
C ALA C 430 69.14 -3.85 -55.82
N TYR C 431 68.28 -4.01 -54.81
CA TYR C 431 67.32 -2.95 -54.47
C TYR C 431 68.04 -1.67 -54.04
N SER C 432 69.04 -1.76 -53.15
CA SER C 432 69.89 -0.61 -52.78
CA SER C 432 69.89 -0.61 -52.78
C SER C 432 70.43 0.06 -54.06
N ASP C 433 70.89 -0.73 -55.01
CA ASP C 433 71.44 -0.12 -56.26
C ASP C 433 70.38 0.74 -56.96
N PHE C 434 69.14 0.25 -57.00
CA PHE C 434 68.00 1.03 -57.53
C PHE C 434 67.87 2.32 -56.74
N CYS C 435 67.96 2.24 -55.42
CA CYS C 435 67.83 3.42 -54.51
C CYS C 435 68.92 4.45 -54.83
N ILE C 436 70.13 3.96 -55.04
CA ILE C 436 71.29 4.86 -55.37
C ILE C 436 71.00 5.55 -56.71
N SER C 437 70.49 4.78 -57.65
CA SER C 437 70.18 5.28 -59.01
CA SER C 437 70.18 5.28 -59.00
C SER C 437 69.14 6.40 -58.89
N GLN C 438 68.14 6.23 -58.00
CA GLN C 438 67.09 7.25 -57.83
C GLN C 438 67.70 8.52 -57.28
N VAL C 439 68.50 8.42 -56.21
CA VAL C 439 69.14 9.63 -55.62
C VAL C 439 69.93 10.34 -56.76
N ALA C 440 70.70 9.57 -57.51
CA ALA C 440 71.57 10.09 -58.61
C ALA C 440 70.66 10.85 -59.60
N LYS C 441 69.54 10.24 -60.00
CA LYS C 441 68.58 10.86 -60.95
C LYS C 441 68.05 12.18 -60.37
N THR C 442 67.76 12.29 -59.07
CA THR C 442 67.23 13.56 -58.50
C THR C 442 68.31 14.65 -58.60
N LEU C 443 69.56 14.25 -58.69
CA LEU C 443 70.70 15.21 -58.69
C LEU C 443 71.24 15.38 -60.12
N ASN C 444 70.53 14.88 -61.14
CA ASN C 444 70.94 14.96 -62.58
C ASN C 444 72.32 14.36 -62.79
N ASP C 445 72.65 13.27 -62.11
CA ASP C 445 73.94 12.55 -62.25
C ASP C 445 73.67 11.30 -63.09
N SER C 446 73.70 11.48 -64.42
CA SER C 446 73.33 10.46 -65.43
C SER C 446 74.27 9.26 -65.36
N GLU C 447 75.56 9.49 -65.18
CA GLU C 447 76.51 8.37 -65.26
C GLU C 447 76.24 7.42 -64.06
N THR C 448 76.04 7.98 -62.87
CA THR C 448 75.77 7.18 -61.66
C THR C 448 74.39 6.51 -61.82
N ALA C 449 73.37 7.26 -62.24
CA ALA C 449 72.00 6.72 -62.43
C ALA C 449 72.03 5.52 -63.36
N THR C 450 72.71 5.64 -64.52
CA THR C 450 72.76 4.56 -65.53
C THR C 450 73.42 3.31 -64.94
N PHE C 451 74.54 3.46 -64.21
CA PHE C 451 75.37 2.33 -63.76
C PHE C 451 74.54 1.56 -62.70
N TYR C 452 73.97 2.29 -61.77
CA TYR C 452 73.20 1.68 -60.64
C TYR C 452 71.86 1.13 -61.13
N ARG C 453 71.26 1.69 -62.18
CA ARG C 453 70.01 1.13 -62.77
C ARG C 453 70.32 -0.27 -63.30
N GLN C 454 71.52 -0.45 -63.91
CA GLN C 454 71.91 -1.75 -64.47
C GLN C 454 72.22 -2.70 -63.31
N GLN C 455 72.92 -2.22 -62.29
CA GLN C 455 73.25 -3.03 -61.09
C GLN C 455 71.92 -3.56 -60.50
N ALA C 456 70.88 -2.73 -60.52
CA ALA C 456 69.58 -3.08 -59.86
C ALA C 456 68.96 -4.33 -60.50
N LEU C 457 69.45 -4.78 -61.67
CA LEU C 457 68.91 -5.96 -62.37
C LEU C 457 69.61 -7.24 -61.90
N ASN C 458 70.49 -7.15 -60.90
CA ASN C 458 71.31 -8.29 -60.40
C ASN C 458 70.42 -9.37 -59.75
N TYR C 459 69.19 -9.04 -59.36
CA TYR C 459 68.24 -10.07 -58.88
C TYR C 459 68.14 -11.23 -59.89
N GLN C 460 68.29 -10.95 -61.17
CA GLN C 460 68.18 -11.96 -62.26
C GLN C 460 69.20 -13.06 -62.06
N GLN C 461 70.31 -12.78 -61.41
CA GLN C 461 71.40 -13.77 -61.22
C GLN C 461 70.94 -14.93 -60.33
N LEU C 462 69.99 -14.72 -59.39
CA LEU C 462 69.64 -15.81 -58.44
C LEU C 462 68.31 -16.48 -58.77
N PHE C 463 67.67 -16.09 -59.87
CA PHE C 463 66.39 -16.70 -60.30
C PHE C 463 66.68 -18.01 -61.01
N ASN C 464 66.16 -19.10 -60.48
CA ASN C 464 66.32 -20.45 -61.08
C ASN C 464 65.08 -20.82 -61.86
N PRO C 465 65.09 -20.74 -63.21
CA PRO C 465 63.86 -21.03 -63.98
C PRO C 465 63.38 -22.48 -63.82
N GLU C 466 64.26 -23.36 -63.37
CA GLU C 466 63.87 -24.79 -63.13
C GLU C 466 62.92 -24.89 -61.94
N THR C 467 62.98 -23.98 -60.98
CA THR C 467 62.12 -24.07 -59.77
C THR C 467 61.20 -22.84 -59.61
N GLY C 468 61.46 -21.73 -60.29
CA GLY C 468 60.67 -20.52 -60.04
C GLY C 468 60.94 -19.90 -58.67
N PHE C 469 62.13 -20.11 -58.12
CA PHE C 469 62.54 -19.44 -56.85
C PHE C 469 63.90 -18.77 -57.03
N MET C 470 64.21 -17.87 -56.09
CA MET C 470 65.55 -17.33 -55.88
C MET C 470 66.33 -18.33 -55.04
N GLN C 471 67.51 -18.76 -55.53
CA GLN C 471 68.39 -19.73 -54.82
C GLN C 471 69.82 -19.23 -54.82
N ALA C 472 70.60 -19.67 -53.85
CA ALA C 472 71.99 -19.24 -53.68
C ALA C 472 72.79 -19.92 -54.79
N LYS C 473 73.84 -19.25 -55.24
CA LYS C 473 74.61 -19.68 -56.44
C LYS C 473 76.10 -19.56 -56.07
N ASP C 474 76.90 -20.55 -56.44
CA ASP C 474 78.34 -20.58 -56.11
C ASP C 474 79.08 -19.72 -57.13
N THR C 475 80.39 -19.53 -56.96
CA THR C 475 81.26 -18.67 -57.83
C THR C 475 81.40 -19.25 -59.25
N GLU C 476 80.98 -20.51 -59.47
CA GLU C 476 80.92 -21.14 -60.81
C GLU C 476 79.53 -21.02 -61.43
N GLY C 477 78.59 -20.35 -60.78
CA GLY C 477 77.26 -20.13 -61.36
C GLY C 477 76.32 -21.31 -61.20
N ASN C 478 76.59 -22.22 -60.25
CA ASN C 478 75.73 -23.40 -59.96
C ASN C 478 74.84 -23.16 -58.75
N PHE C 479 73.55 -23.45 -58.87
CA PHE C 479 72.61 -23.38 -57.70
C PHE C 479 72.99 -24.45 -56.68
N ARG C 480 72.95 -24.12 -55.39
CA ARG C 480 73.19 -25.09 -54.29
C ARG C 480 72.25 -26.26 -54.53
N PRO C 481 72.76 -27.50 -54.54
CA PRO C 481 71.90 -28.65 -54.81
C PRO C 481 70.96 -28.96 -53.64
N ASP C 482 70.03 -29.87 -53.91
CA ASP C 482 69.11 -30.48 -52.93
C ASP C 482 68.16 -29.38 -52.40
N PHE C 483 67.72 -28.53 -53.30
CA PHE C 483 66.76 -27.45 -53.00
C PHE C 483 65.45 -28.02 -52.48
N LEU C 484 64.90 -27.37 -51.45
CA LEU C 484 63.54 -27.63 -50.91
C LEU C 484 62.87 -26.27 -50.66
N ASP C 485 61.77 -26.03 -51.34
CA ASP C 485 61.03 -24.73 -51.32
C ASP C 485 60.73 -24.27 -49.88
N ILE C 486 60.38 -25.18 -48.95
CA ILE C 486 59.97 -24.85 -47.57
C ILE C 486 61.12 -24.95 -46.57
N ARG C 487 62.36 -25.17 -47.01
CA ARG C 487 63.50 -25.18 -46.07
C ARG C 487 63.88 -23.76 -45.68
N TRP C 488 63.93 -23.51 -44.38
CA TRP C 488 64.30 -22.21 -43.78
C TRP C 488 65.80 -22.09 -43.51
N GLY C 489 66.30 -20.86 -43.59
CA GLY C 489 67.65 -20.50 -43.13
C GLY C 489 68.70 -20.79 -44.18
N LYS C 490 69.96 -20.68 -43.76
CA LYS C 490 71.18 -20.97 -44.55
C LYS C 490 71.30 -19.90 -45.64
N ASP C 491 70.48 -19.96 -46.68
CA ASP C 491 70.54 -19.00 -47.83
C ASP C 491 69.58 -17.84 -47.63
N TYR C 492 68.64 -17.97 -46.68
CA TYR C 492 67.49 -17.04 -46.47
C TYR C 492 67.40 -16.65 -45.00
N ALA C 493 67.05 -15.40 -44.73
CA ALA C 493 66.91 -14.90 -43.36
C ALA C 493 65.47 -15.13 -42.89
N GLU C 494 65.30 -15.97 -41.86
CA GLU C 494 64.01 -16.14 -41.13
C GLU C 494 62.88 -16.37 -42.14
N GLY C 495 63.14 -17.22 -43.10
CA GLY C 495 62.16 -17.70 -44.07
C GLY C 495 62.73 -18.81 -44.92
N SER C 496 61.88 -19.32 -45.78
CA SER C 496 62.21 -20.27 -46.85
C SER C 496 62.32 -19.47 -48.15
N ALA C 497 62.53 -20.16 -49.26
CA ALA C 497 62.45 -19.57 -50.62
C ALA C 497 61.10 -18.86 -50.81
N TRP C 498 60.02 -19.36 -50.20
CA TRP C 498 58.67 -18.74 -50.36
C TRP C 498 58.64 -17.32 -49.77
N GLN C 499 59.37 -17.10 -48.66
CA GLN C 499 59.40 -15.81 -47.95
C GLN C 499 60.50 -14.91 -48.52
N SER C 500 61.24 -15.38 -49.54
CA SER C 500 62.50 -14.68 -49.92
C SER C 500 62.58 -14.37 -51.41
N SER C 501 61.73 -14.94 -52.25
CA SER C 501 61.92 -14.95 -53.73
C SER C 501 61.29 -13.72 -54.38
N PHE C 502 60.71 -12.79 -53.61
CA PHE C 502 59.89 -11.69 -54.19
C PHE C 502 60.37 -10.36 -53.68
N ALA C 503 61.63 -10.28 -53.27
CA ALA C 503 62.23 -9.02 -52.78
C ALA C 503 62.82 -8.27 -53.98
N VAL C 504 61.95 -7.87 -54.90
CA VAL C 504 62.37 -7.18 -56.16
C VAL C 504 61.48 -5.97 -56.35
N TYR C 505 61.41 -5.12 -55.31
CA TYR C 505 60.54 -3.92 -55.25
C TYR C 505 60.85 -2.99 -56.42
N GLN C 506 62.11 -3.05 -56.93
CA GLN C 506 62.54 -2.15 -58.00
C GLN C 506 61.99 -2.57 -59.36
N ASP C 507 61.62 -3.83 -59.56
CA ASP C 507 61.34 -4.32 -60.91
C ASP C 507 60.46 -5.56 -60.92
N PHE C 508 59.26 -5.50 -60.33
CA PHE C 508 58.37 -6.67 -60.38
C PHE C 508 57.96 -7.00 -61.83
N ALA C 509 57.85 -6.02 -62.72
CA ALA C 509 57.55 -6.36 -64.14
C ALA C 509 58.66 -7.28 -64.68
N GLY C 510 59.90 -7.02 -64.32
CA GLY C 510 61.05 -7.83 -64.79
C GLY C 510 61.07 -9.20 -64.14
N LEU C 511 60.68 -9.27 -62.86
CA LEU C 511 60.64 -10.59 -62.18
C LEU C 511 59.55 -11.43 -62.87
N ILE C 512 58.44 -10.78 -63.18
CA ILE C 512 57.29 -11.47 -63.81
C ILE C 512 57.76 -12.02 -65.17
N LYS C 513 58.52 -11.23 -65.93
CA LYS C 513 59.05 -11.69 -67.24
C LYS C 513 59.91 -12.94 -67.05
N LEU C 514 60.66 -13.09 -65.95
CA LEU C 514 61.45 -14.33 -65.73
C LEU C 514 60.56 -15.56 -65.56
N TYR C 515 59.35 -15.43 -65.03
CA TYR C 515 58.38 -16.54 -64.91
C TYR C 515 57.81 -16.90 -66.28
N GLY C 516 57.90 -16.00 -67.27
CA GLY C 516 57.41 -16.29 -68.64
C GLY C 516 56.12 -15.56 -68.98
N SER C 517 55.32 -15.11 -67.99
CA SER C 517 54.03 -14.40 -68.20
C SER C 517 53.44 -13.91 -66.88
N GLU C 518 52.54 -12.93 -66.97
CA GLU C 518 51.68 -12.49 -65.85
C GLU C 518 50.97 -13.74 -65.31
N LEU C 519 50.50 -14.65 -66.17
CA LEU C 519 49.70 -15.82 -65.74
C LEU C 519 50.57 -16.82 -64.98
N ALA C 520 51.84 -17.03 -65.37
CA ALA C 520 52.69 -17.99 -64.65
C ALA C 520 52.97 -17.39 -63.25
N PHE C 521 53.15 -16.08 -63.16
CA PHE C 521 53.43 -15.41 -61.88
C PHE C 521 52.16 -15.49 -60.98
N GLU C 522 51.00 -15.25 -61.56
CA GLU C 522 49.68 -15.46 -60.87
C GLU C 522 49.59 -16.86 -60.27
N LYS C 523 49.93 -17.92 -60.99
CA LYS C 523 49.87 -19.31 -60.48
C LYS C 523 50.81 -19.50 -59.30
N LYS C 524 51.98 -18.89 -59.36
CA LYS C 524 52.95 -18.95 -58.25
C LYS C 524 52.35 -18.28 -57.01
N LEU C 525 51.72 -17.12 -57.16
CA LEU C 525 51.14 -16.34 -56.04
C LEU C 525 49.94 -17.12 -55.45
N ILE C 526 49.13 -17.72 -56.31
CA ILE C 526 48.00 -18.57 -55.83
C ILE C 526 48.54 -19.72 -54.98
N GLN C 527 49.59 -20.38 -55.44
CA GLN C 527 50.21 -21.50 -54.73
C GLN C 527 50.77 -21.02 -53.41
N LEU C 528 51.49 -19.90 -53.40
CA LEU C 528 52.03 -19.30 -52.16
C LEU C 528 50.91 -19.19 -51.12
N CYS C 529 49.78 -18.59 -51.48
CA CYS C 529 48.69 -18.22 -50.56
C CYS C 529 47.90 -19.46 -50.13
N ASN C 530 47.65 -20.40 -51.03
CA ASN C 530 46.58 -21.41 -50.79
C ASN C 530 47.11 -22.74 -50.27
N GLN C 531 48.42 -22.87 -50.11
CA GLN C 531 49.05 -24.13 -49.59
C GLN C 531 49.04 -24.10 -48.05
N ALA C 532 49.35 -25.24 -47.43
CA ALA C 532 49.45 -25.37 -45.97
C ALA C 532 50.69 -24.58 -45.56
N PRO C 533 50.69 -24.02 -44.34
CA PRO C 533 51.87 -23.33 -43.80
C PRO C 533 52.94 -24.27 -43.24
N ASN C 534 53.47 -25.11 -44.13
CA ASN C 534 54.48 -26.11 -43.74
C ASN C 534 55.85 -25.45 -43.80
N PHE C 535 56.75 -25.92 -42.96
CA PHE C 535 58.16 -25.45 -42.94
C PHE C 535 59.09 -26.65 -42.66
N ASN C 536 60.35 -26.51 -43.05
CA ASN C 536 61.46 -27.45 -42.75
C ASN C 536 62.53 -26.63 -42.04
N VAL C 537 63.07 -27.14 -40.94
CA VAL C 537 63.91 -26.33 -39.99
C VAL C 537 65.42 -26.41 -40.31
N GLU C 538 65.81 -27.06 -41.38
CA GLU C 538 67.19 -27.62 -41.52
C GLU C 538 68.26 -26.51 -41.51
N GLY C 539 67.99 -25.31 -42.05
CA GLY C 539 68.93 -24.17 -41.95
C GLY C 539 69.23 -23.75 -40.51
N TYR C 540 68.32 -23.98 -39.57
CA TYR C 540 68.50 -23.57 -38.16
C TYR C 540 68.88 -24.80 -37.32
N GLY C 541 68.27 -25.98 -37.57
CA GLY C 541 68.43 -27.20 -36.74
C GLY C 541 67.35 -27.31 -35.67
N PHE C 542 66.41 -26.37 -35.61
CA PHE C 542 65.31 -26.34 -34.61
C PHE C 542 64.24 -25.36 -35.11
N GLU C 543 63.11 -25.32 -34.42
CA GLU C 543 62.00 -24.39 -34.76
C GLU C 543 62.27 -23.04 -34.09
N ILE C 544 62.20 -21.94 -34.87
CA ILE C 544 62.25 -20.56 -34.34
C ILE C 544 60.85 -19.96 -34.37
N HIS C 545 60.63 -18.93 -33.58
CA HIS C 545 59.30 -18.31 -33.38
C HIS C 545 58.72 -17.83 -34.73
N GLU C 546 59.51 -17.36 -35.69
CA GLU C 546 58.95 -16.91 -37.00
C GLU C 546 58.24 -18.08 -37.68
N MET C 547 58.82 -19.29 -37.57
CA MET C 547 58.18 -20.47 -38.19
C MET C 547 56.85 -20.74 -37.49
N SER C 548 56.86 -20.70 -36.17
CA SER C 548 55.67 -21.00 -35.34
C SER C 548 54.54 -20.01 -35.67
N GLU C 549 54.90 -18.76 -35.84
CA GLU C 549 53.89 -17.69 -36.06
C GLU C 549 53.25 -17.88 -37.44
N MET C 550 53.99 -18.30 -38.45
CA MET C 550 53.41 -18.62 -39.77
C MET C 550 52.48 -19.85 -39.57
N ALA C 551 52.95 -20.88 -38.83
CA ALA C 551 52.28 -22.17 -38.73
C ALA C 551 51.10 -22.07 -37.78
N ALA C 552 50.98 -20.99 -37.02
CA ALA C 552 49.85 -20.80 -36.07
C ALA C 552 48.55 -20.48 -36.81
N ILE C 553 48.66 -19.98 -38.03
CA ILE C 553 47.48 -19.50 -38.79
C ILE C 553 47.47 -20.14 -40.18
N ASP C 554 46.30 -20.11 -40.79
CA ASP C 554 46.11 -20.67 -42.13
C ASP C 554 46.08 -19.55 -43.15
N PHE C 555 47.26 -19.01 -43.47
CA PHE C 555 47.44 -17.98 -44.54
C PHE C 555 48.56 -18.44 -45.45
N GLY C 556 48.71 -19.75 -45.60
CA GLY C 556 49.74 -20.35 -46.48
C GLY C 556 51.13 -19.89 -46.12
N GLN C 557 51.91 -19.56 -47.13
CA GLN C 557 53.31 -19.10 -46.94
C GLN C 557 53.34 -17.57 -46.84
N LEU C 558 52.20 -16.90 -46.69
CA LEU C 558 52.21 -15.42 -46.54
C LEU C 558 52.49 -15.13 -45.08
N ALA C 559 53.76 -15.06 -44.71
CA ALA C 559 54.14 -15.05 -43.28
C ALA C 559 54.11 -13.60 -42.80
N ILE C 560 52.91 -13.05 -42.62
CA ILE C 560 52.68 -11.65 -42.20
C ILE C 560 53.32 -11.32 -40.85
N SER C 561 53.69 -12.35 -40.09
CA SER C 561 54.47 -12.31 -38.85
C SER C 561 55.85 -11.72 -39.02
N ASN C 562 56.33 -11.61 -40.26
CA ASN C 562 57.70 -11.08 -40.48
C ASN C 562 57.73 -10.17 -41.73
N GLN C 563 58.71 -9.25 -41.74
CA GLN C 563 58.84 -8.20 -42.78
C GLN C 563 58.88 -8.76 -44.19
N PRO C 564 59.56 -9.89 -44.49
CA PRO C 564 59.75 -10.31 -45.88
C PRO C 564 58.44 -10.52 -46.66
N SER C 565 57.34 -10.86 -45.97
CA SER C 565 56.05 -11.16 -46.65
C SER C 565 55.11 -9.93 -46.66
N PHE C 566 55.54 -8.82 -46.09
CA PHE C 566 54.60 -7.68 -45.83
C PHE C 566 53.92 -7.21 -47.13
N HIS C 567 54.64 -7.25 -48.23
CA HIS C 567 54.15 -6.69 -49.51
C HIS C 567 53.39 -7.74 -50.29
N TYR C 568 53.37 -9.00 -49.86
CA TYR C 568 52.87 -10.10 -50.73
C TYR C 568 51.48 -9.84 -51.31
N PRO C 569 50.46 -9.35 -50.57
CA PRO C 569 49.15 -9.14 -51.20
C PRO C 569 49.22 -8.22 -52.41
N PHE C 570 50.18 -7.30 -52.40
CA PHE C 570 50.30 -6.30 -53.48
C PHE C 570 50.93 -6.91 -54.75
N LEU C 571 51.52 -8.10 -54.69
CA LEU C 571 52.10 -8.72 -55.89
C LEU C 571 51.01 -8.93 -56.96
N PHE C 572 49.74 -9.13 -56.56
CA PHE C 572 48.63 -9.32 -57.52
C PHE C 572 48.42 -8.02 -58.32
N SER C 573 48.80 -6.87 -57.79
CA SER C 573 48.60 -5.56 -58.48
C SER C 573 49.56 -5.46 -59.66
N TYR C 574 50.58 -6.29 -59.71
CA TYR C 574 51.58 -6.19 -60.80
C TYR C 574 51.17 -7.02 -62.00
N ILE C 575 50.11 -7.83 -61.89
CA ILE C 575 49.53 -8.63 -63.01
C ILE C 575 48.10 -8.17 -63.29
N GLY C 576 47.70 -6.97 -62.88
CA GLY C 576 46.39 -6.37 -63.22
C GLY C 576 45.24 -7.07 -62.49
N LYS C 577 45.48 -7.72 -61.34
CA LYS C 577 44.40 -8.47 -60.64
C LYS C 577 44.39 -8.13 -59.15
N PRO C 578 44.36 -6.84 -58.75
CA PRO C 578 44.40 -6.50 -57.33
C PRO C 578 43.13 -7.02 -56.59
N GLU C 579 42.05 -7.22 -57.34
CA GLU C 579 40.80 -7.80 -56.75
C GLU C 579 41.10 -9.18 -56.14
N MET C 580 42.10 -9.91 -56.59
CA MET C 580 42.43 -11.23 -56.01
C MET C 580 42.87 -11.11 -54.56
N ALA C 581 43.33 -9.92 -54.14
CA ALA C 581 43.98 -9.73 -52.83
C ALA C 581 43.19 -8.81 -51.91
N GLN C 582 42.08 -8.23 -52.37
CA GLN C 582 41.33 -7.30 -51.52
C GLN C 582 40.79 -8.05 -50.31
N PRO C 583 40.16 -9.24 -50.47
CA PRO C 583 39.64 -9.92 -49.27
C PRO C 583 40.78 -10.33 -48.34
N LEU C 584 41.86 -10.83 -48.92
CA LEU C 584 43.06 -11.27 -48.17
C LEU C 584 43.55 -10.13 -47.28
N LEU C 585 43.57 -8.90 -47.79
CA LEU C 585 44.13 -7.79 -46.99
C LEU C 585 43.23 -7.50 -45.77
N LYS C 586 41.91 -7.50 -45.96
CA LYS C 586 41.00 -7.31 -44.81
C LYS C 586 41.17 -8.48 -43.84
N GLN C 587 41.29 -9.72 -44.35
CA GLN C 587 41.50 -10.90 -43.48
C GLN C 587 42.82 -10.76 -42.72
N LEU C 588 43.92 -10.34 -43.35
CA LEU C 588 45.20 -10.13 -42.64
C LEU C 588 45.05 -9.09 -41.55
N MET C 589 44.35 -7.98 -41.81
CA MET C 589 44.13 -6.92 -40.79
C MET C 589 43.39 -7.45 -39.56
N GLN C 590 42.64 -8.55 -39.67
CA GLN C 590 41.96 -9.15 -38.48
C GLN C 590 42.93 -9.95 -37.61
N THR C 591 44.15 -10.19 -38.02
CA THR C 591 45.17 -10.83 -37.16
C THR C 591 45.74 -9.80 -36.17
N PHE C 592 45.26 -8.55 -36.20
CA PHE C 592 45.75 -7.47 -35.31
C PHE C 592 44.62 -7.10 -34.36
N ASP C 593 44.96 -6.90 -33.11
CA ASP C 593 44.03 -6.25 -32.17
C ASP C 593 44.80 -5.53 -31.08
N ALA C 594 44.07 -4.92 -30.15
CA ALA C 594 44.70 -4.07 -29.09
C ALA C 594 45.10 -4.88 -27.86
N SER C 595 44.91 -6.19 -27.89
CA SER C 595 45.17 -7.07 -26.73
C SER C 595 46.65 -7.34 -26.56
N PRO C 596 47.04 -7.97 -25.45
CA PRO C 596 48.42 -8.45 -25.27
C PRO C 596 48.90 -9.45 -26.32
N THR C 597 48.01 -10.12 -27.06
CA THR C 597 48.38 -11.03 -28.14
C THR C 597 48.18 -10.34 -29.49
N GLY C 598 48.17 -9.01 -29.56
CA GLY C 598 47.56 -8.27 -30.67
C GLY C 598 48.34 -8.15 -31.98
N TYR C 599 49.56 -8.65 -32.12
CA TYR C 599 50.22 -8.65 -33.45
C TYR C 599 50.45 -10.09 -33.87
N PRO C 600 50.51 -10.35 -35.17
CA PRO C 600 50.85 -11.68 -35.66
C PRO C 600 52.31 -12.13 -35.54
N GLY C 601 53.24 -11.19 -35.27
CA GLY C 601 54.66 -11.50 -34.96
C GLY C 601 55.32 -10.23 -34.48
N ASP C 602 56.64 -10.14 -34.58
CA ASP C 602 57.40 -9.04 -33.93
C ASP C 602 56.97 -7.72 -34.60
N GLU C 603 56.71 -6.72 -33.78
CA GLU C 603 56.23 -5.39 -34.26
C GLU C 603 57.40 -4.59 -34.84
N ASP C 604 58.59 -4.74 -34.25
CA ASP C 604 59.88 -4.18 -34.77
C ASP C 604 59.81 -2.66 -34.98
N ASN C 605 59.70 -1.94 -33.86
CA ASN C 605 60.01 -0.48 -33.81
C ASN C 605 59.19 0.30 -34.82
N GLY C 606 57.89 0.01 -34.91
CA GLY C 606 56.96 0.75 -35.78
C GLY C 606 56.63 0.06 -37.08
N SER C 607 57.46 -0.88 -37.53
CA SER C 607 57.40 -1.52 -38.86
C SER C 607 56.02 -2.15 -39.04
N MET C 608 55.67 -3.05 -38.16
CA MET C 608 54.39 -3.80 -38.35
C MET C 608 53.21 -2.87 -38.03
N SER C 609 53.34 -1.92 -37.12
CA SER C 609 52.28 -0.95 -36.77
C SER C 609 51.96 -0.10 -38.01
N ALA C 610 53.00 0.44 -38.67
CA ALA C 610 52.80 1.26 -39.87
C ALA C 610 52.26 0.41 -41.01
N TRP C 611 52.56 -0.90 -41.08
CA TRP C 611 51.91 -1.82 -42.04
C TRP C 611 50.38 -1.73 -41.85
N TYR C 612 49.98 -1.81 -40.62
CA TYR C 612 48.54 -1.84 -40.22
C TYR C 612 47.90 -0.47 -40.49
N ILE C 613 48.60 0.61 -40.18
CA ILE C 613 48.06 1.98 -40.44
C ILE C 613 47.85 2.15 -41.95
N PHE C 614 48.88 1.90 -42.76
CA PHE C 614 48.74 2.06 -44.23
C PHE C 614 47.55 1.21 -44.73
N ASN C 615 47.54 -0.07 -44.37
CA ASN C 615 46.49 -0.99 -44.91
C ASN C 615 45.11 -0.56 -44.45
N SER C 616 44.99 0.00 -43.26
CA SER C 616 43.73 0.58 -42.76
C SER C 616 43.21 1.68 -43.73
N LEU C 617 44.11 2.51 -44.26
CA LEU C 617 43.74 3.61 -45.15
C LEU C 617 43.51 3.12 -46.58
N GLY C 618 44.04 1.98 -46.94
CA GLY C 618 43.78 1.33 -48.23
C GLY C 618 44.92 1.48 -49.24
N PHE C 619 46.13 1.82 -48.83
CA PHE C 619 47.26 1.91 -49.80
C PHE C 619 48.58 1.70 -49.06
N TYR C 620 49.63 1.32 -49.80
CA TYR C 620 50.82 0.72 -49.16
C TYR C 620 52.07 0.98 -49.97
N PRO C 621 53.18 1.41 -49.32
CA PRO C 621 54.42 1.69 -50.07
C PRO C 621 55.20 0.42 -50.42
N VAL C 622 54.85 -0.25 -51.51
CA VAL C 622 55.58 -1.48 -51.92
C VAL C 622 57.03 -1.14 -52.28
N THR C 623 57.20 -0.01 -52.93
CA THR C 623 58.51 0.41 -53.46
C THR C 623 58.88 1.79 -52.93
N PRO C 624 59.44 1.87 -51.71
CA PRO C 624 60.15 3.07 -51.25
C PRO C 624 61.21 3.42 -52.28
N GLY C 625 61.25 4.69 -52.68
CA GLY C 625 62.13 5.12 -53.78
C GLY C 625 61.36 5.33 -55.08
N ALA C 626 60.12 4.84 -55.22
CA ALA C 626 59.30 5.06 -56.44
C ALA C 626 58.36 6.29 -56.31
N GLY C 627 57.98 6.68 -55.12
CA GLY C 627 57.05 7.81 -54.92
C GLY C 627 55.63 7.36 -55.26
N GLU C 628 55.29 6.13 -54.92
CA GLU C 628 53.93 5.54 -55.15
C GLU C 628 53.46 4.74 -53.93
N TYR C 629 52.15 4.59 -53.83
CA TYR C 629 51.46 3.74 -52.84
C TYR C 629 50.51 2.83 -53.63
N VAL C 630 50.70 1.52 -53.52
CA VAL C 630 49.86 0.55 -54.24
C VAL C 630 48.58 0.38 -53.46
N ILE C 631 47.47 0.36 -54.17
CA ILE C 631 46.12 0.33 -53.53
C ILE C 631 45.87 -1.10 -53.02
N GLY C 632 45.25 -1.17 -51.83
CA GLY C 632 44.86 -2.42 -51.18
C GLY C 632 43.37 -2.48 -50.94
N MET C 633 42.98 -2.55 -49.69
CA MET C 633 41.55 -2.62 -49.28
C MET C 633 41.44 -1.91 -47.94
N PRO C 634 40.80 -0.74 -47.87
CA PRO C 634 40.72 0.00 -46.63
C PRO C 634 39.86 -0.71 -45.58
N LEU C 635 40.23 -0.54 -44.32
CA LEU C 635 39.40 -1.02 -43.18
C LEU C 635 38.66 0.16 -42.55
N VAL C 636 39.19 1.39 -42.62
CA VAL C 636 38.44 2.60 -42.14
C VAL C 636 37.15 2.79 -42.94
N GLN C 637 36.22 3.51 -42.35
CA GLN C 637 35.12 4.20 -43.10
C GLN C 637 35.47 5.65 -43.36
N THR C 638 36.14 6.32 -42.41
CA THR C 638 36.54 7.74 -42.60
C THR C 638 37.95 7.93 -42.09
N ALA C 639 38.70 8.81 -42.73
CA ALA C 639 40.01 9.26 -42.19
C ALA C 639 40.22 10.72 -42.59
N GLU C 640 40.59 11.54 -41.62
CA GLU C 640 41.04 12.92 -41.89
C GLU C 640 42.56 12.90 -41.70
N VAL C 641 43.29 13.02 -42.79
CA VAL C 641 44.76 12.92 -42.83
C VAL C 641 45.32 14.34 -42.90
N LYS C 642 46.00 14.79 -41.85
CA LYS C 642 46.71 16.09 -41.86
C LYS C 642 48.08 15.85 -42.47
N LEU C 643 48.26 16.25 -43.70
CA LEU C 643 49.54 16.05 -44.41
C LEU C 643 50.54 17.11 -43.95
N SER C 644 51.80 16.74 -43.96
CA SER C 644 52.90 17.61 -43.50
C SER C 644 52.95 18.91 -44.35
N ASN C 645 52.46 18.90 -45.58
CA ASN C 645 52.53 20.10 -46.45
C ASN C 645 51.42 21.08 -46.07
N GLY C 646 50.64 20.85 -44.99
CA GLY C 646 49.52 21.69 -44.57
C GLY C 646 48.19 21.42 -45.27
N LYS C 647 48.15 20.49 -46.23
CA LYS C 647 46.89 20.07 -46.87
C LYS C 647 46.25 18.91 -46.09
N GLN C 648 45.03 18.58 -46.47
CA GLN C 648 44.21 17.60 -45.74
C GLN C 648 43.70 16.63 -46.79
N LEU C 649 43.84 15.33 -46.53
CA LEU C 649 43.21 14.28 -47.37
C LEU C 649 42.06 13.70 -46.55
N THR C 650 40.86 13.69 -47.11
CA THR C 650 39.67 13.16 -46.41
C THR C 650 39.30 11.88 -47.12
N ILE C 651 39.37 10.77 -46.43
CA ILE C 651 39.03 9.45 -46.98
C ILE C 651 37.61 9.15 -46.52
N GLN C 652 36.80 8.66 -47.45
CA GLN C 652 35.41 8.23 -47.17
C GLN C 652 35.20 6.93 -47.92
N THR C 653 34.70 5.90 -47.22
CA THR C 653 34.29 4.66 -47.88
C THR C 653 32.76 4.59 -47.88
N SER C 654 32.18 3.89 -48.84
CA SER C 654 30.82 3.34 -48.65
C SER C 654 30.82 2.48 -47.38
N PRO C 655 29.65 2.08 -46.85
CA PRO C 655 29.62 1.28 -45.63
C PRO C 655 30.63 0.11 -45.76
N ASN C 656 31.48 -0.04 -44.73
CA ASN C 656 32.66 -0.94 -44.81
C ASN C 656 32.52 -1.98 -43.72
N LYS C 657 31.56 -2.90 -43.92
CA LYS C 657 31.26 -3.97 -42.98
C LYS C 657 32.06 -5.22 -43.39
N VAL C 658 31.94 -6.29 -42.61
CA VAL C 658 32.72 -7.53 -42.85
C VAL C 658 32.51 -8.04 -44.27
N GLN C 659 31.33 -7.87 -44.84
CA GLN C 659 31.03 -8.44 -46.17
C GLN C 659 31.67 -7.61 -47.29
N GLN C 660 32.03 -6.34 -47.03
CA GLN C 660 32.77 -5.51 -48.04
C GLN C 660 34.21 -6.02 -48.11
N GLN C 661 34.54 -6.72 -49.18
CA GLN C 661 35.85 -7.37 -49.33
C GLN C 661 36.55 -6.91 -50.60
N PHE C 662 35.95 -5.95 -51.30
CA PHE C 662 36.48 -5.54 -52.62
C PHE C 662 36.35 -4.04 -52.77
N ILE C 663 37.10 -3.49 -53.70
CA ILE C 663 36.88 -2.09 -54.13
C ILE C 663 36.10 -2.13 -55.43
N HIS C 664 34.98 -1.45 -55.47
CA HIS C 664 34.15 -1.30 -56.68
C HIS C 664 34.69 -0.17 -57.54
N GLU C 665 34.88 1.01 -56.95
CA GLU C 665 35.39 2.18 -57.69
C GLU C 665 36.05 3.15 -56.71
N ILE C 666 37.02 3.92 -57.22
CA ILE C 666 37.67 5.02 -56.46
C ILE C 666 37.45 6.32 -57.21
N GLN C 667 37.10 7.36 -56.49
CA GLN C 667 37.21 8.75 -56.99
C GLN C 667 38.20 9.53 -56.11
N LEU C 668 39.15 10.20 -56.77
CA LEU C 668 40.04 11.19 -56.14
C LEU C 668 39.63 12.59 -56.61
N ASN C 669 39.16 13.43 -55.70
CA ASN C 669 38.53 14.73 -56.03
C ASN C 669 37.51 14.56 -57.16
N GLN C 670 36.57 13.64 -57.00
CA GLN C 670 35.40 13.46 -57.90
C GLN C 670 35.81 12.97 -59.29
N GLU C 671 37.04 12.52 -59.50
CA GLU C 671 37.46 11.95 -60.81
C GLU C 671 37.73 10.47 -60.62
N LYS C 672 37.15 9.64 -61.48
CA LYS C 672 37.41 8.18 -61.49
C LYS C 672 38.92 7.92 -61.53
N HIS C 673 39.37 7.00 -60.72
CA HIS C 673 40.80 6.64 -60.57
C HIS C 673 40.92 5.14 -60.85
N THR C 674 41.48 4.73 -61.98
CA THR C 674 41.51 3.31 -62.39
C THR C 674 42.86 2.70 -62.04
N ALA C 675 43.95 3.48 -61.86
CA ALA C 675 45.29 2.91 -61.74
C ALA C 675 45.37 2.15 -60.42
N PRO C 676 46.12 1.04 -60.34
CA PRO C 676 46.22 0.29 -59.06
C PRO C 676 47.18 0.89 -58.02
N TYR C 677 47.53 2.16 -58.18
CA TYR C 677 48.41 2.91 -57.26
C TYR C 677 48.02 4.39 -57.25
N PHE C 678 48.47 5.08 -56.21
CA PHE C 678 48.48 6.55 -56.13
C PHE C 678 49.94 6.99 -56.19
N THR C 679 50.19 8.15 -56.80
CA THR C 679 51.50 8.84 -56.65
C THR C 679 51.48 9.56 -55.32
N HIS C 680 52.66 9.76 -54.76
CA HIS C 680 52.83 10.57 -53.55
C HIS C 680 52.30 11.98 -53.83
N GLN C 681 52.61 12.51 -55.02
CA GLN C 681 52.15 13.86 -55.40
C GLN C 681 50.62 13.94 -55.35
N GLU C 682 49.91 12.96 -55.91
CA GLU C 682 48.42 12.92 -55.88
C GLU C 682 47.89 12.96 -54.46
N LEU C 683 48.48 12.17 -53.55
CA LEU C 683 48.03 12.20 -52.14
C LEU C 683 48.34 13.56 -51.53
N LEU C 684 49.50 14.15 -51.81
CA LEU C 684 49.90 15.46 -51.20
C LEU C 684 49.01 16.61 -51.68
N ASN C 685 48.39 16.48 -52.85
CA ASN C 685 47.41 17.49 -53.32
C ASN C 685 46.24 17.54 -52.35
N GLY C 686 45.98 16.49 -51.60
CA GLY C 686 44.84 16.51 -50.66
C GLY C 686 43.50 16.45 -51.37
N GLY C 687 42.47 16.80 -50.64
CA GLY C 687 41.09 16.76 -51.13
C GLY C 687 40.38 15.51 -50.67
N THR C 688 39.66 14.84 -51.56
CA THR C 688 38.74 13.75 -51.20
C THR C 688 39.20 12.46 -51.85
N LEU C 689 39.33 11.40 -51.06
CA LEU C 689 39.53 10.04 -51.59
C LEU C 689 38.30 9.23 -51.19
N ASP C 690 37.50 8.87 -52.18
CA ASP C 690 36.24 8.14 -51.99
C ASP C 690 36.46 6.72 -52.50
N TYR C 691 36.28 5.73 -51.63
CA TYR C 691 36.23 4.31 -52.04
C TYR C 691 34.78 3.81 -52.03
N GLN C 692 34.22 3.46 -53.18
CA GLN C 692 32.96 2.66 -53.22
C GLN C 692 33.36 1.18 -53.11
N LEU C 693 32.89 0.50 -52.08
CA LEU C 693 33.31 -0.90 -51.82
C LEU C 693 32.27 -1.90 -52.34
N GLY C 694 32.71 -3.16 -52.48
CA GLY C 694 31.93 -4.22 -53.13
C GLY C 694 31.84 -5.47 -52.26
N ILE C 695 30.78 -6.26 -52.46
CA ILE C 695 30.70 -7.63 -51.91
C ILE C 695 31.17 -8.65 -52.94
N VAL C 696 31.31 -8.21 -54.18
CA VAL C 696 31.92 -8.99 -55.28
C VAL C 696 32.93 -8.08 -55.94
N PRO C 697 33.88 -8.67 -56.69
CA PRO C 697 34.91 -7.87 -57.32
C PRO C 697 34.36 -7.06 -58.48
N ASN C 698 35.08 -5.98 -58.81
CA ASN C 698 34.85 -5.18 -60.03
C ASN C 698 36.15 -5.14 -60.80
N PRO C 699 36.47 -6.16 -61.63
CA PRO C 699 37.76 -6.21 -62.31
C PRO C 699 37.95 -4.98 -63.22
N GLN C 700 39.11 -4.34 -63.11
CA GLN C 700 39.46 -3.22 -64.03
C GLN C 700 40.20 -3.87 -65.19
N THR C 701 40.02 -3.36 -66.39
CA THR C 701 40.65 -4.02 -67.54
C THR C 701 41.78 -3.10 -67.99
N THR C 702 42.27 -2.26 -67.09
CA THR C 702 43.36 -1.28 -67.38
C THR C 702 44.72 -1.98 -67.46
N ALA C 703 45.61 -1.48 -68.32
CA ALA C 703 47.00 -1.93 -68.45
C ALA C 703 47.87 -1.23 -67.41
N GLU C 704 47.34 -0.26 -66.68
CA GLU C 704 48.11 0.53 -65.67
C GLU C 704 48.71 -0.42 -64.63
N ARG C 705 49.99 -0.22 -64.30
CA ARG C 705 50.71 -1.06 -63.32
C ARG C 705 51.54 -0.15 -62.43
N PRO C 706 51.84 -0.52 -61.17
CA PRO C 706 52.72 0.30 -60.34
C PRO C 706 54.14 0.22 -60.93
N PHE C 707 55.00 1.13 -60.46
CA PHE C 707 56.40 1.33 -60.93
C PHE C 707 57.15 0.00 -61.06
N SER C 708 57.80 -0.21 -62.22
CA SER C 708 58.89 -1.21 -62.38
C SER C 708 59.99 -0.54 -63.22
N LEU C 709 61.26 -0.77 -62.87
CA LEU C 709 62.42 -0.23 -63.63
C LEU C 709 62.25 -0.55 -65.10
N SER C 710 61.96 -1.79 -65.41
CA SER C 710 62.05 -2.32 -66.79
C SER C 710 60.92 -1.75 -67.66
N THR C 711 59.91 -1.06 -67.09
CA THR C 711 58.80 -0.50 -67.89
C THR C 711 58.67 1.01 -67.74
N GLU C 712 59.58 1.75 -67.09
CA GLU C 712 59.39 3.21 -66.81
C GLU C 712 59.46 4.07 -68.09
N MET D 1 -29.84 -5.41 31.96
CA MET D 1 -30.37 -4.49 30.96
C MET D 1 -29.19 -3.57 30.60
N ASN D 2 -29.08 -3.20 29.31
CA ASN D 2 -28.06 -2.20 28.84
C ASN D 2 -28.51 -0.85 29.38
N ILE D 3 -27.54 -0.09 29.88
CA ILE D 3 -27.83 1.24 30.43
C ILE D 3 -28.50 2.09 29.33
N GLN D 4 -28.22 1.89 28.04
CA GLN D 4 -28.77 2.74 26.94
C GLN D 4 -30.29 2.55 26.78
N ALA D 5 -30.84 1.46 27.32
CA ALA D 5 -32.29 1.19 27.30
C ALA D 5 -32.97 1.79 28.53
N ILE D 6 -32.23 2.34 29.51
CA ILE D 6 -32.89 2.99 30.67
C ILE D 6 -33.43 4.34 30.18
N ASP D 7 -34.68 4.62 30.47
CA ASP D 7 -35.32 5.93 30.14
C ASP D 7 -35.39 6.77 31.41
N THR D 8 -34.64 7.86 31.42
CA THR D 8 -34.45 8.77 32.57
C THR D 8 -35.72 9.54 32.88
N ARG D 9 -36.79 9.38 32.09
CA ARG D 9 -38.11 9.97 32.46
C ARG D 9 -38.85 9.13 33.49
N HIS D 10 -38.31 7.99 33.81
CA HIS D 10 -38.78 7.21 34.99
C HIS D 10 -38.98 8.10 36.22
N GLY D 11 -40.16 8.08 36.83
CA GLY D 11 -40.41 8.85 38.04
C GLY D 11 -40.44 10.37 37.91
N THR D 12 -40.57 10.90 36.69
CA THR D 12 -40.45 12.36 36.43
C THR D 12 -41.83 13.02 36.29
N ALA D 13 -42.96 12.31 36.40
CA ALA D 13 -44.29 12.93 36.25
C ALA D 13 -44.73 13.38 37.63
N ASN D 14 -44.40 14.63 37.98
CA ASN D 14 -44.59 15.16 39.34
C ASN D 14 -45.12 16.58 39.27
N GLN D 15 -45.68 17.01 40.39
CA GLN D 15 -45.92 18.43 40.66
C GLN D 15 -45.96 18.58 42.18
N HIS D 16 -46.05 19.83 42.64
CA HIS D 16 -45.99 20.14 44.08
C HIS D 16 -47.03 19.30 44.83
N SER D 17 -48.20 19.12 44.24
CA SER D 17 -49.33 18.44 44.95
C SER D 17 -49.22 16.90 45.00
N PHE D 18 -48.37 16.29 44.19
CA PHE D 18 -48.40 14.81 44.04
C PHE D 18 -47.13 14.33 43.39
N SER D 19 -46.45 13.38 44.06
CA SER D 19 -45.16 12.81 43.63
C SER D 19 -45.35 11.36 43.14
N ASN D 20 -44.73 11.06 42.00
CA ASN D 20 -44.48 9.69 41.53
C ASN D 20 -42.98 9.42 41.55
N GLY D 21 -42.24 10.14 42.40
CA GLY D 21 -40.79 9.94 42.58
C GLY D 21 -40.10 11.25 42.80
N ASN D 22 -40.61 12.32 42.16
CA ASN D 22 -39.94 13.64 42.21
C ASN D 22 -38.50 13.45 41.76
N CYS D 23 -38.32 12.60 40.75
CA CYS D 23 -37.04 12.38 40.03
C CYS D 23 -36.91 13.44 38.92
N LEU D 24 -35.66 13.77 38.57
CA LEU D 24 -35.31 14.45 37.31
C LEU D 24 -34.76 13.42 36.34
N PRO D 25 -34.77 13.75 35.05
CA PRO D 25 -34.11 12.94 34.04
C PRO D 25 -32.59 13.18 34.04
N TYR D 26 -31.95 12.60 35.05
CA TYR D 26 -30.51 12.84 35.28
C TYR D 26 -29.72 12.01 34.27
N THR D 27 -28.97 12.73 33.44
CA THR D 27 -27.90 12.15 32.59
C THR D 27 -26.56 12.42 33.31
N GLY D 28 -25.77 11.38 33.54
CA GLY D 28 -24.47 11.56 34.21
C GLY D 28 -23.81 10.21 34.33
N VAL D 29 -22.57 10.21 34.75
CA VAL D 29 -21.85 8.97 35.17
C VAL D 29 -22.26 8.74 36.61
N PRO D 30 -22.02 7.51 37.13
CA PRO D 30 -22.35 7.19 38.52
C PRO D 30 -21.67 8.19 39.44
N PHE D 31 -22.44 8.73 40.37
CA PHE D 31 -21.95 9.72 41.37
C PHE D 31 -21.30 10.92 40.65
N GLY D 32 -21.74 11.28 39.46
CA GLY D 32 -21.15 12.40 38.72
C GLY D 32 -21.20 13.70 39.51
N MET D 33 -20.20 14.56 39.33
CA MET D 33 -20.18 15.81 40.06
C MET D 33 -21.29 16.76 39.59
N ASN D 34 -21.64 16.65 38.32
CA ASN D 34 -22.79 17.37 37.77
C ASN D 34 -23.68 16.30 37.12
N PHE D 35 -24.97 16.59 37.08
CA PHE D 35 -25.91 15.92 36.15
C PHE D 35 -26.38 16.93 35.10
N TYR D 36 -27.04 16.40 34.10
CA TYR D 36 -27.44 17.15 32.89
C TYR D 36 -28.85 16.69 32.59
N ALA D 37 -29.74 17.63 32.34
CA ALA D 37 -31.15 17.28 32.10
C ALA D 37 -31.73 18.33 31.20
N PRO D 38 -32.66 17.98 30.31
CA PRO D 38 -33.41 19.02 29.61
C PRO D 38 -34.30 19.77 30.60
N GLN D 39 -34.37 21.09 30.43
CA GLN D 39 -35.35 21.96 31.10
C GLN D 39 -36.48 22.27 30.12
N THR D 40 -37.72 21.96 30.54
CA THR D 40 -38.92 22.22 29.72
C THR D 40 -39.62 23.51 30.15
N THR D 41 -39.43 23.97 31.37
CA THR D 41 -40.10 25.21 31.83
C THR D 41 -39.33 25.91 32.95
N ASP D 42 -39.45 27.23 32.97
CA ASP D 42 -38.94 28.07 34.08
C ASP D 42 -40.11 28.71 34.84
N GLN D 43 -41.33 28.18 34.68
CA GLN D 43 -42.55 28.80 35.27
C GLN D 43 -43.09 27.96 36.43
N LYS D 44 -42.41 26.87 36.81
CA LYS D 44 -42.94 25.90 37.79
C LYS D 44 -41.89 25.67 38.89
N GLY D 45 -41.03 26.67 39.14
CA GLY D 45 -40.02 26.56 40.20
C GLY D 45 -39.14 25.32 40.00
N SER D 46 -38.93 24.56 41.09
CA SER D 46 -38.09 23.33 41.08
C SER D 46 -38.59 22.28 40.09
N TRP D 47 -39.84 22.35 39.68
CA TRP D 47 -40.41 21.37 38.71
C TRP D 47 -40.11 21.83 37.27
N TRP D 48 -38.83 21.90 36.90
CA TRP D 48 -38.40 22.57 35.65
C TRP D 48 -38.32 21.55 34.50
N PHE D 49 -38.60 20.29 34.78
CA PHE D 49 -38.79 19.24 33.76
C PHE D 49 -40.11 18.53 34.04
N HIS D 50 -40.92 18.36 32.99
CA HIS D 50 -42.07 17.44 33.03
CA HIS D 50 -42.09 17.46 33.02
C HIS D 50 -42.07 16.63 31.74
N PRO D 51 -42.31 15.30 31.81
CA PRO D 51 -42.22 14.47 30.61
C PRO D 51 -43.36 14.70 29.58
N GLU D 52 -44.40 15.39 29.98
CA GLU D 52 -45.57 15.71 29.10
C GLU D 52 -45.33 17.03 28.39
N ASP D 53 -44.34 17.77 28.82
CA ASP D 53 -44.09 19.08 28.17
C ASP D 53 -43.46 18.85 26.81
N ARG D 54 -43.78 19.74 25.88
CA ARG D 54 -43.26 19.67 24.51
C ARG D 54 -42.41 20.91 24.22
N THR D 55 -41.92 21.54 25.27
CA THR D 55 -41.06 22.76 25.21
C THR D 55 -39.67 22.42 25.71
N PHE D 56 -38.66 22.92 25.00
CA PHE D 56 -37.24 22.75 25.36
C PHE D 56 -36.60 24.11 25.54
N GLN D 57 -36.13 24.39 26.75
CA GLN D 57 -35.46 25.68 27.10
C GLN D 57 -33.94 25.55 27.02
N GLY D 58 -33.38 24.33 27.14
CA GLY D 58 -31.92 24.15 27.15
C GLY D 58 -31.50 22.94 27.95
N TYR D 59 -30.24 22.59 27.83
CA TYR D 59 -29.62 21.53 28.66
C TYR D 59 -29.26 22.22 29.97
N ARG D 60 -29.78 21.73 31.07
CA ARG D 60 -29.45 22.27 32.40
C ARG D 60 -28.37 21.42 33.04
N VAL D 61 -27.26 22.07 33.40
CA VAL D 61 -26.21 21.55 34.31
C VAL D 61 -26.74 21.71 35.70
N THR D 62 -26.99 20.61 36.41
CA THR D 62 -27.74 20.67 37.67
C THR D 62 -27.00 19.93 38.79
N HIS D 63 -27.32 20.35 40.00
CA HIS D 63 -26.96 19.67 41.27
C HIS D 63 -28.21 19.59 42.12
N GLN D 64 -29.40 19.56 41.49
CA GLN D 64 -30.67 19.58 42.25
C GLN D 64 -30.95 18.15 42.69
N PRO D 65 -30.99 17.87 44.02
CA PRO D 65 -31.24 16.50 44.47
C PRO D 65 -32.72 16.19 44.70
N SER D 66 -33.57 17.22 44.76
CA SER D 66 -35.01 17.14 45.07
C SER D 66 -35.60 18.52 44.90
N PRO D 67 -36.89 18.63 44.64
CA PRO D 67 -37.48 19.95 44.38
C PRO D 67 -37.59 20.77 45.67
N TRP D 68 -37.45 20.10 46.82
CA TRP D 68 -37.61 20.70 48.17
C TRP D 68 -36.29 21.40 48.53
N MET D 69 -35.16 20.81 48.17
CA MET D 69 -33.80 21.38 48.40
C MET D 69 -33.49 22.44 47.34
N GLY D 70 -34.02 22.28 46.12
CA GLY D 70 -33.65 23.17 45.01
C GLY D 70 -32.27 22.89 44.49
N ASP D 71 -31.80 23.73 43.61
CA ASP D 71 -30.54 23.51 42.87
C ASP D 71 -29.41 24.32 43.53
N PHE D 72 -28.22 24.08 43.04
CA PHE D 72 -27.04 24.95 43.25
C PHE D 72 -26.14 24.82 42.05
N SER D 73 -25.40 25.91 41.78
CA SER D 73 -24.37 25.93 40.74
C SER D 73 -24.98 25.32 39.47
N HIS D 74 -26.05 25.94 39.01
CA HIS D 74 -26.66 25.51 37.73
C HIS D 74 -26.42 26.55 36.65
N LEU D 75 -26.46 26.07 35.40
CA LEU D 75 -26.58 26.96 34.22
C LEU D 75 -27.20 26.19 33.06
N LEU D 76 -27.46 26.87 31.95
CA LEU D 76 -28.07 26.17 30.79
C LEU D 76 -27.27 26.46 29.53
N MET D 77 -27.29 25.50 28.63
CA MET D 77 -26.72 25.59 27.28
C MET D 77 -27.88 25.36 26.31
N THR D 78 -28.17 26.31 25.44
CA THR D 78 -29.32 26.18 24.50
C THR D 78 -28.82 26.45 23.09
N PRO D 79 -28.77 25.45 22.18
CA PRO D 79 -28.50 25.70 20.79
C PRO D 79 -29.57 26.61 20.17
N VAL D 80 -29.11 27.54 19.34
CA VAL D 80 -29.97 28.53 18.65
C VAL D 80 -29.46 28.69 17.23
N SER D 81 -30.37 28.85 16.29
CA SER D 81 -30.04 29.36 14.94
C SER D 81 -30.83 30.64 14.67
N GLY D 82 -30.25 31.53 13.87
CA GLY D 82 -30.91 32.80 13.49
C GLY D 82 -30.72 33.86 14.55
N SER D 83 -31.35 35.02 14.42
CA SER D 83 -31.26 36.10 15.44
C SER D 83 -32.38 35.93 16.47
N LEU D 84 -32.16 36.44 17.68
CA LEU D 84 -33.21 36.45 18.72
C LEU D 84 -33.52 37.92 19.05
N SER D 85 -34.79 38.29 19.17
CA SER D 85 -35.26 39.61 19.67
C SER D 85 -34.62 39.86 21.05
N GLU D 86 -34.75 38.88 21.94
CA GLU D 86 -34.32 38.95 23.35
C GLU D 86 -33.83 37.55 23.74
N LEU D 87 -32.98 37.46 24.75
CA LEU D 87 -32.22 36.19 25.02
C LEU D 87 -32.82 35.40 26.20
N SER D 88 -33.96 35.79 26.74
CA SER D 88 -34.64 35.03 27.81
C SER D 88 -34.86 33.56 27.37
N LEU D 89 -35.00 32.67 28.35
CA LEU D 89 -35.29 31.26 28.04
C LEU D 89 -36.61 31.16 27.29
N PHE D 90 -37.62 31.90 27.71
CA PHE D 90 -38.91 31.91 26.98
C PHE D 90 -38.71 32.32 25.52
N HIS D 91 -37.93 33.37 25.27
CA HIS D 91 -37.79 33.88 23.88
C HIS D 91 -37.04 32.88 23.03
N ALA D 92 -36.15 32.09 23.63
CA ALA D 92 -35.29 31.15 22.92
C ALA D 92 -35.96 29.75 22.83
N GLN D 93 -37.04 29.51 23.56
CA GLN D 93 -37.53 28.11 23.66
C GLN D 93 -38.07 27.64 22.32
N SER D 94 -37.93 26.35 22.11
CA SER D 94 -38.40 25.63 20.91
C SER D 94 -39.26 24.46 21.37
N SER D 95 -40.28 24.11 20.60
CA SER D 95 -40.90 22.81 20.85
C SER D 95 -39.94 21.67 20.43
N TYR D 96 -40.26 20.49 20.92
CA TYR D 96 -39.55 19.26 20.52
C TYR D 96 -40.55 18.11 20.64
N ARG D 97 -40.22 16.98 20.02
CA ARG D 97 -41.05 15.78 20.08
C ARG D 97 -40.45 14.80 21.09
N PRO D 98 -41.04 14.65 22.29
CA PRO D 98 -40.46 13.74 23.29
C PRO D 98 -40.31 12.30 22.76
N GLU D 99 -41.28 11.87 21.92
CA GLU D 99 -41.28 10.47 21.44
C GLU D 99 -40.21 10.24 20.39
N GLU D 100 -39.49 11.26 19.89
CA GLU D 100 -38.36 11.11 18.92
C GLU D 100 -37.00 11.39 19.61
N SER D 101 -37.03 11.55 20.92
CA SER D 101 -35.87 12.00 21.70
C SER D 101 -35.31 10.81 22.49
N LEU D 102 -34.05 10.92 22.86
CA LEU D 102 -33.37 9.90 23.71
C LEU D 102 -33.10 10.54 25.06
N PHE D 103 -33.59 9.89 26.12
CA PHE D 103 -33.38 10.29 27.50
C PHE D 103 -32.77 9.09 28.21
N SER D 104 -31.44 8.97 28.18
CA SER D 104 -30.76 7.82 28.83
C SER D 104 -29.71 8.35 29.81
N PRO D 105 -29.25 7.50 30.74
CA PRO D 105 -28.26 7.95 31.70
C PRO D 105 -26.95 8.44 31.04
N VAL D 106 -26.61 7.93 29.86
CA VAL D 106 -25.33 8.24 29.20
C VAL D 106 -25.52 9.18 28.02
N GLU D 107 -26.75 9.49 27.64
CA GLU D 107 -26.94 10.33 26.40
C GLU D 107 -28.30 11.00 26.47
N ILE D 108 -28.33 12.29 26.12
CA ILE D 108 -29.58 12.99 25.70
C ILE D 108 -29.42 13.29 24.22
N ASN D 109 -30.43 13.04 23.43
CA ASN D 109 -30.48 13.41 21.99
C ASN D 109 -31.85 13.99 21.71
N LEU D 110 -31.93 15.17 21.09
CA LEU D 110 -33.24 15.73 20.74
C LEU D 110 -33.10 16.79 19.65
N THR D 111 -34.21 17.01 18.99
CA THR D 111 -34.36 17.99 17.89
C THR D 111 -35.22 19.17 18.30
N GLN D 112 -34.65 20.39 18.20
CA GLN D 112 -35.39 21.63 18.44
C GLN D 112 -36.09 21.99 17.13
N LEU D 113 -37.40 21.85 17.09
CA LEU D 113 -38.20 21.99 15.84
C LEU D 113 -38.10 23.42 15.33
N ARG D 114 -38.01 24.40 16.24
CA ARG D 114 -37.98 25.84 15.84
C ARG D 114 -36.73 26.10 14.98
N TYR D 115 -35.59 25.50 15.35
CA TYR D 115 -34.25 25.83 14.76
C TYR D 115 -33.75 24.77 13.79
N GLN D 116 -34.41 23.62 13.68
CA GLN D 116 -33.84 22.48 12.91
C GLN D 116 -32.42 22.16 13.42
N ILE D 117 -32.30 22.00 14.75
CA ILE D 117 -31.03 21.60 15.39
C ILE D 117 -31.26 20.26 16.06
N THR D 118 -30.40 19.32 15.75
CA THR D 118 -30.34 18.05 16.51
C THR D 118 -29.08 18.09 17.35
N SER D 119 -29.21 17.72 18.62
CA SER D 119 -28.05 17.83 19.53
C SER D 119 -27.97 16.63 20.46
N GLN D 120 -26.76 16.39 20.94
CA GLN D 120 -26.43 15.19 21.74
C GLN D 120 -25.53 15.60 22.90
N LEU D 121 -25.93 15.24 24.11
CA LEU D 121 -25.09 15.54 25.28
C LEU D 121 -24.65 14.20 25.86
N ILE D 122 -23.34 14.02 25.98
CA ILE D 122 -22.72 12.82 26.63
C ILE D 122 -21.99 13.34 27.87
N PRO D 123 -22.23 12.76 29.06
CA PRO D 123 -21.58 13.22 30.28
C PRO D 123 -20.27 12.48 30.61
N SER D 124 -19.47 13.18 31.42
CA SER D 124 -18.34 12.58 32.17
C SER D 124 -18.48 13.01 33.63
N MET D 125 -17.53 12.59 34.44
CA MET D 125 -17.52 12.91 35.88
C MET D 125 -17.55 14.44 36.05
N TYR D 126 -16.70 15.20 35.34
CA TYR D 126 -16.53 16.64 35.63
C TYR D 126 -17.00 17.45 34.42
N GLY D 127 -17.42 16.79 33.35
CA GLY D 127 -17.85 17.58 32.19
C GLY D 127 -18.69 16.76 31.23
N GLY D 128 -18.37 16.86 29.95
CA GLY D 128 -19.18 16.19 28.92
C GLY D 128 -18.88 16.79 27.56
N ILE D 129 -19.56 16.25 26.57
CA ILE D 129 -19.45 16.72 25.16
C ILE D 129 -20.85 16.98 24.66
N LEU D 130 -21.07 18.17 24.12
CA LEU D 130 -22.35 18.57 23.50
C LEU D 130 -22.04 18.69 22.01
N THR D 131 -22.62 17.82 21.18
CA THR D 131 -22.50 17.89 19.71
C THR D 131 -23.79 18.49 19.13
N ILE D 132 -23.64 19.45 18.25
CA ILE D 132 -24.78 20.28 17.77
C ILE D 132 -24.77 20.24 16.24
N ASP D 133 -25.85 19.68 15.65
CA ASP D 133 -26.03 19.58 14.18
C ASP D 133 -27.02 20.64 13.74
N TYR D 134 -26.56 21.66 13.00
CA TYR D 134 -27.40 22.78 12.56
C TYR D 134 -27.82 22.57 11.10
N GLN D 135 -29.09 22.74 10.77
CA GLN D 135 -29.53 22.75 9.34
C GLN D 135 -29.52 24.18 8.81
N GLN D 136 -29.64 25.14 9.70
CA GLN D 136 -29.78 26.56 9.29
C GLN D 136 -28.41 27.22 9.28
N LYS D 137 -28.46 28.53 8.97
CA LYS D 137 -27.32 29.47 8.98
C LYS D 137 -27.43 30.32 10.24
N ASP D 138 -26.32 30.93 10.59
CA ASP D 138 -26.26 31.87 11.71
C ASP D 138 -26.44 31.04 12.99
N ASN D 139 -25.45 30.27 13.35
CA ASN D 139 -25.56 29.19 14.36
C ASN D 139 -24.88 29.63 15.64
N HIS D 140 -25.52 29.34 16.76
CA HIS D 140 -25.17 29.88 18.09
C HIS D 140 -25.32 28.83 19.21
N LEU D 141 -24.74 29.18 20.34
CA LEU D 141 -25.06 28.53 21.64
C LEU D 141 -25.35 29.62 22.63
N LEU D 142 -26.54 29.60 23.23
CA LEU D 142 -26.94 30.51 24.34
C LEU D 142 -26.51 29.90 25.69
N LEU D 143 -25.68 30.60 26.46
CA LEU D 143 -25.39 30.24 27.87
C LEU D 143 -26.23 31.11 28.77
N THR D 144 -27.03 30.49 29.60
CA THR D 144 -27.83 31.13 30.64
C THR D 144 -27.06 30.97 31.95
N LEU D 145 -26.64 32.13 32.53
CA LEU D 145 -25.75 32.20 33.71
C LEU D 145 -26.51 32.79 34.88
N PRO D 146 -27.24 31.97 35.65
CA PRO D 146 -28.08 32.51 36.71
C PRO D 146 -27.23 33.02 37.89
N GLY D 147 -27.81 33.99 38.58
CA GLY D 147 -27.16 34.69 39.71
C GLY D 147 -25.97 35.49 39.22
N ARG D 148 -25.03 35.74 40.11
CA ARG D 148 -23.86 36.56 39.78
C ARG D 148 -22.92 35.74 38.91
N TYR D 149 -22.45 36.31 37.83
CA TYR D 149 -21.62 35.60 36.85
C TYR D 149 -20.45 36.48 36.40
N GLN D 150 -19.46 35.79 35.88
CA GLN D 150 -18.34 36.36 35.11
C GLN D 150 -18.20 35.52 33.85
N VAL D 151 -17.82 36.17 32.76
CA VAL D 151 -17.50 35.44 31.53
C VAL D 151 -16.31 36.11 30.87
N LYS D 152 -15.47 35.28 30.31
CA LYS D 152 -14.20 35.70 29.68
C LYS D 152 -13.94 34.75 28.51
N GLN D 153 -13.56 35.30 27.36
CA GLN D 153 -13.11 34.49 26.22
C GLN D 153 -11.60 34.28 26.35
N LEU D 154 -11.14 33.04 26.40
CA LEU D 154 -9.70 32.73 26.56
C LEU D 154 -9.02 32.81 25.20
N ASP D 155 -9.68 32.35 24.16
CA ASP D 155 -9.09 32.30 22.80
C ASP D 155 -10.28 32.05 21.86
N ASP D 156 -10.03 31.95 20.57
CA ASP D 156 -11.13 31.85 19.58
C ASP D 156 -11.88 30.52 19.73
N HIS D 157 -11.37 29.56 20.50
CA HIS D 157 -12.05 28.26 20.72
C HIS D 157 -12.47 28.04 22.17
N GLN D 158 -12.36 29.01 23.08
CA GLN D 158 -12.49 28.70 24.53
C GLN D 158 -13.12 29.85 25.29
N VAL D 159 -14.14 29.53 26.08
CA VAL D 159 -14.92 30.48 26.91
C VAL D 159 -14.88 29.96 28.35
N ALA D 160 -14.63 30.84 29.32
CA ALA D 160 -14.67 30.48 30.75
C ALA D 160 -15.79 31.26 31.42
N VAL D 161 -16.64 30.59 32.19
CA VAL D 161 -17.68 31.28 32.96
C VAL D 161 -17.58 30.88 34.43
N LYS D 162 -18.13 31.73 35.28
CA LYS D 162 -18.23 31.48 36.72
C LYS D 162 -19.64 31.89 37.12
N VAL D 163 -20.36 31.03 37.84
CA VAL D 163 -21.68 31.41 38.33
C VAL D 163 -21.71 31.20 39.83
N ILE D 164 -22.41 32.10 40.48
CA ILE D 164 -22.75 32.02 41.91
C ILE D 164 -24.26 31.92 42.02
N ASN D 165 -24.78 30.72 42.28
CA ASN D 165 -26.23 30.55 42.51
C ASN D 165 -26.41 29.32 43.39
N TYR D 166 -27.43 29.35 44.23
CA TYR D 166 -27.63 28.29 45.24
C TYR D 166 -28.97 28.52 45.88
N SER D 167 -29.55 27.45 46.44
CA SER D 167 -30.76 27.53 47.24
C SER D 167 -30.39 27.80 48.70
N GLY D 168 -29.30 27.21 49.15
CA GLY D 168 -28.73 27.49 50.49
C GLY D 168 -27.24 27.20 50.49
N CYS D 169 -26.45 28.04 51.15
CA CYS D 169 -25.01 27.79 51.21
C CYS D 169 -24.37 28.62 52.33
N GLU D 170 -23.38 28.06 52.99
CA GLU D 170 -22.61 28.81 54.04
C GLU D 170 -21.69 29.86 53.38
N ASP D 171 -21.38 29.70 52.11
CA ASP D 171 -20.47 30.65 51.39
C ASP D 171 -21.37 31.50 50.51
N PRO D 172 -21.61 32.78 50.88
CA PRO D 172 -22.49 33.63 50.08
C PRO D 172 -21.99 33.87 48.66
N ASP D 173 -20.71 33.58 48.35
CA ASP D 173 -20.11 33.83 47.03
C ASP D 173 -19.74 32.48 46.38
N PHE D 174 -20.45 31.42 46.78
CA PHE D 174 -20.15 30.04 46.36
C PHE D 174 -20.09 29.99 44.84
N SER D 175 -18.93 29.66 44.31
CA SER D 175 -18.57 29.76 42.87
C SER D 175 -18.45 28.40 42.20
N PHE D 176 -19.01 28.33 40.99
CA PHE D 176 -18.86 27.18 40.08
C PHE D 176 -18.22 27.67 38.81
N TYR D 177 -17.16 27.01 38.37
CA TYR D 177 -16.38 27.38 37.17
C TYR D 177 -16.77 26.39 36.09
N PHE D 178 -17.00 26.89 34.89
CA PHE D 178 -17.42 26.08 33.75
C PHE D 178 -16.65 26.59 32.54
N VAL D 179 -15.98 25.69 31.85
CA VAL D 179 -15.13 26.04 30.69
CA VAL D 179 -15.12 26.04 30.69
C VAL D 179 -15.61 25.25 29.47
N LEU D 180 -15.67 25.93 28.33
CA LEU D 180 -16.17 25.31 27.06
C LEU D 180 -15.07 25.47 26.02
N HIS D 181 -14.68 24.36 25.42
CA HIS D 181 -13.79 24.28 24.24
C HIS D 181 -14.66 23.94 23.02
N PHE D 182 -14.57 24.77 21.99
CA PHE D 182 -15.34 24.63 20.73
C PHE D 182 -14.41 24.14 19.63
N GLU D 183 -14.80 23.09 18.90
CA GLU D 183 -14.00 22.58 17.75
C GLU D 183 -13.96 23.69 16.67
N GLN D 184 -15.09 24.30 16.41
CA GLN D 184 -15.23 25.39 15.40
C GLN D 184 -15.19 26.70 16.15
N PRO D 185 -14.42 27.68 15.63
CA PRO D 185 -14.17 28.91 16.38
C PRO D 185 -15.37 29.84 16.54
N LEU D 186 -15.31 30.66 17.57
CA LEU D 186 -16.22 31.81 17.75
C LEU D 186 -15.94 32.78 16.60
N THR D 187 -16.99 33.25 15.94
CA THR D 187 -16.94 34.19 14.77
C THR D 187 -17.14 35.63 15.24
N LYS D 188 -17.49 35.82 16.52
CA LYS D 188 -17.55 37.12 17.21
C LYS D 188 -16.83 36.93 18.53
N TRP D 189 -15.89 37.82 18.80
CA TRP D 189 -15.04 37.70 20.01
C TRP D 189 -15.64 38.66 21.02
N PHE D 190 -15.42 38.42 22.30
CA PHE D 190 -16.02 39.32 23.30
C PHE D 190 -15.06 39.63 24.44
N ALA D 191 -15.38 40.80 24.99
CA ALA D 191 -14.72 41.43 26.14
C ALA D 191 -15.23 40.73 27.39
N PRO D 192 -14.44 40.74 28.47
CA PRO D 192 -14.89 40.19 29.74
C PRO D 192 -16.06 40.98 30.29
N SER D 193 -16.90 40.30 31.06
CA SER D 193 -17.99 40.99 31.73
C SER D 193 -18.36 40.22 32.99
N SER D 194 -19.15 40.88 33.82
CA SER D 194 -19.81 40.32 34.99
C SER D 194 -21.18 40.95 35.13
N GLY D 195 -22.03 40.34 35.94
CA GLY D 195 -23.36 40.86 36.20
C GLY D 195 -24.17 39.81 36.91
N GLU D 196 -25.47 39.92 36.77
CA GLU D 196 -26.44 38.99 37.40
C GLU D 196 -27.36 38.49 36.30
N ASP D 197 -27.67 37.20 36.32
CA ASP D 197 -28.62 36.57 35.35
C ASP D 197 -28.14 36.87 33.92
N GLY D 198 -27.05 36.26 33.54
CA GLY D 198 -26.41 36.47 32.24
C GLY D 198 -27.11 35.68 31.16
N LYS D 199 -27.07 36.24 29.94
CA LYS D 199 -27.50 35.57 28.70
C LYS D 199 -26.43 35.88 27.67
N ILE D 200 -25.60 34.89 27.36
CA ILE D 200 -24.45 35.01 26.45
C ILE D 200 -24.74 34.21 25.19
N LEU D 201 -24.94 34.88 24.06
CA LEU D 201 -25.13 34.20 22.76
C LEU D 201 -23.80 34.12 22.05
N LEU D 202 -23.20 32.92 22.01
CA LEU D 202 -21.94 32.66 21.32
C LEU D 202 -22.25 32.44 19.86
N SER D 203 -21.40 32.89 18.94
CA SER D 203 -21.67 32.79 17.49
C SER D 203 -20.61 31.95 16.80
N PHE D 204 -21.05 31.05 15.92
CA PHE D 204 -20.14 30.14 15.19
C PHE D 204 -20.25 30.30 13.66
N GLY D 205 -21.12 31.19 13.18
CA GLY D 205 -21.27 31.36 11.73
C GLY D 205 -22.16 30.27 11.16
N ASN D 206 -21.82 29.76 9.99
CA ASN D 206 -22.74 28.93 9.18
C ASN D 206 -22.28 27.46 9.24
N ILE D 207 -21.54 27.07 10.25
CA ILE D 207 -21.01 25.69 10.37
C ILE D 207 -22.19 24.71 10.48
N ALA D 208 -22.00 23.52 9.97
CA ALA D 208 -23.01 22.43 10.01
C ALA D 208 -22.98 21.77 11.40
N GLN D 209 -21.79 21.68 12.03
CA GLN D 209 -21.69 20.93 13.29
C GLN D 209 -20.72 21.63 14.25
N GLN D 210 -21.14 21.83 15.48
CA GLN D 210 -20.26 22.30 16.58
C GLN D 210 -20.09 21.11 17.53
N VAL D 211 -18.87 20.93 18.02
CA VAL D 211 -18.57 19.96 19.10
C VAL D 211 -18.02 20.77 20.28
N VAL D 212 -18.77 20.78 21.39
CA VAL D 212 -18.39 21.48 22.63
C VAL D 212 -17.84 20.43 23.59
N HIS D 213 -16.58 20.51 23.97
CA HIS D 213 -16.03 19.78 25.14
C HIS D 213 -16.09 20.72 26.33
N PHE D 214 -16.79 20.35 27.40
CA PHE D 214 -16.90 21.25 28.54
C PHE D 214 -16.42 20.52 29.78
N SER D 215 -16.06 21.31 30.77
CA SER D 215 -15.72 20.79 32.10
C SER D 215 -16.01 21.84 33.14
N SER D 216 -15.75 21.52 34.41
CA SER D 216 -16.29 22.33 35.50
C SER D 216 -15.41 22.13 36.74
N SER D 217 -15.61 23.00 37.71
CA SER D 217 -14.85 22.95 38.97
C SER D 217 -15.56 23.73 40.04
N PHE D 218 -15.40 23.28 41.28
CA PHE D 218 -15.74 24.06 42.49
C PHE D 218 -14.45 24.66 43.10
N ILE D 219 -13.31 24.50 42.44
CA ILE D 219 -11.99 24.93 42.94
C ILE D 219 -11.62 26.25 42.28
N SER D 220 -11.46 26.26 40.97
CA SER D 220 -10.97 27.45 40.24
C SER D 220 -11.19 27.24 38.75
N GLU D 221 -11.07 28.33 37.98
CA GLU D 221 -10.97 28.30 36.50
C GLU D 221 -9.82 27.40 36.07
N LYS D 222 -8.63 27.53 36.65
CA LYS D 222 -7.49 26.70 36.22
C LYS D 222 -7.79 25.21 36.50
N GLN D 223 -8.44 24.89 37.62
CA GLN D 223 -8.71 23.45 37.90
C GLN D 223 -9.75 22.92 36.88
N ALA D 224 -10.72 23.74 36.47
CA ALA D 224 -11.69 23.37 35.40
C ALA D 224 -10.94 23.13 34.11
N GLN D 225 -9.95 23.96 33.82
CA GLN D 225 -9.11 23.73 32.60
C GLN D 225 -8.33 22.44 32.70
N LEU D 226 -7.81 22.07 33.86
CA LEU D 226 -7.13 20.76 34.08
C LEU D 226 -8.13 19.61 33.87
N ASN D 227 -9.34 19.77 34.41
CA ASN D 227 -10.35 18.68 34.32
C ASN D 227 -10.66 18.48 32.83
N LEU D 228 -10.76 19.57 32.08
CA LEU D 228 -11.05 19.54 30.61
C LEU D 228 -9.85 18.90 29.89
N ALA D 229 -8.63 19.27 30.25
CA ALA D 229 -7.43 18.77 29.51
C ALA D 229 -7.34 17.25 29.60
N ARG D 230 -7.83 16.65 30.67
CA ARG D 230 -7.75 15.18 30.85
C ARG D 230 -8.68 14.45 29.88
N GLU D 231 -9.64 15.10 29.26
CA GLU D 231 -10.50 14.35 28.29
C GLU D 231 -10.74 15.20 27.03
N ILE D 232 -9.98 16.28 26.81
CA ILE D 232 -10.17 17.14 25.59
C ILE D 232 -10.05 16.30 24.31
N SER D 233 -9.28 15.23 24.30
CA SER D 233 -8.99 14.44 23.07
C SER D 233 -10.04 13.36 22.83
N LEU D 234 -10.91 13.06 23.79
CA LEU D 234 -11.97 12.03 23.63
C LEU D 234 -12.92 12.46 22.52
N ARG D 235 -13.23 11.55 21.61
CA ARG D 235 -14.39 11.72 20.71
C ARG D 235 -15.65 11.48 21.58
N SER D 236 -16.78 12.05 21.19
CA SER D 236 -18.08 11.76 21.85
C SER D 236 -18.31 10.23 21.94
N THR D 237 -17.99 9.47 20.89
CA THR D 237 -18.24 8.01 20.85
C THR D 237 -17.41 7.33 21.94
N GLU D 238 -16.20 7.81 22.20
CA GLU D 238 -15.32 7.21 23.23
C GLU D 238 -15.83 7.60 24.62
N MET D 239 -16.22 8.85 24.84
CA MET D 239 -16.77 9.28 26.15
C MET D 239 -18.05 8.48 26.43
N LEU D 240 -18.84 8.22 25.38
CA LEU D 240 -20.12 7.46 25.57
C LEU D 240 -19.76 6.01 25.99
N GLN D 241 -18.82 5.39 25.31
CA GLN D 241 -18.39 4.01 25.63
C GLN D 241 -17.86 3.95 27.07
N GLN D 242 -17.12 4.97 27.51
CA GLN D 242 -16.56 5.01 28.87
C GLN D 242 -17.69 5.13 29.88
N GLY D 243 -18.67 5.99 29.62
CA GLY D 243 -19.81 6.17 30.52
C GLY D 243 -20.63 4.88 30.63
N ILE D 244 -20.84 4.20 29.53
CA ILE D 244 -21.56 2.90 29.48
C ILE D 244 -20.76 1.91 30.32
N ALA D 245 -19.44 1.89 30.18
CA ALA D 245 -18.61 0.98 31.02
C ALA D 245 -18.69 1.35 32.50
N ASP D 246 -18.78 2.63 32.84
CA ASP D 246 -18.85 3.04 34.27
C ASP D 246 -20.19 2.54 34.86
N TRP D 247 -21.29 2.70 34.12
CA TRP D 247 -22.61 2.18 34.56
C TRP D 247 -22.56 0.64 34.63
N HIS D 248 -21.94 -0.01 33.64
CA HIS D 248 -21.89 -1.50 33.62
C HIS D 248 -21.10 -1.98 34.82
N ASN D 249 -20.11 -1.23 35.27
CA ASN D 249 -19.30 -1.60 36.45
C ASN D 249 -20.23 -1.87 37.64
N TYR D 250 -21.27 -1.06 37.81
CA TYR D 250 -22.21 -1.21 38.94
C TYR D 250 -23.34 -2.17 38.58
N PHE D 251 -23.89 -2.09 37.37
CA PHE D 251 -25.06 -2.93 37.00
C PHE D 251 -24.63 -4.41 37.01
N ASP D 252 -23.38 -4.70 36.63
CA ASP D 252 -22.84 -6.08 36.55
C ASP D 252 -22.75 -6.70 37.96
N ARG D 253 -22.90 -5.90 39.02
CA ARG D 253 -22.84 -6.41 40.41
C ARG D 253 -24.15 -7.08 40.82
N LEU D 254 -25.23 -6.84 40.07
CA LEU D 254 -26.55 -7.40 40.40
C LEU D 254 -27.19 -7.82 39.08
N LYS D 255 -26.95 -9.06 38.66
CA LYS D 255 -27.57 -9.58 37.42
C LYS D 255 -28.79 -10.41 37.81
N VAL D 256 -29.98 -9.94 37.50
CA VAL D 256 -31.22 -10.58 38.04
C VAL D 256 -32.12 -10.92 36.87
N THR D 257 -32.96 -11.91 37.11
CA THR D 257 -34.05 -12.25 36.19
C THR D 257 -35.32 -12.44 37.00
N HIS D 258 -36.45 -12.38 36.29
CA HIS D 258 -37.81 -12.49 36.87
C HIS D 258 -38.66 -13.32 35.94
N GLU D 259 -39.81 -13.78 36.43
CA GLU D 259 -40.79 -14.41 35.51
C GLU D 259 -41.29 -13.35 34.54
N ASN D 260 -41.64 -12.20 35.07
CA ASN D 260 -42.22 -11.08 34.28
C ASN D 260 -41.10 -10.10 33.92
N PRO D 261 -40.77 -9.94 32.64
CA PRO D 261 -39.68 -9.06 32.22
C PRO D 261 -39.98 -7.59 32.55
N GLU D 262 -41.23 -7.23 32.83
CA GLU D 262 -41.54 -5.83 33.24
C GLU D 262 -40.88 -5.58 34.62
N HIS D 263 -40.81 -6.61 35.45
CA HIS D 263 -40.19 -6.48 36.78
C HIS D 263 -38.70 -6.19 36.59
N THR D 264 -38.07 -6.90 35.66
CA THR D 264 -36.63 -6.71 35.36
C THR D 264 -36.42 -5.26 34.89
N LYS D 265 -37.28 -4.75 34.02
CA LYS D 265 -37.20 -3.33 33.61
C LYS D 265 -37.29 -2.36 34.81
N THR D 266 -38.20 -2.59 35.71
CA THR D 266 -38.34 -1.76 36.91
C THR D 266 -37.05 -1.87 37.73
N PHE D 267 -36.53 -3.08 37.92
CA PHE D 267 -35.34 -3.29 38.78
C PHE D 267 -34.17 -2.44 38.25
N TYR D 268 -33.92 -2.49 36.95
CA TYR D 268 -32.75 -1.77 36.41
C TYR D 268 -33.01 -0.24 36.39
N HIS D 269 -34.24 0.23 36.26
CA HIS D 269 -34.53 1.68 36.39
C HIS D 269 -34.26 2.11 37.84
N THR D 270 -34.71 1.32 38.83
CA THR D 270 -34.38 1.68 40.23
C THR D 270 -32.86 1.61 40.45
N LEU D 271 -32.15 0.66 39.87
CA LEU D 271 -30.70 0.51 40.08
C LEU D 271 -29.94 1.71 39.50
N TYR D 272 -30.34 2.24 38.34
CA TYR D 272 -29.80 3.51 37.80
C TYR D 272 -29.85 4.57 38.90
N ARG D 273 -30.99 4.69 39.57
CA ARG D 273 -31.23 5.76 40.56
C ARG D 273 -30.55 5.45 41.89
N THR D 274 -29.86 4.31 41.96
CA THR D 274 -29.16 3.89 43.20
C THR D 274 -27.68 4.29 43.13
N PHE D 275 -27.14 4.60 41.96
CA PHE D 275 -25.71 4.98 41.83
C PHE D 275 -25.54 6.44 41.36
N LEU D 276 -26.44 7.34 41.71
CA LEU D 276 -26.34 8.76 41.36
C LEU D 276 -25.81 9.51 42.58
N PHE D 277 -26.39 9.29 43.77
CA PHE D 277 -26.17 10.06 45.00
C PHE D 277 -25.48 9.19 46.02
N PRO D 278 -24.65 9.77 46.90
CA PRO D 278 -24.32 11.20 46.86
C PRO D 278 -23.39 11.54 45.71
N GLN D 279 -23.47 12.77 45.18
CA GLN D 279 -22.60 13.18 44.09
C GLN D 279 -21.17 13.41 44.60
N THR D 280 -20.23 13.05 43.77
CA THR D 280 -18.81 13.39 43.91
C THR D 280 -18.68 14.89 44.11
N PHE D 281 -18.01 15.34 45.19
CA PHE D 281 -17.82 16.79 45.45
C PHE D 281 -16.34 17.04 45.75
N TYR D 282 -15.48 16.40 44.99
CA TYR D 282 -14.02 16.62 45.01
C TYR D 282 -13.52 16.39 43.61
N GLU D 283 -12.32 16.92 43.37
CA GLU D 283 -11.58 16.90 42.11
C GLU D 283 -10.17 16.39 42.36
N LEU D 284 -9.44 16.14 41.29
CA LEU D 284 -8.06 15.60 41.39
C LEU D 284 -7.08 16.72 40.97
N ASP D 285 -6.19 17.10 41.89
CA ASP D 285 -5.24 18.20 41.65
C ASP D 285 -4.19 17.75 40.64
N GLU D 286 -3.20 18.63 40.37
CA GLU D 286 -2.12 18.39 39.41
C GLU D 286 -1.31 17.15 39.80
N ASN D 287 -1.33 16.71 41.05
CA ASN D 287 -0.64 15.47 41.51
C ASN D 287 -1.62 14.30 41.61
N GLN D 288 -2.81 14.41 41.01
CA GLN D 288 -3.85 13.36 41.05
C GLN D 288 -4.38 13.14 42.46
N GLN D 289 -4.24 14.11 43.39
CA GLN D 289 -4.76 13.96 44.75
C GLN D 289 -6.08 14.68 44.91
N PRO D 290 -6.99 14.10 45.72
CA PRO D 290 -8.28 14.73 45.99
C PRO D 290 -8.14 16.12 46.61
N ILE D 291 -8.96 17.01 46.09
CA ILE D 291 -9.10 18.39 46.60
C ILE D 291 -10.57 18.77 46.55
N HIS D 292 -11.04 19.58 47.46
CA HIS D 292 -12.44 20.04 47.49
C HIS D 292 -12.53 21.46 47.98
N TYR D 293 -13.73 22.01 47.86
CA TYR D 293 -14.06 23.32 48.41
C TYR D 293 -14.77 23.15 49.74
N ASP D 294 -14.28 23.90 50.72
CA ASP D 294 -14.86 23.98 52.07
C ASP D 294 -15.60 25.30 52.15
N THR D 295 -16.93 25.22 52.14
CA THR D 295 -17.81 26.41 52.15
C THR D 295 -17.77 27.11 53.51
N PHE D 296 -17.41 26.39 54.58
CA PHE D 296 -17.51 26.90 55.96
C PHE D 296 -16.41 27.95 56.18
N SER D 297 -15.20 27.67 55.70
CA SER D 297 -14.05 28.59 55.85
C SER D 297 -13.77 29.30 54.52
N GLN D 298 -14.49 28.94 53.44
CA GLN D 298 -14.25 29.51 52.08
C GLN D 298 -12.82 29.26 51.62
N THR D 299 -12.37 28.01 51.71
CA THR D 299 -11.02 27.58 51.27
C THR D 299 -11.05 26.30 50.47
N VAL D 300 -9.97 26.07 49.73
CA VAL D 300 -9.68 24.79 49.04
C VAL D 300 -8.84 23.93 49.97
N ARG D 301 -9.27 22.69 50.18
CA ARG D 301 -8.57 21.77 51.10
C ARG D 301 -8.40 20.41 50.45
N PRO D 302 -7.34 19.66 50.82
CA PRO D 302 -7.13 18.32 50.33
C PRO D 302 -8.20 17.39 50.92
N GLY D 303 -8.45 16.33 50.17
CA GLY D 303 -9.27 15.20 50.60
C GLY D 303 -10.55 15.09 49.80
N VAL D 304 -11.27 14.00 50.06
CA VAL D 304 -12.57 13.72 49.38
C VAL D 304 -13.69 14.49 50.10
N LEU D 305 -14.78 14.66 49.35
CA LEU D 305 -16.04 15.22 49.88
C LEU D 305 -17.16 14.76 48.92
N TYR D 306 -18.31 14.49 49.48
CA TYR D 306 -19.54 14.12 48.73
C TYR D 306 -20.62 15.09 49.12
N THR D 307 -21.65 15.18 48.27
CA THR D 307 -22.76 16.12 48.50
C THR D 307 -24.07 15.48 48.00
N ASN D 308 -25.14 16.20 48.22
CA ASN D 308 -26.52 15.80 47.83
C ASN D 308 -26.90 14.48 48.52
N ASN D 309 -27.17 14.57 49.81
CA ASN D 309 -27.65 13.45 50.63
C ASN D 309 -28.30 13.97 51.87
N GLY D 310 -29.52 13.50 52.12
CA GLY D 310 -30.20 13.65 53.39
C GLY D 310 -30.19 12.31 54.09
N PHE D 311 -29.36 12.16 55.14
CA PHE D 311 -29.14 10.84 55.74
C PHE D 311 -30.47 10.29 56.30
N TRP D 312 -31.37 11.17 56.70
CA TRP D 312 -32.72 10.78 57.17
C TRP D 312 -33.35 9.82 56.15
N ASP D 313 -33.09 10.05 54.87
CA ASP D 313 -33.56 9.16 53.76
C ASP D 313 -32.58 8.02 53.53
N THR D 314 -31.31 8.30 53.32
CA THR D 314 -30.41 7.37 52.64
C THR D 314 -29.86 6.32 53.62
N TYR D 315 -29.89 6.58 54.93
CA TYR D 315 -29.31 5.59 55.91
C TYR D 315 -30.15 4.31 55.79
N LYS D 316 -31.42 4.47 55.41
CA LYS D 316 -32.42 3.35 55.47
C LYS D 316 -31.98 2.20 54.61
N THR D 317 -31.41 2.51 53.44
CA THR D 317 -31.27 1.51 52.37
C THR D 317 -30.00 1.65 51.57
N VAL D 318 -29.57 2.87 51.26
CA VAL D 318 -28.47 3.05 50.28
C VAL D 318 -27.16 2.50 50.86
N TYR D 319 -26.77 3.00 52.03
CA TYR D 319 -25.49 2.58 52.65
C TYR D 319 -25.54 1.10 52.96
N PRO D 320 -26.65 0.51 53.49
CA PRO D 320 -26.65 -0.93 53.68
C PRO D 320 -26.48 -1.73 52.39
N LEU D 321 -27.04 -1.23 51.27
CA LEU D 321 -26.75 -1.88 49.97
C LEU D 321 -25.28 -1.71 49.59
N PHE D 322 -24.69 -0.51 49.74
CA PHE D 322 -23.25 -0.31 49.38
C PHE D 322 -22.40 -1.24 50.29
N SER D 323 -22.84 -1.53 51.53
CA SER D 323 -22.08 -2.43 52.45
C SER D 323 -21.92 -3.81 51.85
N LEU D 324 -22.81 -4.22 50.94
CA LEU D 324 -22.73 -5.54 50.29
C LEU D 324 -21.97 -5.46 48.96
N ILE D 325 -22.30 -4.49 48.09
CA ILE D 325 -21.81 -4.49 46.70
C ILE D 325 -21.01 -3.24 46.30
N ALA D 326 -20.84 -2.22 47.13
CA ALA D 326 -20.06 -1.03 46.72
C ALA D 326 -19.28 -0.52 47.93
N GLN D 327 -18.55 -1.42 48.59
CA GLN D 327 -17.84 -1.04 49.83
C GLN D 327 -16.81 0.06 49.50
N GLU D 328 -16.22 0.03 48.31
CA GLU D 328 -15.16 1.01 47.92
C GLU D 328 -15.78 2.43 47.91
N LYS D 329 -17.04 2.57 47.51
CA LYS D 329 -17.71 3.88 47.56
C LYS D 329 -18.04 4.26 49.00
N TYR D 330 -18.58 3.34 49.79
CA TYR D 330 -18.98 3.56 51.19
C TYR D 330 -17.74 4.10 51.92
N GLU D 331 -16.63 3.45 51.66
CA GLU D 331 -15.32 3.79 52.29
C GLU D 331 -14.94 5.25 52.03
N GLU D 332 -15.03 5.68 50.78
CA GLU D 332 -14.61 7.05 50.38
C GLU D 332 -15.68 8.03 50.87
N MET D 333 -16.96 7.64 50.83
CA MET D 333 -18.04 8.53 51.31
C MET D 333 -17.89 8.82 52.82
N LEU D 334 -17.62 7.81 53.65
CA LEU D 334 -17.42 8.01 55.11
C LEU D 334 -16.27 9.00 55.32
N GLU D 335 -15.20 8.86 54.58
CA GLU D 335 -14.04 9.78 54.65
C GLU D 335 -14.51 11.21 54.36
N GLY D 336 -15.37 11.40 53.33
CA GLY D 336 -15.96 12.71 53.00
C GLY D 336 -16.77 13.25 54.14
N PHE D 337 -17.61 12.41 54.73
CA PHE D 337 -18.54 12.86 55.78
C PHE D 337 -17.73 13.27 57.03
N LEU D 338 -16.61 12.57 57.28
CA LEU D 338 -15.71 12.94 58.41
C LEU D 338 -15.02 14.27 58.09
N ASN D 339 -14.67 14.53 56.82
CA ASN D 339 -14.13 15.85 56.39
C ASN D 339 -15.20 16.93 56.64
N SER D 340 -16.47 16.67 56.35
CA SER D 340 -17.57 17.62 56.64
C SER D 340 -17.57 17.99 58.13
N TYR D 341 -17.47 16.99 59.01
CA TYR D 341 -17.40 17.22 60.47
C TYR D 341 -16.16 18.02 60.79
N ASN D 342 -15.02 17.68 60.22
CA ASN D 342 -13.73 18.38 60.51
C ASN D 342 -13.90 19.88 60.14
N GLU D 343 -14.64 20.19 59.08
CA GLU D 343 -14.69 21.57 58.52
C GLU D 343 -15.76 22.39 59.23
N THR D 344 -16.79 21.78 59.81
CA THR D 344 -17.94 22.54 60.31
C THR D 344 -18.13 22.38 61.82
N GLY D 345 -17.63 21.30 62.40
CA GLY D 345 -17.84 21.02 63.83
C GLY D 345 -18.93 19.97 64.11
N PHE D 346 -19.72 19.57 63.11
CA PHE D 346 -20.85 18.64 63.34
C PHE D 346 -21.01 17.72 62.14
N LEU D 347 -21.30 16.45 62.44
CA LEU D 347 -21.55 15.45 61.38
C LEU D 347 -22.73 15.94 60.55
N PRO D 348 -22.64 15.76 59.24
CA PRO D 348 -23.65 16.32 58.32
C PRO D 348 -25.04 15.63 58.38
N LYS D 349 -26.08 16.41 58.11
CA LYS D 349 -27.48 15.94 58.11
C LYS D 349 -28.04 15.97 56.67
N TRP D 350 -28.00 17.12 56.00
CA TRP D 350 -28.54 17.25 54.62
C TRP D 350 -27.56 18.13 53.84
N LEU D 351 -26.72 17.51 53.02
CA LEU D 351 -25.67 18.22 52.26
C LEU D 351 -26.24 18.64 50.90
N SER D 352 -26.31 19.93 50.61
CA SER D 352 -26.70 20.41 49.26
C SER D 352 -26.43 21.90 49.14
N PRO D 353 -25.17 22.32 48.85
CA PRO D 353 -23.98 21.47 48.72
C PRO D 353 -23.35 21.15 50.10
N ASP D 354 -23.72 21.97 51.07
CA ASP D 354 -23.19 21.95 52.47
C ASP D 354 -24.38 21.81 53.38
N GLU D 355 -24.17 22.00 54.68
CA GLU D 355 -25.25 21.71 55.64
C GLU D 355 -26.50 22.56 55.40
N ARG D 356 -27.62 21.90 55.18
CA ARG D 356 -28.94 22.54 54.96
C ARG D 356 -29.91 22.21 56.09
N GLY D 357 -29.66 21.18 56.92
CA GLY D 357 -30.55 20.86 58.08
C GLY D 357 -31.84 20.16 57.66
N LEU D 358 -32.98 20.84 57.84
CA LEU D 358 -34.33 20.43 57.34
C LEU D 358 -34.91 19.26 58.16
N MET D 359 -34.40 18.04 57.99
CA MET D 359 -35.14 16.84 58.48
C MET D 359 -34.74 16.59 59.95
N PRO D 360 -35.60 15.96 60.78
CA PRO D 360 -35.21 15.60 62.14
C PRO D 360 -33.99 14.66 62.14
N GLY D 361 -33.24 14.67 63.23
CA GLY D 361 -32.28 13.61 63.56
C GLY D 361 -30.93 13.77 62.89
N THR D 362 -30.00 12.93 63.35
CA THR D 362 -28.59 12.88 62.91
C THR D 362 -28.36 11.45 62.45
N LEU D 363 -29.06 11.03 61.41
CA LEU D 363 -29.07 9.63 60.97
C LEU D 363 -27.74 9.26 60.33
N ILE D 364 -26.84 10.23 60.07
CA ILE D 364 -25.45 9.86 59.73
C ILE D 364 -24.90 8.89 60.81
N ASP D 365 -25.41 8.99 62.05
CA ASP D 365 -24.94 8.08 63.15
C ASP D 365 -25.18 6.62 62.76
N ALA D 366 -26.29 6.33 62.03
CA ALA D 366 -26.62 4.97 61.60
C ALA D 366 -25.68 4.56 60.47
N VAL D 367 -25.36 5.47 59.55
CA VAL D 367 -24.40 5.22 58.46
C VAL D 367 -23.05 4.81 59.08
N ILE D 368 -22.66 5.54 60.12
CA ILE D 368 -21.36 5.26 60.79
C ILE D 368 -21.47 3.89 61.51
N ALA D 369 -22.49 3.72 62.34
CA ALA D 369 -22.60 2.50 63.19
C ALA D 369 -22.72 1.24 62.32
N ASP D 370 -23.52 1.33 61.23
CA ASP D 370 -23.60 0.17 60.30
C ASP D 370 -22.23 -0.16 59.74
N ALA D 371 -21.44 0.83 59.32
CA ALA D 371 -20.07 0.60 58.85
C ALA D 371 -19.25 -0.07 59.97
N ALA D 372 -19.28 0.49 61.19
CA ALA D 372 -18.46 -0.04 62.31
C ALA D 372 -18.74 -1.54 62.51
N VAL D 373 -20.00 -1.94 62.65
CA VAL D 373 -20.34 -3.36 62.95
C VAL D 373 -20.02 -4.24 61.73
N LYS D 374 -19.88 -3.69 60.53
CA LYS D 374 -19.54 -4.44 59.30
C LYS D 374 -18.06 -4.29 58.96
N LYS D 375 -17.28 -3.67 59.87
CA LYS D 375 -15.80 -3.56 59.71
C LYS D 375 -15.49 -2.77 58.44
N ILE D 376 -16.25 -1.72 58.18
CA ILE D 376 -15.95 -0.78 57.08
C ILE D 376 -15.35 0.49 57.68
N ARG D 377 -14.18 0.92 57.20
CA ARG D 377 -13.36 2.05 57.77
C ARG D 377 -13.25 1.97 59.30
N PRO D 378 -12.80 0.84 59.87
CA PRO D 378 -12.52 0.81 61.31
C PRO D 378 -11.44 1.85 61.70
N ASP D 379 -10.55 2.20 60.78
CA ASP D 379 -9.49 3.24 60.98
C ASP D 379 -10.13 4.59 61.35
N LEU D 380 -11.38 4.89 60.92
CA LEU D 380 -11.99 6.20 61.18
C LEU D 380 -12.89 6.17 62.39
N MET D 381 -13.14 4.99 62.99
CA MET D 381 -14.21 4.87 63.99
C MET D 381 -13.84 5.63 65.27
N PRO D 382 -12.56 5.69 65.73
CA PRO D 382 -12.25 6.54 66.89
C PRO D 382 -12.62 8.02 66.65
N GLN D 383 -12.25 8.57 65.48
CA GLN D 383 -12.69 9.94 65.09
C GLN D 383 -14.22 10.07 65.05
N PHE D 384 -14.90 9.12 64.40
CA PHE D 384 -16.38 9.18 64.33
C PHE D 384 -16.98 9.19 65.73
N LEU D 385 -16.50 8.33 66.65
CA LEU D 385 -17.11 8.28 67.99
C LEU D 385 -17.02 9.66 68.64
N GLU D 386 -15.89 10.36 68.50
CA GLU D 386 -15.71 11.69 69.13
C GLU D 386 -16.72 12.67 68.49
N ALA D 387 -16.88 12.58 67.18
CA ALA D 387 -17.80 13.45 66.41
C ALA D 387 -19.24 13.17 66.85
N MET D 388 -19.59 11.91 67.08
CA MET D 388 -20.98 11.53 67.47
C MET D 388 -21.23 12.02 68.90
N LYS D 389 -20.28 11.78 69.81
CA LYS D 389 -20.48 12.20 71.23
C LYS D 389 -20.64 13.73 71.30
N LYS D 390 -19.87 14.46 70.51
CA LYS D 390 -20.02 15.94 70.44
C LYS D 390 -21.43 16.31 70.01
N GLY D 391 -21.91 15.73 68.90
CA GLY D 391 -23.31 15.86 68.43
C GLY D 391 -24.32 15.57 69.51
N ALA D 392 -24.05 14.56 70.35
CA ALA D 392 -25.02 14.11 71.35
C ALA D 392 -24.95 14.97 72.63
N THR D 393 -23.94 15.81 72.79
CA THR D 393 -23.71 16.51 74.10
C THR D 393 -23.68 18.05 73.96
N GLN D 394 -23.50 18.59 72.75
CA GLN D 394 -23.29 20.04 72.53
C GLN D 394 -24.33 20.60 71.57
N GLN D 395 -25.03 21.67 71.97
CA GLN D 395 -25.97 22.44 71.12
C GLN D 395 -25.18 23.35 70.15
N SER D 396 -25.32 23.18 68.85
CA SER D 396 -24.78 24.17 67.88
C SER D 396 -25.53 25.49 68.09
N GLU D 397 -24.76 26.57 68.03
CA GLU D 397 -25.24 27.99 67.95
C GLU D 397 -26.02 28.19 66.62
N ARG D 398 -25.63 27.45 65.56
CA ARG D 398 -26.19 27.53 64.18
C ARG D 398 -27.31 26.50 64.01
N GLU D 399 -28.50 26.92 63.57
CA GLU D 399 -29.73 26.09 63.73
C GLU D 399 -29.73 24.81 62.85
N ASN D 400 -28.92 24.76 61.78
CA ASN D 400 -28.92 23.62 60.81
C ASN D 400 -27.96 22.50 61.23
N TYR D 401 -27.14 22.70 62.27
CA TYR D 401 -26.11 21.69 62.64
C TYR D 401 -26.53 20.85 63.87
N GLY D 402 -26.33 19.54 63.76
CA GLY D 402 -26.39 18.62 64.92
C GLY D 402 -27.80 18.47 65.44
N ARG D 403 -27.94 18.10 66.71
CA ARG D 403 -29.27 17.89 67.31
C ARG D 403 -29.91 19.24 67.63
N GLN D 404 -31.25 19.28 67.59
CA GLN D 404 -32.08 20.42 68.08
C GLN D 404 -32.58 20.03 69.48
N GLY D 405 -32.49 20.94 70.46
CA GLY D 405 -32.96 20.60 71.82
C GLY D 405 -32.05 19.54 72.45
N THR D 406 -30.78 19.51 72.04
CA THR D 406 -29.71 18.64 72.61
C THR D 406 -29.83 18.62 74.13
N LEU D 407 -29.87 19.79 74.79
CA LEU D 407 -29.72 19.85 76.27
C LEU D 407 -31.05 19.46 76.92
N ASP D 408 -32.18 19.87 76.32
CA ASP D 408 -33.53 19.49 76.83
C ASP D 408 -33.68 17.97 76.74
N TYR D 409 -33.17 17.36 75.68
CA TYR D 409 -33.26 15.89 75.57
C TYR D 409 -32.56 15.27 76.81
N LEU D 410 -31.37 15.77 77.14
CA LEU D 410 -30.54 15.22 78.24
C LEU D 410 -31.19 15.52 79.60
N LYS D 411 -31.94 16.62 79.72
CA LYS D 411 -32.60 17.06 80.97
C LYS D 411 -33.86 16.22 81.25
N TYR D 412 -34.60 15.90 80.21
CA TYR D 412 -35.94 15.27 80.35
C TYR D 412 -35.93 13.78 79.96
N GLY D 413 -35.00 13.31 79.14
CA GLY D 413 -35.01 11.97 78.53
C GLY D 413 -35.85 11.93 77.24
N TYR D 414 -36.31 13.09 76.78
CA TYR D 414 -37.12 13.24 75.54
C TYR D 414 -37.04 14.71 75.12
N VAL D 415 -37.32 14.98 73.86
CA VAL D 415 -37.54 16.39 73.41
C VAL D 415 -38.96 16.75 73.77
N PRO D 416 -39.17 17.82 74.58
CA PRO D 416 -40.50 18.20 74.99
C PRO D 416 -41.37 18.77 73.85
N SER D 417 -42.67 18.74 74.11
CA SER D 417 -43.74 19.07 73.12
C SER D 417 -43.71 20.55 72.69
N THR D 418 -42.95 21.42 73.36
CA THR D 418 -42.70 22.83 72.97
C THR D 418 -41.86 22.86 71.67
N TYR D 419 -41.11 21.80 71.37
CA TYR D 419 -40.37 21.71 70.10
C TYR D 419 -41.27 21.12 69.02
N HIS D 420 -41.05 21.56 67.79
CA HIS D 420 -41.72 21.04 66.57
C HIS D 420 -41.25 19.60 66.33
N GLU D 421 -42.17 18.69 66.04
CA GLU D 421 -41.83 17.31 65.56
C GLU D 421 -41.06 16.60 66.68
N SER D 422 -41.47 16.84 67.90
CA SER D 422 -40.75 16.37 69.12
C SER D 422 -40.73 14.84 69.16
N VAL D 423 -41.75 14.18 68.62
CA VAL D 423 -41.79 12.69 68.65
C VAL D 423 -40.68 12.17 67.77
N ASN D 424 -40.61 12.66 66.53
CA ASN D 424 -39.54 12.26 65.60
C ASN D 424 -38.15 12.55 66.19
N HIS D 425 -37.95 13.77 66.74
CA HIS D 425 -36.62 14.12 67.28
C HIS D 425 -36.26 13.12 68.40
N THR D 426 -37.21 12.84 69.30
CA THR D 426 -36.92 11.99 70.49
C THR D 426 -36.53 10.59 69.98
N LEU D 427 -37.38 10.01 69.11
CA LEU D 427 -37.08 8.64 68.61
C LEU D 427 -35.82 8.61 67.77
N ASP D 428 -35.55 9.60 66.92
CA ASP D 428 -34.30 9.59 66.12
C ASP D 428 -33.10 9.71 67.08
N TYR D 429 -33.20 10.50 68.14
CA TYR D 429 -32.05 10.68 69.07
C TYR D 429 -31.84 9.35 69.79
N ALA D 430 -32.91 8.69 70.24
CA ALA D 430 -32.75 7.39 70.95
C ALA D 430 -32.10 6.36 70.03
N TYR D 431 -32.50 6.31 68.75
CA TYR D 431 -31.84 5.43 67.79
C TYR D 431 -30.39 5.87 67.56
N SER D 432 -30.11 7.16 67.38
CA SER D 432 -28.70 7.63 67.32
C SER D 432 -27.91 7.13 68.55
N ASP D 433 -28.50 7.22 69.73
CA ASP D 433 -27.80 6.78 70.98
C ASP D 433 -27.42 5.31 70.83
N PHE D 434 -28.34 4.46 70.30
CA PHE D 434 -27.99 3.05 70.03
C PHE D 434 -26.78 2.99 69.10
N CYS D 435 -26.80 3.75 67.99
CA CYS D 435 -25.71 3.75 66.99
C CYS D 435 -24.36 4.16 67.64
N ILE D 436 -24.39 5.15 68.52
CA ILE D 436 -23.16 5.61 69.24
C ILE D 436 -22.66 4.45 70.13
N SER D 437 -23.60 3.77 70.81
CA SER D 437 -23.28 2.58 71.67
CA SER D 437 -23.30 2.57 71.67
C SER D 437 -22.61 1.48 70.85
N GLN D 438 -23.09 1.21 69.62
CA GLN D 438 -22.48 0.20 68.75
C GLN D 438 -21.07 0.59 68.35
N VAL D 439 -20.83 1.85 67.97
CA VAL D 439 -19.46 2.24 67.59
C VAL D 439 -18.57 2.06 68.85
N ALA D 440 -19.02 2.54 69.99
CA ALA D 440 -18.24 2.47 71.27
C ALA D 440 -17.91 0.99 71.53
N LYS D 441 -18.88 0.09 71.33
CA LYS D 441 -18.68 -1.38 71.52
C LYS D 441 -17.59 -1.89 70.60
N THR D 442 -17.56 -1.53 69.31
CA THR D 442 -16.55 -2.02 68.36
C THR D 442 -15.15 -1.52 68.79
N LEU D 443 -15.09 -0.45 69.56
CA LEU D 443 -13.79 0.16 70.01
C LEU D 443 -13.48 -0.28 71.46
N ASN D 444 -14.33 -1.12 72.06
CA ASN D 444 -14.16 -1.59 73.46
C ASN D 444 -14.17 -0.41 74.41
N ASP D 445 -14.99 0.61 74.13
CA ASP D 445 -15.25 1.74 75.05
CA ASP D 445 -15.24 1.73 75.06
C ASP D 445 -16.49 1.40 75.88
N SER D 446 -16.30 0.63 76.97
CA SER D 446 -17.41 0.05 77.76
C SER D 446 -18.27 1.14 78.38
N GLU D 447 -17.64 2.19 78.90
CA GLU D 447 -18.37 3.22 79.67
C GLU D 447 -19.31 3.95 78.68
N THR D 448 -18.78 4.39 77.56
CA THR D 448 -19.59 5.08 76.52
C THR D 448 -20.68 4.11 76.00
N ALA D 449 -20.34 2.84 75.73
CA ALA D 449 -21.34 1.86 75.21
C ALA D 449 -22.47 1.73 76.23
N THR D 450 -22.16 1.55 77.52
CA THR D 450 -23.22 1.40 78.57
C THR D 450 -24.11 2.64 78.65
N PHE D 451 -23.56 3.85 78.67
CA PHE D 451 -24.34 5.13 78.78
C PHE D 451 -25.31 5.23 77.56
N TYR D 452 -24.77 5.07 76.37
CA TYR D 452 -25.60 5.24 75.12
C TYR D 452 -26.60 4.09 74.93
N ARG D 453 -26.31 2.87 75.37
CA ARG D 453 -27.32 1.76 75.33
C ARG D 453 -28.51 2.13 76.20
N GLN D 454 -28.28 2.77 77.34
CA GLN D 454 -29.37 3.15 78.25
C GLN D 454 -30.16 4.30 77.63
N GLN D 455 -29.45 5.27 77.05
CA GLN D 455 -30.11 6.42 76.37
C GLN D 455 -31.02 5.87 75.25
N ALA D 456 -30.60 4.78 74.62
CA ALA D 456 -31.34 4.23 73.47
C ALA D 456 -32.73 3.77 73.89
N LEU D 457 -33.01 3.65 75.21
CA LEU D 457 -34.33 3.27 75.71
C LEU D 457 -35.25 4.47 75.88
N ASN D 458 -34.83 5.69 75.50
CA ASN D 458 -35.61 6.95 75.70
C ASN D 458 -36.87 6.97 74.84
N TYR D 459 -37.01 6.05 73.87
CA TYR D 459 -38.30 5.87 73.17
C TYR D 459 -39.44 5.58 74.16
N GLN D 460 -39.14 4.93 75.29
CA GLN D 460 -40.19 4.55 76.28
C GLN D 460 -40.86 5.80 76.86
N GLN D 461 -40.16 6.93 76.86
CA GLN D 461 -40.71 8.19 77.46
C GLN D 461 -41.98 8.64 76.72
N LEU D 462 -42.08 8.39 75.41
CA LEU D 462 -43.21 8.96 74.63
C LEU D 462 -44.28 7.91 74.30
N PHE D 463 -44.13 6.69 74.80
CA PHE D 463 -45.17 5.64 74.60
C PHE D 463 -46.29 5.87 75.61
N ASN D 464 -47.50 6.12 75.12
CA ASN D 464 -48.71 6.32 75.92
C ASN D 464 -49.45 5.00 75.97
N PRO D 465 -49.40 4.29 77.12
CA PRO D 465 -50.13 3.02 77.23
C PRO D 465 -51.64 3.19 77.05
N GLU D 466 -52.18 4.39 77.31
CA GLU D 466 -53.64 4.61 77.15
C GLU D 466 -54.04 4.49 75.65
N THR D 467 -53.16 4.81 74.71
CA THR D 467 -53.54 4.87 73.26
C THR D 467 -52.72 3.89 72.41
N GLY D 468 -51.60 3.37 72.92
CA GLY D 468 -50.69 2.50 72.18
C GLY D 468 -49.97 3.24 71.06
N PHE D 469 -49.78 4.56 71.21
CA PHE D 469 -49.01 5.37 70.24
C PHE D 469 -47.90 6.12 70.95
N MET D 470 -46.93 6.57 70.18
CA MET D 470 -45.97 7.61 70.62
C MET D 470 -46.65 8.99 70.52
N GLN D 471 -46.61 9.77 71.60
CA GLN D 471 -47.22 11.12 71.68
C GLN D 471 -46.22 12.10 72.28
N ALA D 472 -46.38 13.39 71.95
CA ALA D 472 -45.55 14.48 72.46
C ALA D 472 -45.91 14.68 73.94
N LYS D 473 -44.93 15.08 74.73
CA LYS D 473 -45.05 15.15 76.20
C LYS D 473 -44.44 16.48 76.64
N ASP D 474 -45.12 17.22 77.51
CA ASP D 474 -44.59 18.53 77.96
C ASP D 474 -43.53 18.31 79.05
N THR D 475 -42.91 19.39 79.54
CA THR D 475 -41.77 19.36 80.49
C THR D 475 -42.25 18.76 81.82
N GLU D 476 -43.55 18.83 82.11
CA GLU D 476 -44.16 18.25 83.35
C GLU D 476 -44.56 16.77 83.16
N GLY D 477 -44.35 16.16 81.99
CA GLY D 477 -44.61 14.71 81.83
C GLY D 477 -46.02 14.41 81.31
N ASN D 478 -46.79 15.41 80.85
CA ASN D 478 -48.21 15.22 80.43
C ASN D 478 -48.26 15.10 78.90
N PHE D 479 -49.04 14.14 78.40
CA PHE D 479 -49.19 13.97 76.93
C PHE D 479 -50.08 15.09 76.41
N ARG D 480 -49.78 15.64 75.24
CA ARG D 480 -50.65 16.67 74.62
C ARG D 480 -52.07 16.12 74.60
N PRO D 481 -53.08 16.87 75.07
CA PRO D 481 -54.46 16.37 75.01
C PRO D 481 -55.06 16.45 73.59
N ASP D 482 -56.28 15.95 73.42
CA ASP D 482 -57.04 16.04 72.13
C ASP D 482 -56.32 15.22 71.06
N PHE D 483 -55.68 14.13 71.45
CA PHE D 483 -54.97 13.21 70.52
C PHE D 483 -55.96 12.63 69.51
N LEU D 484 -55.50 12.58 68.26
CA LEU D 484 -56.21 11.88 67.15
C LEU D 484 -55.16 11.10 66.35
N ASP D 485 -55.35 9.79 66.29
CA ASP D 485 -54.35 8.84 65.74
C ASP D 485 -53.96 9.25 64.31
N ILE D 486 -54.90 9.79 63.51
CA ILE D 486 -54.68 10.08 62.05
C ILE D 486 -54.37 11.55 61.79
N ARG D 487 -54.19 12.35 62.85
CA ARG D 487 -53.79 13.76 62.68
C ARG D 487 -52.31 13.86 62.29
N TRP D 488 -52.05 14.54 61.18
CA TRP D 488 -50.69 14.72 60.63
C TRP D 488 -50.05 16.00 61.17
N GLY D 489 -48.73 15.98 61.32
CA GLY D 489 -47.92 17.19 61.58
C GLY D 489 -47.87 17.53 63.05
N LYS D 490 -47.34 18.72 63.33
CA LYS D 490 -47.18 19.29 64.68
C LYS D 490 -46.13 18.46 65.45
N ASP D 491 -46.53 17.29 65.96
CA ASP D 491 -45.67 16.40 66.78
C ASP D 491 -44.91 15.39 65.91
N TYR D 492 -45.35 15.21 64.65
CA TYR D 492 -44.87 14.15 63.73
C TYR D 492 -44.49 14.78 62.38
N ALA D 493 -43.35 14.41 61.82
CA ALA D 493 -42.90 14.87 60.50
C ALA D 493 -43.61 14.03 59.41
N GLU D 494 -44.40 14.69 58.56
CA GLU D 494 -44.97 14.07 57.31
C GLU D 494 -45.59 12.72 57.63
N GLY D 495 -46.42 12.71 58.66
CA GLY D 495 -47.17 11.54 59.09
C GLY D 495 -48.02 11.86 60.30
N SER D 496 -48.89 10.93 60.62
CA SER D 496 -49.66 10.86 61.86
C SER D 496 -48.89 9.98 62.86
N ALA D 497 -49.53 9.73 63.97
CA ALA D 497 -48.98 8.78 64.95
C ALA D 497 -48.78 7.41 64.28
N TRP D 498 -49.61 7.04 63.29
CA TRP D 498 -49.51 5.70 62.66
C TRP D 498 -48.19 5.58 61.90
N GLN D 499 -47.69 6.66 61.31
CA GLN D 499 -46.44 6.67 60.51
C GLN D 499 -45.24 6.96 61.42
N SER D 500 -45.43 7.15 62.72
CA SER D 500 -44.35 7.73 63.57
C SER D 500 -44.06 6.84 64.81
N SER D 501 -44.94 5.94 65.16
CA SER D 501 -44.91 5.26 66.48
C SER D 501 -44.03 4.00 66.46
N PHE D 502 -43.38 3.68 65.34
CA PHE D 502 -42.62 2.41 65.19
C PHE D 502 -41.17 2.66 64.80
N ALA D 503 -40.62 3.83 65.11
CA ALA D 503 -39.23 4.19 64.75
C ALA D 503 -38.33 3.78 65.92
N VAL D 504 -38.32 2.48 66.21
CA VAL D 504 -37.58 1.90 67.35
C VAL D 504 -36.79 0.73 66.82
N TYR D 505 -35.99 0.99 65.80
CA TYR D 505 -35.16 -0.02 65.10
C TYR D 505 -34.21 -0.74 66.07
N GLN D 506 -33.79 -0.02 67.12
CA GLN D 506 -32.79 -0.52 68.10
C GLN D 506 -33.42 -1.54 69.04
N ASP D 507 -34.75 -1.56 69.21
CA ASP D 507 -35.35 -2.38 70.30
C ASP D 507 -36.81 -2.72 70.08
N PHE D 508 -37.17 -3.35 68.94
CA PHE D 508 -38.59 -3.71 68.73
C PHE D 508 -39.09 -4.66 69.81
N ALA D 509 -38.26 -5.59 70.30
CA ALA D 509 -38.67 -6.51 71.39
C ALA D 509 -39.14 -5.67 72.59
N GLY D 510 -38.41 -4.60 72.91
CA GLY D 510 -38.80 -3.67 74.01
C GLY D 510 -40.04 -2.87 73.70
N LEU D 511 -40.24 -2.43 72.44
CA LEU D 511 -41.48 -1.74 72.08
C LEU D 511 -42.67 -2.69 72.27
N ILE D 512 -42.50 -3.93 71.80
CA ILE D 512 -43.57 -4.97 71.92
C ILE D 512 -43.93 -5.14 73.39
N LYS D 513 -42.93 -5.12 74.27
CA LYS D 513 -43.17 -5.34 75.72
C LYS D 513 -44.04 -4.20 76.23
N LEU D 514 -43.86 -2.98 75.70
CA LEU D 514 -44.74 -1.85 76.09
C LEU D 514 -46.21 -2.14 75.74
N TYR D 515 -46.48 -2.84 74.62
CA TYR D 515 -47.85 -3.16 74.16
C TYR D 515 -48.47 -4.23 75.07
N GLY D 516 -47.61 -5.03 75.73
CA GLY D 516 -48.04 -6.03 76.71
C GLY D 516 -47.75 -7.45 76.24
N SER D 517 -47.61 -7.69 74.93
CA SER D 517 -47.31 -9.02 74.34
C SER D 517 -47.10 -8.93 72.82
N GLU D 518 -46.52 -10.00 72.27
CA GLU D 518 -46.37 -10.20 70.81
C GLU D 518 -47.81 -10.11 70.25
N LEU D 519 -48.82 -10.66 70.92
CA LEU D 519 -50.18 -10.72 70.33
C LEU D 519 -50.79 -9.31 70.29
N ALA D 520 -50.57 -8.50 71.35
CA ALA D 520 -51.11 -7.11 71.40
C ALA D 520 -50.45 -6.28 70.28
N PHE D 521 -49.18 -6.50 70.03
CA PHE D 521 -48.44 -5.78 68.97
C PHE D 521 -48.99 -6.23 67.60
N GLU D 522 -49.21 -7.54 67.46
CA GLU D 522 -49.82 -8.12 66.21
C GLU D 522 -51.13 -7.41 65.89
N LYS D 523 -52.01 -7.21 66.87
CA LYS D 523 -53.32 -6.60 66.65
C LYS D 523 -53.11 -5.18 66.13
N LYS D 524 -52.13 -4.48 66.73
CA LYS D 524 -51.87 -3.07 66.32
C LYS D 524 -51.39 -3.06 64.86
N LEU D 525 -50.54 -4.00 64.46
CA LEU D 525 -50.04 -4.03 63.06
C LEU D 525 -51.17 -4.38 62.09
N ILE D 526 -52.05 -5.31 62.47
CA ILE D 526 -53.20 -5.70 61.60
C ILE D 526 -54.07 -4.45 61.41
N GLN D 527 -54.37 -3.73 62.49
CA GLN D 527 -55.15 -2.47 62.39
C GLN D 527 -54.46 -1.48 61.47
N LEU D 528 -53.16 -1.29 61.64
CA LEU D 528 -52.39 -0.33 60.81
C LEU D 528 -52.63 -0.66 59.34
N CYS D 529 -52.51 -1.92 58.99
CA CYS D 529 -52.49 -2.40 57.58
C CYS D 529 -53.91 -2.43 57.00
N ASN D 530 -54.91 -2.81 57.80
CA ASN D 530 -56.22 -3.20 57.21
C ASN D 530 -57.29 -2.09 57.29
N GLN D 531 -56.96 -0.98 57.88
CA GLN D 531 -57.88 0.16 57.98
C GLN D 531 -57.85 0.99 56.68
N ALA D 532 -58.78 1.94 56.54
CA ALA D 532 -58.80 2.88 55.40
C ALA D 532 -57.68 3.90 55.54
N PRO D 533 -57.11 4.42 54.42
CA PRO D 533 -56.07 5.42 54.48
C PRO D 533 -56.57 6.85 54.76
N ASN D 534 -57.27 7.00 55.88
CA ASN D 534 -57.82 8.29 56.31
C ASN D 534 -56.69 9.12 56.92
N PHE D 535 -56.85 10.42 56.83
CA PHE D 535 -55.89 11.38 57.39
C PHE D 535 -56.62 12.66 57.77
N ASN D 536 -56.01 13.37 58.72
CA ASN D 536 -56.54 14.66 59.23
C ASN D 536 -55.40 15.66 59.10
N VAL D 537 -55.65 16.83 58.50
CA VAL D 537 -54.54 17.72 58.06
C VAL D 537 -54.15 18.75 59.13
N GLU D 538 -54.78 18.72 60.30
CA GLU D 538 -54.73 19.89 61.23
C GLU D 538 -53.32 20.33 61.63
N GLY D 539 -52.33 19.45 61.73
CA GLY D 539 -50.94 19.85 62.06
C GLY D 539 -50.31 20.75 61.01
N TYR D 540 -50.77 20.67 59.77
CA TYR D 540 -50.27 21.46 58.62
C TYR D 540 -51.25 22.59 58.29
N GLY D 541 -52.57 22.37 58.38
CA GLY D 541 -53.56 23.38 57.96
C GLY D 541 -54.05 23.14 56.53
N PHE D 542 -53.53 22.11 55.85
CA PHE D 542 -53.83 21.85 54.41
C PHE D 542 -53.26 20.47 54.06
N GLU D 543 -53.67 19.94 52.90
CA GLU D 543 -53.21 18.61 52.46
C GLU D 543 -51.86 18.80 51.77
N ILE D 544 -50.91 17.95 52.17
CA ILE D 544 -49.58 17.82 51.51
C ILE D 544 -49.52 16.52 50.70
N HIS D 545 -48.57 16.48 49.78
CA HIS D 545 -48.49 15.36 48.77
C HIS D 545 -48.28 14.03 49.51
N GLU D 546 -47.53 13.97 50.63
CA GLU D 546 -47.36 12.66 51.32
C GLU D 546 -48.73 12.10 51.75
N MET D 547 -49.65 12.95 52.17
CA MET D 547 -50.98 12.49 52.59
C MET D 547 -51.66 11.91 51.34
N SER D 548 -51.67 12.70 50.28
CA SER D 548 -52.34 12.33 49.01
C SER D 548 -51.79 10.97 48.56
N GLU D 549 -50.47 10.82 48.58
CA GLU D 549 -49.87 9.55 48.07
C GLU D 549 -50.33 8.34 48.90
N MET D 550 -50.46 8.48 50.22
CA MET D 550 -51.02 7.40 51.06
C MET D 550 -52.50 7.17 50.68
N ALA D 551 -53.26 8.24 50.49
CA ALA D 551 -54.72 8.14 50.33
C ALA D 551 -55.04 7.71 48.88
N ALA D 552 -54.07 7.76 47.98
CA ALA D 552 -54.26 7.35 46.56
C ALA D 552 -54.41 5.84 46.44
N ILE D 553 -53.95 5.06 47.43
CA ILE D 553 -53.92 3.60 47.35
C ILE D 553 -54.51 2.98 48.62
N ASP D 554 -54.94 1.73 48.48
CA ASP D 554 -55.59 0.98 49.57
C ASP D 554 -54.57 0.06 50.24
N PHE D 555 -53.60 0.65 50.98
CA PHE D 555 -52.63 -0.09 51.79
C PHE D 555 -52.66 0.44 53.23
N GLY D 556 -53.84 0.87 53.65
CA GLY D 556 -54.05 1.32 55.03
C GLY D 556 -53.11 2.47 55.38
N GLN D 557 -52.58 2.43 56.59
CA GLN D 557 -51.67 3.48 57.10
C GLN D 557 -50.22 3.13 56.73
N LEU D 558 -49.99 2.09 55.93
CA LEU D 558 -48.61 1.74 55.52
C LEU D 558 -48.21 2.66 54.36
N ALA D 559 -47.69 3.83 54.71
CA ALA D 559 -47.46 4.95 53.76
C ALA D 559 -46.11 4.73 53.09
N ILE D 560 -46.07 3.74 52.20
CA ILE D 560 -44.84 3.33 51.47
C ILE D 560 -44.29 4.49 50.64
N SER D 561 -45.13 5.49 50.34
CA SER D 561 -44.76 6.75 49.68
C SER D 561 -43.71 7.55 50.47
N ASN D 562 -43.42 7.18 51.74
CA ASN D 562 -42.47 8.00 52.52
C ASN D 562 -41.67 7.09 53.46
N GLN D 563 -40.46 7.51 53.81
CA GLN D 563 -39.43 6.74 54.55
C GLN D 563 -39.95 6.16 55.86
N PRO D 564 -40.76 6.88 56.65
CA PRO D 564 -41.17 6.38 57.96
C PRO D 564 -41.79 4.98 57.97
N SER D 565 -42.54 4.62 56.91
CA SER D 565 -43.28 3.35 56.85
C SER D 565 -42.46 2.24 56.16
N PHE D 566 -41.26 2.52 55.64
CA PHE D 566 -40.49 1.60 54.80
C PHE D 566 -40.32 0.22 55.46
N HIS D 567 -40.07 0.19 56.76
CA HIS D 567 -39.80 -1.07 57.47
C HIS D 567 -41.08 -1.79 57.90
N TYR D 568 -42.26 -1.19 57.74
CA TYR D 568 -43.48 -1.70 58.42
C TYR D 568 -43.74 -3.19 58.15
N PRO D 569 -43.62 -3.72 56.90
CA PRO D 569 -43.90 -5.14 56.66
C PRO D 569 -43.06 -6.08 57.54
N PHE D 570 -41.87 -5.62 57.91
CA PHE D 570 -40.87 -6.39 58.70
C PHE D 570 -41.29 -6.43 60.17
N LEU D 571 -42.19 -5.58 60.64
CA LEU D 571 -42.60 -5.60 62.07
C LEU D 571 -43.20 -6.95 62.43
N PHE D 572 -43.86 -7.64 61.48
CA PHE D 572 -44.41 -8.99 61.72
C PHE D 572 -43.27 -9.97 62.04
N SER D 573 -42.04 -9.70 61.59
CA SER D 573 -40.91 -10.62 61.83
C SER D 573 -40.52 -10.58 63.31
N TYR D 574 -40.95 -9.58 64.07
CA TYR D 574 -40.52 -9.39 65.48
C TYR D 574 -41.48 -10.13 66.41
N ILE D 575 -42.59 -10.66 65.85
CA ILE D 575 -43.56 -11.49 66.61
C ILE D 575 -43.61 -12.91 66.03
N GLY D 576 -42.61 -13.32 65.27
CA GLY D 576 -42.45 -14.66 64.72
C GLY D 576 -43.55 -15.00 63.72
N LYS D 577 -44.08 -13.99 63.02
CA LYS D 577 -45.17 -14.19 62.00
C LYS D 577 -44.78 -13.54 60.67
N PRO D 578 -43.58 -13.76 60.11
CA PRO D 578 -43.23 -13.08 58.87
C PRO D 578 -44.16 -13.49 57.70
N GLU D 579 -44.79 -14.65 57.82
CA GLU D 579 -45.72 -15.11 56.76
C GLU D 579 -46.88 -14.12 56.62
N MET D 580 -47.20 -13.34 57.65
CA MET D 580 -48.31 -12.38 57.57
C MET D 580 -47.99 -11.28 56.58
N ALA D 581 -46.73 -11.05 56.23
CA ALA D 581 -46.35 -9.85 55.43
C ALA D 581 -45.71 -10.25 54.10
N GLN D 582 -45.54 -11.55 53.83
CA GLN D 582 -44.94 -12.00 52.55
C GLN D 582 -45.82 -11.52 51.39
N PRO D 583 -47.15 -11.73 51.38
CA PRO D 583 -47.94 -11.25 50.25
C PRO D 583 -47.85 -9.72 50.16
N LEU D 584 -48.01 -9.07 51.30
CA LEU D 584 -47.94 -7.59 51.43
C LEU D 584 -46.71 -7.05 50.70
N LEU D 585 -45.55 -7.70 50.85
CA LEU D 585 -44.29 -7.18 50.28
C LEU D 585 -44.37 -7.31 48.75
N LYS D 586 -44.80 -8.45 48.23
CA LYS D 586 -44.98 -8.60 46.78
C LYS D 586 -45.94 -7.52 46.28
N GLN D 587 -47.06 -7.32 46.97
CA GLN D 587 -48.07 -6.30 46.54
C GLN D 587 -47.47 -4.91 46.57
N LEU D 588 -46.67 -4.54 47.59
CA LEU D 588 -46.06 -3.21 47.65
C LEU D 588 -45.08 -3.05 46.50
N MET D 589 -44.35 -4.12 46.13
CA MET D 589 -43.40 -3.99 45.02
C MET D 589 -44.11 -3.70 43.69
N GLN D 590 -45.39 -4.05 43.58
CA GLN D 590 -46.18 -3.72 42.36
C GLN D 590 -46.58 -2.25 42.28
N THR D 591 -46.31 -1.44 43.30
CA THR D 591 -46.57 0.01 43.20
C THR D 591 -45.39 0.69 42.50
N PHE D 592 -44.40 -0.08 42.12
CA PHE D 592 -43.23 0.46 41.39
C PHE D 592 -43.28 -0.02 39.95
N ASP D 593 -42.95 0.86 38.98
CA ASP D 593 -42.63 0.45 37.62
C ASP D 593 -41.68 1.44 36.99
N ALA D 594 -41.29 1.20 35.72
CA ALA D 594 -40.26 2.01 35.05
C ALA D 594 -40.87 3.24 34.35
N SER D 595 -42.14 3.51 34.55
CA SER D 595 -42.86 4.61 33.86
C SER D 595 -42.53 5.95 34.52
N PRO D 596 -42.96 7.07 33.89
CA PRO D 596 -42.92 8.37 34.57
C PRO D 596 -43.68 8.45 35.89
N THR D 597 -44.66 7.57 36.15
CA THR D 597 -45.42 7.57 37.43
C THR D 597 -44.89 6.45 38.35
N GLY D 598 -43.66 6.01 38.17
CA GLY D 598 -43.19 4.68 38.60
C GLY D 598 -42.85 4.51 40.06
N TYR D 599 -42.84 5.53 40.90
CA TYR D 599 -42.65 5.34 42.37
C TYR D 599 -43.92 5.72 43.10
N PRO D 600 -44.18 5.12 44.26
CA PRO D 600 -45.33 5.52 45.08
C PRO D 600 -45.21 6.86 45.81
N GLY D 601 -44.02 7.46 45.81
CA GLY D 601 -43.75 8.76 46.43
C GLY D 601 -42.34 9.20 46.15
N ASP D 602 -41.85 10.16 46.90
CA ASP D 602 -40.50 10.70 46.61
C ASP D 602 -39.43 9.63 46.70
N GLU D 603 -38.55 9.57 45.71
CA GLU D 603 -37.51 8.55 45.61
C GLU D 603 -36.34 8.90 46.58
N ASP D 604 -36.04 10.19 46.72
CA ASP D 604 -35.10 10.71 47.75
C ASP D 604 -33.72 10.09 47.59
N ASN D 605 -33.06 10.35 46.47
CA ASN D 605 -31.59 10.18 46.31
C ASN D 605 -31.16 8.73 46.61
N GLY D 606 -31.91 7.75 46.09
CA GLY D 606 -31.51 6.35 46.16
C GLY D 606 -32.30 5.59 47.21
N SER D 607 -32.95 6.30 48.14
CA SER D 607 -33.57 5.72 49.36
C SER D 607 -34.63 4.73 48.91
N MET D 608 -35.57 5.21 48.10
CA MET D 608 -36.74 4.35 47.76
C MET D 608 -36.31 3.32 46.70
N SER D 609 -35.33 3.65 45.88
CA SER D 609 -34.82 2.71 44.85
C SER D 609 -34.19 1.50 45.56
N ALA D 610 -33.40 1.77 46.58
CA ALA D 610 -32.68 0.69 47.30
C ALA D 610 -33.68 -0.09 48.16
N TRP D 611 -34.77 0.52 48.59
CA TRP D 611 -35.88 -0.25 49.20
C TRP D 611 -36.32 -1.33 48.19
N TYR D 612 -36.53 -0.94 46.96
CA TYR D 612 -37.06 -1.84 45.91
C TYR D 612 -36.01 -2.91 45.58
N ILE D 613 -34.73 -2.53 45.50
CA ILE D 613 -33.64 -3.50 45.16
C ILE D 613 -33.58 -4.55 46.27
N PHE D 614 -33.53 -4.14 47.52
CA PHE D 614 -33.42 -5.08 48.68
C PHE D 614 -34.64 -6.01 48.63
N ASN D 615 -35.81 -5.43 48.58
CA ASN D 615 -37.05 -6.23 48.64
C ASN D 615 -37.12 -7.20 47.44
N SER D 616 -36.62 -6.83 46.26
CA SER D 616 -36.55 -7.70 45.07
C SER D 616 -35.76 -8.99 45.41
N LEU D 617 -34.70 -8.85 46.21
CA LEU D 617 -33.80 -9.97 46.56
C LEU D 617 -34.35 -10.74 47.75
N GLY D 618 -35.28 -10.16 48.50
CA GLY D 618 -35.98 -10.86 49.58
C GLY D 618 -35.49 -10.58 50.97
N PHE D 619 -34.73 -9.52 51.21
CA PHE D 619 -34.26 -9.22 52.59
C PHE D 619 -34.00 -7.73 52.70
N TYR D 620 -33.94 -7.21 53.93
CA TYR D 620 -34.03 -5.75 54.11
C TYR D 620 -33.37 -5.31 55.41
N PRO D 621 -32.60 -4.22 55.39
CA PRO D 621 -31.91 -3.74 56.60
C PRO D 621 -32.83 -2.92 57.51
N VAL D 622 -33.60 -3.59 58.35
CA VAL D 622 -34.51 -2.87 59.29
C VAL D 622 -33.64 -2.01 60.25
N THR D 623 -32.58 -2.62 60.75
CA THR D 623 -31.70 -2.00 61.79
C THR D 623 -30.27 -1.87 61.25
N PRO D 624 -29.98 -0.78 60.50
CA PRO D 624 -28.61 -0.28 60.32
C PRO D 624 -27.99 -0.15 61.73
N GLY D 625 -26.83 -0.76 61.88
CA GLY D 625 -26.12 -0.79 63.17
C GLY D 625 -26.19 -2.17 63.79
N ALA D 626 -27.06 -3.08 63.32
CA ALA D 626 -27.19 -4.44 63.91
C ALA D 626 -26.44 -5.49 63.11
N GLY D 627 -26.10 -5.22 61.85
CA GLY D 627 -25.41 -6.21 60.99
C GLY D 627 -26.31 -7.40 60.60
N GLU D 628 -27.55 -7.11 60.32
CA GLU D 628 -28.56 -8.12 59.91
C GLU D 628 -29.44 -7.58 58.75
N TYR D 629 -30.11 -8.49 58.06
CA TYR D 629 -31.13 -8.20 57.02
C TYR D 629 -32.32 -9.06 57.33
N VAL D 630 -33.47 -8.45 57.58
CA VAL D 630 -34.71 -9.17 57.92
C VAL D 630 -35.28 -9.72 56.61
N ILE D 631 -35.68 -10.97 56.61
CA ILE D 631 -36.19 -11.66 55.41
C ILE D 631 -37.60 -11.17 55.09
N GLY D 632 -37.87 -11.04 53.78
CA GLY D 632 -39.13 -10.50 53.25
C GLY D 632 -39.73 -11.52 52.29
N MET D 633 -39.87 -11.12 51.03
CA MET D 633 -40.44 -11.99 49.98
C MET D 633 -39.78 -11.55 48.70
N PRO D 634 -38.93 -12.38 48.07
CA PRO D 634 -38.25 -11.98 46.87
C PRO D 634 -39.21 -11.87 45.68
N LEU D 635 -38.86 -10.98 44.77
CA LEU D 635 -39.58 -10.84 43.46
C LEU D 635 -38.78 -11.47 42.35
N VAL D 636 -37.44 -11.47 42.47
CA VAL D 636 -36.57 -12.09 41.43
C VAL D 636 -36.81 -13.60 41.44
N GLN D 637 -36.46 -14.24 40.34
CA GLN D 637 -36.23 -15.70 40.28
C GLN D 637 -34.76 -16.02 40.41
N THR D 638 -33.87 -15.19 39.82
CA THR D 638 -32.41 -15.38 39.97
C THR D 638 -31.75 -14.04 40.25
N ALA D 639 -30.66 -14.10 40.99
CA ALA D 639 -29.76 -12.95 41.20
C ALA D 639 -28.36 -13.48 41.37
N GLU D 640 -27.41 -12.91 40.63
CA GLU D 640 -25.96 -13.09 40.88
C GLU D 640 -25.47 -11.81 41.52
N VAL D 641 -25.14 -11.88 42.79
CA VAL D 641 -24.70 -10.71 43.63
C VAL D 641 -23.18 -10.75 43.74
N LYS D 642 -22.48 -9.82 43.09
CA LYS D 642 -21.00 -9.71 43.21
C LYS D 642 -20.71 -8.92 44.48
N LEU D 643 -20.23 -9.59 45.50
CA LEU D 643 -20.00 -8.91 46.79
C LEU D 643 -18.66 -8.19 46.76
N SER D 644 -18.56 -7.08 47.50
CA SER D 644 -17.35 -6.24 47.51
C SER D 644 -16.14 -7.04 48.02
N ASN D 645 -16.33 -8.09 48.81
CA ASN D 645 -15.22 -8.96 49.29
C ASN D 645 -14.70 -9.90 48.19
N GLY D 646 -15.18 -9.85 46.95
CA GLY D 646 -14.77 -10.75 45.85
C GLY D 646 -15.53 -12.08 45.82
N LYS D 647 -16.38 -12.33 46.78
CA LYS D 647 -17.26 -13.52 46.70
C LYS D 647 -18.54 -13.23 45.92
N GLN D 648 -19.30 -14.29 45.66
CA GLN D 648 -20.56 -14.19 44.90
C GLN D 648 -21.66 -14.87 45.72
N LEU D 649 -22.83 -14.24 45.79
CA LEU D 649 -24.06 -14.85 46.36
C LEU D 649 -25.00 -15.12 45.16
N THR D 650 -25.37 -16.36 44.94
CA THR D 650 -26.27 -16.74 43.83
C THR D 650 -27.64 -17.03 44.45
N ILE D 651 -28.64 -16.23 44.10
CA ILE D 651 -30.03 -16.42 44.57
C ILE D 651 -30.80 -17.17 43.49
N GLN D 652 -31.64 -18.13 43.93
CA GLN D 652 -32.49 -18.91 43.02
C GLN D 652 -33.78 -19.16 43.78
N THR D 653 -34.90 -18.89 43.15
CA THR D 653 -36.22 -19.17 43.74
C THR D 653 -36.83 -20.30 42.93
N SER D 654 -37.75 -21.04 43.54
CA SER D 654 -38.71 -21.86 42.77
C SER D 654 -39.47 -20.91 41.84
N PRO D 655 -40.28 -21.39 40.87
CA PRO D 655 -41.02 -20.47 40.01
C PRO D 655 -41.74 -19.40 40.83
N ASN D 656 -41.55 -18.14 40.44
CA ASN D 656 -41.99 -17.00 41.26
C ASN D 656 -42.99 -16.21 40.44
N LYS D 657 -44.22 -16.76 40.29
CA LYS D 657 -45.31 -16.14 39.52
C LYS D 657 -46.18 -15.38 40.51
N VAL D 658 -47.23 -14.73 40.03
CA VAL D 658 -48.09 -13.85 40.86
CA VAL D 658 -48.08 -13.84 40.88
C VAL D 658 -48.68 -14.64 42.05
N GLN D 659 -48.99 -15.91 41.85
CA GLN D 659 -49.65 -16.72 42.91
C GLN D 659 -48.64 -17.11 44.01
N GLN D 660 -47.34 -17.01 43.76
CA GLN D 660 -46.29 -17.30 44.79
C GLN D 660 -46.25 -16.09 45.71
N GLN D 661 -46.82 -16.18 46.92
CA GLN D 661 -46.90 -15.02 47.83
C GLN D 661 -46.32 -15.30 49.22
N PHE D 662 -45.67 -16.42 49.35
CA PHE D 662 -45.10 -16.88 50.61
C PHE D 662 -43.74 -17.52 50.38
N ILE D 663 -42.95 -17.60 51.45
CA ILE D 663 -41.74 -18.44 51.45
C ILE D 663 -42.07 -19.77 52.12
N HIS D 664 -41.81 -20.85 51.43
CA HIS D 664 -42.02 -22.21 51.99
C HIS D 664 -40.81 -22.59 52.81
N GLU D 665 -39.63 -22.52 52.23
CA GLU D 665 -38.35 -22.86 52.90
C GLU D 665 -37.17 -22.13 52.24
N ILE D 666 -36.17 -21.81 53.04
CA ILE D 666 -34.88 -21.25 52.58
C ILE D 666 -33.75 -22.24 52.89
N GLN D 667 -32.90 -22.48 51.91
CA GLN D 667 -31.59 -23.09 52.19
C GLN D 667 -30.49 -22.10 51.84
N LEU D 668 -29.56 -21.96 52.74
CA LEU D 668 -28.32 -21.21 52.49
C LEU D 668 -27.17 -22.21 52.43
N ASN D 669 -26.49 -22.29 51.31
CA ASN D 669 -25.48 -23.36 51.05
C ASN D 669 -26.02 -24.73 51.44
N GLN D 670 -27.23 -25.07 50.97
CA GLN D 670 -27.85 -26.42 51.11
C GLN D 670 -28.17 -26.74 52.59
N GLU D 671 -28.18 -25.76 53.49
CA GLU D 671 -28.63 -25.96 54.88
C GLU D 671 -29.92 -25.19 55.10
N LYS D 672 -30.91 -25.85 55.71
CA LYS D 672 -32.15 -25.20 56.11
C LYS D 672 -31.85 -23.98 56.97
N HIS D 673 -32.51 -22.88 56.67
CA HIS D 673 -32.36 -21.61 57.40
C HIS D 673 -33.72 -21.20 57.96
N THR D 674 -33.92 -21.28 59.28
CA THR D 674 -35.23 -21.06 59.91
C THR D 674 -35.32 -19.62 60.45
N ALA D 675 -34.21 -18.91 60.72
CA ALA D 675 -34.25 -17.59 61.37
C ALA D 675 -34.91 -16.58 60.41
N PRO D 676 -35.68 -15.62 60.94
CA PRO D 676 -36.34 -14.62 60.09
C PRO D 676 -35.42 -13.47 59.62
N TYR D 677 -34.12 -13.70 59.65
CA TYR D 677 -33.09 -12.71 59.25
C TYR D 677 -31.83 -13.44 58.81
N PHE D 678 -31.00 -12.70 58.08
CA PHE D 678 -29.64 -13.13 57.74
C PHE D 678 -28.67 -12.20 58.45
N THR D 679 -27.55 -12.72 58.91
CA THR D 679 -26.43 -11.84 59.36
C THR D 679 -25.72 -11.30 58.12
N HIS D 680 -25.11 -10.13 58.26
CA HIS D 680 -24.26 -9.58 57.18
C HIS D 680 -23.14 -10.58 56.88
N GLN D 681 -22.60 -11.21 57.90
CA GLN D 681 -21.50 -12.19 57.67
C GLN D 681 -21.99 -13.36 56.82
N GLU D 682 -23.20 -13.85 57.06
CA GLU D 682 -23.76 -14.99 56.28
C GLU D 682 -23.81 -14.63 54.80
N LEU D 683 -24.30 -13.46 54.49
CA LEU D 683 -24.40 -13.08 53.07
C LEU D 683 -23.00 -12.85 52.49
N LEU D 684 -22.05 -12.27 53.24
CA LEU D 684 -20.67 -12.05 52.73
C LEU D 684 -19.94 -13.37 52.49
N ASN D 685 -20.28 -14.46 53.18
CA ASN D 685 -19.70 -15.80 52.91
C ASN D 685 -20.06 -16.22 51.47
N GLY D 686 -21.14 -15.68 50.92
CA GLY D 686 -21.55 -16.00 49.55
C GLY D 686 -21.99 -17.45 49.45
N GLY D 687 -22.02 -17.98 48.23
CA GLY D 687 -22.57 -19.32 47.98
C GLY D 687 -23.98 -19.23 47.42
N THR D 688 -24.89 -20.08 47.89
CA THR D 688 -26.23 -20.24 47.27
C THR D 688 -27.29 -19.89 48.30
N LEU D 689 -28.21 -19.04 47.91
CA LEU D 689 -29.42 -18.74 48.68
C LEU D 689 -30.58 -19.23 47.82
N ASP D 690 -31.25 -20.27 48.28
CA ASP D 690 -32.36 -20.94 47.56
C ASP D 690 -33.64 -20.63 48.34
N TYR D 691 -34.61 -20.02 47.68
CA TYR D 691 -35.95 -19.81 48.25
C TYR D 691 -36.93 -20.75 47.55
N GLN D 692 -37.51 -21.70 48.29
CA GLN D 692 -38.67 -22.49 47.79
C GLN D 692 -39.90 -21.68 48.17
N LEU D 693 -40.67 -21.23 47.20
CA LEU D 693 -41.83 -20.33 47.45
C LEU D 693 -43.15 -21.10 47.51
N GLY D 694 -44.15 -20.46 48.08
CA GLY D 694 -45.46 -21.11 48.34
C GLY D 694 -46.64 -20.27 47.88
N ILE D 695 -47.75 -20.94 47.61
CA ILE D 695 -49.07 -20.33 47.34
C ILE D 695 -49.86 -20.28 48.64
N VAL D 696 -49.39 -21.01 49.66
CA VAL D 696 -49.92 -20.90 51.03
C VAL D 696 -48.73 -20.71 51.94
N PRO D 697 -48.95 -20.19 53.15
CA PRO D 697 -47.86 -19.98 54.07
C PRO D 697 -47.30 -21.29 54.63
N ASN D 698 -46.06 -21.25 55.12
CA ASN D 698 -45.45 -22.36 55.90
C ASN D 698 -44.95 -21.74 57.19
N PRO D 699 -45.79 -21.59 58.23
CA PRO D 699 -45.37 -20.94 59.48
C PRO D 699 -44.18 -21.70 60.08
N GLN D 700 -43.14 -20.95 60.44
CA GLN D 700 -41.99 -21.56 61.16
C GLN D 700 -42.36 -21.39 62.64
N THR D 701 -41.98 -22.27 63.52
CA THR D 701 -42.45 -22.07 64.91
C THR D 701 -41.23 -21.82 65.78
N THR D 702 -40.16 -21.36 65.15
CA THR D 702 -38.89 -20.92 65.80
C THR D 702 -39.13 -19.69 66.69
N ALA D 703 -38.37 -19.64 67.77
CA ALA D 703 -38.35 -18.49 68.71
C ALA D 703 -37.33 -17.47 68.20
N GLU D 704 -36.63 -17.77 67.10
CA GLU D 704 -35.63 -16.83 66.54
C GLU D 704 -36.28 -15.47 66.17
N ARG D 705 -35.55 -14.40 66.45
CA ARG D 705 -36.07 -13.04 66.18
C ARG D 705 -34.88 -12.23 65.71
N PRO D 706 -35.12 -11.20 64.86
CA PRO D 706 -34.04 -10.26 64.56
C PRO D 706 -33.60 -9.48 65.82
N PHE D 707 -32.48 -8.80 65.67
CA PHE D 707 -31.86 -8.00 66.76
C PHE D 707 -32.85 -7.06 67.44
N SER D 708 -32.80 -7.06 68.79
CA SER D 708 -33.36 -6.02 69.68
C SER D 708 -32.36 -5.81 70.83
N LEU D 709 -32.14 -4.57 71.25
CA LEU D 709 -31.24 -4.29 72.40
C LEU D 709 -31.61 -5.15 73.61
N SER D 710 -32.89 -5.19 73.93
CA SER D 710 -33.37 -5.68 75.24
C SER D 710 -33.24 -7.20 75.30
N THR D 711 -32.90 -7.88 74.21
CA THR D 711 -32.78 -9.36 74.19
C THR D 711 -31.41 -9.84 73.76
N GLU D 712 -30.41 -8.99 73.50
CA GLU D 712 -29.12 -9.43 72.89
C GLU D 712 -28.30 -10.35 73.82
C9 5II E . -51.35 -29.92 -3.66
O1 5II E . -51.01 -28.70 -2.97
C1 5II E . -50.88 -27.53 -3.82
C2 5II E . -50.47 -26.33 -2.95
C7 5II E . -49.86 -25.26 -3.85
C3 5II E . -51.71 -25.87 -2.13
O3 5II E . -51.42 -24.64 -1.49
C4 5II E . -52.93 -25.76 -3.00
O4 5II E . -54.13 -25.39 -2.26
C5 5II E . -53.19 -27.03 -3.83
O5 5II E . -52.07 -27.35 -4.60
C6 5II E . -54.33 -26.85 -4.83
O6 5II E . -54.63 -28.08 -5.49
C1 MAN F . -48.73 -24.45 -3.26
C2 MAN F . -48.35 -23.45 -4.39
C3 MAN F . -46.88 -23.11 -4.45
C4 MAN F . -45.98 -24.14 -3.73
C5 MAN F . -46.60 -25.56 -3.59
C6 MAN F . -45.64 -26.55 -2.92
O2 MAN F . -49.15 -22.18 -4.30
O3 MAN F . -46.67 -21.74 -4.12
O4 MAN F . -44.81 -24.27 -4.52
O5 MAN F . -47.70 -25.34 -2.69
O6 MAN F . -45.17 -26.20 -1.59
CA CA G . -48.11 -20.20 -2.91
NA NA H . -52.04 -13.94 8.40
C ACY I . -53.59 9.58 -7.13
O ACY I . -54.05 10.78 -7.24
OXT ACY I . -53.12 8.87 -8.06
CH3 ACY I . -53.55 9.00 -5.75
C1 EDO J . -29.64 -27.99 28.57
O1 EDO J . -28.44 -27.62 29.27
C2 EDO J . -30.68 -26.97 28.82
O2 EDO J . -30.17 -25.68 28.49
C1 EDO K . -51.28 -35.54 19.62
O1 EDO K . -50.19 -34.96 20.22
C2 EDO K . -52.39 -35.11 20.49
O2 EDO K . -51.94 -35.52 21.77
C1 EDO L . -23.25 -33.76 -12.08
O1 EDO L . -23.08 -33.23 -13.39
C2 EDO L . -22.68 -35.09 -11.86
O2 EDO L . -23.59 -36.12 -11.99
C1 EDO M . -45.63 -9.74 16.64
O1 EDO M . -44.64 -10.66 17.12
C2 EDO M . -46.05 -8.81 17.68
O2 EDO M . -44.89 -8.35 18.36
C1 EDO N . -36.71 -24.47 -20.90
O1 EDO N . -38.18 -24.21 -20.63
C2 EDO N . -36.28 -25.55 -20.00
O2 EDO N . -36.04 -25.27 -18.63
C9 5II O . -3.99 2.98 -14.69
O1 5II O . -2.57 2.61 -14.54
C1 5II O . -2.06 2.61 -13.19
C2 5II O . -0.56 2.45 -13.17
C7 5II O . -0.03 2.79 -11.79
C3 5II O . -0.21 1.00 -13.64
O3 5II O . 1.17 0.81 -13.48
C4 5II O . -0.99 -0.05 -12.86
O4 5II O . -0.68 -1.35 -13.32
C5 5II O . -2.46 0.27 -12.98
O5 5II O . -2.76 1.59 -12.46
C6 5II O . -3.26 -0.68 -12.10
O6 5II O . -4.67 -0.45 -12.25
C1 MAN P . 1.23 3.61 -11.76
C2 MAN P . 1.71 3.81 -10.28
C3 MAN P . 2.48 5.12 -10.08
C4 MAN P . 2.43 6.16 -11.24
C5 MAN P . 1.15 6.10 -12.05
C6 MAN P . 1.06 7.07 -13.23
O2 MAN P . 2.48 2.62 -9.82
O3 MAN P . 3.82 4.85 -9.62
O4 MAN P . 2.48 7.44 -10.74
O5 MAN P . 1.10 4.81 -12.60
O6 MAN P . 2.15 6.99 -14.21
CA CA Q . 5.09 2.85 -9.87
NA NA R . 14.39 -4.95 -15.85
C1 EDO S . 22.83 14.88 -39.80
O1 EDO S . 23.88 15.07 -38.84
C2 EDO S . 22.32 16.17 -40.23
O2 EDO S . 23.42 17.09 -40.53
C ACY T . 23.85 -10.85 9.95
O ACY T . 24.46 -11.70 10.74
OXT ACY T . 23.00 -9.97 10.30
CH3 ACY T . 24.15 -10.90 8.51
C1 EDO U . 3.31 0.95 -37.29
O1 EDO U . 2.75 1.38 -38.59
C2 EDO U . 4.70 0.36 -37.45
O2 EDO U . 4.67 -0.57 -38.61
C1 EDO V . 24.29 -2.06 -20.52
O1 EDO V . 24.26 -0.85 -21.31
C2 EDO V . 25.50 -2.87 -20.75
O2 EDO V . 26.61 -1.94 -20.75
C1 EDO W . 39.82 -1.02 -7.18
O1 EDO W . 38.89 -0.29 -7.97
C2 EDO W . 39.39 -1.08 -5.74
O2 EDO W . 38.31 -1.97 -5.49
C1 EDO X . 27.59 1.56 10.70
O1 EDO X . 27.96 2.28 11.87
C2 EDO X . 26.23 1.82 10.28
O2 EDO X . 25.24 1.15 10.97
C1 EDO Y . 20.68 1.66 -24.87
O1 EDO Y . 20.70 1.08 -23.61
C2 EDO Y . 20.96 0.71 -25.95
O2 EDO Y . 21.65 -0.34 -25.36
C9 5II Z . 68.95 -13.15 -33.09
O1 5II Z . 67.52 -12.91 -33.29
C1 5II Z . 67.13 -12.70 -34.63
C2 5II Z . 65.69 -12.17 -34.61
C7 5II Z . 65.26 -11.62 -35.92
C3 5II Z . 64.82 -13.37 -34.11
O3 5II Z . 63.41 -13.01 -34.21
C4 5II Z . 65.07 -14.60 -34.96
O4 5II Z . 64.21 -15.70 -34.52
C5 5II Z . 66.56 -15.01 -34.88
O5 5II Z . 67.37 -13.91 -35.33
C6 5II Z . 66.82 -16.21 -35.73
O6 5II Z . 68.21 -16.54 -35.60
C1 MAN AA . 64.67 -10.21 -35.86
C2 MAN AA . 64.28 -9.83 -37.32
C3 MAN AA . 64.19 -8.33 -37.49
C4 MAN AA . 64.69 -7.52 -36.27
C5 MAN AA . 65.94 -8.05 -35.61
C6 MAN AA . 66.31 -7.41 -34.25
O2 MAN AA . 63.08 -10.50 -37.90
O3 MAN AA . 62.88 -7.93 -37.89
O4 MAN AA . 65.17 -6.29 -36.79
O5 MAN AA . 65.81 -9.43 -35.39
O6 MAN AA . 65.23 -6.99 -33.35
CA CA BA . 60.85 -9.33 -37.73
NA NA CA . 49.03 -12.63 -32.07
C1 EDO DA . 61.31 -13.01 -10.43
O1 EDO DA . 61.98 -13.08 -9.12
C2 EDO DA . 59.83 -12.91 -10.32
O2 EDO DA . 59.33 -13.95 -9.42
C1 EDO EA . 50.98 8.75 -6.50
O1 EDO EA . 50.37 9.98 -6.03
C2 EDO EA . 49.95 7.77 -6.89
O2 EDO EA . 49.13 8.31 -7.91
C1 EDO FA . 78.15 9.89 -9.76
O1 EDO FA . 78.59 11.21 -9.36
C2 EDO FA . 78.25 9.77 -11.20
O2 EDO FA . 77.81 11.01 -11.89
C1 EDO GA . 46.22 -4.29 -22.74
O1 EDO GA . 46.10 -4.80 -24.03
C2 EDO GA . 45.72 -5.17 -21.66
O2 EDO GA . 44.52 -5.78 -22.01
C9 5II HA . -40.30 21.60 52.72
O1 5II HA . -40.51 20.34 52.01
C1 5II HA . -40.44 19.15 52.82
C2 5II HA . -40.55 17.87 51.97
C7 5II HA . -40.09 16.67 52.79
C3 5II HA . -41.98 17.75 51.38
O3 5II HA . -42.04 16.49 50.71
C4 5II HA . -43.06 17.86 52.41
O4 5II HA . -44.40 17.80 51.85
C5 5II HA . -42.84 19.13 53.26
O5 5II HA . -41.48 19.20 53.79
C6 5II HA . -43.86 19.19 54.36
O6 5II HA . -43.77 20.45 55.02
C1 MAN IA . -39.18 15.64 52.13
C2 MAN IA . -38.82 14.51 53.14
C3 MAN IA . -37.45 13.86 52.87
C4 MAN IA . -36.42 14.63 51.99
C5 MAN IA . -36.71 16.14 51.96
C6 MAN IA . -35.75 16.98 51.10
O2 MAN IA . -39.87 13.46 53.24
O3 MAN IA . -37.63 12.48 52.55
O4 MAN IA . -35.10 14.45 52.52
O5 MAN IA . -38.02 16.26 51.45
O6 MAN IA . -35.78 16.56 49.71
CA CA JA . -39.65 11.38 51.59
NA NA KA . -46.86 6.39 41.36
C1 EDO LA . -42.69 27.23 29.53
O1 EDO LA . -41.77 26.56 28.78
C2 EDO LA . -43.96 27.00 28.87
O2 EDO LA . -44.04 27.65 27.62
C1 EDO MA . -25.60 15.30 17.16
O1 EDO MA . -24.73 14.75 16.13
C2 EDO MA . -26.87 14.59 17.25
O2 EDO MA . -26.65 13.19 17.43
C1 EDO NA . -43.83 0.24 31.24
O1 EDO NA . -42.89 -0.52 30.49
C2 EDO NA . -43.08 1.16 32.12
O2 EDO NA . -41.94 1.75 31.48
#